data_2LRN
#
_entry.id   2LRN
#
_entity_poly.entity_id   1
_entity_poly.type   'polypeptide(L)'
_entity_poly.pdbx_seq_one_letter_code
;MSLATGSVAPAITGIDLKGNSVSLNDFKGKYVLVDFWFAGCSWCRKETPYLLKTYNAFKDKGFTIYGVSTDRREEDWKKA
IEEDKSYWNQVLLQKDDVKDVLESYCIVGFPHIILVDPEGKIVAKELRGDDLYNTVEKFVNGAKEGHHHHHH
;
_entity_poly.pdbx_strand_id   A
#
# COMPACT_ATOMS: atom_id res chain seq x y z
N MET A 1 -6.33 -12.25 -16.79
CA MET A 1 -4.94 -12.07 -16.27
C MET A 1 -4.79 -12.92 -15.02
N SER A 2 -3.59 -12.91 -14.44
CA SER A 2 -3.34 -13.63 -13.20
C SER A 2 -4.20 -13.05 -12.07
N LEU A 3 -4.06 -11.74 -11.86
CA LEU A 3 -4.89 -11.04 -10.90
C LEU A 3 -5.88 -10.14 -11.64
N ALA A 4 -7.02 -9.90 -11.02
CA ALA A 4 -8.05 -9.06 -11.63
C ALA A 4 -8.68 -8.16 -10.58
N THR A 5 -9.36 -7.12 -11.03
CA THR A 5 -10.02 -6.19 -10.13
C THR A 5 -11.20 -6.87 -9.43
N GLY A 6 -11.07 -7.07 -8.13
CA GLY A 6 -12.08 -7.76 -7.37
C GLY A 6 -11.58 -9.07 -6.81
N SER A 7 -10.40 -9.49 -7.28
CA SER A 7 -9.81 -10.75 -6.84
C SER A 7 -9.16 -10.57 -5.47
N VAL A 8 -9.20 -11.62 -4.66
CA VAL A 8 -8.63 -11.60 -3.32
C VAL A 8 -7.12 -11.60 -3.39
N ALA A 9 -6.49 -10.77 -2.56
CA ALA A 9 -5.05 -10.67 -2.50
C ALA A 9 -4.49 -11.53 -1.36
N PRO A 10 -3.34 -12.17 -1.58
CA PRO A 10 -2.64 -12.95 -0.55
C PRO A 10 -2.21 -12.08 0.63
N ALA A 11 -1.91 -12.72 1.75
CA ALA A 11 -1.50 -12.00 2.94
C ALA A 11 0.01 -11.76 2.94
N ILE A 12 0.41 -10.53 3.24
CA ILE A 12 1.81 -10.16 3.31
C ILE A 12 2.31 -10.31 4.75
N THR A 13 3.56 -10.77 4.91
CA THR A 13 4.14 -10.90 6.23
C THR A 13 5.34 -9.96 6.38
N GLY A 14 5.10 -8.78 6.92
CA GLY A 14 6.15 -7.80 7.05
C GLY A 14 6.46 -7.47 8.50
N ILE A 15 7.71 -7.23 8.79
CA ILE A 15 8.15 -6.89 10.13
C ILE A 15 8.05 -5.39 10.37
N ASP A 16 7.45 -4.99 11.50
CA ASP A 16 7.26 -3.58 11.81
C ASP A 16 8.56 -2.94 12.30
N LEU A 17 8.47 -1.69 12.70
CA LEU A 17 9.64 -0.92 13.15
C LEU A 17 10.27 -1.54 14.39
N LYS A 18 9.45 -2.21 15.20
CA LYS A 18 9.93 -2.81 16.44
C LYS A 18 10.54 -4.18 16.19
N GLY A 19 9.90 -4.96 15.33
CA GLY A 19 10.38 -6.30 15.05
C GLY A 19 9.28 -7.34 15.13
N ASN A 20 8.03 -6.89 15.05
CA ASN A 20 6.89 -7.79 15.10
C ASN A 20 6.48 -8.17 13.68
N SER A 21 6.03 -9.39 13.50
CA SER A 21 5.53 -9.83 12.20
C SER A 21 4.08 -9.40 12.02
N VAL A 22 3.87 -8.39 11.19
CA VAL A 22 2.54 -7.87 10.93
C VAL A 22 2.06 -8.35 9.56
N SER A 23 0.81 -8.80 9.50
CA SER A 23 0.26 -9.35 8.28
C SER A 23 -0.76 -8.39 7.66
N LEU A 24 -1.29 -8.74 6.50
CA LEU A 24 -2.28 -7.92 5.82
C LEU A 24 -3.62 -7.96 6.56
N ASN A 25 -3.92 -9.12 7.17
CA ASN A 25 -5.17 -9.32 7.88
C ASN A 25 -5.31 -8.42 9.10
N ASP A 26 -4.18 -7.95 9.62
CA ASP A 26 -4.17 -7.11 10.82
C ASP A 26 -4.70 -5.71 10.51
N PHE A 27 -4.71 -5.36 9.23
CA PHE A 27 -5.26 -4.08 8.80
C PHE A 27 -6.47 -4.32 7.89
N LYS A 28 -7.02 -5.53 8.00
CA LYS A 28 -8.11 -5.97 7.13
C LYS A 28 -9.45 -5.40 7.60
N GLY A 29 -9.52 -4.08 7.71
CA GLY A 29 -10.73 -3.40 8.12
C GLY A 29 -10.77 -2.00 7.57
N LYS A 30 -9.92 -1.75 6.58
CA LYS A 30 -9.81 -0.47 5.92
C LYS A 30 -9.39 -0.69 4.48
N TYR A 31 -9.40 0.35 3.68
CA TYR A 31 -8.86 0.27 2.33
C TYR A 31 -7.34 0.30 2.40
N VAL A 32 -6.74 -0.82 2.06
CA VAL A 32 -5.31 -1.01 2.21
C VAL A 32 -4.59 -0.75 0.90
N LEU A 33 -3.79 0.29 0.88
CA LEU A 33 -2.97 0.61 -0.27
C LEU A 33 -1.65 -0.12 -0.14
N VAL A 34 -1.46 -1.18 -0.91
CA VAL A 34 -0.25 -1.97 -0.84
C VAL A 34 0.78 -1.42 -1.81
N ASP A 35 1.83 -0.84 -1.25
CA ASP A 35 2.90 -0.26 -2.04
C ASP A 35 4.15 -1.13 -2.00
N PHE A 36 4.61 -1.55 -3.16
CA PHE A 36 5.83 -2.35 -3.23
C PHE A 36 7.00 -1.42 -3.51
N TRP A 37 7.92 -1.29 -2.55
CA TRP A 37 9.01 -0.36 -2.70
C TRP A 37 10.28 -0.85 -2.01
N PHE A 38 11.35 -0.11 -2.24
CA PHE A 38 12.63 -0.35 -1.60
C PHE A 38 13.57 0.82 -1.92
N ALA A 39 14.62 0.99 -1.12
CA ALA A 39 15.46 2.18 -1.21
C ALA A 39 16.16 2.28 -2.56
N GLY A 40 16.39 1.14 -3.20
CA GLY A 40 17.05 1.13 -4.48
C GLY A 40 16.12 1.47 -5.63
N CYS A 41 14.82 1.61 -5.35
CA CYS A 41 13.85 1.91 -6.38
C CYS A 41 13.71 3.42 -6.55
N SER A 42 14.14 3.91 -7.69
CA SER A 42 14.19 5.35 -7.95
C SER A 42 12.80 6.00 -7.95
N TRP A 43 11.83 5.34 -8.58
CA TRP A 43 10.52 5.97 -8.80
C TRP A 43 9.67 5.97 -7.53
N CYS A 44 9.83 4.96 -6.69
CA CYS A 44 9.09 4.92 -5.42
C CYS A 44 9.40 6.17 -4.60
N ARG A 45 10.65 6.60 -4.63
CA ARG A 45 11.10 7.78 -3.90
C ARG A 45 10.45 9.05 -4.46
N LYS A 46 9.91 8.95 -5.68
CA LYS A 46 9.30 10.08 -6.34
C LYS A 46 7.83 10.22 -5.95
N GLU A 47 7.16 9.10 -5.71
CA GLU A 47 5.75 9.12 -5.40
C GLU A 47 5.49 9.08 -3.90
N THR A 48 6.58 9.07 -3.12
CA THR A 48 6.49 9.14 -1.66
C THR A 48 5.59 10.29 -1.17
N PRO A 49 5.82 11.55 -1.65
CA PRO A 49 4.99 12.70 -1.24
C PRO A 49 3.49 12.45 -1.42
N TYR A 50 3.11 11.86 -2.54
CA TYR A 50 1.70 11.60 -2.84
C TYR A 50 1.12 10.60 -1.84
N LEU A 51 1.87 9.52 -1.60
CA LEU A 51 1.46 8.51 -0.64
C LEU A 51 1.35 9.10 0.76
N LEU A 52 2.29 9.96 1.11
CA LEU A 52 2.31 10.61 2.42
C LEU A 52 1.04 11.40 2.65
N LYS A 53 0.65 12.20 1.66
CA LYS A 53 -0.57 12.98 1.73
C LYS A 53 -1.78 12.07 1.84
N THR A 54 -1.81 11.06 0.97
CA THR A 54 -2.91 10.11 0.90
C THR A 54 -3.13 9.40 2.23
N TYR A 55 -2.05 8.89 2.82
CA TYR A 55 -2.15 8.17 4.07
C TYR A 55 -2.74 9.06 5.16
N ASN A 56 -2.16 10.24 5.33
CA ASN A 56 -2.55 11.13 6.43
C ASN A 56 -3.98 11.65 6.27
N ALA A 57 -4.47 11.71 5.03
CA ALA A 57 -5.80 12.26 4.77
C ALA A 57 -6.89 11.19 4.81
N PHE A 58 -6.54 9.95 4.51
CA PHE A 58 -7.54 8.89 4.40
C PHE A 58 -7.47 7.90 5.55
N LYS A 59 -6.41 7.95 6.35
CA LYS A 59 -6.21 6.99 7.44
C LYS A 59 -7.42 6.95 8.37
N ASP A 60 -7.99 8.13 8.63
CA ASP A 60 -9.11 8.24 9.54
C ASP A 60 -10.41 7.89 8.83
N LYS A 61 -10.51 8.26 7.56
CA LYS A 61 -11.70 8.00 6.75
C LYS A 61 -11.99 6.50 6.69
N GLY A 62 -10.94 5.71 6.48
CA GLY A 62 -11.10 4.27 6.41
C GLY A 62 -10.11 3.66 5.44
N PHE A 63 -8.88 4.13 5.51
CA PHE A 63 -7.87 3.75 4.54
C PHE A 63 -6.51 3.65 5.25
N THR A 64 -5.65 2.79 4.75
CA THR A 64 -4.33 2.62 5.30
C THR A 64 -3.33 2.19 4.22
N ILE A 65 -2.19 2.85 4.18
CA ILE A 65 -1.16 2.49 3.23
C ILE A 65 -0.19 1.49 3.86
N TYR A 66 -0.12 0.32 3.25
CA TYR A 66 0.73 -0.75 3.73
C TYR A 66 1.96 -0.81 2.83
N GLY A 67 3.02 -0.15 3.27
CA GLY A 67 4.22 -0.05 2.46
C GLY A 67 5.15 -1.21 2.68
N VAL A 68 5.30 -2.05 1.69
CA VAL A 68 6.11 -3.25 1.82
C VAL A 68 7.49 -3.04 1.20
N SER A 69 8.51 -3.10 2.04
CA SER A 69 9.87 -2.92 1.59
C SER A 69 10.74 -4.06 2.07
N THR A 70 11.71 -4.46 1.27
CA THR A 70 12.58 -5.55 1.64
C THR A 70 13.99 -5.29 1.08
N ASP A 71 14.53 -4.13 1.42
CA ASP A 71 15.84 -3.74 0.92
C ASP A 71 16.96 -4.60 1.51
N ARG A 72 18.19 -4.18 1.30
CA ARG A 72 19.36 -4.99 1.68
C ARG A 72 19.37 -5.27 3.17
N ARG A 73 19.06 -4.25 3.96
CA ARG A 73 19.17 -4.33 5.41
C ARG A 73 17.90 -3.78 6.07
N GLU A 74 17.72 -4.11 7.34
CA GLU A 74 16.64 -3.51 8.11
C GLU A 74 17.04 -2.09 8.46
N GLU A 75 18.32 -1.91 8.73
CA GLU A 75 18.88 -0.61 9.04
C GLU A 75 18.64 0.35 7.87
N ASP A 76 18.80 -0.17 6.66
CA ASP A 76 18.60 0.64 5.46
C ASP A 76 17.11 0.89 5.21
N TRP A 77 16.28 -0.08 5.57
CA TRP A 77 14.83 0.12 5.55
C TRP A 77 14.46 1.24 6.52
N LYS A 78 14.96 1.16 7.76
CA LYS A 78 14.77 2.23 8.74
C LYS A 78 15.32 3.55 8.20
N LYS A 79 16.49 3.48 7.59
CA LYS A 79 17.14 4.65 7.00
C LYS A 79 16.27 5.25 5.90
N ALA A 80 15.73 4.40 5.05
CA ALA A 80 14.90 4.85 3.93
C ALA A 80 13.65 5.58 4.43
N ILE A 81 13.08 5.09 5.53
CA ILE A 81 11.93 5.76 6.12
C ILE A 81 12.30 7.16 6.59
N GLU A 82 13.50 7.29 7.12
CA GLU A 82 14.02 8.60 7.53
C GLU A 82 14.30 9.47 6.31
N GLU A 83 14.89 8.86 5.28
CA GLU A 83 15.20 9.55 4.03
C GLU A 83 13.93 10.09 3.37
N ASP A 84 12.98 9.19 3.12
CA ASP A 84 11.74 9.55 2.43
C ASP A 84 10.78 10.31 3.34
N LYS A 85 10.97 10.16 4.65
CA LYS A 85 10.03 10.70 5.63
C LYS A 85 8.64 10.12 5.40
N SER A 86 8.63 8.86 5.03
CA SER A 86 7.41 8.16 4.68
C SER A 86 6.71 7.65 5.93
N TYR A 87 5.95 8.53 6.57
CA TYR A 87 5.28 8.21 7.81
C TYR A 87 3.96 7.46 7.56
N TRP A 88 4.07 6.14 7.39
CA TRP A 88 2.89 5.28 7.36
C TRP A 88 3.28 3.87 7.77
N ASN A 89 2.37 2.94 7.58
CA ASN A 89 2.59 1.55 7.99
C ASN A 89 3.59 0.87 7.06
N GLN A 90 4.86 1.07 7.36
CA GLN A 90 5.95 0.44 6.63
C GLN A 90 6.28 -0.90 7.27
N VAL A 91 6.47 -1.92 6.45
CA VAL A 91 6.85 -3.23 6.95
C VAL A 91 8.05 -3.78 6.18
N LEU A 92 8.93 -4.44 6.90
CA LEU A 92 10.08 -5.09 6.30
C LEU A 92 9.71 -6.50 5.89
N LEU A 93 9.66 -6.71 4.59
CA LEU A 93 9.31 -8.01 4.04
C LEU A 93 10.38 -9.03 4.36
N GLN A 94 9.95 -10.11 5.00
CA GLN A 94 10.85 -11.22 5.28
C GLN A 94 11.37 -11.77 3.96
N LYS A 95 12.62 -12.19 3.94
CA LYS A 95 13.32 -12.44 2.69
C LYS A 95 12.71 -13.63 1.95
N ASP A 96 12.05 -14.51 2.68
CA ASP A 96 11.34 -15.63 2.08
C ASP A 96 9.92 -15.23 1.70
N ASP A 97 9.32 -14.38 2.52
CA ASP A 97 7.96 -13.89 2.27
C ASP A 97 7.93 -13.11 0.96
N VAL A 98 9.01 -12.36 0.72
CA VAL A 98 9.18 -11.58 -0.51
C VAL A 98 8.95 -12.46 -1.74
N LYS A 99 9.57 -13.64 -1.72
CA LYS A 99 9.52 -14.57 -2.85
C LYS A 99 8.07 -14.88 -3.22
N ASP A 100 7.30 -15.34 -2.24
CA ASP A 100 5.91 -15.73 -2.46
C ASP A 100 5.06 -14.52 -2.81
N VAL A 101 5.11 -13.49 -1.97
CA VAL A 101 4.29 -12.30 -2.15
C VAL A 101 4.48 -11.68 -3.52
N LEU A 102 5.73 -11.38 -3.88
CA LEU A 102 6.02 -10.72 -5.15
C LEU A 102 5.54 -11.57 -6.31
N GLU A 103 5.94 -12.84 -6.32
CA GLU A 103 5.57 -13.74 -7.41
C GLU A 103 4.06 -13.79 -7.56
N SER A 104 3.37 -14.22 -6.49
CA SER A 104 1.94 -14.46 -6.49
C SER A 104 1.12 -13.24 -6.95
N TYR A 105 1.60 -12.04 -6.70
CA TYR A 105 0.91 -10.84 -7.17
C TYR A 105 1.18 -10.60 -8.65
N CYS A 106 1.78 -11.59 -9.30
CA CYS A 106 2.17 -11.51 -10.71
C CYS A 106 3.22 -10.44 -10.88
N ILE A 107 4.09 -10.32 -9.87
CA ILE A 107 5.04 -9.22 -9.83
C ILE A 107 6.46 -9.64 -10.18
N VAL A 108 6.97 -9.07 -11.26
CA VAL A 108 8.35 -9.28 -11.69
C VAL A 108 9.03 -7.95 -11.96
N GLY A 109 8.40 -6.86 -11.52
CA GLY A 109 8.93 -5.53 -11.78
C GLY A 109 8.43 -4.51 -10.78
N PHE A 110 9.15 -3.39 -10.68
CA PHE A 110 8.83 -2.33 -9.72
C PHE A 110 8.87 -0.97 -10.41
N PRO A 111 8.14 0.04 -9.87
CA PRO A 111 7.30 -0.11 -8.68
C PRO A 111 5.93 -0.69 -9.01
N HIS A 112 5.07 -0.79 -8.01
CA HIS A 112 3.72 -1.30 -8.22
C HIS A 112 2.82 -0.93 -7.05
N ILE A 113 1.66 -0.38 -7.36
CA ILE A 113 0.70 0.04 -6.34
C ILE A 113 -0.67 -0.60 -6.58
N ILE A 114 -1.24 -1.18 -5.53
CA ILE A 114 -2.56 -1.79 -5.62
C ILE A 114 -3.46 -1.29 -4.50
N LEU A 115 -4.75 -1.15 -4.80
CA LEU A 115 -5.73 -0.71 -3.82
C LEU A 115 -6.58 -1.89 -3.38
N VAL A 116 -6.39 -2.30 -2.14
CA VAL A 116 -7.12 -3.43 -1.58
C VAL A 116 -8.23 -2.95 -0.65
N ASP A 117 -9.41 -3.55 -0.77
CA ASP A 117 -10.52 -3.21 0.11
C ASP A 117 -10.38 -3.97 1.44
N PRO A 118 -11.20 -3.65 2.47
CA PRO A 118 -11.17 -4.34 3.77
C PRO A 118 -11.45 -5.85 3.69
N GLU A 119 -12.00 -6.30 2.58
CA GLU A 119 -12.22 -7.73 2.37
C GLU A 119 -11.00 -8.38 1.73
N GLY A 120 -9.95 -7.59 1.54
CA GLY A 120 -8.69 -8.11 1.06
C GLY A 120 -8.71 -8.40 -0.42
N LYS A 121 -9.49 -7.64 -1.18
CA LYS A 121 -9.57 -7.84 -2.61
C LYS A 121 -8.98 -6.63 -3.33
N ILE A 122 -8.27 -6.88 -4.42
CA ILE A 122 -7.66 -5.80 -5.18
C ILE A 122 -8.71 -5.12 -6.03
N VAL A 123 -9.25 -4.03 -5.52
CA VAL A 123 -10.32 -3.31 -6.18
C VAL A 123 -9.79 -2.55 -7.40
N ALA A 124 -8.63 -1.93 -7.22
CA ALA A 124 -8.00 -1.18 -8.29
C ALA A 124 -6.49 -1.29 -8.17
N LYS A 125 -5.77 -0.88 -9.19
CA LYS A 125 -4.32 -0.95 -9.17
C LYS A 125 -3.72 -0.05 -10.25
N GLU A 126 -2.39 0.09 -10.20
CA GLU A 126 -1.61 0.88 -11.15
C GLU A 126 -1.91 2.37 -10.99
N LEU A 127 -2.51 2.73 -9.86
CA LEU A 127 -2.80 4.14 -9.57
C LEU A 127 -1.51 4.94 -9.53
N ARG A 128 -1.50 6.08 -10.20
CA ARG A 128 -0.25 6.81 -10.40
C ARG A 128 -0.29 8.17 -9.70
N GLY A 129 0.89 8.68 -9.36
CA GLY A 129 1.03 10.04 -8.87
C GLY A 129 0.00 10.42 -7.83
N ASP A 130 -0.61 11.58 -8.02
CA ASP A 130 -1.64 12.05 -7.11
C ASP A 130 -2.97 11.35 -7.37
N ASP A 131 -3.06 10.62 -8.48
CA ASP A 131 -4.30 9.94 -8.84
C ASP A 131 -4.64 8.89 -7.81
N LEU A 132 -3.63 8.28 -7.21
CA LEU A 132 -3.87 7.29 -6.18
C LEU A 132 -4.67 7.92 -5.03
N TYR A 133 -4.30 9.15 -4.68
CA TYR A 133 -5.06 9.93 -3.72
C TYR A 133 -6.46 10.21 -4.28
N ASN A 134 -6.48 10.79 -5.46
CA ASN A 134 -7.71 11.22 -6.11
C ASN A 134 -8.68 10.05 -6.31
N THR A 135 -8.16 8.86 -6.53
CA THR A 135 -9.00 7.69 -6.75
C THR A 135 -9.62 7.22 -5.43
N VAL A 136 -8.86 7.25 -4.34
CA VAL A 136 -9.44 6.94 -3.04
C VAL A 136 -10.50 7.98 -2.68
N GLU A 137 -10.19 9.23 -3.01
CA GLU A 137 -11.14 10.34 -2.82
C GLU A 137 -12.35 10.15 -3.73
N LYS A 138 -12.09 9.74 -4.97
CA LYS A 138 -13.13 9.45 -5.97
C LYS A 138 -14.17 8.48 -5.41
N PHE A 139 -13.71 7.48 -4.68
CA PHE A 139 -14.61 6.46 -4.15
C PHE A 139 -15.19 6.85 -2.79
N VAL A 140 -14.31 7.03 -1.79
CA VAL A 140 -14.74 7.06 -0.40
C VAL A 140 -15.25 8.44 0.06
N ASN A 141 -14.65 9.51 -0.46
CA ASN A 141 -14.88 10.86 0.08
C ASN A 141 -16.35 11.23 0.19
N GLY A 142 -17.07 11.17 -0.93
CA GLY A 142 -18.46 11.57 -0.91
C GLY A 142 -19.23 11.10 -2.12
N ALA A 143 -20.47 11.56 -2.24
CA ALA A 143 -21.40 11.19 -3.31
C ALA A 143 -22.02 9.82 -3.07
N LYS A 144 -21.75 9.25 -1.90
CA LYS A 144 -22.39 8.00 -1.48
C LYS A 144 -22.91 8.14 -0.06
N GLU A 145 -22.85 9.37 0.46
CA GLU A 145 -23.30 9.65 1.81
C GLU A 145 -24.82 9.67 1.86
N GLY A 146 -25.44 10.18 0.80
CA GLY A 146 -26.87 10.12 0.68
C GLY A 146 -27.55 11.39 1.15
N HIS A 147 -26.87 12.16 2.01
CA HIS A 147 -27.45 13.35 2.65
C HIS A 147 -28.93 13.15 2.98
N HIS A 148 -29.17 12.45 4.08
CA HIS A 148 -30.47 11.88 4.38
C HIS A 148 -31.41 12.93 4.96
N HIS A 149 -30.86 13.98 5.52
CA HIS A 149 -31.68 15.08 6.01
C HIS A 149 -31.93 16.08 4.90
N HIS A 150 -30.86 16.41 4.16
CA HIS A 150 -30.90 17.33 3.02
C HIS A 150 -29.48 17.72 2.64
N HIS A 151 -28.64 17.88 3.64
CA HIS A 151 -27.21 18.14 3.43
C HIS A 151 -26.39 17.08 4.12
N HIS A 152 -26.87 16.63 5.28
CA HIS A 152 -26.31 15.49 5.98
C HIS A 152 -27.41 14.77 6.73
N MET A 1 2.45 -17.03 -12.37
CA MET A 1 1.10 -16.53 -12.73
C MET A 1 0.33 -16.21 -11.47
N SER A 2 -0.14 -14.98 -11.38
CA SER A 2 -0.70 -14.47 -10.15
C SER A 2 -2.17 -14.08 -10.33
N LEU A 3 -2.73 -13.45 -9.30
CA LEU A 3 -4.11 -12.99 -9.35
C LEU A 3 -4.18 -11.56 -9.89
N ALA A 4 -5.39 -11.02 -9.97
CA ALA A 4 -5.60 -9.68 -10.51
C ALA A 4 -6.63 -8.92 -9.67
N THR A 5 -7.10 -7.79 -10.20
CA THR A 5 -8.09 -6.99 -9.51
C THR A 5 -9.41 -7.76 -9.37
N GLY A 6 -9.98 -7.71 -8.17
CA GLY A 6 -11.20 -8.44 -7.89
C GLY A 6 -10.92 -9.75 -7.18
N SER A 7 -9.69 -10.22 -7.29
CA SER A 7 -9.29 -11.45 -6.65
C SER A 7 -8.84 -11.19 -5.21
N VAL A 8 -8.91 -12.20 -4.37
CA VAL A 8 -8.54 -12.05 -2.97
C VAL A 8 -7.02 -12.13 -2.80
N ALA A 9 -6.48 -11.18 -2.04
CA ALA A 9 -5.05 -11.09 -1.81
C ALA A 9 -4.60 -12.05 -0.72
N PRO A 10 -3.40 -12.63 -0.86
CA PRO A 10 -2.83 -13.54 0.14
C PRO A 10 -2.50 -12.81 1.45
N ALA A 11 -2.61 -13.53 2.56
CA ALA A 11 -2.32 -12.96 3.87
C ALA A 11 -0.82 -12.72 4.03
N ILE A 12 -0.41 -11.47 3.83
CA ILE A 12 0.99 -11.10 3.95
C ILE A 12 1.35 -10.84 5.41
N THR A 13 2.45 -11.40 5.86
CA THR A 13 2.94 -11.17 7.21
C THR A 13 4.42 -10.82 7.19
N GLY A 14 4.72 -9.53 7.27
CA GLY A 14 6.10 -9.07 7.23
C GLY A 14 6.52 -8.48 8.55
N ILE A 15 7.73 -7.96 8.59
CA ILE A 15 8.28 -7.43 9.82
C ILE A 15 8.27 -5.90 9.83
N ASP A 16 7.85 -5.32 10.94
CA ASP A 16 7.76 -3.87 11.07
C ASP A 16 8.95 -3.32 11.86
N LEU A 17 8.91 -2.04 12.16
CA LEU A 17 10.00 -1.35 12.86
C LEU A 17 10.30 -1.97 14.22
N LYS A 18 9.29 -2.58 14.84
CA LYS A 18 9.47 -3.20 16.15
C LYS A 18 10.19 -4.54 16.04
N GLY A 19 10.26 -5.05 14.83
CA GLY A 19 10.76 -6.39 14.64
C GLY A 19 9.66 -7.40 14.86
N ASN A 20 8.42 -6.94 14.72
CA ASN A 20 7.25 -7.79 14.92
C ASN A 20 6.68 -8.20 13.58
N SER A 21 6.05 -9.36 13.54
CA SER A 21 5.40 -9.83 12.33
C SER A 21 3.99 -9.24 12.21
N VAL A 22 3.81 -8.30 11.31
CA VAL A 22 2.53 -7.65 11.12
C VAL A 22 1.90 -8.12 9.81
N SER A 23 0.60 -8.38 9.83
CA SER A 23 -0.08 -8.91 8.67
C SER A 23 -0.95 -7.84 8.00
N LEU A 24 -1.49 -8.17 6.83
CA LEU A 24 -2.39 -7.27 6.13
C LEU A 24 -3.79 -7.38 6.73
N ASN A 25 -4.05 -8.49 7.41
CA ASN A 25 -5.36 -8.76 8.00
C ASN A 25 -5.68 -7.77 9.10
N ASP A 26 -4.65 -7.27 9.77
CA ASP A 26 -4.80 -6.32 10.86
C ASP A 26 -5.41 -5.01 10.37
N PHE A 27 -5.24 -4.74 9.09
CA PHE A 27 -5.73 -3.49 8.49
C PHE A 27 -6.94 -3.76 7.62
N LYS A 28 -7.44 -4.99 7.71
CA LYS A 28 -8.59 -5.40 6.91
C LYS A 28 -9.89 -4.85 7.50
N GLY A 29 -10.03 -3.54 7.36
CA GLY A 29 -11.25 -2.86 7.76
C GLY A 29 -11.29 -1.45 7.18
N LYS A 30 -10.48 -1.27 6.15
CA LYS A 30 -10.31 0.02 5.49
C LYS A 30 -9.90 -0.26 4.06
N TYR A 31 -9.63 0.80 3.30
CA TYR A 31 -9.01 0.65 2.01
C TYR A 31 -7.51 0.85 2.19
N VAL A 32 -6.76 -0.21 2.02
CA VAL A 32 -5.34 -0.17 2.31
C VAL A 32 -4.51 -0.02 1.05
N LEU A 33 -3.56 0.89 1.10
CA LEU A 33 -2.64 1.09 0.00
C LEU A 33 -1.35 0.33 0.28
N VAL A 34 -1.15 -0.76 -0.44
CA VAL A 34 0.03 -1.57 -0.26
C VAL A 34 1.07 -1.21 -1.31
N ASP A 35 2.09 -0.48 -0.89
CA ASP A 35 3.13 -0.03 -1.81
C ASP A 35 4.38 -0.87 -1.68
N PHE A 36 4.75 -1.53 -2.77
CA PHE A 36 6.00 -2.27 -2.81
C PHE A 36 7.14 -1.33 -3.18
N TRP A 37 8.07 -1.16 -2.26
CA TRP A 37 9.16 -0.22 -2.47
C TRP A 37 10.47 -0.72 -1.88
N PHE A 38 11.52 0.04 -2.11
CA PHE A 38 12.82 -0.16 -1.49
C PHE A 38 13.67 1.07 -1.78
N ALA A 39 14.72 1.27 -1.00
CA ALA A 39 15.49 2.51 -1.03
C ALA A 39 16.15 2.73 -2.39
N GLY A 40 16.53 1.64 -3.04
CA GLY A 40 17.19 1.73 -4.32
C GLY A 40 16.25 2.03 -5.48
N CYS A 41 14.96 1.93 -5.22
CA CYS A 41 13.98 2.20 -6.27
C CYS A 41 13.88 3.69 -6.53
N SER A 42 14.36 4.10 -7.69
CA SER A 42 14.47 5.51 -8.04
C SER A 42 13.11 6.19 -8.14
N TRP A 43 12.07 5.43 -8.49
CA TRP A 43 10.75 6.01 -8.71
C TRP A 43 9.96 6.13 -7.41
N CYS A 44 10.19 5.22 -6.46
CA CYS A 44 9.49 5.29 -5.18
C CYS A 44 9.75 6.64 -4.51
N ARG A 45 11.01 7.07 -4.57
CA ARG A 45 11.43 8.36 -4.04
C ARG A 45 10.73 9.53 -4.75
N LYS A 46 10.08 9.25 -5.88
CA LYS A 46 9.40 10.29 -6.66
C LYS A 46 8.01 10.56 -6.12
N GLU A 47 7.20 9.53 -5.95
CA GLU A 47 5.82 9.74 -5.54
C GLU A 47 5.63 9.50 -4.04
N THR A 48 6.72 9.48 -3.29
CA THR A 48 6.67 9.47 -1.82
C THR A 48 5.78 10.61 -1.28
N PRO A 49 6.01 11.88 -1.69
CA PRO A 49 5.17 13.00 -1.26
C PRO A 49 3.68 12.76 -1.53
N TYR A 50 3.40 12.06 -2.62
CA TYR A 50 2.02 11.78 -3.00
C TYR A 50 1.43 10.66 -2.14
N LEU A 51 2.29 9.73 -1.72
CA LEU A 51 1.88 8.68 -0.79
C LEU A 51 1.47 9.32 0.54
N LEU A 52 2.36 10.15 1.08
CA LEU A 52 2.11 10.83 2.35
C LEU A 52 0.88 11.75 2.22
N LYS A 53 0.78 12.42 1.07
CA LYS A 53 -0.38 13.23 0.74
C LYS A 53 -1.67 12.44 0.91
N THR A 54 -1.72 11.28 0.27
CA THR A 54 -2.90 10.43 0.28
C THR A 54 -3.15 9.85 1.68
N TYR A 55 -2.08 9.47 2.36
CA TYR A 55 -2.17 8.92 3.70
C TYR A 55 -2.79 9.91 4.67
N ASN A 56 -2.32 11.14 4.62
CA ASN A 56 -2.77 12.19 5.53
C ASN A 56 -4.22 12.59 5.25
N ALA A 57 -4.59 12.58 3.98
CA ALA A 57 -5.90 13.05 3.56
C ALA A 57 -7.01 12.03 3.83
N PHE A 58 -6.70 10.74 3.77
CA PHE A 58 -7.74 9.72 3.86
C PHE A 58 -7.60 8.85 5.11
N LYS A 59 -6.64 9.17 5.97
CA LYS A 59 -6.37 8.36 7.17
C LYS A 59 -7.63 8.21 8.04
N ASP A 60 -8.40 9.29 8.13
CA ASP A 60 -9.57 9.33 8.99
C ASP A 60 -10.77 8.71 8.28
N LYS A 61 -10.93 9.03 7.00
CA LYS A 61 -12.09 8.58 6.22
C LYS A 61 -12.22 7.05 6.25
N GLY A 62 -11.17 6.36 5.85
CA GLY A 62 -11.20 4.92 5.82
C GLY A 62 -10.10 4.35 4.95
N PHE A 63 -8.94 4.98 5.03
CA PHE A 63 -7.81 4.60 4.22
C PHE A 63 -6.54 4.56 5.08
N THR A 64 -5.64 3.66 4.75
CA THR A 64 -4.36 3.56 5.44
C THR A 64 -3.32 2.95 4.52
N ILE A 65 -2.08 3.42 4.61
CA ILE A 65 -1.01 2.91 3.76
C ILE A 65 -0.23 1.79 4.44
N TYR A 66 0.07 0.77 3.67
CA TYR A 66 0.85 -0.37 4.13
C TYR A 66 2.05 -0.53 3.21
N GLY A 67 3.15 0.09 3.60
CA GLY A 67 4.31 0.14 2.73
C GLY A 67 5.24 -1.02 2.91
N VAL A 68 5.23 -1.91 1.93
CA VAL A 68 6.00 -3.13 2.01
C VAL A 68 7.30 -3.00 1.21
N SER A 69 8.41 -3.12 1.92
CA SER A 69 9.72 -2.97 1.32
C SER A 69 10.46 -4.30 1.32
N THR A 70 11.36 -4.46 0.36
CA THR A 70 12.17 -5.66 0.26
C THR A 70 13.64 -5.26 0.05
N ASP A 71 14.11 -4.34 0.89
CA ASP A 71 15.42 -3.73 0.72
C ASP A 71 16.55 -4.68 1.13
N ARG A 72 17.77 -4.17 1.07
CA ARG A 72 18.97 -4.95 1.30
C ARG A 72 19.08 -5.36 2.77
N ARG A 73 18.73 -4.44 3.64
CA ARG A 73 18.80 -4.67 5.08
C ARG A 73 17.57 -4.11 5.76
N GLU A 74 17.20 -4.67 6.90
CA GLU A 74 16.12 -4.10 7.69
C GLU A 74 16.56 -2.75 8.21
N GLU A 75 17.82 -2.65 8.59
CA GLU A 75 18.36 -1.38 9.10
C GLU A 75 18.42 -0.33 8.00
N ASP A 76 18.75 -0.78 6.78
CA ASP A 76 18.71 0.12 5.62
C ASP A 76 17.28 0.55 5.37
N TRP A 77 16.34 -0.36 5.63
CA TRP A 77 14.92 -0.05 5.56
C TRP A 77 14.54 0.98 6.63
N LYS A 78 14.96 0.76 7.88
CA LYS A 78 14.71 1.75 8.95
C LYS A 78 15.26 3.10 8.51
N LYS A 79 16.52 3.07 8.08
CA LYS A 79 17.23 4.25 7.63
C LYS A 79 16.53 4.89 6.42
N ALA A 80 16.04 4.07 5.51
CA ALA A 80 15.35 4.56 4.32
C ALA A 80 14.10 5.34 4.69
N ILE A 81 13.43 4.90 5.74
CA ILE A 81 12.26 5.60 6.27
C ILE A 81 12.65 6.97 6.79
N GLU A 82 13.80 7.03 7.45
CA GLU A 82 14.34 8.29 7.95
C GLU A 82 14.71 9.23 6.79
N GLU A 83 15.18 8.65 5.69
CA GLU A 83 15.46 9.42 4.49
C GLU A 83 14.16 9.92 3.85
N ASP A 84 13.25 8.96 3.64
CA ASP A 84 12.07 9.15 2.82
C ASP A 84 10.99 9.96 3.55
N LYS A 85 11.09 10.02 4.88
CA LYS A 85 10.09 10.69 5.72
C LYS A 85 8.70 10.08 5.55
N SER A 86 8.67 8.85 5.08
CA SER A 86 7.43 8.10 4.94
C SER A 86 7.10 7.39 6.24
N TYR A 87 6.45 8.09 7.16
CA TYR A 87 6.12 7.54 8.45
C TYR A 87 4.68 7.01 8.47
N TRP A 88 4.54 5.73 8.18
CA TRP A 88 3.24 5.05 8.27
C TRP A 88 3.46 3.57 8.53
N ASN A 89 2.38 2.79 8.50
CA ASN A 89 2.49 1.36 8.74
C ASN A 89 3.23 0.68 7.61
N GLN A 90 4.51 0.41 7.84
CA GLN A 90 5.35 -0.17 6.82
C GLN A 90 5.88 -1.54 7.25
N VAL A 91 6.21 -2.36 6.27
CA VAL A 91 6.58 -3.75 6.50
C VAL A 91 7.73 -4.16 5.61
N LEU A 92 8.57 -5.02 6.13
CA LEU A 92 9.68 -5.58 5.37
C LEU A 92 9.38 -7.04 5.06
N LEU A 93 9.53 -7.41 3.79
CA LEU A 93 9.33 -8.80 3.38
C LEU A 93 10.52 -9.66 3.80
N GLN A 94 10.24 -10.89 4.21
CA GLN A 94 11.29 -11.79 4.67
C GLN A 94 12.09 -12.33 3.47
N LYS A 95 13.27 -12.87 3.77
CA LYS A 95 14.20 -13.39 2.75
C LYS A 95 13.51 -14.22 1.64
N ASP A 96 12.78 -15.25 2.02
CA ASP A 96 12.10 -16.13 1.07
C ASP A 96 10.72 -15.58 0.74
N ASP A 97 10.12 -14.96 1.74
CA ASP A 97 8.82 -14.31 1.62
C ASP A 97 8.82 -13.29 0.48
N VAL A 98 9.92 -12.55 0.32
CA VAL A 98 10.09 -11.62 -0.80
C VAL A 98 9.75 -12.30 -2.14
N LYS A 99 10.31 -13.48 -2.33
CA LYS A 99 10.15 -14.24 -3.57
C LYS A 99 8.69 -14.49 -3.92
N ASP A 100 7.98 -15.16 -3.02
CA ASP A 100 6.64 -15.62 -3.30
C ASP A 100 5.65 -14.47 -3.38
N VAL A 101 5.87 -13.43 -2.56
CA VAL A 101 5.02 -12.25 -2.61
C VAL A 101 5.26 -11.47 -3.91
N LEU A 102 6.51 -11.43 -4.35
CA LEU A 102 6.86 -10.74 -5.59
C LEU A 102 6.27 -11.43 -6.81
N GLU A 103 5.95 -12.70 -6.69
CA GLU A 103 5.15 -13.33 -7.73
C GLU A 103 3.68 -13.01 -7.48
N SER A 104 3.18 -13.49 -6.33
CA SER A 104 1.75 -13.60 -6.02
C SER A 104 0.94 -12.34 -6.31
N TYR A 105 1.47 -11.17 -5.99
CA TYR A 105 0.73 -9.94 -6.19
C TYR A 105 0.83 -9.45 -7.63
N CYS A 106 1.25 -10.34 -8.52
CA CYS A 106 1.46 -10.03 -9.91
C CYS A 106 2.47 -8.90 -10.01
N ILE A 107 3.62 -9.10 -9.37
CA ILE A 107 4.63 -8.03 -9.34
C ILE A 107 5.43 -8.02 -10.65
N VAL A 108 4.77 -7.55 -11.71
CA VAL A 108 5.43 -7.38 -13.00
C VAL A 108 5.65 -5.89 -13.26
N GLY A 109 4.83 -5.06 -12.63
CA GLY A 109 4.98 -3.63 -12.75
C GLY A 109 5.45 -3.04 -11.43
N PHE A 110 6.59 -2.37 -11.46
CA PHE A 110 7.18 -1.83 -10.25
C PHE A 110 7.42 -0.33 -10.40
N PRO A 111 7.18 0.46 -9.33
CA PRO A 111 6.70 -0.06 -8.04
C PRO A 111 5.22 -0.43 -8.07
N HIS A 112 4.90 -1.59 -7.51
CA HIS A 112 3.54 -2.09 -7.56
C HIS A 112 2.74 -1.57 -6.37
N ILE A 113 1.93 -0.55 -6.62
CA ILE A 113 1.09 0.02 -5.59
C ILE A 113 -0.35 -0.45 -5.76
N ILE A 114 -0.87 -1.12 -4.75
CA ILE A 114 -2.22 -1.68 -4.82
C ILE A 114 -3.12 -1.13 -3.72
N LEU A 115 -4.42 -1.25 -3.95
CA LEU A 115 -5.41 -0.86 -2.96
C LEU A 115 -6.27 -2.06 -2.62
N VAL A 116 -6.29 -2.44 -1.35
CA VAL A 116 -7.04 -3.61 -0.92
C VAL A 116 -8.26 -3.20 -0.10
N ASP A 117 -9.39 -3.80 -0.41
CA ASP A 117 -10.64 -3.54 0.31
C ASP A 117 -10.63 -4.26 1.66
N PRO A 118 -11.56 -3.91 2.57
CA PRO A 118 -11.68 -4.56 3.89
C PRO A 118 -11.82 -6.08 3.83
N GLU A 119 -12.24 -6.59 2.68
CA GLU A 119 -12.42 -8.04 2.51
C GLU A 119 -11.09 -8.71 2.18
N GLY A 120 -10.10 -7.92 1.81
CA GLY A 120 -8.80 -8.45 1.46
C GLY A 120 -8.68 -8.74 -0.02
N LYS A 121 -9.37 -7.98 -0.85
CA LYS A 121 -9.24 -8.13 -2.29
C LYS A 121 -8.58 -6.90 -2.91
N ILE A 122 -7.91 -7.12 -4.03
CA ILE A 122 -7.25 -6.02 -4.74
C ILE A 122 -8.25 -5.32 -5.65
N VAL A 123 -8.64 -4.10 -5.28
CA VAL A 123 -9.61 -3.36 -6.05
C VAL A 123 -8.93 -2.46 -7.09
N ALA A 124 -7.74 -2.00 -6.77
CA ALA A 124 -6.98 -1.14 -7.67
C ALA A 124 -5.50 -1.43 -7.58
N LYS A 125 -4.76 -1.14 -8.63
CA LYS A 125 -3.32 -1.36 -8.65
C LYS A 125 -2.65 -0.44 -9.67
N GLU A 126 -1.33 -0.29 -9.53
CA GLU A 126 -0.49 0.53 -10.42
C GLU A 126 -0.85 2.01 -10.27
N LEU A 127 -1.47 2.35 -9.15
CA LEU A 127 -1.89 3.72 -8.87
C LEU A 127 -0.68 4.64 -8.77
N ARG A 128 -0.83 5.87 -9.23
CA ARG A 128 0.31 6.79 -9.30
C ARG A 128 -0.02 8.15 -8.72
N GLY A 129 0.96 8.70 -8.00
CA GLY A 129 0.97 10.12 -7.62
C GLY A 129 -0.38 10.70 -7.24
N ASP A 130 -0.99 11.40 -8.17
CA ASP A 130 -2.24 12.10 -7.93
C ASP A 130 -3.40 11.13 -7.89
N ASP A 131 -3.36 10.09 -8.71
CA ASP A 131 -4.45 9.13 -8.80
C ASP A 131 -4.53 8.30 -7.53
N LEU A 132 -3.44 8.26 -6.78
CA LEU A 132 -3.48 7.72 -5.43
C LEU A 132 -4.62 8.37 -4.67
N TYR A 133 -4.53 9.70 -4.55
CA TYR A 133 -5.58 10.50 -3.93
C TYR A 133 -6.87 10.38 -4.73
N ASN A 134 -6.75 10.55 -6.04
CA ASN A 134 -7.90 10.58 -6.94
C ASN A 134 -8.73 9.32 -6.86
N THR A 135 -8.08 8.16 -6.78
CA THR A 135 -8.78 6.88 -6.71
C THR A 135 -9.41 6.64 -5.34
N VAL A 136 -8.74 7.05 -4.27
CA VAL A 136 -9.32 6.89 -2.95
C VAL A 136 -10.53 7.81 -2.79
N GLU A 137 -10.41 9.04 -3.27
CA GLU A 137 -11.55 9.98 -3.25
C GLU A 137 -12.63 9.46 -4.23
N LYS A 138 -12.15 8.83 -5.28
CA LYS A 138 -13.01 8.26 -6.33
C LYS A 138 -13.98 7.23 -5.74
N PHE A 139 -13.41 6.22 -5.08
CA PHE A 139 -14.21 5.14 -4.52
C PHE A 139 -14.69 5.41 -3.10
N VAL A 140 -13.76 5.75 -2.21
CA VAL A 140 -14.03 5.81 -0.78
C VAL A 140 -14.85 7.04 -0.38
N ASN A 141 -14.49 8.19 -0.95
CA ASN A 141 -15.15 9.44 -0.59
C ASN A 141 -16.55 9.50 -1.18
N GLY A 142 -16.80 8.67 -2.18
CA GLY A 142 -18.12 8.60 -2.77
C GLY A 142 -18.90 7.42 -2.22
N ALA A 143 -20.19 7.38 -2.51
CA ALA A 143 -21.04 6.28 -2.07
C ALA A 143 -20.87 5.07 -2.99
N LYS A 144 -19.80 4.31 -2.76
CA LYS A 144 -19.52 3.12 -3.55
C LYS A 144 -19.56 1.88 -2.68
N GLU A 145 -20.38 0.90 -3.11
CA GLU A 145 -20.50 -0.45 -2.51
C GLU A 145 -20.81 -0.45 -1.01
N GLY A 146 -20.96 0.72 -0.40
CA GLY A 146 -21.29 0.80 1.01
C GLY A 146 -20.06 0.76 1.89
N HIS A 147 -18.91 0.51 1.28
CA HIS A 147 -17.61 0.46 1.96
C HIS A 147 -17.54 -0.77 2.87
N HIS A 148 -18.31 -1.78 2.48
CA HIS A 148 -18.36 -3.08 3.16
C HIS A 148 -18.35 -2.97 4.67
N HIS A 149 -19.39 -2.32 5.20
CA HIS A 149 -19.65 -2.26 6.65
C HIS A 149 -18.71 -1.30 7.38
N HIS A 150 -17.47 -1.16 6.89
CA HIS A 150 -16.43 -0.37 7.57
C HIS A 150 -15.95 -1.14 8.82
N HIS A 151 -14.70 -0.94 9.23
CA HIS A 151 -14.17 -1.66 10.41
C HIS A 151 -14.99 -1.30 11.64
N HIS A 152 -15.36 -0.03 11.73
CA HIS A 152 -16.26 0.47 12.74
C HIS A 152 -16.66 1.88 12.38
N MET A 1 0.02 -13.40 -16.27
CA MET A 1 -0.64 -12.33 -15.47
C MET A 1 -1.18 -12.94 -14.19
N SER A 2 -1.15 -12.15 -13.12
CA SER A 2 -1.56 -12.65 -11.80
C SER A 2 -2.35 -11.56 -11.07
N LEU A 3 -3.44 -11.98 -10.44
CA LEU A 3 -4.35 -11.07 -9.71
C LEU A 3 -5.12 -10.15 -10.65
N ALA A 4 -6.34 -9.83 -10.28
CA ALA A 4 -7.20 -8.95 -11.06
C ALA A 4 -8.06 -8.11 -10.14
N THR A 5 -8.77 -7.14 -10.72
CA THR A 5 -9.65 -6.28 -9.95
C THR A 5 -10.85 -7.07 -9.43
N GLY A 6 -10.99 -7.10 -8.11
CA GLY A 6 -12.06 -7.87 -7.49
C GLY A 6 -11.54 -9.14 -6.85
N SER A 7 -10.27 -9.44 -7.09
CA SER A 7 -9.66 -10.64 -6.56
C SER A 7 -9.14 -10.38 -5.14
N VAL A 8 -9.15 -11.42 -4.32
CA VAL A 8 -8.65 -11.34 -2.95
C VAL A 8 -7.13 -11.18 -2.97
N ALA A 9 -6.61 -10.36 -2.06
CA ALA A 9 -5.18 -10.13 -1.97
C ALA A 9 -4.49 -11.19 -1.12
N PRO A 10 -3.39 -11.77 -1.64
CA PRO A 10 -2.59 -12.75 -0.90
C PRO A 10 -1.98 -12.15 0.36
N ALA A 11 -1.72 -13.01 1.35
CA ALA A 11 -1.22 -12.58 2.65
C ALA A 11 0.18 -12.01 2.56
N ILE A 12 0.39 -10.87 3.22
CA ILE A 12 1.70 -10.23 3.29
C ILE A 12 2.29 -10.46 4.67
N THR A 13 3.54 -10.93 4.72
CA THR A 13 4.20 -11.16 5.98
C THR A 13 5.48 -10.31 6.08
N GLY A 14 5.36 -9.12 6.66
CA GLY A 14 6.48 -8.21 6.72
C GLY A 14 6.87 -7.88 8.15
N ILE A 15 8.16 -7.64 8.35
CA ILE A 15 8.67 -7.35 9.69
C ILE A 15 8.57 -5.86 10.00
N ASP A 16 7.91 -5.55 11.09
CA ASP A 16 7.72 -4.17 11.54
C ASP A 16 9.00 -3.61 12.15
N LEU A 17 9.00 -2.32 12.40
CA LEU A 17 10.19 -1.59 12.84
C LEU A 17 10.67 -2.06 14.22
N LYS A 18 9.83 -2.80 14.92
CA LYS A 18 10.18 -3.31 16.24
C LYS A 18 10.68 -4.74 16.16
N GLY A 19 10.77 -5.25 14.94
CA GLY A 19 11.27 -6.60 14.75
C GLY A 19 10.19 -7.65 14.87
N ASN A 20 8.93 -7.24 14.73
CA ASN A 20 7.81 -8.19 14.76
C ASN A 20 7.34 -8.50 13.35
N SER A 21 7.16 -9.76 13.03
CA SER A 21 6.65 -10.14 11.73
C SER A 21 5.13 -10.00 11.74
N VAL A 22 4.63 -9.04 10.98
CA VAL A 22 3.21 -8.68 11.00
C VAL A 22 2.58 -8.92 9.63
N SER A 23 1.30 -9.26 9.63
CA SER A 23 0.58 -9.51 8.39
C SER A 23 -0.26 -8.31 7.99
N LEU A 24 -0.89 -8.38 6.82
CA LEU A 24 -1.76 -7.32 6.36
C LEU A 24 -3.14 -7.43 7.03
N ASN A 25 -3.44 -8.62 7.53
CA ASN A 25 -4.76 -8.88 8.11
C ASN A 25 -4.93 -8.18 9.45
N ASP A 26 -3.82 -7.76 10.03
CA ASP A 26 -3.82 -7.00 11.27
C ASP A 26 -4.47 -5.65 11.08
N PHE A 27 -4.44 -5.15 9.85
CA PHE A 27 -4.99 -3.84 9.53
C PHE A 27 -6.25 -3.97 8.71
N LYS A 28 -6.65 -5.22 8.48
CA LYS A 28 -7.82 -5.54 7.64
C LYS A 28 -9.08 -4.90 8.23
N GLY A 29 -10.01 -4.53 7.36
CA GLY A 29 -11.21 -3.85 7.81
C GLY A 29 -11.21 -2.39 7.42
N LYS A 30 -10.20 -2.02 6.64
CA LYS A 30 -10.07 -0.65 6.14
C LYS A 30 -9.70 -0.71 4.67
N TYR A 31 -9.68 0.44 4.01
CA TYR A 31 -9.14 0.50 2.66
C TYR A 31 -7.63 0.60 2.75
N VAL A 32 -6.96 -0.45 2.34
CA VAL A 32 -5.52 -0.52 2.51
C VAL A 32 -4.80 -0.28 1.19
N LEU A 33 -3.90 0.67 1.19
CA LEU A 33 -3.11 0.99 0.02
C LEU A 33 -1.70 0.42 0.20
N VAL A 34 -1.42 -0.68 -0.48
CA VAL A 34 -0.16 -1.38 -0.30
C VAL A 34 0.87 -0.93 -1.33
N ASP A 35 2.03 -0.49 -0.85
CA ASP A 35 3.09 -0.01 -1.72
C ASP A 35 4.30 -0.93 -1.66
N PHE A 36 4.88 -1.23 -2.80
CA PHE A 36 6.06 -2.07 -2.87
C PHE A 36 7.27 -1.25 -3.30
N TRP A 37 8.25 -1.14 -2.40
CA TRP A 37 9.43 -0.33 -2.66
C TRP A 37 10.66 -0.90 -1.98
N PHE A 38 11.79 -0.25 -2.21
CA PHE A 38 13.02 -0.49 -1.46
C PHE A 38 14.04 0.59 -1.81
N ALA A 39 14.99 0.82 -0.92
CA ALA A 39 15.97 1.91 -1.06
C ALA A 39 16.66 1.90 -2.42
N GLY A 40 16.94 0.71 -2.94
CA GLY A 40 17.62 0.57 -4.23
C GLY A 40 16.91 1.31 -5.34
N CYS A 41 15.68 0.90 -5.64
CA CYS A 41 14.88 1.59 -6.64
C CYS A 41 14.24 2.82 -6.01
N SER A 42 14.98 3.92 -5.99
CA SER A 42 14.52 5.15 -5.36
C SER A 42 13.39 5.80 -6.16
N TRP A 43 13.21 5.35 -7.40
CA TRP A 43 12.14 5.87 -8.25
C TRP A 43 10.78 5.49 -7.70
N CYS A 44 10.69 4.32 -7.07
CA CYS A 44 9.47 3.90 -6.40
C CYS A 44 9.16 4.87 -5.26
N ARG A 45 10.22 5.30 -4.59
CA ARG A 45 10.11 6.22 -3.47
C ARG A 45 9.77 7.63 -3.92
N LYS A 46 9.90 7.89 -5.23
CA LYS A 46 9.58 9.20 -5.78
C LYS A 46 8.08 9.45 -5.78
N GLU A 47 7.31 8.39 -5.60
CA GLU A 47 5.87 8.51 -5.49
C GLU A 47 5.43 8.44 -4.02
N THR A 48 6.40 8.18 -3.14
CA THR A 48 6.14 8.15 -1.70
C THR A 48 5.61 9.50 -1.17
N PRO A 49 6.19 10.66 -1.60
CA PRO A 49 5.62 11.97 -1.26
C PRO A 49 4.14 12.09 -1.62
N TYR A 50 3.74 11.47 -2.72
CA TYR A 50 2.33 11.48 -3.13
C TYR A 50 1.52 10.56 -2.25
N LEU A 51 2.12 9.45 -1.82
CA LEU A 51 1.52 8.57 -0.82
C LEU A 51 1.28 9.33 0.48
N LEU A 52 2.26 10.14 0.87
CA LEU A 52 2.16 10.94 2.08
C LEU A 52 0.99 11.91 1.98
N LYS A 53 0.84 12.53 0.81
CA LYS A 53 -0.30 13.42 0.55
C LYS A 53 -1.62 12.66 0.68
N THR A 54 -1.67 11.49 0.07
CA THR A 54 -2.86 10.65 0.10
C THR A 54 -3.18 10.21 1.54
N TYR A 55 -2.14 9.80 2.27
CA TYR A 55 -2.32 9.34 3.64
C TYR A 55 -2.77 10.49 4.53
N ASN A 56 -2.23 11.67 4.30
CA ASN A 56 -2.57 12.85 5.09
C ASN A 56 -4.03 13.24 4.86
N ALA A 57 -4.54 12.91 3.68
CA ALA A 57 -5.92 13.21 3.34
C ALA A 57 -6.90 12.18 3.90
N PHE A 58 -6.56 10.90 3.80
CA PHE A 58 -7.50 9.83 4.15
C PHE A 58 -7.18 9.18 5.49
N LYS A 59 -6.32 9.81 6.27
CA LYS A 59 -5.86 9.25 7.55
C LYS A 59 -7.01 9.02 8.53
N ASP A 60 -8.13 9.71 8.32
CA ASP A 60 -9.25 9.65 9.26
C ASP A 60 -10.50 9.04 8.60
N LYS A 61 -10.32 8.42 7.44
CA LYS A 61 -11.45 7.95 6.66
C LYS A 61 -11.47 6.43 6.51
N GLY A 62 -10.85 5.73 7.47
CA GLY A 62 -10.82 4.27 7.39
C GLY A 62 -9.89 3.80 6.30
N PHE A 63 -8.75 4.44 6.20
CA PHE A 63 -7.80 4.19 5.15
C PHE A 63 -6.40 4.05 5.75
N THR A 64 -5.65 3.07 5.28
CA THR A 64 -4.31 2.85 5.78
C THR A 64 -3.37 2.46 4.64
N ILE A 65 -2.23 3.12 4.56
CA ILE A 65 -1.22 2.76 3.59
C ILE A 65 -0.27 1.73 4.20
N TYR A 66 -0.12 0.61 3.52
CA TYR A 66 0.70 -0.48 4.00
C TYR A 66 1.95 -0.56 3.14
N GLY A 67 3.01 0.09 3.59
CA GLY A 67 4.23 0.14 2.82
C GLY A 67 5.11 -1.05 3.08
N VAL A 68 5.34 -1.84 2.04
CA VAL A 68 6.15 -3.02 2.17
C VAL A 68 7.46 -2.88 1.38
N SER A 69 8.56 -3.10 2.05
CA SER A 69 9.87 -2.96 1.42
C SER A 69 10.66 -4.26 1.53
N THR A 70 11.35 -4.61 0.46
CA THR A 70 12.22 -5.77 0.47
C THR A 70 13.66 -5.30 0.50
N ASP A 71 13.89 -4.29 1.33
CA ASP A 71 15.16 -3.57 1.38
C ASP A 71 16.33 -4.46 1.79
N ARG A 72 17.51 -3.85 1.80
CA ARG A 72 18.75 -4.53 2.09
C ARG A 72 18.81 -4.94 3.55
N ARG A 73 18.50 -3.97 4.40
CA ARG A 73 18.63 -4.13 5.83
C ARG A 73 17.47 -3.41 6.51
N GLU A 74 17.05 -3.88 7.68
CA GLU A 74 15.95 -3.25 8.40
C GLU A 74 16.35 -1.82 8.79
N GLU A 75 17.60 -1.67 9.21
CA GLU A 75 18.15 -0.37 9.55
C GLU A 75 18.15 0.56 8.34
N ASP A 76 18.49 0.01 7.18
CA ASP A 76 18.48 0.78 5.93
C ASP A 76 17.05 1.19 5.59
N TRP A 77 16.16 0.22 5.71
CA TRP A 77 14.73 0.43 5.52
C TRP A 77 14.16 1.49 6.46
N LYS A 78 14.46 1.39 7.75
CA LYS A 78 14.05 2.42 8.72
C LYS A 78 14.57 3.79 8.29
N LYS A 79 15.83 3.83 7.87
CA LYS A 79 16.42 5.06 7.38
C LYS A 79 15.66 5.61 6.17
N ALA A 80 15.31 4.74 5.24
CA ALA A 80 14.60 5.13 4.03
C ALA A 80 13.23 5.72 4.38
N ILE A 81 12.61 5.16 5.41
CA ILE A 81 11.34 5.67 5.92
C ILE A 81 11.50 7.11 6.39
N GLU A 82 12.63 7.40 7.03
CA GLU A 82 12.93 8.74 7.49
C GLU A 82 13.24 9.64 6.29
N GLU A 83 14.04 9.11 5.35
CA GLU A 83 14.40 9.82 4.13
C GLU A 83 13.15 10.38 3.44
N ASP A 84 12.24 9.48 3.10
CA ASP A 84 11.05 9.82 2.34
C ASP A 84 9.93 10.35 3.22
N LYS A 85 10.18 10.38 4.53
CA LYS A 85 9.20 10.89 5.49
C LYS A 85 7.90 10.11 5.40
N SER A 86 8.01 8.82 5.16
CA SER A 86 6.85 7.96 5.03
C SER A 86 6.31 7.58 6.40
N TYR A 87 5.56 8.50 7.01
CA TYR A 87 5.01 8.28 8.33
C TYR A 87 3.70 7.50 8.26
N TRP A 88 3.81 6.20 8.06
CA TRP A 88 2.68 5.30 8.11
C TRP A 88 3.17 3.88 8.37
N ASN A 89 2.24 2.93 8.44
CA ASN A 89 2.59 1.55 8.76
C ASN A 89 3.48 0.95 7.70
N GLN A 90 4.70 0.62 8.11
CA GLN A 90 5.70 0.10 7.20
C GLN A 90 6.18 -1.25 7.69
N VAL A 91 6.42 -2.19 6.78
CA VAL A 91 6.97 -3.48 7.13
C VAL A 91 8.03 -3.93 6.12
N LEU A 92 9.05 -4.62 6.63
CA LEU A 92 10.11 -5.15 5.78
C LEU A 92 9.76 -6.58 5.38
N LEU A 93 9.51 -6.77 4.09
CA LEU A 93 9.15 -8.08 3.58
C LEU A 93 10.30 -9.07 3.73
N GLN A 94 9.97 -10.25 4.22
CA GLN A 94 10.96 -11.31 4.31
C GLN A 94 11.33 -11.76 2.92
N LYS A 95 12.58 -12.14 2.73
CA LYS A 95 13.08 -12.42 1.38
C LYS A 95 12.38 -13.62 0.76
N ASP A 96 11.92 -14.54 1.59
CA ASP A 96 11.16 -15.68 1.11
C ASP A 96 9.71 -15.28 0.85
N ASP A 97 9.17 -14.45 1.73
CA ASP A 97 7.82 -13.90 1.55
C ASP A 97 7.73 -13.15 0.22
N VAL A 98 8.75 -12.32 -0.01
CA VAL A 98 8.89 -11.55 -1.26
C VAL A 98 8.72 -12.44 -2.50
N LYS A 99 9.24 -13.65 -2.41
CA LYS A 99 9.20 -14.60 -3.53
C LYS A 99 7.78 -14.79 -4.06
N ASP A 100 6.92 -15.32 -3.22
CA ASP A 100 5.55 -15.65 -3.62
C ASP A 100 4.72 -14.40 -3.81
N VAL A 101 4.96 -13.41 -2.95
CA VAL A 101 4.24 -12.16 -3.01
C VAL A 101 4.49 -11.44 -4.34
N LEU A 102 5.77 -11.26 -4.70
CA LEU A 102 6.10 -10.57 -5.94
C LEU A 102 5.47 -11.25 -7.12
N GLU A 103 5.71 -12.56 -7.25
CA GLU A 103 5.15 -13.31 -8.38
C GLU A 103 3.63 -13.10 -8.46
N SER A 104 2.94 -13.50 -7.40
CA SER A 104 1.47 -13.53 -7.37
C SER A 104 0.85 -12.17 -7.65
N TYR A 105 1.57 -11.10 -7.36
CA TYR A 105 1.09 -9.75 -7.64
C TYR A 105 1.45 -9.35 -9.06
N CYS A 106 1.71 -10.37 -9.90
CA CYS A 106 2.17 -10.22 -11.28
C CYS A 106 3.36 -9.29 -11.34
N ILE A 107 4.29 -9.46 -10.41
CA ILE A 107 5.36 -8.49 -10.25
C ILE A 107 6.74 -9.05 -10.62
N VAL A 108 7.37 -8.37 -11.57
CA VAL A 108 8.76 -8.63 -11.92
C VAL A 108 9.55 -7.32 -11.84
N GLY A 109 8.86 -6.27 -11.40
CA GLY A 109 9.48 -4.96 -11.32
C GLY A 109 8.72 -4.04 -10.38
N PHE A 110 9.25 -2.83 -10.19
CA PHE A 110 8.65 -1.85 -9.29
C PHE A 110 8.61 -0.47 -9.96
N PRO A 111 7.85 0.50 -9.40
CA PRO A 111 7.02 0.32 -8.18
C PRO A 111 5.76 -0.48 -8.44
N HIS A 112 4.92 -0.58 -7.41
CA HIS A 112 3.68 -1.35 -7.49
C HIS A 112 2.78 -1.04 -6.30
N ILE A 113 1.72 -0.29 -6.55
CA ILE A 113 0.79 0.09 -5.50
C ILE A 113 -0.60 -0.45 -5.79
N ILE A 114 -1.25 -0.98 -4.77
CA ILE A 114 -2.59 -1.53 -4.92
C ILE A 114 -3.53 -1.01 -3.83
N LEU A 115 -4.82 -1.00 -4.12
CA LEU A 115 -5.83 -0.59 -3.16
C LEU A 115 -6.79 -1.74 -2.89
N VAL A 116 -6.85 -2.18 -1.63
CA VAL A 116 -7.75 -3.25 -1.25
C VAL A 116 -8.89 -2.74 -0.39
N ASP A 117 -10.06 -3.32 -0.59
CA ASP A 117 -11.24 -2.99 0.20
C ASP A 117 -11.17 -3.67 1.58
N PRO A 118 -11.98 -3.21 2.55
CA PRO A 118 -12.03 -3.79 3.90
C PRO A 118 -12.38 -5.28 3.92
N GLU A 119 -12.86 -5.78 2.80
CA GLU A 119 -13.19 -7.19 2.68
C GLU A 119 -11.94 -8.00 2.38
N GLY A 120 -10.99 -7.36 1.70
CA GLY A 120 -9.72 -8.01 1.41
C GLY A 120 -9.51 -8.23 -0.07
N LYS A 121 -10.25 -7.51 -0.90
CA LYS A 121 -10.14 -7.65 -2.34
C LYS A 121 -9.51 -6.42 -2.97
N ILE A 122 -8.76 -6.64 -4.05
CA ILE A 122 -8.10 -5.55 -4.75
C ILE A 122 -9.06 -4.88 -5.72
N VAL A 123 -9.55 -3.70 -5.36
CA VAL A 123 -10.51 -2.98 -6.20
C VAL A 123 -9.78 -2.27 -7.34
N ALA A 124 -8.53 -1.92 -7.11
CA ALA A 124 -7.71 -1.26 -8.11
C ALA A 124 -6.24 -1.52 -7.84
N LYS A 125 -5.46 -1.68 -8.89
CA LYS A 125 -4.04 -1.99 -8.74
C LYS A 125 -3.22 -1.27 -9.81
N GLU A 126 -1.91 -1.19 -9.57
CA GLU A 126 -0.97 -0.50 -10.45
C GLU A 126 -1.27 1.00 -10.47
N LEU A 127 -1.78 1.50 -9.34
CA LEU A 127 -2.17 2.89 -9.21
C LEU A 127 -0.96 3.81 -9.25
N ARG A 128 -1.18 5.06 -9.63
CA ARG A 128 -0.08 6.02 -9.81
C ARG A 128 -0.18 7.16 -8.81
N GLY A 129 0.90 7.95 -8.69
CA GLY A 129 1.01 9.04 -7.72
C GLY A 129 -0.29 9.75 -7.36
N ASP A 130 -0.69 10.75 -8.14
CA ASP A 130 -1.91 11.50 -7.83
C ASP A 130 -3.16 10.72 -8.20
N ASP A 131 -2.97 9.66 -8.95
CA ASP A 131 -4.05 8.74 -9.26
C ASP A 131 -4.56 8.09 -7.99
N LEU A 132 -3.63 7.71 -7.13
CA LEU A 132 -3.94 7.21 -5.80
C LEU A 132 -4.94 8.11 -5.11
N TYR A 133 -4.60 9.38 -4.98
CA TYR A 133 -5.43 10.35 -4.27
C TYR A 133 -6.83 10.43 -4.87
N ASN A 134 -6.92 10.78 -6.16
CA ASN A 134 -8.21 11.09 -6.76
C ASN A 134 -9.08 9.84 -6.90
N THR A 135 -8.46 8.70 -7.22
CA THR A 135 -9.20 7.45 -7.37
C THR A 135 -9.66 6.92 -6.01
N VAL A 136 -8.80 7.00 -5.01
CA VAL A 136 -9.17 6.59 -3.65
C VAL A 136 -10.24 7.52 -3.09
N GLU A 137 -10.15 8.81 -3.45
CA GLU A 137 -11.16 9.78 -3.03
C GLU A 137 -12.53 9.35 -3.51
N LYS A 138 -12.60 8.93 -4.77
CA LYS A 138 -13.86 8.50 -5.37
C LYS A 138 -14.40 7.23 -4.72
N PHE A 139 -13.51 6.34 -4.33
CA PHE A 139 -13.90 5.06 -3.74
C PHE A 139 -14.27 5.21 -2.26
N VAL A 140 -13.34 5.76 -1.48
CA VAL A 140 -13.50 5.79 -0.03
C VAL A 140 -14.38 6.96 0.42
N ASN A 141 -14.06 8.15 -0.08
CA ASN A 141 -14.75 9.36 0.36
C ASN A 141 -16.07 9.53 -0.37
N GLY A 142 -16.02 9.68 -1.68
CA GLY A 142 -17.23 9.84 -2.45
C GLY A 142 -16.96 10.30 -3.87
N ALA A 143 -18.02 10.36 -4.66
CA ALA A 143 -17.92 10.76 -6.05
C ALA A 143 -19.17 11.51 -6.47
N LYS A 144 -19.13 12.14 -7.65
CA LYS A 144 -20.28 12.87 -8.14
C LYS A 144 -21.26 11.93 -8.82
N GLU A 145 -20.74 10.81 -9.28
CA GLU A 145 -21.54 9.78 -9.95
C GLU A 145 -22.27 8.93 -8.92
N GLY A 146 -22.62 9.53 -7.78
CA GLY A 146 -23.27 8.81 -6.71
C GLY A 146 -24.75 8.55 -6.98
N HIS A 147 -25.04 8.02 -8.16
CA HIS A 147 -26.38 7.61 -8.51
C HIS A 147 -26.51 6.11 -8.27
N HIS A 148 -25.51 5.55 -7.61
CA HIS A 148 -25.45 4.14 -7.30
C HIS A 148 -24.57 3.91 -6.08
N HIS A 149 -24.86 2.88 -5.32
CA HIS A 149 -24.03 2.52 -4.18
C HIS A 149 -22.71 1.91 -4.64
N HIS A 150 -21.82 1.61 -3.70
CA HIS A 150 -20.51 1.06 -4.02
C HIS A 150 -20.63 -0.35 -4.58
N HIS A 151 -20.75 -1.34 -3.69
CA HIS A 151 -20.99 -2.71 -4.12
C HIS A 151 -22.08 -3.33 -3.26
N HIS A 152 -22.76 -2.47 -2.51
CA HIS A 152 -23.86 -2.86 -1.65
C HIS A 152 -24.68 -1.64 -1.33
N MET A 1 -0.94 -5.27 -16.11
CA MET A 1 -1.81 -6.45 -16.22
C MET A 1 -2.17 -6.98 -14.83
N SER A 2 -1.28 -7.79 -14.26
CA SER A 2 -1.48 -8.34 -12.91
C SER A 2 -2.76 -9.17 -12.83
N LEU A 3 -3.14 -9.53 -11.62
CA LEU A 3 -4.39 -10.25 -11.38
C LEU A 3 -5.58 -9.31 -11.49
N ALA A 4 -6.77 -9.88 -11.64
CA ALA A 4 -7.97 -9.10 -11.86
C ALA A 4 -8.47 -8.46 -10.57
N THR A 5 -9.22 -7.37 -10.72
CA THR A 5 -9.79 -6.67 -9.58
C THR A 5 -10.97 -7.45 -9.00
N GLY A 6 -11.07 -7.45 -7.69
CA GLY A 6 -12.11 -8.21 -7.03
C GLY A 6 -11.59 -9.50 -6.45
N SER A 7 -10.38 -9.87 -6.85
CA SER A 7 -9.75 -11.09 -6.38
C SER A 7 -9.19 -10.88 -4.97
N VAL A 8 -9.19 -11.95 -4.18
CA VAL A 8 -8.64 -11.89 -2.83
C VAL A 8 -7.12 -11.80 -2.89
N ALA A 9 -6.55 -10.95 -2.05
CA ALA A 9 -5.11 -10.73 -2.06
C ALA A 9 -4.40 -11.59 -1.02
N PRO A 10 -3.44 -12.42 -1.44
CA PRO A 10 -2.57 -13.19 -0.54
C PRO A 10 -1.93 -12.30 0.51
N ALA A 11 -1.96 -12.74 1.76
CA ALA A 11 -1.52 -11.93 2.89
C ALA A 11 0.01 -11.83 2.95
N ILE A 12 0.50 -10.60 2.86
CA ILE A 12 1.91 -10.31 3.03
C ILE A 12 2.32 -10.64 4.46
N THR A 13 3.42 -11.35 4.63
CA THR A 13 3.89 -11.67 5.97
C THR A 13 5.29 -11.10 6.20
N GLY A 14 5.35 -9.86 6.66
CA GLY A 14 6.62 -9.17 6.77
C GLY A 14 6.91 -8.67 8.16
N ILE A 15 8.06 -8.04 8.32
CA ILE A 15 8.44 -7.44 9.58
C ILE A 15 8.40 -5.92 9.46
N ASP A 16 7.76 -5.26 10.41
CA ASP A 16 7.60 -3.81 10.34
C ASP A 16 8.79 -3.11 10.98
N LEU A 17 8.73 -1.78 11.06
CA LEU A 17 9.81 -0.98 11.62
C LEU A 17 10.12 -1.36 13.06
N LYS A 18 9.08 -1.74 13.80
CA LYS A 18 9.21 -2.03 15.22
C LYS A 18 9.81 -3.42 15.44
N GLY A 19 9.54 -4.32 14.49
CA GLY A 19 10.07 -5.67 14.60
C GLY A 19 8.96 -6.70 14.68
N ASN A 20 7.73 -6.29 14.41
CA ASN A 20 6.60 -7.20 14.49
C ASN A 20 6.40 -7.92 13.17
N SER A 21 6.14 -9.22 13.23
CA SER A 21 5.78 -9.98 12.05
C SER A 21 4.30 -9.77 11.75
N VAL A 22 4.02 -8.80 10.89
CA VAL A 22 2.65 -8.40 10.60
C VAL A 22 2.20 -8.93 9.25
N SER A 23 0.90 -9.09 9.10
CA SER A 23 0.30 -9.41 7.82
C SER A 23 -0.62 -8.28 7.41
N LEU A 24 -1.04 -8.26 6.16
CA LEU A 24 -2.01 -7.24 5.72
C LEU A 24 -3.36 -7.48 6.37
N ASN A 25 -3.56 -8.70 6.86
CA ASN A 25 -4.84 -9.10 7.46
C ASN A 25 -5.11 -8.30 8.72
N ASP A 26 -4.04 -8.00 9.46
CA ASP A 26 -4.13 -7.30 10.73
C ASP A 26 -4.54 -5.84 10.55
N PHE A 27 -4.38 -5.34 9.33
CA PHE A 27 -4.61 -3.93 9.06
C PHE A 27 -5.89 -3.75 8.27
N LYS A 28 -6.57 -4.86 8.06
CA LYS A 28 -7.80 -4.90 7.29
C LYS A 28 -8.94 -4.18 8.02
N GLY A 29 -10.14 -4.26 7.44
CA GLY A 29 -11.27 -3.51 7.95
C GLY A 29 -11.18 -2.06 7.50
N LYS A 30 -10.26 -1.80 6.58
CA LYS A 30 -10.02 -0.47 6.05
C LYS A 30 -9.65 -0.58 4.58
N TYR A 31 -9.52 0.54 3.91
CA TYR A 31 -8.96 0.56 2.57
C TYR A 31 -7.44 0.67 2.69
N VAL A 32 -6.74 -0.36 2.26
CA VAL A 32 -5.30 -0.41 2.47
C VAL A 32 -4.55 -0.36 1.14
N LEU A 33 -3.51 0.45 1.08
CA LEU A 33 -2.61 0.45 -0.06
C LEU A 33 -1.47 -0.53 0.19
N VAL A 34 -1.15 -1.33 -0.81
CA VAL A 34 0.01 -2.20 -0.74
C VAL A 34 1.06 -1.70 -1.71
N ASP A 35 2.04 -0.99 -1.18
CA ASP A 35 3.04 -0.30 -1.99
C ASP A 35 4.35 -1.05 -1.98
N PHE A 36 4.70 -1.68 -3.09
CA PHE A 36 5.99 -2.34 -3.21
C PHE A 36 7.07 -1.35 -3.61
N TRP A 37 8.04 -1.16 -2.74
CA TRP A 37 9.10 -0.20 -2.98
C TRP A 37 10.42 -0.72 -2.46
N PHE A 38 11.48 0.03 -2.76
CA PHE A 38 12.79 -0.20 -2.20
C PHE A 38 13.67 1.02 -2.43
N ALA A 39 14.58 1.25 -1.50
CA ALA A 39 15.41 2.45 -1.50
C ALA A 39 16.39 2.46 -2.68
N GLY A 40 16.57 1.30 -3.30
CA GLY A 40 17.47 1.19 -4.43
C GLY A 40 16.86 1.73 -5.71
N CYS A 41 15.60 2.15 -5.65
CA CYS A 41 14.92 2.68 -6.82
C CYS A 41 14.46 4.12 -6.57
N SER A 42 14.90 5.03 -7.43
CA SER A 42 14.53 6.43 -7.33
C SER A 42 13.03 6.62 -7.50
N TRP A 43 12.43 5.83 -8.40
CA TRP A 43 11.02 5.98 -8.71
C TRP A 43 10.15 5.54 -7.55
N CYS A 44 10.64 4.58 -6.76
CA CYS A 44 9.95 4.15 -5.56
C CYS A 44 9.89 5.29 -4.54
N ARG A 45 10.88 6.18 -4.61
CA ARG A 45 10.90 7.34 -3.74
C ARG A 45 10.08 8.49 -4.34
N LYS A 46 9.75 8.36 -5.63
CA LYS A 46 8.86 9.31 -6.29
C LYS A 46 7.44 9.16 -5.74
N GLU A 47 7.06 7.92 -5.49
CA GLU A 47 5.72 7.60 -5.00
C GLU A 47 5.52 8.13 -3.58
N THR A 48 6.61 8.21 -2.83
CA THR A 48 6.55 8.56 -1.41
C THR A 48 5.79 9.87 -1.14
N PRO A 49 6.16 11.00 -1.80
CA PRO A 49 5.43 12.27 -1.63
C PRO A 49 3.93 12.15 -1.90
N TYR A 50 3.58 11.43 -2.97
CA TYR A 50 2.17 11.23 -3.32
C TYR A 50 1.49 10.36 -2.27
N LEU A 51 2.23 9.37 -1.80
CA LEU A 51 1.74 8.44 -0.81
C LEU A 51 1.47 9.14 0.51
N LEU A 52 2.41 10.02 0.92
CA LEU A 52 2.25 10.78 2.14
C LEU A 52 1.02 11.69 2.06
N LYS A 53 0.84 12.31 0.90
CA LYS A 53 -0.34 13.15 0.66
C LYS A 53 -1.62 12.31 0.79
N THR A 54 -1.60 11.14 0.17
CA THR A 54 -2.73 10.23 0.22
C THR A 54 -3.00 9.77 1.67
N TYR A 55 -1.92 9.43 2.37
CA TYR A 55 -2.01 9.02 3.77
C TYR A 55 -2.68 10.11 4.61
N ASN A 56 -2.12 11.30 4.59
CA ASN A 56 -2.55 12.38 5.45
C ASN A 56 -4.00 12.78 5.19
N ALA A 57 -4.41 12.68 3.93
CA ALA A 57 -5.73 13.13 3.52
C ALA A 57 -6.83 12.09 3.81
N PHE A 58 -6.50 10.80 3.74
CA PHE A 58 -7.54 9.78 3.82
C PHE A 58 -7.42 8.90 5.06
N LYS A 59 -6.41 9.15 5.88
CA LYS A 59 -6.17 8.34 7.08
C LYS A 59 -7.40 8.28 8.00
N ASP A 60 -8.10 9.40 8.10
CA ASP A 60 -9.23 9.51 9.02
C ASP A 60 -10.53 9.05 8.36
N LYS A 61 -10.41 8.37 7.21
CA LYS A 61 -11.57 7.95 6.45
C LYS A 61 -11.63 6.43 6.34
N GLY A 62 -10.94 5.74 7.23
CA GLY A 62 -10.90 4.29 7.19
C GLY A 62 -9.94 3.81 6.12
N PHE A 63 -8.79 4.47 6.05
CA PHE A 63 -7.80 4.20 5.02
C PHE A 63 -6.42 4.17 5.64
N THR A 64 -5.59 3.24 5.20
CA THR A 64 -4.24 3.15 5.71
C THR A 64 -3.29 2.64 4.62
N ILE A 65 -2.00 2.76 4.86
CA ILE A 65 -1.01 2.42 3.86
C ILE A 65 -0.06 1.35 4.40
N TYR A 66 0.09 0.29 3.63
CA TYR A 66 0.96 -0.82 3.99
C TYR A 66 2.13 -0.88 3.02
N GLY A 67 3.22 -0.23 3.39
CA GLY A 67 4.35 -0.07 2.48
C GLY A 67 5.31 -1.24 2.54
N VAL A 68 5.33 -2.05 1.48
CA VAL A 68 6.10 -3.29 1.49
C VAL A 68 7.45 -3.09 0.81
N SER A 69 8.51 -3.31 1.57
CA SER A 69 9.87 -3.13 1.07
C SER A 69 10.56 -4.48 0.93
N THR A 70 11.67 -4.48 0.20
CA THR A 70 12.48 -5.67 0.07
C THR A 70 13.97 -5.27 0.15
N ASP A 71 14.23 -4.18 0.87
CA ASP A 71 15.59 -3.70 1.03
C ASP A 71 16.39 -4.58 1.97
N ARG A 72 17.51 -5.08 1.45
CA ARG A 72 18.37 -6.00 2.15
C ARG A 72 18.92 -5.40 3.44
N ARG A 73 19.18 -4.09 3.40
CA ARG A 73 19.70 -3.39 4.56
C ARG A 73 18.56 -2.78 5.36
N GLU A 74 18.21 -3.44 6.46
CA GLU A 74 17.10 -3.01 7.29
C GLU A 74 17.39 -1.69 8.00
N GLU A 75 18.64 -1.48 8.36
CA GLU A 75 19.02 -0.28 9.09
C GLU A 75 18.91 0.95 8.21
N ASP A 76 19.16 0.80 6.91
CA ASP A 76 18.95 1.89 5.97
C ASP A 76 17.46 2.03 5.69
N TRP A 77 16.73 0.93 5.77
CA TRP A 77 15.27 0.95 5.64
C TRP A 77 14.66 1.80 6.75
N LYS A 78 15.03 1.50 8.00
CA LYS A 78 14.61 2.32 9.14
C LYS A 78 15.05 3.76 8.94
N LYS A 79 16.29 3.91 8.48
CA LYS A 79 16.88 5.22 8.20
C LYS A 79 16.05 6.01 7.19
N ALA A 80 15.83 5.42 6.02
CA ALA A 80 15.15 6.10 4.93
C ALA A 80 13.76 6.57 5.34
N ILE A 81 13.08 5.78 6.15
CA ILE A 81 11.76 6.13 6.64
C ILE A 81 11.82 7.35 7.54
N GLU A 82 12.83 7.38 8.41
CA GLU A 82 13.03 8.48 9.34
C GLU A 82 13.48 9.75 8.59
N GLU A 83 14.21 9.56 7.50
CA GLU A 83 14.72 10.68 6.71
C GLU A 83 13.59 11.49 6.08
N ASP A 84 12.66 10.82 5.42
CA ASP A 84 11.58 11.51 4.72
C ASP A 84 10.35 11.64 5.61
N LYS A 85 10.37 10.94 6.74
CA LYS A 85 9.29 10.99 7.73
C LYS A 85 8.03 10.30 7.23
N SER A 86 8.19 9.29 6.40
CA SER A 86 7.07 8.50 5.90
C SER A 86 6.47 7.64 7.02
N TYR A 87 5.55 8.21 7.78
CA TYR A 87 4.97 7.50 8.91
C TYR A 87 3.65 6.84 8.56
N TRP A 88 3.71 5.54 8.31
CA TRP A 88 2.53 4.71 8.15
C TRP A 88 2.88 3.28 8.58
N ASN A 89 2.38 2.27 7.88
CA ASN A 89 2.70 0.90 8.24
C ASN A 89 3.54 0.25 7.14
N GLN A 90 4.84 0.44 7.20
CA GLN A 90 5.73 -0.19 6.25
C GLN A 90 6.25 -1.51 6.79
N VAL A 91 6.45 -2.43 5.87
CA VAL A 91 6.80 -3.81 6.18
C VAL A 91 7.88 -4.30 5.24
N LEU A 92 8.81 -5.03 5.79
CA LEU A 92 9.91 -5.59 5.02
C LEU A 92 9.61 -7.04 4.69
N LEU A 93 9.67 -7.39 3.41
CA LEU A 93 9.45 -8.75 2.95
C LEU A 93 10.45 -9.71 3.60
N GLN A 94 9.98 -10.87 4.01
CA GLN A 94 10.86 -11.87 4.60
C GLN A 94 11.53 -12.71 3.53
N LYS A 95 12.60 -13.40 3.92
CA LYS A 95 13.40 -14.22 3.01
C LYS A 95 12.55 -15.06 2.03
N ASP A 96 11.58 -15.76 2.56
CA ASP A 96 10.69 -16.61 1.75
C ASP A 96 9.51 -15.79 1.25
N ASP A 97 9.00 -14.95 2.12
CA ASP A 97 7.86 -14.08 1.84
C ASP A 97 8.09 -13.25 0.57
N VAL A 98 9.34 -12.82 0.36
CA VAL A 98 9.71 -12.06 -0.84
C VAL A 98 9.22 -12.74 -2.12
N LYS A 99 9.43 -14.05 -2.21
CA LYS A 99 9.17 -14.78 -3.45
C LYS A 99 7.69 -14.78 -3.78
N ASP A 100 6.92 -15.44 -2.94
CA ASP A 100 5.48 -15.63 -3.20
C ASP A 100 4.73 -14.32 -3.30
N VAL A 101 5.06 -13.36 -2.43
CA VAL A 101 4.39 -12.08 -2.44
C VAL A 101 4.62 -11.32 -3.75
N LEU A 102 5.87 -11.04 -4.08
CA LEU A 102 6.21 -10.31 -5.28
C LEU A 102 5.71 -11.05 -6.51
N GLU A 103 5.84 -12.36 -6.49
CA GLU A 103 5.38 -13.18 -7.58
C GLU A 103 3.88 -12.98 -7.78
N SER A 104 3.10 -13.34 -6.74
CA SER A 104 1.64 -13.50 -6.82
C SER A 104 0.93 -12.23 -7.30
N TYR A 105 1.32 -11.07 -6.80
CA TYR A 105 0.69 -9.82 -7.24
C TYR A 105 1.15 -9.44 -8.64
N CYS A 106 1.81 -10.39 -9.29
CA CYS A 106 2.28 -10.26 -10.66
C CYS A 106 3.31 -9.16 -10.75
N ILE A 107 4.36 -9.28 -9.95
CA ILE A 107 5.41 -8.25 -9.97
C ILE A 107 6.37 -8.48 -11.15
N VAL A 108 6.30 -7.57 -12.11
CA VAL A 108 7.22 -7.56 -13.23
C VAL A 108 8.22 -6.41 -13.05
N GLY A 109 7.79 -5.39 -12.32
CA GLY A 109 8.61 -4.23 -12.07
C GLY A 109 8.15 -3.46 -10.86
N PHE A 110 8.95 -2.49 -10.43
CA PHE A 110 8.62 -1.68 -9.27
C PHE A 110 8.57 -0.20 -9.65
N PRO A 111 7.74 0.58 -8.95
CA PRO A 111 6.89 0.11 -7.86
C PRO A 111 5.63 -0.60 -8.37
N HIS A 112 4.91 -1.21 -7.46
CA HIS A 112 3.68 -1.91 -7.80
C HIS A 112 2.69 -1.75 -6.65
N ILE A 113 1.70 -0.90 -6.84
CA ILE A 113 0.78 -0.54 -5.77
C ILE A 113 -0.63 -1.03 -6.07
N ILE A 114 -1.29 -1.55 -5.05
CA ILE A 114 -2.67 -2.00 -5.16
C ILE A 114 -3.51 -1.48 -3.98
N LEU A 115 -4.81 -1.37 -4.19
CA LEU A 115 -5.73 -0.92 -3.16
C LEU A 115 -6.67 -2.05 -2.78
N VAL A 116 -6.61 -2.49 -1.53
CA VAL A 116 -7.44 -3.56 -1.05
C VAL A 116 -8.59 -3.05 -0.19
N ASP A 117 -9.72 -3.71 -0.32
CA ASP A 117 -10.90 -3.40 0.48
C ASP A 117 -10.76 -4.03 1.87
N PRO A 118 -11.66 -3.65 2.83
CA PRO A 118 -11.62 -4.18 4.20
C PRO A 118 -11.69 -5.70 4.27
N GLU A 119 -12.24 -6.33 3.23
CA GLU A 119 -12.40 -7.77 3.19
C GLU A 119 -11.08 -8.44 2.85
N GLY A 120 -10.29 -7.76 2.03
CA GLY A 120 -9.00 -8.30 1.63
C GLY A 120 -8.95 -8.60 0.15
N LYS A 121 -9.80 -7.95 -0.61
CA LYS A 121 -9.83 -8.12 -2.05
C LYS A 121 -9.26 -6.87 -2.72
N ILE A 122 -8.62 -7.06 -3.85
CA ILE A 122 -8.02 -5.94 -4.57
C ILE A 122 -9.07 -5.22 -5.40
N VAL A 123 -9.58 -4.11 -4.88
CA VAL A 123 -10.61 -3.34 -5.57
C VAL A 123 -9.98 -2.45 -6.64
N ALA A 124 -8.79 -1.96 -6.35
CA ALA A 124 -8.04 -1.17 -7.31
C ALA A 124 -6.65 -1.76 -7.47
N LYS A 125 -6.25 -2.01 -8.69
CA LYS A 125 -5.05 -2.79 -8.94
C LYS A 125 -4.12 -2.05 -9.92
N GLU A 126 -2.82 -2.09 -9.60
CA GLU A 126 -1.76 -1.37 -10.32
C GLU A 126 -2.15 0.09 -10.62
N LEU A 127 -2.08 0.91 -9.57
CA LEU A 127 -2.38 2.33 -9.67
C LEU A 127 -1.08 3.14 -9.71
N ARG A 128 -1.20 4.42 -10.00
CA ARG A 128 -0.04 5.30 -10.04
C ARG A 128 -0.11 6.29 -8.87
N GLY A 129 0.93 7.13 -8.76
CA GLY A 129 1.08 8.02 -7.60
C GLY A 129 -0.18 8.79 -7.23
N ASP A 130 -0.49 9.83 -7.98
CA ASP A 130 -1.66 10.66 -7.68
C ASP A 130 -2.94 9.96 -8.10
N ASP A 131 -2.78 8.94 -8.94
CA ASP A 131 -3.90 8.10 -9.35
C ASP A 131 -4.48 7.41 -8.14
N LEU A 132 -3.59 6.94 -7.26
CA LEU A 132 -3.99 6.42 -5.95
C LEU A 132 -4.89 7.43 -5.25
N TYR A 133 -4.37 8.64 -5.13
CA TYR A 133 -5.02 9.73 -4.41
C TYR A 133 -6.41 10.02 -4.95
N ASN A 134 -6.50 10.37 -6.23
CA ASN A 134 -7.75 10.84 -6.81
C ASN A 134 -8.79 9.71 -6.89
N THR A 135 -8.33 8.48 -7.03
CA THR A 135 -9.25 7.35 -7.05
C THR A 135 -9.92 7.18 -5.70
N VAL A 136 -9.12 7.13 -4.63
CA VAL A 136 -9.66 6.99 -3.28
C VAL A 136 -10.49 8.21 -2.91
N GLU A 137 -10.04 9.38 -3.34
CA GLU A 137 -10.73 10.62 -3.07
C GLU A 137 -12.11 10.62 -3.76
N LYS A 138 -12.14 10.14 -4.99
CA LYS A 138 -13.37 10.13 -5.77
C LYS A 138 -14.31 9.01 -5.29
N PHE A 139 -13.77 8.03 -4.57
CA PHE A 139 -14.60 6.99 -3.98
C PHE A 139 -15.11 7.36 -2.60
N VAL A 140 -14.19 7.55 -1.67
CA VAL A 140 -14.53 7.67 -0.25
C VAL A 140 -14.87 9.10 0.14
N ASN A 141 -14.32 10.06 -0.58
CA ASN A 141 -14.49 11.47 -0.23
C ASN A 141 -15.59 12.11 -1.07
N GLY A 142 -16.55 11.29 -1.50
CA GLY A 142 -17.65 11.79 -2.30
C GLY A 142 -17.54 11.36 -3.76
N ALA A 143 -18.68 11.21 -4.42
CA ALA A 143 -18.71 10.71 -5.78
C ALA A 143 -18.16 11.72 -6.79
N LYS A 144 -18.31 13.01 -6.46
CA LYS A 144 -17.83 14.11 -7.30
C LYS A 144 -18.71 14.30 -8.53
N GLU A 145 -19.99 13.98 -8.39
CA GLU A 145 -20.95 14.20 -9.46
C GLU A 145 -21.55 15.60 -9.36
N GLY A 146 -21.81 16.02 -8.13
CA GLY A 146 -22.34 17.35 -7.89
C GLY A 146 -23.78 17.50 -8.35
N HIS A 147 -24.62 16.51 -8.05
CA HIS A 147 -26.03 16.60 -8.40
C HIS A 147 -26.70 17.79 -7.70
N HIS A 148 -27.12 18.76 -8.50
CA HIS A 148 -27.74 19.99 -7.99
C HIS A 148 -26.74 20.84 -7.22
N HIS A 149 -25.47 20.73 -7.58
CA HIS A 149 -24.41 21.53 -6.97
C HIS A 149 -24.53 22.98 -7.46
N HIS A 150 -25.44 23.72 -6.84
CA HIS A 150 -25.76 25.08 -7.27
C HIS A 150 -25.17 26.11 -6.31
N HIS A 151 -24.10 25.71 -5.63
CA HIS A 151 -23.38 26.56 -4.66
C HIS A 151 -24.19 26.75 -3.38
N HIS A 152 -25.27 27.53 -3.45
CA HIS A 152 -26.08 27.83 -2.28
C HIS A 152 -27.56 27.82 -2.65
N MET A 1 -4.72 -11.10 -15.76
CA MET A 1 -3.27 -10.92 -15.56
C MET A 1 -3.04 -9.89 -14.48
N SER A 2 -1.87 -9.98 -13.82
CA SER A 2 -1.59 -9.21 -12.60
C SER A 2 -2.75 -9.36 -11.62
N LEU A 3 -3.09 -10.62 -11.34
CA LEU A 3 -4.29 -10.97 -10.58
C LEU A 3 -5.53 -10.42 -11.30
N ALA A 4 -6.45 -9.82 -10.55
CA ALA A 4 -7.63 -9.24 -11.14
C ALA A 4 -8.26 -8.23 -10.20
N THR A 5 -8.94 -7.24 -10.76
CA THR A 5 -9.64 -6.26 -9.96
C THR A 5 -10.88 -6.88 -9.32
N GLY A 6 -10.85 -7.00 -8.00
CA GLY A 6 -11.92 -7.67 -7.30
C GLY A 6 -11.50 -9.05 -6.82
N SER A 7 -10.28 -9.43 -7.19
CA SER A 7 -9.73 -10.71 -6.77
C SER A 7 -9.07 -10.58 -5.41
N VAL A 8 -9.20 -11.62 -4.59
CA VAL A 8 -8.63 -11.63 -3.26
C VAL A 8 -7.11 -11.69 -3.34
N ALA A 9 -6.45 -10.89 -2.51
CA ALA A 9 -5.00 -10.84 -2.48
C ALA A 9 -4.46 -11.79 -1.40
N PRO A 10 -3.29 -12.41 -1.65
CA PRO A 10 -2.65 -13.32 -0.70
C PRO A 10 -2.33 -12.62 0.63
N ALA A 11 -2.28 -13.40 1.70
CA ALA A 11 -2.02 -12.85 3.02
C ALA A 11 -0.53 -12.62 3.24
N ILE A 12 -0.11 -11.37 3.03
CA ILE A 12 1.27 -10.98 3.24
C ILE A 12 1.51 -10.60 4.69
N THR A 13 2.72 -10.85 5.20
CA THR A 13 3.06 -10.50 6.56
C THR A 13 4.51 -10.01 6.64
N GLY A 14 4.68 -8.80 7.16
CA GLY A 14 6.00 -8.20 7.22
C GLY A 14 6.36 -7.78 8.62
N ILE A 15 7.64 -7.58 8.87
CA ILE A 15 8.11 -7.21 10.19
C ILE A 15 8.29 -5.70 10.29
N ASP A 16 7.62 -5.08 11.25
CA ASP A 16 7.69 -3.63 11.44
C ASP A 16 8.98 -3.24 12.17
N LEU A 17 9.12 -1.95 12.45
CA LEU A 17 10.33 -1.43 13.08
C LEU A 17 10.46 -1.89 14.53
N LYS A 18 9.35 -2.34 15.10
CA LYS A 18 9.35 -2.86 16.47
C LYS A 18 9.78 -4.32 16.48
N GLY A 19 9.57 -4.96 15.36
CA GLY A 19 9.96 -6.36 15.21
C GLY A 19 8.75 -7.26 15.24
N ASN A 20 7.59 -6.72 14.90
CA ASN A 20 6.35 -7.48 14.92
C ASN A 20 5.97 -7.90 13.51
N SER A 21 5.51 -9.14 13.36
CA SER A 21 5.04 -9.63 12.08
C SER A 21 3.59 -9.21 11.84
N VAL A 22 3.42 -8.10 11.15
CA VAL A 22 2.08 -7.56 10.91
C VAL A 22 1.61 -7.96 9.51
N SER A 23 0.41 -8.48 9.42
CA SER A 23 -0.10 -9.02 8.18
C SER A 23 -1.09 -8.05 7.52
N LEU A 24 -1.41 -8.31 6.26
CA LEU A 24 -2.37 -7.51 5.52
C LEU A 24 -3.76 -7.58 6.18
N ASN A 25 -4.03 -8.69 6.85
CA ASN A 25 -5.33 -8.92 7.48
C ASN A 25 -5.54 -8.02 8.69
N ASP A 26 -4.44 -7.51 9.23
CA ASP A 26 -4.50 -6.68 10.43
C ASP A 26 -4.85 -5.24 10.07
N PHE A 27 -4.95 -4.96 8.78
CA PHE A 27 -5.30 -3.62 8.32
C PHE A 27 -6.69 -3.64 7.71
N LYS A 28 -7.33 -4.79 7.83
CA LYS A 28 -8.65 -4.99 7.27
C LYS A 28 -9.69 -4.19 8.03
N GLY A 29 -10.53 -3.49 7.27
CA GLY A 29 -11.50 -2.56 7.84
C GLY A 29 -11.37 -1.23 7.16
N LYS A 30 -10.17 -0.97 6.67
CA LYS A 30 -9.88 0.18 5.85
C LYS A 30 -9.49 -0.29 4.46
N TYR A 31 -9.45 0.62 3.50
CA TYR A 31 -8.86 0.31 2.21
C TYR A 31 -7.34 0.40 2.36
N VAL A 32 -6.70 -0.72 2.13
CA VAL A 32 -5.28 -0.86 2.39
C VAL A 32 -4.47 -0.55 1.13
N LEU A 33 -3.77 0.56 1.17
CA LEU A 33 -2.87 0.92 0.09
C LEU A 33 -1.54 0.20 0.29
N VAL A 34 -1.34 -0.86 -0.46
CA VAL A 34 -0.13 -1.66 -0.32
C VAL A 34 0.95 -1.13 -1.24
N ASP A 35 2.05 -0.71 -0.65
CA ASP A 35 3.15 -0.08 -1.36
C ASP A 35 4.34 -1.05 -1.46
N PHE A 36 4.66 -1.49 -2.67
CA PHE A 36 5.78 -2.40 -2.87
C PHE A 36 7.01 -1.60 -3.26
N TRP A 37 8.03 -1.63 -2.42
CA TRP A 37 9.23 -0.84 -2.67
C TRP A 37 10.46 -1.41 -1.99
N PHE A 38 11.58 -0.76 -2.24
CA PHE A 38 12.84 -1.01 -1.57
C PHE A 38 13.82 0.10 -1.97
N ALA A 39 14.94 0.22 -1.27
CA ALA A 39 15.94 1.21 -1.64
C ALA A 39 16.65 0.82 -2.94
N GLY A 40 15.92 0.95 -4.03
CA GLY A 40 16.44 0.64 -5.34
C GLY A 40 15.51 1.15 -6.41
N CYS A 41 14.22 0.91 -6.22
CA CYS A 41 13.20 1.49 -7.08
C CYS A 41 12.86 2.89 -6.61
N SER A 42 13.66 3.84 -7.06
CA SER A 42 13.58 5.22 -6.60
C SER A 42 12.22 5.86 -6.88
N TRP A 43 11.48 5.33 -7.84
CA TRP A 43 10.20 5.92 -8.20
C TRP A 43 9.16 5.73 -7.11
N CYS A 44 9.14 4.55 -6.49
CA CYS A 44 8.28 4.31 -5.33
C CYS A 44 8.59 5.36 -4.26
N ARG A 45 9.88 5.59 -4.06
CA ARG A 45 10.37 6.55 -3.10
C ARG A 45 9.85 7.96 -3.43
N LYS A 46 9.77 8.28 -4.70
CA LYS A 46 9.41 9.64 -5.11
C LYS A 46 7.92 9.83 -5.21
N GLU A 47 7.18 8.75 -5.08
CA GLU A 47 5.73 8.83 -4.95
C GLU A 47 5.34 8.97 -3.49
N THR A 48 6.35 8.90 -2.61
CA THR A 48 6.16 9.10 -1.18
C THR A 48 5.38 10.40 -0.86
N PRO A 49 5.80 11.57 -1.41
CA PRO A 49 5.07 12.83 -1.19
C PRO A 49 3.58 12.71 -1.51
N TYR A 50 3.26 12.00 -2.58
CA TYR A 50 1.87 11.79 -2.98
C TYR A 50 1.19 10.82 -2.02
N LEU A 51 1.91 9.77 -1.65
CA LEU A 51 1.43 8.81 -0.67
C LEU A 51 1.18 9.48 0.67
N LEU A 52 2.09 10.35 1.08
CA LEU A 52 1.95 11.08 2.35
C LEU A 52 0.75 12.01 2.31
N LYS A 53 0.58 12.69 1.18
CA LYS A 53 -0.59 13.52 0.95
C LYS A 53 -1.86 12.69 1.16
N THR A 54 -1.89 11.55 0.50
CA THR A 54 -3.02 10.63 0.57
C THR A 54 -3.20 10.09 2.00
N TYR A 55 -2.10 9.60 2.57
CA TYR A 55 -2.11 9.02 3.90
C TYR A 55 -2.66 9.99 4.95
N ASN A 56 -2.13 11.20 4.96
CA ASN A 56 -2.44 12.13 6.03
C ASN A 56 -3.84 12.71 5.87
N ALA A 57 -4.31 12.82 4.63
CA ALA A 57 -5.61 13.42 4.36
C ALA A 57 -6.76 12.41 4.44
N PHE A 58 -6.44 11.11 4.33
CA PHE A 58 -7.47 10.08 4.33
C PHE A 58 -7.30 9.08 5.47
N LYS A 59 -6.45 9.41 6.43
CA LYS A 59 -6.20 8.50 7.56
C LYS A 59 -7.41 8.44 8.48
N ASP A 60 -8.25 9.46 8.38
CA ASP A 60 -9.47 9.57 9.17
C ASP A 60 -10.54 8.64 8.62
N LYS A 61 -10.53 8.48 7.30
CA LYS A 61 -11.54 7.71 6.62
C LYS A 61 -11.16 6.23 6.58
N GLY A 62 -11.86 5.46 5.77
CA GLY A 62 -11.56 4.05 5.64
C GLY A 62 -10.36 3.80 4.74
N PHE A 63 -9.23 4.39 5.10
CA PHE A 63 -8.02 4.25 4.32
C PHE A 63 -6.79 4.12 5.22
N THR A 64 -5.81 3.35 4.76
CA THR A 64 -4.53 3.23 5.43
C THR A 64 -3.48 2.74 4.43
N ILE A 65 -2.22 3.06 4.65
CA ILE A 65 -1.15 2.60 3.78
C ILE A 65 -0.35 1.50 4.46
N TYR A 66 -0.08 0.44 3.71
CA TYR A 66 0.70 -0.68 4.19
C TYR A 66 1.91 -0.86 3.27
N GLY A 67 3.03 -0.28 3.66
CA GLY A 67 4.21 -0.33 2.84
C GLY A 67 5.02 -1.58 3.10
N VAL A 68 5.32 -2.32 2.05
CA VAL A 68 6.09 -3.54 2.17
C VAL A 68 7.42 -3.41 1.44
N SER A 69 8.51 -3.54 2.18
CA SER A 69 9.83 -3.36 1.60
C SER A 69 10.68 -4.61 1.79
N THR A 70 11.43 -4.94 0.75
CA THR A 70 12.41 -6.00 0.80
C THR A 70 13.79 -5.40 0.58
N ASP A 71 14.14 -4.50 1.48
CA ASP A 71 15.34 -3.67 1.32
C ASP A 71 16.63 -4.49 1.47
N ARG A 72 17.74 -3.79 1.37
CA ARG A 72 19.07 -4.38 1.46
C ARG A 72 19.30 -4.89 2.86
N ARG A 73 19.04 -4.02 3.81
CA ARG A 73 19.20 -4.31 5.22
C ARG A 73 17.97 -3.82 5.96
N GLU A 74 17.77 -4.28 7.18
CA GLU A 74 16.69 -3.74 7.98
C GLU A 74 17.00 -2.29 8.30
N GLU A 75 18.25 -2.02 8.68
CA GLU A 75 18.69 -0.67 8.99
C GLU A 75 18.68 0.21 7.76
N ASP A 76 18.95 -0.39 6.60
CA ASP A 76 18.86 0.36 5.35
C ASP A 76 17.42 0.73 5.08
N TRP A 77 16.51 -0.19 5.41
CA TRP A 77 15.08 0.07 5.34
C TRP A 77 14.66 1.18 6.31
N LYS A 78 15.06 1.04 7.58
CA LYS A 78 14.86 2.10 8.57
C LYS A 78 15.35 3.44 8.02
N LYS A 79 16.56 3.40 7.48
CA LYS A 79 17.22 4.57 6.95
C LYS A 79 16.48 5.11 5.73
N ALA A 80 15.97 4.21 4.89
CA ALA A 80 15.28 4.60 3.66
C ALA A 80 13.99 5.35 3.97
N ILE A 81 13.31 4.93 5.03
CA ILE A 81 12.11 5.62 5.49
C ILE A 81 12.45 7.03 5.93
N GLU A 82 13.55 7.16 6.67
CA GLU A 82 14.02 8.45 7.13
C GLU A 82 14.53 9.29 5.95
N GLU A 83 15.02 8.62 4.91
CA GLU A 83 15.48 9.30 3.70
C GLU A 83 14.36 10.11 3.04
N ASP A 84 13.28 9.42 2.66
CA ASP A 84 12.24 10.03 1.85
C ASP A 84 11.02 10.43 2.69
N LYS A 85 11.13 10.27 4.00
CA LYS A 85 10.08 10.69 4.95
C LYS A 85 8.76 9.95 4.71
N SER A 86 8.87 8.68 4.35
CA SER A 86 7.70 7.84 4.19
C SER A 86 7.14 7.39 5.55
N TYR A 87 6.52 8.31 6.28
CA TYR A 87 6.05 8.02 7.63
C TYR A 87 4.66 7.40 7.64
N TRP A 88 4.58 6.11 7.39
CA TRP A 88 3.37 5.33 7.59
C TRP A 88 3.71 3.90 7.97
N ASN A 89 2.70 3.07 8.12
CA ASN A 89 2.91 1.68 8.53
C ASN A 89 3.59 0.89 7.43
N GLN A 90 4.90 0.73 7.57
CA GLN A 90 5.67 -0.03 6.61
C GLN A 90 6.34 -1.19 7.32
N VAL A 91 6.49 -2.30 6.60
CA VAL A 91 7.09 -3.50 7.17
C VAL A 91 8.19 -4.03 6.26
N LEU A 92 9.16 -4.68 6.86
CA LEU A 92 10.21 -5.34 6.10
C LEU A 92 9.77 -6.77 5.82
N LEU A 93 9.62 -7.10 4.57
CA LEU A 93 9.18 -8.42 4.17
C LEU A 93 10.28 -9.43 4.44
N GLN A 94 9.90 -10.58 4.99
CA GLN A 94 10.83 -11.66 5.21
C GLN A 94 11.42 -12.06 3.88
N LYS A 95 12.70 -12.38 3.86
CA LYS A 95 13.40 -12.54 2.59
C LYS A 95 12.87 -13.71 1.78
N ASP A 96 12.26 -14.68 2.46
CA ASP A 96 11.58 -15.78 1.77
C ASP A 96 10.14 -15.39 1.44
N ASP A 97 9.51 -14.65 2.35
CA ASP A 97 8.16 -14.11 2.13
C ASP A 97 8.12 -13.28 0.85
N VAL A 98 9.18 -12.50 0.65
CA VAL A 98 9.36 -11.68 -0.55
C VAL A 98 9.13 -12.50 -1.82
N LYS A 99 9.55 -13.76 -1.79
CA LYS A 99 9.37 -14.67 -2.91
C LYS A 99 7.93 -14.70 -3.38
N ASP A 100 7.06 -15.14 -2.49
CA ASP A 100 5.64 -15.28 -2.79
C ASP A 100 5.03 -13.92 -3.10
N VAL A 101 5.41 -12.91 -2.34
CA VAL A 101 4.90 -11.55 -2.55
C VAL A 101 5.18 -11.06 -3.96
N LEU A 102 6.47 -10.97 -4.30
CA LEU A 102 6.89 -10.42 -5.58
C LEU A 102 6.32 -11.24 -6.73
N GLU A 103 6.29 -12.53 -6.58
CA GLU A 103 5.77 -13.38 -7.62
C GLU A 103 4.26 -13.16 -7.78
N SER A 104 3.52 -13.51 -6.71
CA SER A 104 2.06 -13.63 -6.73
C SER A 104 1.35 -12.38 -7.24
N TYR A 105 1.81 -11.21 -6.82
CA TYR A 105 1.17 -9.97 -7.26
C TYR A 105 1.58 -9.63 -8.69
N CYS A 106 2.16 -10.63 -9.37
CA CYS A 106 2.64 -10.50 -10.73
C CYS A 106 3.62 -9.35 -10.80
N ILE A 107 4.56 -9.34 -9.86
CA ILE A 107 5.47 -8.21 -9.75
C ILE A 107 6.69 -8.38 -10.63
N VAL A 108 6.74 -7.62 -11.72
CA VAL A 108 7.87 -7.63 -12.62
C VAL A 108 8.48 -6.23 -12.72
N GLY A 109 7.79 -5.24 -12.13
CA GLY A 109 8.26 -3.88 -12.22
C GLY A 109 7.69 -3.01 -11.12
N PHE A 110 8.21 -1.80 -11.01
CA PHE A 110 7.78 -0.84 -10.00
C PHE A 110 7.60 0.54 -10.64
N PRO A 111 6.90 1.47 -9.96
CA PRO A 111 6.29 1.26 -8.64
C PRO A 111 5.00 0.46 -8.73
N HIS A 112 4.88 -0.53 -7.85
CA HIS A 112 3.71 -1.40 -7.84
C HIS A 112 2.85 -1.07 -6.63
N ILE A 113 1.68 -0.51 -6.87
CA ILE A 113 0.79 -0.09 -5.79
C ILE A 113 -0.58 -0.72 -5.97
N ILE A 114 -1.11 -1.30 -4.91
CA ILE A 114 -2.42 -1.93 -4.96
C ILE A 114 -3.32 -1.41 -3.84
N LEU A 115 -4.62 -1.37 -4.10
CA LEU A 115 -5.58 -0.95 -3.10
C LEU A 115 -6.46 -2.13 -2.70
N VAL A 116 -6.29 -2.60 -1.48
CA VAL A 116 -7.03 -3.75 -0.98
C VAL A 116 -8.24 -3.30 -0.16
N ASP A 117 -9.38 -3.91 -0.43
CA ASP A 117 -10.59 -3.61 0.32
C ASP A 117 -10.57 -4.32 1.68
N PRO A 118 -11.45 -3.92 2.62
CA PRO A 118 -11.53 -4.52 3.95
C PRO A 118 -11.69 -6.06 3.94
N GLU A 119 -12.22 -6.61 2.85
CA GLU A 119 -12.38 -8.05 2.73
C GLU A 119 -11.04 -8.70 2.42
N GLY A 120 -10.25 -8.02 1.61
CA GLY A 120 -8.93 -8.51 1.25
C GLY A 120 -8.76 -8.71 -0.24
N LYS A 121 -9.55 -7.99 -1.03
CA LYS A 121 -9.46 -8.08 -2.48
C LYS A 121 -8.83 -6.81 -3.03
N ILE A 122 -8.22 -6.92 -4.20
CA ILE A 122 -7.63 -5.75 -4.85
C ILE A 122 -8.67 -5.08 -5.74
N VAL A 123 -9.29 -4.02 -5.22
CA VAL A 123 -10.35 -3.33 -5.93
C VAL A 123 -9.77 -2.47 -7.05
N ALA A 124 -8.59 -1.91 -6.80
CA ALA A 124 -7.91 -1.09 -7.79
C ALA A 124 -6.40 -1.17 -7.55
N LYS A 125 -5.61 -0.87 -8.57
CA LYS A 125 -4.17 -0.95 -8.45
C LYS A 125 -3.47 -0.19 -9.56
N GLU A 126 -2.14 -0.13 -9.46
CA GLU A 126 -1.27 0.59 -10.39
C GLU A 126 -1.55 2.09 -10.31
N LEU A 127 -2.15 2.51 -9.19
CA LEU A 127 -2.46 3.91 -8.95
C LEU A 127 -1.18 4.73 -8.96
N ARG A 128 -1.23 5.89 -9.60
CA ARG A 128 -0.02 6.65 -9.85
C ARG A 128 -0.12 8.05 -9.26
N GLY A 129 1.04 8.59 -8.86
CA GLY A 129 1.16 10.00 -8.50
C GLY A 129 0.03 10.53 -7.64
N ASP A 130 -0.61 11.60 -8.11
CA ASP A 130 -1.68 12.24 -7.35
C ASP A 130 -2.97 11.44 -7.44
N ASP A 131 -3.05 10.54 -8.43
CA ASP A 131 -4.23 9.70 -8.59
C ASP A 131 -4.38 8.80 -7.38
N LEU A 132 -3.28 8.52 -6.70
CA LEU A 132 -3.34 7.85 -5.40
C LEU A 132 -4.36 8.55 -4.50
N TYR A 133 -4.15 9.83 -4.28
CA TYR A 133 -5.05 10.67 -3.49
C TYR A 133 -6.43 10.70 -4.13
N ASN A 134 -6.46 11.00 -5.41
CA ASN A 134 -7.71 11.16 -6.15
C ASN A 134 -8.53 9.88 -6.16
N THR A 135 -7.87 8.73 -6.22
CA THR A 135 -8.54 7.45 -6.25
C THR A 135 -9.10 7.08 -4.87
N VAL A 136 -8.46 7.52 -3.81
CA VAL A 136 -9.00 7.28 -2.49
C VAL A 136 -10.31 8.04 -2.30
N GLU A 137 -10.34 9.30 -2.70
CA GLU A 137 -11.57 10.08 -2.66
C GLU A 137 -12.56 9.55 -3.71
N LYS A 138 -12.02 8.89 -4.72
CA LYS A 138 -12.81 8.34 -5.82
C LYS A 138 -13.53 7.05 -5.39
N PHE A 139 -12.74 6.05 -4.98
CA PHE A 139 -13.28 4.75 -4.61
C PHE A 139 -13.68 4.68 -3.13
N VAL A 140 -12.76 5.07 -2.25
CA VAL A 140 -12.96 4.92 -0.82
C VAL A 140 -14.08 5.83 -0.31
N ASN A 141 -14.04 7.08 -0.73
CA ASN A 141 -15.06 8.05 -0.36
C ASN A 141 -16.33 7.81 -1.19
N GLY A 142 -16.18 7.09 -2.28
CA GLY A 142 -17.32 6.72 -3.09
C GLY A 142 -17.62 7.71 -4.20
N ALA A 143 -17.22 8.97 -3.98
CA ALA A 143 -17.44 10.05 -4.94
C ALA A 143 -18.93 10.28 -5.19
N LYS A 144 -19.76 9.76 -4.28
CA LYS A 144 -21.22 9.88 -4.38
C LYS A 144 -21.77 9.16 -5.62
N GLU A 145 -21.86 7.84 -5.52
CA GLU A 145 -22.54 7.05 -6.53
C GLU A 145 -23.91 6.65 -6.00
N GLY A 146 -24.83 6.40 -6.89
CA GLY A 146 -26.18 6.06 -6.50
C GLY A 146 -27.16 6.55 -7.53
N HIS A 147 -26.96 7.81 -7.94
CA HIS A 147 -27.82 8.44 -8.95
C HIS A 147 -29.26 8.48 -8.48
N HIS A 148 -30.16 8.76 -9.41
CA HIS A 148 -31.58 8.61 -9.18
C HIS A 148 -32.15 7.81 -10.35
N HIS A 149 -31.28 6.96 -10.90
CA HIS A 149 -31.61 6.12 -12.04
C HIS A 149 -31.12 4.71 -11.76
N HIS A 150 -32.03 3.76 -11.83
CA HIS A 150 -31.73 2.38 -11.45
C HIS A 150 -30.79 1.69 -12.43
N HIS A 151 -29.52 1.63 -12.07
CA HIS A 151 -28.59 0.74 -12.78
C HIS A 151 -28.55 -0.59 -12.04
N HIS A 152 -29.28 -0.64 -10.94
CA HIS A 152 -29.48 -1.86 -10.18
C HIS A 152 -30.78 -1.73 -9.39
N MET A 1 -7.48 -12.74 -16.32
CA MET A 1 -6.05 -13.13 -16.39
C MET A 1 -5.26 -12.32 -15.36
N SER A 2 -4.47 -13.02 -14.55
CA SER A 2 -3.72 -12.38 -13.47
C SER A 2 -4.67 -11.65 -12.51
N LEU A 3 -4.12 -10.76 -11.68
CA LEU A 3 -4.93 -9.98 -10.78
C LEU A 3 -5.70 -8.91 -11.55
N ALA A 4 -6.99 -9.14 -11.74
CA ALA A 4 -7.82 -8.22 -12.50
C ALA A 4 -8.55 -7.27 -11.57
N THR A 5 -9.74 -7.66 -11.15
CA THR A 5 -10.55 -6.88 -10.22
C THR A 5 -11.38 -7.83 -9.37
N GLY A 6 -11.30 -7.67 -8.05
CA GLY A 6 -12.00 -8.58 -7.16
C GLY A 6 -11.15 -9.78 -6.83
N SER A 7 -9.97 -9.83 -7.45
CA SER A 7 -9.03 -10.91 -7.23
C SER A 7 -8.45 -10.80 -5.82
N VAL A 8 -8.58 -11.87 -5.04
CA VAL A 8 -8.14 -11.86 -3.66
C VAL A 8 -6.60 -11.91 -3.59
N ALA A 9 -6.03 -11.11 -2.71
CA ALA A 9 -4.59 -11.03 -2.56
C ALA A 9 -4.10 -11.93 -1.43
N PRO A 10 -2.90 -12.51 -1.58
CA PRO A 10 -2.27 -13.35 -0.55
C PRO A 10 -1.98 -12.59 0.75
N ALA A 11 -1.74 -13.32 1.81
CA ALA A 11 -1.46 -12.71 3.11
C ALA A 11 0.01 -12.38 3.25
N ILE A 12 0.32 -11.09 3.36
CA ILE A 12 1.68 -10.65 3.59
C ILE A 12 2.02 -10.70 5.06
N THR A 13 3.22 -11.16 5.40
CA THR A 13 3.68 -11.17 6.78
C THR A 13 5.02 -10.46 6.90
N GLY A 14 4.96 -9.16 7.12
CA GLY A 14 6.16 -8.36 7.12
C GLY A 14 6.58 -7.97 8.52
N ILE A 15 7.83 -7.59 8.66
CA ILE A 15 8.34 -7.15 9.94
C ILE A 15 8.19 -5.65 10.09
N ASP A 16 7.61 -5.24 11.21
CA ASP A 16 7.30 -3.83 11.45
C ASP A 16 8.54 -3.05 11.85
N LEU A 17 8.35 -1.80 12.26
CA LEU A 17 9.45 -0.92 12.63
C LEU A 17 10.18 -1.42 13.87
N LYS A 18 9.48 -2.17 14.72
CA LYS A 18 10.08 -2.71 15.93
C LYS A 18 10.81 -4.00 15.61
N GLY A 19 10.14 -4.90 14.91
CA GLY A 19 10.72 -6.17 14.57
C GLY A 19 9.77 -7.33 14.75
N ASN A 20 8.48 -7.04 14.72
CA ASN A 20 7.46 -8.07 14.90
C ASN A 20 6.87 -8.46 13.55
N SER A 21 6.44 -9.71 13.43
CA SER A 21 5.81 -10.19 12.23
C SER A 21 4.35 -9.77 12.17
N VAL A 22 4.07 -8.71 11.41
CA VAL A 22 2.72 -8.20 11.27
C VAL A 22 2.17 -8.64 9.91
N SER A 23 0.89 -8.99 9.86
CA SER A 23 0.33 -9.53 8.65
C SER A 23 -0.74 -8.60 8.08
N LEU A 24 -1.13 -8.85 6.84
CA LEU A 24 -2.14 -8.06 6.16
C LEU A 24 -3.49 -8.15 6.88
N ASN A 25 -3.68 -9.22 7.65
CA ASN A 25 -4.93 -9.43 8.38
C ASN A 25 -5.10 -8.36 9.45
N ASP A 26 -3.98 -7.85 9.97
CA ASP A 26 -4.00 -6.86 11.03
C ASP A 26 -4.46 -5.51 10.50
N PHE A 27 -4.42 -5.34 9.20
CA PHE A 27 -4.75 -4.07 8.58
C PHE A 27 -6.03 -4.17 7.76
N LYS A 28 -6.65 -5.34 7.81
CA LYS A 28 -7.88 -5.59 7.08
C LYS A 28 -9.02 -4.68 7.56
N GLY A 29 -10.10 -4.67 6.79
CA GLY A 29 -11.26 -3.86 7.14
C GLY A 29 -11.05 -2.40 6.78
N LYS A 30 -10.15 -2.15 5.84
CA LYS A 30 -9.83 -0.79 5.41
C LYS A 30 -9.54 -0.79 3.92
N TYR A 31 -9.60 0.39 3.30
CA TYR A 31 -9.11 0.55 1.95
C TYR A 31 -7.59 0.64 2.00
N VAL A 32 -6.94 -0.40 1.55
CA VAL A 32 -5.50 -0.51 1.71
C VAL A 32 -4.78 -0.37 0.37
N LEU A 33 -3.97 0.67 0.24
CA LEU A 33 -3.07 0.77 -0.89
C LEU A 33 -1.79 0.00 -0.59
N VAL A 34 -1.60 -1.11 -1.26
CA VAL A 34 -0.43 -1.93 -1.03
C VAL A 34 0.70 -1.48 -1.94
N ASP A 35 1.72 -0.91 -1.33
CA ASP A 35 2.85 -0.34 -2.04
C ASP A 35 4.07 -1.23 -1.90
N PHE A 36 4.55 -1.76 -3.01
CA PHE A 36 5.79 -2.53 -3.00
C PHE A 36 6.95 -1.65 -3.45
N TRP A 37 7.90 -1.42 -2.56
CA TRP A 37 8.99 -0.50 -2.84
C TRP A 37 10.30 -0.98 -2.21
N PHE A 38 11.34 -0.22 -2.49
CA PHE A 38 12.64 -0.37 -1.87
C PHE A 38 13.51 0.81 -2.27
N ALA A 39 14.66 0.97 -1.61
CA ALA A 39 15.51 2.14 -1.81
C ALA A 39 16.00 2.26 -3.25
N GLY A 40 16.12 1.13 -3.93
CA GLY A 40 16.59 1.12 -5.31
C GLY A 40 15.65 1.85 -6.25
N CYS A 41 14.46 1.31 -6.46
CA CYS A 41 13.47 1.95 -7.30
C CYS A 41 12.84 3.11 -6.55
N SER A 42 13.46 4.28 -6.67
CA SER A 42 13.05 5.45 -5.92
C SER A 42 11.79 6.08 -6.48
N TRP A 43 11.11 5.38 -7.38
CA TRP A 43 9.88 5.89 -7.97
C TRP A 43 8.80 6.10 -6.92
N CYS A 44 8.63 5.12 -6.03
CA CYS A 44 7.72 5.25 -4.91
C CYS A 44 8.17 6.40 -4.01
N ARG A 45 9.49 6.59 -3.97
CA ARG A 45 10.09 7.63 -3.15
C ARG A 45 9.91 9.00 -3.80
N LYS A 46 9.53 8.99 -5.08
CA LYS A 46 9.15 10.20 -5.79
C LYS A 46 7.68 10.51 -5.55
N GLU A 47 6.86 9.47 -5.50
CA GLU A 47 5.42 9.61 -5.30
C GLU A 47 5.08 9.64 -3.81
N THR A 48 6.12 9.61 -2.98
CA THR A 48 5.97 9.64 -1.52
C THR A 48 5.09 10.81 -1.05
N PRO A 49 5.37 12.06 -1.47
CA PRO A 49 4.53 13.22 -1.11
C PRO A 49 3.04 12.97 -1.31
N TYR A 50 2.69 12.33 -2.43
CA TYR A 50 1.30 12.02 -2.73
C TYR A 50 0.76 10.97 -1.77
N LEU A 51 1.53 9.91 -1.59
CA LEU A 51 1.16 8.82 -0.69
C LEU A 51 0.96 9.35 0.73
N LEU A 52 1.90 10.16 1.19
CA LEU A 52 1.86 10.72 2.53
C LEU A 52 0.62 11.60 2.71
N LYS A 53 0.34 12.42 1.71
CA LYS A 53 -0.83 13.29 1.73
C LYS A 53 -2.12 12.46 1.80
N THR A 54 -2.20 11.45 0.94
CA THR A 54 -3.37 10.59 0.88
C THR A 54 -3.56 9.83 2.19
N TYR A 55 -2.48 9.23 2.69
CA TYR A 55 -2.52 8.46 3.92
C TYR A 55 -2.99 9.33 5.08
N ASN A 56 -2.37 10.49 5.22
CA ASN A 56 -2.68 11.39 6.32
C ASN A 56 -4.15 11.82 6.27
N ALA A 57 -4.61 12.11 5.07
CA ALA A 57 -5.96 12.62 4.88
C ALA A 57 -7.04 11.57 5.20
N PHE A 58 -6.78 10.30 4.93
CA PHE A 58 -7.83 9.29 5.00
C PHE A 58 -7.52 8.17 6.00
N LYS A 59 -6.46 8.31 6.76
CA LYS A 59 -6.03 7.29 7.72
C LYS A 59 -7.15 6.98 8.73
N ASP A 60 -7.90 8.01 9.07
CA ASP A 60 -8.95 7.93 10.09
C ASP A 60 -10.31 7.70 9.45
N LYS A 61 -10.32 7.46 8.15
CA LYS A 61 -11.57 7.33 7.41
C LYS A 61 -11.68 5.95 6.76
N GLY A 62 -11.01 4.97 7.34
CA GLY A 62 -11.09 3.61 6.85
C GLY A 62 -10.18 3.36 5.67
N PHE A 63 -9.11 4.12 5.60
CA PHE A 63 -8.15 4.00 4.52
C PHE A 63 -6.73 4.01 5.08
N THR A 64 -5.86 3.22 4.49
CA THR A 64 -4.46 3.18 4.88
C THR A 64 -3.58 2.78 3.71
N ILE A 65 -2.29 3.00 3.86
CA ILE A 65 -1.33 2.61 2.84
C ILE A 65 -0.32 1.63 3.43
N TYR A 66 -0.20 0.48 2.79
CA TYR A 66 0.64 -0.59 3.28
C TYR A 66 1.95 -0.60 2.49
N GLY A 67 2.96 0.06 3.04
CA GLY A 67 4.23 0.21 2.34
C GLY A 67 5.15 -0.96 2.61
N VAL A 68 5.24 -1.85 1.65
CA VAL A 68 5.98 -3.08 1.79
C VAL A 68 7.37 -2.95 1.15
N SER A 69 8.39 -3.01 1.98
CA SER A 69 9.76 -2.94 1.50
C SER A 69 10.38 -4.33 1.51
N THR A 70 11.31 -4.54 0.60
CA THR A 70 12.06 -5.78 0.53
C THR A 70 13.54 -5.47 0.42
N ASP A 71 13.93 -4.32 0.99
CA ASP A 71 15.30 -3.83 0.95
C ASP A 71 16.28 -4.84 1.55
N ARG A 72 17.57 -4.58 1.32
CA ARG A 72 18.64 -5.46 1.76
C ARG A 72 18.54 -5.74 3.25
N ARG A 73 18.85 -4.74 4.05
CA ARG A 73 18.85 -4.86 5.49
C ARG A 73 17.69 -4.09 6.09
N GLU A 74 17.49 -4.25 7.38
CA GLU A 74 16.48 -3.50 8.09
C GLU A 74 16.97 -2.07 8.27
N GLU A 75 18.29 -1.93 8.44
CA GLU A 75 18.93 -0.63 8.55
C GLU A 75 18.71 0.17 7.27
N ASP A 76 18.81 -0.51 6.13
CA ASP A 76 18.57 0.12 4.83
C ASP A 76 17.14 0.64 4.77
N TRP A 77 16.21 -0.25 5.12
CA TRP A 77 14.80 0.11 5.15
C TRP A 77 14.53 1.29 6.08
N LYS A 78 15.09 1.24 7.29
CA LYS A 78 14.93 2.32 8.26
C LYS A 78 15.53 3.63 7.74
N LYS A 79 16.70 3.53 7.11
CA LYS A 79 17.39 4.72 6.62
C LYS A 79 16.66 5.32 5.44
N ALA A 80 16.12 4.46 4.58
CA ALA A 80 15.32 4.91 3.44
C ALA A 80 14.16 5.76 3.91
N ILE A 81 13.42 5.24 4.89
CA ILE A 81 12.27 5.96 5.46
C ILE A 81 12.73 7.29 6.06
N GLU A 82 13.93 7.29 6.61
CA GLU A 82 14.51 8.49 7.18
C GLU A 82 14.71 9.56 6.12
N GLU A 83 14.91 9.15 4.88
CA GLU A 83 15.13 10.10 3.79
C GLU A 83 13.79 10.60 3.24
N ASP A 84 12.99 9.67 2.75
CA ASP A 84 11.74 10.00 2.03
C ASP A 84 10.63 10.44 2.97
N LYS A 85 10.74 10.03 4.23
CA LYS A 85 9.75 10.37 5.26
C LYS A 85 8.46 9.60 5.01
N SER A 86 8.59 8.41 4.47
CA SER A 86 7.45 7.52 4.27
C SER A 86 6.90 7.06 5.62
N TYR A 87 5.81 7.68 6.08
CA TYR A 87 5.24 7.33 7.37
C TYR A 87 3.82 6.80 7.24
N TRP A 88 3.72 5.56 6.77
CA TRP A 88 2.47 4.81 6.81
C TRP A 88 2.76 3.41 7.33
N ASN A 89 1.95 2.42 6.97
CA ASN A 89 2.18 1.06 7.45
C ASN A 89 3.39 0.45 6.74
N GLN A 90 4.57 0.79 7.24
CA GLN A 90 5.81 0.30 6.66
C GLN A 90 6.12 -1.09 7.21
N VAL A 91 6.32 -2.05 6.32
CA VAL A 91 6.71 -3.39 6.72
C VAL A 91 7.85 -3.89 5.83
N LEU A 92 8.78 -4.63 6.43
CA LEU A 92 9.86 -5.23 5.69
C LEU A 92 9.57 -6.70 5.47
N LEU A 93 9.57 -7.13 4.23
CA LEU A 93 9.35 -8.53 3.91
C LEU A 93 10.45 -9.40 4.49
N GLN A 94 10.06 -10.50 5.11
CA GLN A 94 11.03 -11.47 5.59
C GLN A 94 11.65 -12.12 4.37
N LYS A 95 12.90 -12.54 4.46
CA LYS A 95 13.59 -13.10 3.31
C LYS A 95 12.91 -14.36 2.81
N ASP A 96 12.07 -14.95 3.66
CA ASP A 96 11.22 -16.06 3.26
C ASP A 96 9.92 -15.53 2.64
N ASP A 97 9.30 -14.60 3.34
CA ASP A 97 8.01 -14.02 2.94
C ASP A 97 8.12 -13.35 1.57
N VAL A 98 9.30 -12.79 1.29
CA VAL A 98 9.60 -12.17 0.00
C VAL A 98 9.19 -13.06 -1.17
N LYS A 99 9.48 -14.35 -1.05
CA LYS A 99 9.29 -15.29 -2.16
C LYS A 99 7.82 -15.36 -2.58
N ASP A 100 6.98 -15.82 -1.66
CA ASP A 100 5.59 -16.11 -1.99
C ASP A 100 4.77 -14.84 -2.17
N VAL A 101 5.10 -13.81 -1.42
CA VAL A 101 4.38 -12.55 -1.53
C VAL A 101 4.67 -11.85 -2.84
N LEU A 102 5.95 -11.58 -3.11
CA LEU A 102 6.32 -10.83 -4.31
C LEU A 102 5.87 -11.55 -5.56
N GLU A 103 6.13 -12.85 -5.64
CA GLU A 103 5.75 -13.62 -6.82
C GLU A 103 4.26 -13.49 -7.09
N SER A 104 3.46 -13.95 -6.13
CA SER A 104 2.02 -14.16 -6.29
C SER A 104 1.26 -12.87 -6.58
N TYR A 105 1.78 -11.74 -6.09
CA TYR A 105 1.18 -10.45 -6.40
C TYR A 105 1.51 -10.03 -7.83
N CYS A 106 2.09 -10.95 -8.58
CA CYS A 106 2.58 -10.71 -9.93
C CYS A 106 3.58 -9.59 -9.93
N ILE A 107 4.66 -9.77 -9.17
CA ILE A 107 5.71 -8.77 -9.14
C ILE A 107 6.55 -8.83 -10.41
N VAL A 108 6.50 -7.74 -11.17
CA VAL A 108 7.29 -7.62 -12.38
C VAL A 108 8.14 -6.33 -12.33
N GLY A 109 7.72 -5.40 -11.49
CA GLY A 109 8.43 -4.15 -11.36
C GLY A 109 7.98 -3.38 -10.14
N PHE A 110 8.59 -2.23 -9.91
CA PHE A 110 8.27 -1.39 -8.76
C PHE A 110 8.13 0.07 -9.22
N PRO A 111 7.30 0.87 -8.53
CA PRO A 111 6.55 0.44 -7.37
C PRO A 111 5.20 -0.17 -7.72
N HIS A 112 4.95 -1.36 -7.20
CA HIS A 112 3.71 -2.08 -7.47
C HIS A 112 2.68 -1.69 -6.42
N ILE A 113 1.83 -0.73 -6.77
CA ILE A 113 0.87 -0.15 -5.82
C ILE A 113 -0.55 -0.49 -6.21
N ILE A 114 -1.17 -1.34 -5.41
CA ILE A 114 -2.52 -1.80 -5.71
C ILE A 114 -3.53 -1.31 -4.68
N LEU A 115 -4.76 -1.10 -5.12
CA LEU A 115 -5.83 -0.67 -4.24
C LEU A 115 -6.61 -1.90 -3.80
N VAL A 116 -6.49 -2.23 -2.53
CA VAL A 116 -7.10 -3.43 -1.98
C VAL A 116 -8.30 -3.10 -1.11
N ASP A 117 -9.40 -3.82 -1.34
CA ASP A 117 -10.61 -3.67 -0.52
C ASP A 117 -10.37 -4.19 0.89
N PRO A 118 -11.26 -3.83 1.85
CA PRO A 118 -11.17 -4.29 3.24
C PRO A 118 -10.96 -5.80 3.40
N GLU A 119 -11.48 -6.60 2.48
CA GLU A 119 -11.38 -8.05 2.57
C GLU A 119 -10.11 -8.58 1.93
N GLY A 120 -9.30 -7.71 1.38
CA GLY A 120 -8.04 -8.13 0.80
C GLY A 120 -8.16 -8.55 -0.65
N LYS A 121 -9.11 -7.95 -1.36
CA LYS A 121 -9.27 -8.20 -2.78
C LYS A 121 -8.90 -6.96 -3.58
N ILE A 122 -8.19 -7.16 -4.68
CA ILE A 122 -7.66 -6.07 -5.48
C ILE A 122 -8.75 -5.40 -6.30
N VAL A 123 -8.97 -4.11 -6.03
CA VAL A 123 -9.97 -3.34 -6.74
C VAL A 123 -9.31 -2.58 -7.90
N ALA A 124 -8.10 -2.10 -7.67
CA ALA A 124 -7.34 -1.38 -8.68
C ALA A 124 -5.87 -1.69 -8.51
N LYS A 125 -5.07 -1.37 -9.52
CA LYS A 125 -3.66 -1.73 -9.49
C LYS A 125 -2.80 -0.73 -10.27
N GLU A 126 -1.58 -0.55 -9.77
CA GLU A 126 -0.57 0.30 -10.38
C GLU A 126 -1.02 1.76 -10.46
N LEU A 127 -1.74 2.17 -9.43
CA LEU A 127 -2.20 3.55 -9.32
C LEU A 127 -1.01 4.48 -9.12
N ARG A 128 -1.08 5.64 -9.74
CA ARG A 128 0.04 6.57 -9.73
C ARG A 128 -0.13 7.63 -8.64
N GLY A 129 0.95 8.36 -8.35
CA GLY A 129 0.98 9.36 -7.29
C GLY A 129 -0.31 10.14 -7.12
N ASP A 130 -0.59 11.04 -8.04
CA ASP A 130 -1.80 11.86 -7.97
C ASP A 130 -3.02 11.02 -8.26
N ASP A 131 -2.87 10.08 -9.18
CA ASP A 131 -3.96 9.22 -9.62
C ASP A 131 -4.61 8.49 -8.46
N LEU A 132 -3.79 7.92 -7.59
CA LEU A 132 -4.31 7.18 -6.45
C LEU A 132 -5.02 8.10 -5.48
N TYR A 133 -4.48 9.30 -5.31
CA TYR A 133 -5.11 10.29 -4.45
C TYR A 133 -6.44 10.73 -5.03
N ASN A 134 -6.40 11.10 -6.30
CA ASN A 134 -7.59 11.57 -7.02
C ASN A 134 -8.69 10.51 -6.98
N THR A 135 -8.29 9.26 -7.18
CA THR A 135 -9.22 8.15 -7.13
C THR A 135 -9.74 7.90 -5.72
N VAL A 136 -8.82 7.88 -4.74
CA VAL A 136 -9.20 7.62 -3.35
C VAL A 136 -10.10 8.72 -2.79
N GLU A 137 -9.75 9.99 -3.06
CA GLU A 137 -10.57 11.10 -2.59
C GLU A 137 -11.94 11.03 -3.24
N LYS A 138 -11.96 10.67 -4.51
CA LYS A 138 -13.20 10.51 -5.26
C LYS A 138 -14.12 9.48 -4.60
N PHE A 139 -13.53 8.45 -3.99
CA PHE A 139 -14.31 7.43 -3.29
C PHE A 139 -14.61 7.81 -1.84
N VAL A 140 -13.55 7.96 -1.03
CA VAL A 140 -13.70 8.12 0.42
C VAL A 140 -14.25 9.51 0.78
N ASN A 141 -13.77 10.53 0.08
CA ASN A 141 -14.25 11.89 0.31
C ASN A 141 -15.52 12.10 -0.50
N GLY A 142 -15.57 11.45 -1.65
CA GLY A 142 -16.79 11.40 -2.45
C GLY A 142 -17.05 12.68 -3.22
N ALA A 143 -17.98 12.61 -4.15
CA ALA A 143 -18.42 13.79 -4.88
C ALA A 143 -19.64 14.41 -4.20
N LYS A 144 -20.15 13.68 -3.20
CA LYS A 144 -21.33 14.09 -2.46
C LYS A 144 -21.15 15.47 -1.84
N GLU A 145 -22.04 16.38 -2.22
CA GLU A 145 -22.08 17.71 -1.63
C GLU A 145 -22.31 17.61 -0.13
N GLY A 146 -21.63 18.44 0.63
CA GLY A 146 -21.72 18.39 2.08
C GLY A 146 -20.50 17.78 2.72
N HIS A 147 -20.00 16.70 2.11
CA HIS A 147 -18.79 16.04 2.61
C HIS A 147 -17.60 16.98 2.43
N HIS A 148 -17.62 17.69 1.32
CA HIS A 148 -16.70 18.78 1.06
C HIS A 148 -17.36 19.74 0.07
N HIS A 149 -17.88 20.83 0.61
CA HIS A 149 -18.71 21.77 -0.15
C HIS A 149 -18.09 22.17 -1.47
N HIS A 150 -18.90 22.08 -2.52
CA HIS A 150 -18.49 22.53 -3.85
C HIS A 150 -18.75 24.02 -3.99
N HIS A 151 -19.62 24.53 -3.14
CA HIS A 151 -20.00 25.93 -3.16
C HIS A 151 -20.40 26.38 -1.76
N HIS A 152 -21.10 27.49 -1.68
CA HIS A 152 -21.67 27.94 -0.41
C HIS A 152 -23.12 28.35 -0.66
N MET A 1 0.29 -15.78 -9.27
CA MET A 1 -0.49 -15.61 -10.51
C MET A 1 -0.73 -14.13 -10.77
N SER A 2 -1.38 -13.82 -11.88
CA SER A 2 -1.65 -12.44 -12.25
C SER A 2 -3.00 -11.98 -11.67
N LEU A 3 -3.00 -10.83 -11.02
CA LEU A 3 -4.22 -10.26 -10.49
C LEU A 3 -4.55 -8.96 -11.23
N ALA A 4 -5.82 -8.60 -11.27
CA ALA A 4 -6.24 -7.37 -11.94
C ALA A 4 -7.08 -6.49 -11.03
N THR A 5 -8.36 -6.84 -10.90
CA THR A 5 -9.27 -6.10 -10.04
C THR A 5 -10.41 -7.00 -9.55
N GLY A 6 -10.73 -6.89 -8.28
CA GLY A 6 -11.71 -7.77 -7.67
C GLY A 6 -11.08 -9.08 -7.25
N SER A 7 -9.79 -9.20 -7.52
CA SER A 7 -9.03 -10.39 -7.18
C SER A 7 -8.61 -10.33 -5.72
N VAL A 8 -8.89 -11.39 -4.98
CA VAL A 8 -8.56 -11.45 -3.56
C VAL A 8 -7.03 -11.53 -3.39
N ALA A 9 -6.50 -10.67 -2.55
CA ALA A 9 -5.07 -10.60 -2.33
C ALA A 9 -4.64 -11.45 -1.14
N PRO A 10 -3.48 -12.12 -1.25
CA PRO A 10 -2.89 -12.90 -0.15
C PRO A 10 -2.47 -12.02 1.02
N ALA A 11 -2.26 -12.63 2.18
CA ALA A 11 -1.87 -11.90 3.36
C ALA A 11 -0.35 -11.76 3.45
N ILE A 12 0.13 -10.52 3.33
CA ILE A 12 1.55 -10.24 3.46
C ILE A 12 1.98 -10.30 4.92
N THR A 13 3.17 -10.83 5.19
CA THR A 13 3.70 -10.89 6.53
C THR A 13 5.02 -10.12 6.60
N GLY A 14 5.00 -8.93 7.20
CA GLY A 14 6.15 -8.07 7.19
C GLY A 14 6.64 -7.71 8.59
N ILE A 15 7.82 -7.13 8.66
CA ILE A 15 8.37 -6.68 9.92
C ILE A 15 8.31 -5.16 10.00
N ASP A 16 7.74 -4.67 11.09
CA ASP A 16 7.50 -3.23 11.24
C ASP A 16 8.76 -2.50 11.73
N LEU A 17 8.62 -1.23 12.04
CA LEU A 17 9.75 -0.40 12.49
C LEU A 17 10.30 -0.87 13.83
N LYS A 18 9.43 -1.44 14.67
CA LYS A 18 9.86 -1.96 15.97
C LYS A 18 10.60 -3.27 15.82
N GLY A 19 10.20 -4.04 14.82
CA GLY A 19 10.76 -5.36 14.63
C GLY A 19 9.74 -6.44 14.93
N ASN A 20 8.46 -6.06 14.85
CA ASN A 20 7.37 -6.98 15.10
C ASN A 20 6.88 -7.56 13.80
N SER A 21 6.54 -8.84 13.82
CA SER A 21 5.98 -9.50 12.65
C SER A 21 4.49 -9.23 12.56
N VAL A 22 4.11 -8.37 11.62
CA VAL A 22 2.73 -7.96 11.47
C VAL A 22 2.22 -8.35 10.08
N SER A 23 0.95 -8.69 9.98
CA SER A 23 0.39 -9.17 8.73
C SER A 23 -0.61 -8.18 8.15
N LEU A 24 -0.82 -8.27 6.84
CA LEU A 24 -1.82 -7.44 6.16
C LEU A 24 -3.22 -7.72 6.70
N ASN A 25 -3.40 -8.93 7.24
CA ASN A 25 -4.68 -9.36 7.80
C ASN A 25 -5.07 -8.47 8.97
N ASP A 26 -4.08 -8.02 9.72
CA ASP A 26 -4.31 -7.24 10.94
C ASP A 26 -4.78 -5.84 10.61
N PHE A 27 -4.73 -5.46 9.35
CA PHE A 27 -5.07 -4.11 8.94
C PHE A 27 -6.32 -4.13 8.06
N LYS A 28 -6.86 -5.32 7.88
CA LYS A 28 -8.06 -5.51 7.06
C LYS A 28 -9.27 -4.80 7.65
N GLY A 29 -10.35 -4.75 6.89
CA GLY A 29 -11.53 -4.02 7.32
C GLY A 29 -11.43 -2.55 6.98
N LYS A 30 -10.41 -2.21 6.21
CA LYS A 30 -10.18 -0.85 5.78
C LYS A 30 -9.79 -0.84 4.31
N TYR A 31 -9.84 0.31 3.69
CA TYR A 31 -9.27 0.47 2.37
C TYR A 31 -7.76 0.54 2.51
N VAL A 32 -7.07 -0.46 1.99
CA VAL A 32 -5.63 -0.57 2.20
C VAL A 32 -4.87 -0.33 0.91
N LEU A 33 -4.14 0.77 0.86
CA LEU A 33 -3.28 1.07 -0.27
C LEU A 33 -1.89 0.49 0.00
N VAL A 34 -1.49 -0.49 -0.79
CA VAL A 34 -0.23 -1.17 -0.55
C VAL A 34 0.84 -0.69 -1.52
N ASP A 35 1.92 -0.13 -0.97
CA ASP A 35 3.02 0.36 -1.80
C ASP A 35 4.21 -0.59 -1.77
N PHE A 36 4.53 -1.14 -2.94
CA PHE A 36 5.70 -2.00 -3.10
C PHE A 36 6.86 -1.18 -3.64
N TRP A 37 7.93 -1.07 -2.85
CA TRP A 37 9.07 -0.25 -3.24
C TRP A 37 10.36 -0.78 -2.65
N PHE A 38 11.45 -0.07 -2.93
CA PHE A 38 12.74 -0.29 -2.28
C PHE A 38 13.68 0.85 -2.65
N ALA A 39 14.72 1.05 -1.86
CA ALA A 39 15.64 2.17 -2.05
C ALA A 39 16.57 1.96 -3.24
N GLY A 40 16.33 0.90 -4.01
CA GLY A 40 17.11 0.66 -5.20
C GLY A 40 16.59 1.43 -6.39
N CYS A 41 15.36 1.91 -6.29
CA CYS A 41 14.76 2.70 -7.35
C CYS A 41 14.38 4.08 -6.83
N SER A 42 14.94 5.11 -7.45
CA SER A 42 14.71 6.49 -7.05
C SER A 42 13.22 6.85 -7.13
N TRP A 43 12.52 6.26 -8.09
CA TRP A 43 11.11 6.56 -8.31
C TRP A 43 10.24 6.10 -7.15
N CYS A 44 10.65 5.03 -6.50
CA CYS A 44 9.90 4.49 -5.36
C CYS A 44 9.77 5.54 -4.25
N ARG A 45 10.86 6.27 -4.01
CA ARG A 45 10.87 7.27 -2.95
C ARG A 45 10.30 8.61 -3.44
N LYS A 46 10.13 8.72 -4.75
CA LYS A 46 9.48 9.89 -5.33
C LYS A 46 7.97 9.83 -5.11
N GLU A 47 7.46 8.62 -5.03
CA GLU A 47 6.03 8.40 -4.80
C GLU A 47 5.68 8.55 -3.32
N THR A 48 6.69 8.53 -2.46
CA THR A 48 6.50 8.67 -1.02
C THR A 48 5.64 9.90 -0.66
N PRO A 49 5.96 11.12 -1.16
CA PRO A 49 5.13 12.31 -0.92
C PRO A 49 3.67 12.10 -1.31
N TYR A 50 3.44 11.45 -2.44
CA TYR A 50 2.08 11.20 -2.93
C TYR A 50 1.36 10.20 -2.03
N LEU A 51 2.09 9.20 -1.57
CA LEU A 51 1.55 8.23 -0.63
C LEU A 51 1.18 8.92 0.68
N LEU A 52 2.10 9.69 1.23
CA LEU A 52 1.87 10.41 2.48
C LEU A 52 0.68 11.36 2.33
N LYS A 53 0.60 12.01 1.18
CA LYS A 53 -0.52 12.85 0.80
C LYS A 53 -1.85 12.10 0.97
N THR A 54 -1.91 10.92 0.37
CA THR A 54 -3.11 10.10 0.41
C THR A 54 -3.38 9.57 1.83
N TYR A 55 -2.33 9.12 2.49
CA TYR A 55 -2.45 8.56 3.84
C TYR A 55 -2.99 9.60 4.82
N ASN A 56 -2.39 10.78 4.78
CA ASN A 56 -2.76 11.86 5.70
C ASN A 56 -4.17 12.35 5.42
N ALA A 57 -4.59 12.24 4.18
CA ALA A 57 -5.92 12.69 3.80
C ALA A 57 -7.04 11.73 4.23
N PHE A 58 -6.81 10.42 4.15
CA PHE A 58 -7.91 9.46 4.28
C PHE A 58 -7.77 8.48 5.44
N LYS A 59 -6.78 8.67 6.29
CA LYS A 59 -6.55 7.72 7.38
C LYS A 59 -7.75 7.68 8.33
N ASP A 60 -8.37 8.84 8.52
CA ASP A 60 -9.48 9.00 9.46
C ASP A 60 -10.78 8.58 8.81
N LYS A 61 -10.67 8.02 7.63
CA LYS A 61 -11.86 7.69 6.84
C LYS A 61 -11.98 6.19 6.60
N GLY A 62 -11.23 5.40 7.36
CA GLY A 62 -11.28 3.96 7.20
C GLY A 62 -10.35 3.49 6.09
N PHE A 63 -9.27 4.22 5.93
CA PHE A 63 -8.29 3.95 4.89
C PHE A 63 -6.90 4.02 5.49
N THR A 64 -6.02 3.15 5.03
CA THR A 64 -4.64 3.18 5.47
C THR A 64 -3.73 2.75 4.34
N ILE A 65 -2.45 3.04 4.48
CA ILE A 65 -1.47 2.66 3.47
C ILE A 65 -0.48 1.68 4.06
N TYR A 66 -0.34 0.55 3.40
CA TYR A 66 0.48 -0.54 3.87
C TYR A 66 1.73 -0.64 3.00
N GLY A 67 2.82 -0.09 3.47
CA GLY A 67 4.03 -0.06 2.69
C GLY A 67 4.85 -1.31 2.88
N VAL A 68 5.34 -1.84 1.79
CA VAL A 68 6.13 -3.05 1.82
C VAL A 68 7.38 -2.90 0.96
N SER A 69 8.52 -2.87 1.62
CA SER A 69 9.79 -2.78 0.92
C SER A 69 10.58 -4.07 1.12
N THR A 70 11.45 -4.37 0.17
CA THR A 70 12.28 -5.56 0.25
C THR A 70 13.75 -5.14 0.16
N ASP A 71 14.06 -4.05 0.85
CA ASP A 71 15.38 -3.42 0.82
C ASP A 71 16.51 -4.39 1.14
N ARG A 72 17.72 -3.91 0.90
CA ARG A 72 18.94 -4.68 1.05
C ARG A 72 19.11 -5.17 2.49
N ARG A 73 18.76 -4.32 3.44
CA ARG A 73 18.82 -4.67 4.85
C ARG A 73 17.68 -4.02 5.60
N GLU A 74 17.46 -4.42 6.85
CA GLU A 74 16.43 -3.82 7.66
C GLU A 74 16.89 -2.44 8.12
N GLU A 75 18.17 -2.35 8.50
CA GLU A 75 18.78 -1.09 8.89
C GLU A 75 18.72 -0.14 7.69
N ASP A 76 18.89 -0.71 6.52
CA ASP A 76 18.82 0.01 5.25
C ASP A 76 17.40 0.51 5.00
N TRP A 77 16.45 -0.38 5.18
CA TRP A 77 15.02 -0.04 5.09
C TRP A 77 14.67 1.08 6.09
N LYS A 78 15.10 0.92 7.34
CA LYS A 78 14.89 1.97 8.35
C LYS A 78 15.55 3.27 7.90
N LYS A 79 16.71 3.14 7.28
CA LYS A 79 17.45 4.29 6.76
C LYS A 79 16.64 5.03 5.71
N ALA A 80 16.04 4.28 4.80
CA ALA A 80 15.26 4.84 3.72
C ALA A 80 14.08 5.64 4.26
N ILE A 81 13.39 5.08 5.24
CA ILE A 81 12.24 5.74 5.85
C ILE A 81 12.67 7.02 6.56
N GLU A 82 13.84 6.99 7.15
CA GLU A 82 14.42 8.17 7.79
C GLU A 82 14.65 9.27 6.76
N GLU A 83 14.94 8.86 5.53
CA GLU A 83 15.23 9.80 4.46
C GLU A 83 13.95 10.37 3.87
N ASP A 84 13.04 9.49 3.46
CA ASP A 84 11.86 9.91 2.70
C ASP A 84 10.67 10.22 3.59
N LYS A 85 10.73 9.74 4.84
CA LYS A 85 9.66 9.95 5.81
C LYS A 85 8.39 9.21 5.41
N SER A 86 8.60 8.01 4.87
CA SER A 86 7.48 7.11 4.56
C SER A 86 6.88 6.51 5.85
N TYR A 87 6.25 7.36 6.65
CA TYR A 87 5.71 6.93 7.92
C TYR A 87 4.23 6.58 7.85
N TRP A 88 3.96 5.34 7.47
CA TRP A 88 2.62 4.76 7.58
C TRP A 88 2.75 3.30 8.01
N ASN A 89 1.83 2.42 7.62
CA ASN A 89 1.96 1.00 7.93
C ASN A 89 3.05 0.38 7.07
N GLN A 90 4.28 0.84 7.30
CA GLN A 90 5.41 0.43 6.52
C GLN A 90 6.08 -0.78 7.15
N VAL A 91 6.21 -1.86 6.39
CA VAL A 91 6.85 -3.08 6.88
C VAL A 91 7.85 -3.61 5.87
N LEU A 92 8.85 -4.32 6.36
CA LEU A 92 9.85 -4.93 5.51
C LEU A 92 9.41 -6.33 5.14
N LEU A 93 9.46 -6.64 3.86
CA LEU A 93 9.12 -7.97 3.38
C LEU A 93 10.21 -8.94 3.80
N GLN A 94 9.80 -10.00 4.48
CA GLN A 94 10.74 -11.05 4.84
C GLN A 94 11.24 -11.70 3.58
N LYS A 95 12.46 -12.17 3.58
CA LYS A 95 13.09 -12.68 2.37
C LYS A 95 12.43 -13.96 1.91
N ASP A 96 11.68 -14.59 2.82
CA ASP A 96 10.85 -15.74 2.45
C ASP A 96 9.51 -15.24 1.94
N ASP A 97 8.90 -14.33 2.71
CA ASP A 97 7.63 -13.69 2.34
C ASP A 97 7.68 -13.12 0.93
N VAL A 98 8.84 -12.58 0.57
CA VAL A 98 9.12 -12.05 -0.76
C VAL A 98 8.61 -12.96 -1.87
N LYS A 99 8.82 -14.27 -1.72
CA LYS A 99 8.46 -15.24 -2.75
C LYS A 99 7.00 -15.14 -3.15
N ASP A 100 6.14 -15.43 -2.18
CA ASP A 100 4.72 -15.61 -2.43
C ASP A 100 4.04 -14.28 -2.68
N VAL A 101 4.49 -13.27 -1.97
CA VAL A 101 3.92 -11.93 -2.10
C VAL A 101 4.26 -11.32 -3.46
N LEU A 102 5.54 -11.24 -3.78
CA LEU A 102 5.97 -10.59 -5.02
C LEU A 102 5.38 -11.27 -6.24
N GLU A 103 5.36 -12.60 -6.26
CA GLU A 103 4.80 -13.31 -7.39
C GLU A 103 3.32 -12.96 -7.53
N SER A 104 2.55 -13.30 -6.48
CA SER A 104 1.08 -13.29 -6.51
C SER A 104 0.48 -11.93 -6.89
N TYR A 105 1.16 -10.85 -6.54
CA TYR A 105 0.66 -9.53 -6.90
C TYR A 105 1.08 -9.17 -8.32
N CYS A 106 1.37 -10.21 -9.11
CA CYS A 106 1.88 -10.08 -10.48
C CYS A 106 3.03 -9.10 -10.54
N ILE A 107 3.97 -9.26 -9.64
CA ILE A 107 5.08 -8.31 -9.53
C ILE A 107 6.32 -8.78 -10.27
N VAL A 108 6.63 -8.10 -11.36
CA VAL A 108 7.83 -8.39 -12.13
C VAL A 108 8.80 -7.20 -12.09
N GLY A 109 8.59 -6.33 -11.13
CA GLY A 109 9.42 -5.15 -11.00
C GLY A 109 8.84 -4.16 -10.02
N PHE A 110 9.50 -3.02 -9.85
CA PHE A 110 9.04 -2.00 -8.91
C PHE A 110 9.12 -0.62 -9.56
N PRO A 111 8.34 0.35 -9.05
CA PRO A 111 7.40 0.15 -7.94
C PRO A 111 6.00 -0.24 -8.40
N HIS A 112 5.17 -0.66 -7.46
CA HIS A 112 3.76 -0.97 -7.74
C HIS A 112 2.91 -0.62 -6.53
N ILE A 113 1.81 0.06 -6.75
CA ILE A 113 0.91 0.41 -5.66
C ILE A 113 -0.51 -0.09 -5.98
N ILE A 114 -1.10 -0.81 -5.04
CA ILE A 114 -2.41 -1.39 -5.23
C ILE A 114 -3.39 -0.93 -4.15
N LEU A 115 -4.68 -0.91 -4.48
CA LEU A 115 -5.70 -0.52 -3.52
C LEU A 115 -6.56 -1.75 -3.19
N VAL A 116 -6.47 -2.19 -1.95
CA VAL A 116 -7.22 -3.34 -1.48
C VAL A 116 -8.45 -2.90 -0.68
N ASP A 117 -9.56 -3.60 -0.87
CA ASP A 117 -10.79 -3.30 -0.14
C ASP A 117 -10.75 -3.96 1.24
N PRO A 118 -11.66 -3.59 2.17
CA PRO A 118 -11.69 -4.14 3.52
C PRO A 118 -11.69 -5.68 3.56
N GLU A 119 -12.33 -6.32 2.60
CA GLU A 119 -12.40 -7.78 2.58
C GLU A 119 -11.11 -8.39 2.04
N GLY A 120 -10.38 -7.63 1.24
CA GLY A 120 -9.05 -8.06 0.85
C GLY A 120 -8.91 -8.37 -0.62
N LYS A 121 -9.70 -7.74 -1.47
CA LYS A 121 -9.50 -7.88 -2.91
C LYS A 121 -8.90 -6.59 -3.46
N ILE A 122 -8.10 -6.70 -4.49
CA ILE A 122 -7.50 -5.54 -5.12
C ILE A 122 -8.51 -4.90 -6.07
N VAL A 123 -9.09 -3.79 -5.65
CA VAL A 123 -10.11 -3.12 -6.45
C VAL A 123 -9.47 -2.23 -7.52
N ALA A 124 -8.27 -1.76 -7.25
CA ALA A 124 -7.53 -0.94 -8.19
C ALA A 124 -6.06 -1.27 -8.11
N LYS A 125 -5.41 -1.36 -9.26
CA LYS A 125 -4.01 -1.75 -9.31
C LYS A 125 -3.21 -0.77 -10.15
N GLU A 126 -1.91 -0.70 -9.88
CA GLU A 126 -0.97 0.12 -10.64
C GLU A 126 -1.26 1.61 -10.46
N LEU A 127 -1.55 1.98 -9.22
CA LEU A 127 -1.80 3.37 -8.88
C LEU A 127 -0.48 4.11 -8.69
N ARG A 128 -0.51 5.42 -8.88
CA ARG A 128 0.70 6.24 -8.88
C ARG A 128 0.34 7.70 -8.67
N GLY A 129 1.35 8.52 -8.39
CA GLY A 129 1.19 9.97 -8.34
C GLY A 129 -0.05 10.42 -7.60
N ASP A 130 -0.83 11.30 -8.23
CA ASP A 130 -2.07 11.76 -7.63
C ASP A 130 -3.15 10.72 -7.76
N ASP A 131 -3.02 9.84 -8.77
CA ASP A 131 -4.01 8.78 -9.00
C ASP A 131 -4.24 7.97 -7.73
N LEU A 132 -3.22 7.93 -6.86
CA LEU A 132 -3.36 7.31 -5.54
C LEU A 132 -4.50 7.96 -4.78
N TYR A 133 -4.32 9.26 -4.50
CA TYR A 133 -5.32 10.07 -3.83
C TYR A 133 -6.61 10.08 -4.64
N ASN A 134 -6.44 10.21 -5.94
CA ASN A 134 -7.53 10.27 -6.91
C ASN A 134 -8.51 9.11 -6.72
N THR A 135 -7.97 7.90 -6.70
CA THR A 135 -8.78 6.70 -6.61
C THR A 135 -9.37 6.54 -5.20
N VAL A 136 -8.63 6.97 -4.19
CA VAL A 136 -9.10 6.87 -2.82
C VAL A 136 -10.22 7.88 -2.56
N GLU A 137 -10.06 9.11 -3.05
CA GLU A 137 -11.10 10.12 -2.96
C GLU A 137 -12.35 9.64 -3.68
N LYS A 138 -12.12 8.91 -4.76
CA LYS A 138 -13.18 8.39 -5.61
C LYS A 138 -14.06 7.38 -4.86
N PHE A 139 -13.40 6.40 -4.22
CA PHE A 139 -14.13 5.32 -3.54
C PHE A 139 -14.47 5.68 -2.09
N VAL A 140 -13.46 6.04 -1.32
CA VAL A 140 -13.62 6.25 0.12
C VAL A 140 -14.50 7.47 0.41
N ASN A 141 -14.19 8.57 -0.24
CA ASN A 141 -14.94 9.80 -0.05
C ASN A 141 -16.27 9.71 -0.80
N GLY A 142 -16.30 8.86 -1.82
CA GLY A 142 -17.51 8.65 -2.60
C GLY A 142 -18.45 7.66 -1.93
N ALA A 143 -18.20 7.36 -0.65
CA ALA A 143 -19.03 6.44 0.08
C ALA A 143 -20.31 7.11 0.56
N LYS A 144 -20.36 8.44 0.46
CA LYS A 144 -21.54 9.18 0.88
C LYS A 144 -22.46 9.46 -0.29
N GLU A 145 -22.10 10.44 -1.12
CA GLU A 145 -22.95 10.87 -2.22
C GLU A 145 -22.63 10.10 -3.48
N GLY A 146 -21.68 9.19 -3.39
CA GLY A 146 -21.35 8.34 -4.52
C GLY A 146 -22.38 7.25 -4.72
N HIS A 147 -22.38 6.66 -5.90
CA HIS A 147 -23.36 5.62 -6.22
C HIS A 147 -23.03 4.34 -5.49
N HIS A 148 -23.48 4.26 -4.25
CA HIS A 148 -23.25 3.07 -3.43
C HIS A 148 -24.29 2.00 -3.76
N HIS A 149 -23.90 0.75 -3.57
CA HIS A 149 -24.71 -0.38 -4.00
C HIS A 149 -25.83 -0.68 -3.01
N HIS A 150 -27.04 -0.86 -3.54
CA HIS A 150 -28.18 -1.27 -2.72
C HIS A 150 -28.39 -2.77 -2.89
N HIS A 151 -29.14 -3.38 -1.98
CA HIS A 151 -29.43 -4.80 -2.10
C HIS A 151 -30.93 -5.05 -2.21
N HIS A 152 -31.61 -4.98 -1.08
CA HIS A 152 -33.02 -5.30 -0.98
C HIS A 152 -33.37 -5.34 0.49
N MET A 1 -0.02 -14.50 -9.92
CA MET A 1 -1.46 -14.53 -10.30
C MET A 1 -1.92 -13.12 -10.64
N SER A 2 -2.34 -12.90 -11.87
CA SER A 2 -2.77 -11.58 -12.28
C SER A 2 -4.19 -11.32 -11.77
N LEU A 3 -4.25 -10.80 -10.56
CA LEU A 3 -5.53 -10.51 -9.91
C LEU A 3 -6.11 -9.22 -10.46
N ALA A 4 -7.40 -9.26 -10.78
CA ALA A 4 -8.09 -8.10 -11.33
C ALA A 4 -8.99 -7.49 -10.28
N THR A 5 -9.84 -6.57 -10.71
CA THR A 5 -10.76 -5.88 -9.82
C THR A 5 -11.76 -6.87 -9.21
N GLY A 6 -11.63 -7.10 -7.92
CA GLY A 6 -12.53 -8.00 -7.23
C GLY A 6 -11.90 -9.36 -6.97
N SER A 7 -10.64 -9.51 -7.37
CA SER A 7 -9.91 -10.75 -7.14
C SER A 7 -9.24 -10.74 -5.77
N VAL A 8 -9.43 -11.81 -5.01
CA VAL A 8 -8.92 -11.89 -3.64
C VAL A 8 -7.39 -11.98 -3.64
N ALA A 9 -6.76 -11.18 -2.79
CA ALA A 9 -5.31 -11.12 -2.72
C ALA A 9 -4.77 -11.92 -1.53
N PRO A 10 -3.56 -12.50 -1.68
CA PRO A 10 -2.88 -13.24 -0.60
C PRO A 10 -2.52 -12.35 0.59
N ALA A 11 -2.23 -12.97 1.72
CA ALA A 11 -1.91 -12.23 2.95
C ALA A 11 -0.41 -12.12 3.16
N ILE A 12 0.04 -10.91 3.45
CA ILE A 12 1.46 -10.63 3.64
C ILE A 12 1.87 -10.87 5.09
N THR A 13 3.11 -11.30 5.30
CA THR A 13 3.65 -11.47 6.65
C THR A 13 5.04 -10.85 6.75
N GLY A 14 5.10 -9.60 7.20
CA GLY A 14 6.35 -8.87 7.20
C GLY A 14 6.75 -8.40 8.57
N ILE A 15 7.93 -7.80 8.67
CA ILE A 15 8.40 -7.23 9.92
C ILE A 15 8.28 -5.72 9.89
N ASP A 16 7.45 -5.16 10.76
CA ASP A 16 7.13 -3.75 10.70
C ASP A 16 8.21 -2.89 11.37
N LEU A 17 7.93 -1.59 11.45
CA LEU A 17 8.88 -0.63 12.02
C LEU A 17 9.25 -0.98 13.46
N LYS A 18 8.32 -1.61 14.19
CA LYS A 18 8.57 -2.02 15.56
C LYS A 18 9.58 -3.15 15.62
N GLY A 19 9.65 -3.91 14.54
CA GLY A 19 10.43 -5.12 14.53
C GLY A 19 9.58 -6.32 14.87
N ASN A 20 8.27 -6.17 14.68
CA ASN A 20 7.32 -7.23 14.98
C ASN A 20 6.87 -7.89 13.69
N SER A 21 6.55 -9.17 13.76
CA SER A 21 6.01 -9.88 12.62
C SER A 21 4.53 -9.53 12.46
N VAL A 22 4.25 -8.59 11.55
CA VAL A 22 2.90 -8.11 11.34
C VAL A 22 2.37 -8.63 10.01
N SER A 23 1.11 -9.05 10.02
CA SER A 23 0.49 -9.60 8.84
C SER A 23 -0.41 -8.56 8.17
N LEU A 24 -1.09 -8.97 7.11
CA LEU A 24 -2.01 -8.08 6.42
C LEU A 24 -3.34 -8.00 7.17
N ASN A 25 -3.67 -9.08 7.87
CA ASN A 25 -4.93 -9.19 8.60
C ASN A 25 -5.02 -8.20 9.76
N ASP A 26 -3.88 -7.71 10.21
CA ASP A 26 -3.82 -6.73 11.30
C ASP A 26 -4.56 -5.44 10.92
N PHE A 27 -4.52 -5.12 9.64
CA PHE A 27 -5.15 -3.90 9.14
C PHE A 27 -6.29 -4.25 8.20
N LYS A 28 -6.77 -5.48 8.33
CA LYS A 28 -7.78 -6.01 7.43
C LYS A 28 -9.18 -5.60 7.88
N GLY A 29 -9.43 -4.30 7.79
CA GLY A 29 -10.75 -3.77 8.10
C GLY A 29 -10.91 -2.39 7.49
N LYS A 30 -10.05 -2.08 6.54
CA LYS A 30 -10.02 -0.78 5.88
C LYS A 30 -9.54 -0.97 4.46
N TYR A 31 -9.54 0.09 3.67
CA TYR A 31 -8.98 0.05 2.34
C TYR A 31 -7.47 0.17 2.42
N VAL A 32 -6.79 -0.91 2.08
CA VAL A 32 -5.35 -1.00 2.24
C VAL A 32 -4.64 -0.72 0.93
N LEU A 33 -3.89 0.37 0.90
CA LEU A 33 -3.07 0.69 -0.26
C LEU A 33 -1.67 0.11 -0.04
N VAL A 34 -1.33 -0.91 -0.81
CA VAL A 34 -0.07 -1.60 -0.63
C VAL A 34 1.03 -1.00 -1.50
N ASP A 35 2.05 -0.47 -0.85
CA ASP A 35 3.16 0.18 -1.55
C ASP A 35 4.33 -0.78 -1.69
N PHE A 36 4.51 -1.32 -2.89
CA PHE A 36 5.65 -2.18 -3.17
C PHE A 36 6.85 -1.31 -3.48
N TRP A 37 7.87 -1.36 -2.63
CA TRP A 37 9.00 -0.48 -2.81
C TRP A 37 10.27 -1.02 -2.18
N PHE A 38 11.33 -0.28 -2.46
CA PHE A 38 12.59 -0.40 -1.76
C PHE A 38 13.40 0.84 -2.09
N ALA A 39 14.31 1.21 -1.21
CA ALA A 39 15.02 2.49 -1.31
C ALA A 39 15.77 2.63 -2.63
N GLY A 40 16.21 1.50 -3.18
CA GLY A 40 16.97 1.50 -4.41
C GLY A 40 16.20 2.10 -5.59
N CYS A 41 14.90 1.83 -5.67
CA CYS A 41 14.09 2.37 -6.74
C CYS A 41 13.56 3.74 -6.36
N SER A 42 14.26 4.77 -6.80
CA SER A 42 13.91 6.14 -6.45
C SER A 42 12.57 6.59 -7.07
N TRP A 43 12.05 5.79 -8.00
CA TRP A 43 10.83 6.16 -8.71
C TRP A 43 9.61 6.09 -7.79
N CYS A 44 9.52 5.06 -6.96
CA CYS A 44 8.39 4.97 -6.03
C CYS A 44 8.50 6.05 -4.98
N ARG A 45 9.73 6.46 -4.69
CA ARG A 45 9.98 7.50 -3.71
C ARG A 45 9.65 8.86 -4.29
N LYS A 46 9.49 8.91 -5.61
CA LYS A 46 9.04 10.12 -6.29
C LYS A 46 7.53 10.26 -6.14
N GLU A 47 6.88 9.14 -5.87
CA GLU A 47 5.44 9.12 -5.66
C GLU A 47 5.13 9.20 -4.17
N THR A 48 6.19 9.20 -3.34
CA THR A 48 6.06 9.34 -1.89
C THR A 48 5.20 10.55 -1.49
N PRO A 49 5.50 11.76 -2.02
CA PRO A 49 4.72 12.96 -1.70
C PRO A 49 3.22 12.75 -1.94
N TYR A 50 2.88 12.04 -2.99
CA TYR A 50 1.48 11.77 -3.33
C TYR A 50 0.89 10.74 -2.38
N LEU A 51 1.68 9.73 -2.05
CA LEU A 51 1.28 8.72 -1.08
C LEU A 51 1.06 9.35 0.29
N LEU A 52 2.01 10.20 0.69
CA LEU A 52 1.94 10.90 1.96
C LEU A 52 0.70 11.80 2.01
N LYS A 53 0.43 12.47 0.89
CA LYS A 53 -0.78 13.29 0.73
C LYS A 53 -2.03 12.45 0.97
N THR A 54 -2.12 11.35 0.24
CA THR A 54 -3.27 10.46 0.33
C THR A 54 -3.40 9.87 1.73
N TYR A 55 -2.27 9.48 2.30
CA TYR A 55 -2.27 8.90 3.64
C TYR A 55 -2.83 9.88 4.65
N ASN A 56 -2.24 11.07 4.71
CA ASN A 56 -2.63 12.07 5.70
C ASN A 56 -4.11 12.44 5.57
N ALA A 57 -4.62 12.45 4.36
CA ALA A 57 -5.99 12.88 4.12
C ALA A 57 -7.01 11.78 4.46
N PHE A 58 -6.64 10.52 4.29
CA PHE A 58 -7.63 9.44 4.37
C PHE A 58 -7.30 8.43 5.46
N LYS A 59 -6.22 8.68 6.17
CA LYS A 59 -5.80 7.83 7.26
C LYS A 59 -6.86 7.77 8.35
N ASP A 60 -6.74 6.75 9.16
CA ASP A 60 -7.56 6.55 10.36
C ASP A 60 -8.98 6.11 10.01
N LYS A 61 -9.59 6.84 9.10
CA LYS A 61 -11.01 6.66 8.75
C LYS A 61 -11.28 5.26 8.20
N GLY A 62 -11.13 5.09 6.90
CA GLY A 62 -11.38 3.79 6.29
C GLY A 62 -10.31 3.44 5.29
N PHE A 63 -9.19 4.14 5.35
CA PHE A 63 -8.11 3.95 4.41
C PHE A 63 -6.78 3.93 5.15
N THR A 64 -5.88 3.07 4.71
CA THR A 64 -4.55 2.99 5.27
C THR A 64 -3.55 2.51 4.22
N ILE A 65 -2.30 2.95 4.33
CA ILE A 65 -1.27 2.53 3.41
C ILE A 65 -0.38 1.49 4.07
N TYR A 66 -0.17 0.39 3.37
CA TYR A 66 0.63 -0.71 3.87
C TYR A 66 1.81 -0.93 2.93
N GLY A 67 2.96 -0.41 3.31
CA GLY A 67 4.12 -0.47 2.45
C GLY A 67 4.91 -1.74 2.65
N VAL A 68 5.09 -2.49 1.58
CA VAL A 68 5.86 -3.72 1.64
C VAL A 68 7.27 -3.49 1.11
N SER A 69 8.23 -3.55 2.00
CA SER A 69 9.61 -3.26 1.66
C SER A 69 10.41 -4.55 1.57
N THR A 70 11.23 -4.66 0.55
CA THR A 70 12.06 -5.84 0.38
C THR A 70 13.53 -5.42 0.33
N ASP A 71 13.82 -4.35 1.07
CA ASP A 71 15.17 -3.80 1.14
C ASP A 71 16.14 -4.81 1.73
N ARG A 72 17.42 -4.44 1.75
CA ARG A 72 18.47 -5.39 2.07
C ARG A 72 18.57 -5.64 3.57
N ARG A 73 18.78 -4.57 4.31
CA ARG A 73 18.99 -4.65 5.75
C ARG A 73 17.96 -3.79 6.46
N GLU A 74 17.62 -4.13 7.69
CA GLU A 74 16.62 -3.35 8.43
C GLU A 74 17.16 -1.95 8.70
N GLU A 75 18.47 -1.88 8.92
CA GLU A 75 19.15 -0.61 9.15
C GLU A 75 18.97 0.36 7.99
N ASP A 76 19.16 -0.13 6.75
CA ASP A 76 19.00 0.74 5.58
C ASP A 76 17.52 1.03 5.32
N TRP A 77 16.68 0.04 5.56
CA TRP A 77 15.24 0.22 5.52
C TRP A 77 14.80 1.36 6.45
N LYS A 78 15.19 1.28 7.72
CA LYS A 78 14.89 2.33 8.69
C LYS A 78 15.46 3.67 8.23
N LYS A 79 16.69 3.63 7.72
CA LYS A 79 17.36 4.82 7.21
C LYS A 79 16.53 5.47 6.11
N ALA A 80 16.12 4.65 5.14
CA ALA A 80 15.35 5.14 4.00
C ALA A 80 14.03 5.76 4.45
N ILE A 81 13.38 5.14 5.43
CA ILE A 81 12.13 5.67 5.97
C ILE A 81 12.31 7.07 6.53
N GLU A 82 13.43 7.30 7.20
CA GLU A 82 13.72 8.60 7.79
C GLU A 82 14.09 9.64 6.73
N GLU A 83 14.74 9.18 5.67
CA GLU A 83 15.14 10.07 4.57
C GLU A 83 13.93 10.39 3.68
N ASP A 84 13.23 9.34 3.28
CA ASP A 84 12.09 9.45 2.37
C ASP A 84 10.87 10.04 3.08
N LYS A 85 10.89 9.97 4.42
CA LYS A 85 9.88 10.58 5.28
C LYS A 85 8.50 9.96 5.08
N SER A 86 8.48 8.71 4.66
CA SER A 86 7.24 8.00 4.45
C SER A 86 6.77 7.33 5.74
N TYR A 87 6.12 8.11 6.60
CA TYR A 87 5.68 7.61 7.88
C TYR A 87 4.30 6.95 7.78
N TRP A 88 4.29 5.66 7.47
CA TRP A 88 3.07 4.87 7.55
C TRP A 88 3.43 3.42 7.84
N ASN A 89 2.52 2.50 7.54
CA ASN A 89 2.72 1.11 7.91
C ASN A 89 3.61 0.38 6.91
N GLN A 90 4.92 0.50 7.08
CA GLN A 90 5.86 -0.25 6.29
C GLN A 90 6.27 -1.53 7.00
N VAL A 91 6.31 -2.62 6.25
CA VAL A 91 6.79 -3.89 6.75
C VAL A 91 7.90 -4.42 5.84
N LEU A 92 8.95 -4.94 6.44
CA LEU A 92 10.03 -5.52 5.68
C LEU A 92 9.71 -6.98 5.42
N LEU A 93 9.56 -7.31 4.15
CA LEU A 93 9.21 -8.65 3.74
C LEU A 93 10.24 -9.65 4.23
N GLN A 94 9.78 -10.72 4.84
CA GLN A 94 10.66 -11.77 5.31
C GLN A 94 11.33 -12.40 4.11
N LYS A 95 12.53 -12.92 4.32
CA LYS A 95 13.35 -13.37 3.19
C LYS A 95 12.69 -14.50 2.41
N ASP A 96 11.87 -15.26 3.11
CA ASP A 96 11.07 -16.29 2.45
C ASP A 96 9.74 -15.71 1.96
N ASP A 97 9.12 -14.89 2.80
CA ASP A 97 7.85 -14.22 2.50
C ASP A 97 7.92 -13.42 1.18
N VAL A 98 9.12 -12.91 0.89
CA VAL A 98 9.38 -12.15 -0.33
C VAL A 98 8.83 -12.85 -1.58
N LYS A 99 8.87 -14.19 -1.58
CA LYS A 99 8.47 -14.95 -2.76
C LYS A 99 7.04 -14.63 -3.18
N ASP A 100 6.09 -14.98 -2.32
CA ASP A 100 4.67 -14.92 -2.70
C ASP A 100 4.25 -13.49 -2.99
N VAL A 101 4.67 -12.56 -2.16
CA VAL A 101 4.33 -11.17 -2.35
C VAL A 101 4.72 -10.71 -3.77
N LEU A 102 6.02 -10.75 -4.04
CA LEU A 102 6.54 -10.27 -5.30
C LEU A 102 6.07 -11.13 -6.46
N GLU A 103 6.08 -12.43 -6.28
CA GLU A 103 5.67 -13.32 -7.33
C GLU A 103 4.18 -13.17 -7.61
N SER A 104 3.36 -13.52 -6.61
CA SER A 104 1.93 -13.75 -6.77
C SER A 104 1.16 -12.52 -7.23
N TYR A 105 1.58 -11.32 -6.84
CA TYR A 105 0.91 -10.12 -7.33
C TYR A 105 1.34 -9.80 -8.77
N CYS A 106 2.10 -10.73 -9.35
CA CYS A 106 2.70 -10.55 -10.66
C CYS A 106 3.64 -9.38 -10.64
N ILE A 107 4.56 -9.43 -9.69
CA ILE A 107 5.49 -8.32 -9.49
C ILE A 107 6.88 -8.68 -10.01
N VAL A 108 7.19 -8.21 -11.21
CA VAL A 108 8.46 -8.51 -11.86
C VAL A 108 9.42 -7.31 -11.74
N GLY A 109 9.07 -6.38 -10.87
CA GLY A 109 9.89 -5.19 -10.69
C GLY A 109 9.21 -4.19 -9.79
N PHE A 110 9.67 -2.95 -9.82
CA PHE A 110 9.11 -1.89 -8.99
C PHE A 110 9.04 -0.58 -9.78
N PRO A 111 8.14 0.33 -9.40
CA PRO A 111 7.22 0.18 -8.28
C PRO A 111 5.84 -0.31 -8.70
N HIS A 112 5.06 -0.79 -7.73
CA HIS A 112 3.68 -1.21 -7.97
C HIS A 112 2.84 -0.88 -6.74
N ILE A 113 1.70 -0.23 -6.92
CA ILE A 113 0.87 0.17 -5.79
C ILE A 113 -0.57 -0.29 -5.98
N ILE A 114 -1.00 -1.22 -5.14
CA ILE A 114 -2.34 -1.80 -5.28
C ILE A 114 -3.24 -1.39 -4.13
N LEU A 115 -4.55 -1.43 -4.35
CA LEU A 115 -5.52 -1.10 -3.32
C LEU A 115 -6.42 -2.30 -3.05
N VAL A 116 -6.38 -2.80 -1.82
CA VAL A 116 -7.18 -3.95 -1.42
C VAL A 116 -8.25 -3.54 -0.41
N ASP A 117 -9.47 -4.05 -0.61
CA ASP A 117 -10.57 -3.76 0.31
C ASP A 117 -10.44 -4.62 1.57
N PRO A 118 -11.20 -4.31 2.65
CA PRO A 118 -11.17 -5.07 3.90
C PRO A 118 -11.32 -6.58 3.70
N GLU A 119 -12.27 -7.00 2.85
CA GLU A 119 -12.48 -8.43 2.63
C GLU A 119 -11.26 -9.07 1.98
N GLY A 120 -10.54 -8.28 1.19
CA GLY A 120 -9.26 -8.74 0.67
C GLY A 120 -9.25 -8.99 -0.82
N LYS A 121 -10.03 -8.23 -1.58
CA LYS A 121 -9.91 -8.30 -3.02
C LYS A 121 -9.30 -7.00 -3.54
N ILE A 122 -8.52 -7.10 -4.61
CA ILE A 122 -7.90 -5.93 -5.20
C ILE A 122 -8.96 -5.08 -5.90
N VAL A 123 -9.15 -3.87 -5.40
CA VAL A 123 -10.16 -2.97 -5.94
C VAL A 123 -9.60 -2.21 -7.13
N ALA A 124 -8.32 -1.85 -7.05
CA ALA A 124 -7.64 -1.14 -8.11
C ALA A 124 -6.16 -1.45 -8.06
N LYS A 125 -5.53 -1.52 -9.22
CA LYS A 125 -4.12 -1.86 -9.27
C LYS A 125 -3.32 -0.79 -9.97
N GLU A 126 -2.26 -0.36 -9.29
CA GLU A 126 -1.25 0.53 -9.84
C GLU A 126 -1.79 1.85 -10.34
N LEU A 127 -2.13 2.71 -9.39
CA LEU A 127 -2.43 4.09 -9.69
C LEU A 127 -1.14 4.88 -9.56
N ARG A 128 -1.05 6.01 -10.24
CA ARG A 128 0.20 6.76 -10.26
C ARG A 128 -0.01 8.21 -9.87
N GLY A 129 1.07 8.87 -9.49
CA GLY A 129 1.05 10.30 -9.23
C GLY A 129 -0.05 10.72 -8.28
N ASP A 130 -0.72 11.82 -8.60
CA ASP A 130 -1.82 12.30 -7.77
C ASP A 130 -3.07 11.48 -8.04
N ASP A 131 -3.07 10.75 -9.15
CA ASP A 131 -4.19 9.90 -9.52
C ASP A 131 -4.44 8.86 -8.44
N LEU A 132 -3.37 8.50 -7.73
CA LEU A 132 -3.51 7.72 -6.50
C LEU A 132 -4.52 8.37 -5.57
N TYR A 133 -4.25 9.63 -5.22
CA TYR A 133 -5.12 10.41 -4.36
C TYR A 133 -6.48 10.61 -5.01
N ASN A 134 -6.47 11.03 -6.27
CA ASN A 134 -7.69 11.32 -7.03
C ASN A 134 -8.67 10.15 -6.98
N THR A 135 -8.16 8.94 -7.21
CA THR A 135 -9.00 7.75 -7.19
C THR A 135 -9.51 7.47 -5.77
N VAL A 136 -8.61 7.58 -4.80
CA VAL A 136 -8.97 7.31 -3.40
C VAL A 136 -9.99 8.32 -2.90
N GLU A 137 -9.83 9.59 -3.27
CA GLU A 137 -10.78 10.62 -2.86
C GLU A 137 -12.14 10.39 -3.51
N LYS A 138 -12.11 10.07 -4.79
CA LYS A 138 -13.35 9.78 -5.52
C LYS A 138 -14.08 8.60 -4.89
N PHE A 139 -13.32 7.70 -4.29
CA PHE A 139 -13.88 6.51 -3.68
C PHE A 139 -14.28 6.72 -2.22
N VAL A 140 -13.30 7.07 -1.39
CA VAL A 140 -13.49 7.11 0.06
C VAL A 140 -14.11 8.44 0.53
N ASN A 141 -13.62 9.55 0.00
CA ASN A 141 -14.12 10.87 0.39
C ASN A 141 -15.60 10.98 0.03
N GLY A 142 -15.90 10.65 -1.22
CA GLY A 142 -17.27 10.61 -1.68
C GLY A 142 -17.91 11.99 -1.80
N ALA A 143 -19.23 12.01 -1.93
CA ALA A 143 -19.97 13.25 -2.08
C ALA A 143 -19.72 14.19 -0.91
N LYS A 144 -19.25 15.39 -1.21
CA LYS A 144 -18.90 16.36 -0.18
C LYS A 144 -19.62 17.68 -0.43
N GLU A 145 -20.43 17.71 -1.47
CA GLU A 145 -21.08 18.94 -1.92
C GLU A 145 -22.39 19.19 -1.17
N GLY A 146 -23.12 18.12 -0.89
CA GLY A 146 -24.38 18.25 -0.20
C GLY A 146 -25.51 17.66 -1.00
N HIS A 147 -25.46 16.34 -1.22
CA HIS A 147 -26.48 15.63 -1.97
C HIS A 147 -27.85 15.71 -1.29
N HIS A 148 -27.85 15.79 0.04
CA HIS A 148 -29.10 15.86 0.78
C HIS A 148 -29.63 17.29 0.78
N HIS A 149 -30.53 17.57 -0.16
CA HIS A 149 -31.12 18.89 -0.27
C HIS A 149 -32.30 19.05 0.67
N HIS A 150 -32.91 20.22 0.66
CA HIS A 150 -34.11 20.48 1.44
C HIS A 150 -34.95 21.55 0.76
N HIS A 151 -35.17 21.36 -0.53
CA HIS A 151 -35.94 22.31 -1.35
C HIS A 151 -36.14 21.73 -2.74
N HIS A 152 -35.03 21.38 -3.37
CA HIS A 152 -35.03 20.74 -4.68
C HIS A 152 -33.61 20.28 -5.00
N MET A 1 -0.65 -4.73 -14.74
CA MET A 1 -1.50 -5.63 -13.91
C MET A 1 -1.83 -6.89 -14.69
N SER A 2 -1.82 -8.03 -14.00
CA SER A 2 -2.20 -9.29 -14.61
C SER A 2 -3.34 -9.92 -13.82
N LEU A 3 -3.73 -9.25 -12.74
CA LEU A 3 -4.82 -9.72 -11.89
C LEU A 3 -6.04 -8.85 -12.11
N ALA A 4 -7.22 -9.40 -11.84
CA ALA A 4 -8.47 -8.69 -12.07
C ALA A 4 -8.89 -7.91 -10.83
N THR A 5 -10.10 -7.37 -10.86
CA THR A 5 -10.66 -6.66 -9.74
C THR A 5 -11.69 -7.53 -9.03
N GLY A 6 -11.57 -7.63 -7.72
CA GLY A 6 -12.48 -8.46 -6.96
C GLY A 6 -11.84 -9.75 -6.51
N SER A 7 -10.66 -10.03 -7.05
CA SER A 7 -9.91 -11.21 -6.68
C SER A 7 -9.23 -11.00 -5.34
N VAL A 8 -9.45 -11.93 -4.41
CA VAL A 8 -8.90 -11.83 -3.08
C VAL A 8 -7.38 -12.05 -3.12
N ALA A 9 -6.66 -11.17 -2.45
CA ALA A 9 -5.20 -11.20 -2.43
C ALA A 9 -4.67 -12.10 -1.31
N PRO A 10 -3.53 -12.76 -1.56
CA PRO A 10 -2.82 -13.56 -0.55
C PRO A 10 -2.35 -12.71 0.64
N ALA A 11 -2.03 -13.38 1.74
CA ALA A 11 -1.63 -12.67 2.96
C ALA A 11 -0.12 -12.38 2.96
N ILE A 12 0.22 -11.13 3.25
CA ILE A 12 1.61 -10.71 3.33
C ILE A 12 2.11 -10.79 4.77
N THR A 13 3.34 -11.27 4.95
CA THR A 13 3.92 -11.36 6.28
C THR A 13 5.16 -10.47 6.39
N GLY A 14 5.00 -9.31 7.01
CA GLY A 14 6.10 -8.37 7.08
C GLY A 14 6.45 -7.99 8.50
N ILE A 15 7.68 -7.55 8.70
CA ILE A 15 8.13 -7.10 10.00
C ILE A 15 8.07 -5.58 10.08
N ASP A 16 7.33 -5.06 11.04
CA ASP A 16 7.09 -3.62 11.12
C ASP A 16 8.27 -2.90 11.78
N LEU A 17 8.10 -1.60 11.99
CA LEU A 17 9.14 -0.75 12.56
C LEU A 17 9.56 -1.22 13.94
N LYS A 18 8.62 -1.80 14.69
CA LYS A 18 8.89 -2.27 16.04
C LYS A 18 9.58 -3.62 16.03
N GLY A 19 9.50 -4.31 14.91
CA GLY A 19 10.08 -5.64 14.81
C GLY A 19 9.05 -6.72 15.08
N ASN A 20 7.78 -6.41 14.84
CA ASN A 20 6.71 -7.38 15.03
C ASN A 20 6.35 -8.01 13.69
N SER A 21 6.01 -9.29 13.70
CA SER A 21 5.57 -9.95 12.49
C SER A 21 4.10 -9.62 12.23
N VAL A 22 3.87 -8.61 11.41
CA VAL A 22 2.53 -8.16 11.09
C VAL A 22 2.08 -8.77 9.78
N SER A 23 0.80 -9.12 9.69
CA SER A 23 0.28 -9.71 8.47
C SER A 23 -0.82 -8.84 7.89
N LEU A 24 -1.26 -9.17 6.68
CA LEU A 24 -2.31 -8.42 6.00
C LEU A 24 -3.65 -8.60 6.71
N ASN A 25 -3.70 -9.50 7.68
CA ASN A 25 -4.95 -9.80 8.40
C ASN A 25 -5.43 -8.60 9.21
N ASP A 26 -4.50 -7.80 9.71
CA ASP A 26 -4.84 -6.58 10.44
C ASP A 26 -5.46 -5.55 9.52
N PHE A 27 -5.02 -5.56 8.28
CA PHE A 27 -5.39 -4.52 7.35
C PHE A 27 -6.72 -4.89 6.75
N LYS A 28 -7.18 -6.06 7.15
CA LYS A 28 -8.46 -6.55 6.72
C LYS A 28 -9.54 -5.97 7.61
N GLY A 29 -10.18 -4.93 7.09
CA GLY A 29 -11.08 -4.11 7.87
C GLY A 29 -10.78 -2.65 7.63
N LYS A 30 -9.67 -2.41 6.94
CA LYS A 30 -9.26 -1.07 6.53
C LYS A 30 -9.15 -1.01 5.03
N TYR A 31 -9.08 0.19 4.48
CA TYR A 31 -8.74 0.38 3.09
C TYR A 31 -7.22 0.40 2.97
N VAL A 32 -6.68 -0.57 2.24
CA VAL A 32 -5.24 -0.78 2.23
C VAL A 32 -4.62 -0.38 0.90
N LEU A 33 -3.77 0.63 0.94
CA LEU A 33 -2.98 0.98 -0.23
C LEU A 33 -1.61 0.33 -0.10
N VAL A 34 -1.37 -0.72 -0.86
CA VAL A 34 -0.14 -1.49 -0.71
C VAL A 34 0.90 -1.04 -1.72
N ASP A 35 1.93 -0.36 -1.22
CA ASP A 35 3.01 0.11 -2.07
C ASP A 35 4.24 -0.78 -1.89
N PHE A 36 4.64 -1.42 -2.98
CA PHE A 36 5.83 -2.27 -2.97
C PHE A 36 7.03 -1.48 -3.47
N TRP A 37 8.06 -1.38 -2.63
CA TRP A 37 9.22 -0.57 -2.96
C TRP A 37 10.47 -1.09 -2.25
N PHE A 38 11.57 -0.38 -2.47
CA PHE A 38 12.80 -0.57 -1.71
C PHE A 38 13.75 0.59 -2.03
N ALA A 39 14.76 0.79 -1.20
CA ALA A 39 15.62 1.97 -1.29
C ALA A 39 16.31 2.07 -2.65
N GLY A 40 16.59 0.93 -3.26
CA GLY A 40 17.25 0.90 -4.56
C GLY A 40 16.48 1.65 -5.63
N CYS A 41 15.20 1.36 -5.76
CA CYS A 41 14.37 2.01 -6.77
C CYS A 41 13.95 3.39 -6.30
N SER A 42 14.65 4.40 -6.78
CA SER A 42 14.38 5.78 -6.40
C SER A 42 12.99 6.21 -6.86
N TRP A 43 12.55 5.71 -8.02
CA TRP A 43 11.28 6.11 -8.61
C TRP A 43 10.11 5.78 -7.67
N CYS A 44 10.22 4.68 -6.93
CA CYS A 44 9.18 4.29 -6.00
C CYS A 44 9.00 5.37 -4.94
N ARG A 45 10.11 5.97 -4.54
CA ARG A 45 10.12 6.96 -3.49
C ARG A 45 9.79 8.36 -4.03
N LYS A 46 9.80 8.51 -5.34
CA LYS A 46 9.47 9.78 -5.96
C LYS A 46 7.98 10.09 -5.82
N GLU A 47 7.20 9.04 -5.60
CA GLU A 47 5.76 9.17 -5.41
C GLU A 47 5.42 9.34 -3.93
N THR A 48 6.44 9.32 -3.07
CA THR A 48 6.26 9.44 -1.61
C THR A 48 5.42 10.67 -1.23
N PRO A 49 5.74 11.89 -1.75
CA PRO A 49 4.94 13.09 -1.45
C PRO A 49 3.45 12.88 -1.69
N TYR A 50 3.11 12.24 -2.80
CA TYR A 50 1.73 11.98 -3.16
C TYR A 50 1.12 10.94 -2.22
N LEU A 51 1.91 9.94 -1.87
CA LEU A 51 1.50 8.92 -0.92
C LEU A 51 1.21 9.55 0.45
N LEU A 52 2.14 10.38 0.90
CA LEU A 52 2.03 11.07 2.18
C LEU A 52 0.77 11.95 2.21
N LYS A 53 0.50 12.61 1.09
CA LYS A 53 -0.69 13.44 0.93
C LYS A 53 -1.95 12.59 1.07
N THR A 54 -1.99 11.49 0.32
CA THR A 54 -3.13 10.58 0.35
C THR A 54 -3.31 9.96 1.73
N TYR A 55 -2.21 9.50 2.32
CA TYR A 55 -2.22 8.90 3.64
C TYR A 55 -2.83 9.86 4.66
N ASN A 56 -2.33 11.07 4.70
CA ASN A 56 -2.76 12.03 5.72
C ASN A 56 -4.21 12.46 5.53
N ALA A 57 -4.69 12.38 4.29
CA ALA A 57 -6.05 12.82 4.01
C ALA A 57 -7.10 11.75 4.31
N PHE A 58 -6.71 10.47 4.25
CA PHE A 58 -7.69 9.40 4.42
C PHE A 58 -7.38 8.47 5.60
N LYS A 59 -6.30 8.74 6.32
CA LYS A 59 -5.88 7.88 7.43
C LYS A 59 -6.94 7.79 8.52
N ASP A 60 -7.74 8.84 8.63
CA ASP A 60 -8.77 8.93 9.67
C ASP A 60 -10.04 8.19 9.25
N LYS A 61 -10.05 7.71 8.02
CA LYS A 61 -11.26 7.14 7.43
C LYS A 61 -11.13 5.63 7.25
N GLY A 62 -10.38 4.99 8.14
CA GLY A 62 -10.19 3.55 8.04
C GLY A 62 -9.34 3.17 6.86
N PHE A 63 -8.31 3.96 6.62
CA PHE A 63 -7.43 3.79 5.48
C PHE A 63 -5.99 3.95 5.91
N THR A 64 -5.13 3.11 5.36
CA THR A 64 -3.71 3.20 5.64
C THR A 64 -2.91 2.72 4.45
N ILE A 65 -1.74 3.32 4.26
CA ILE A 65 -0.82 2.85 3.25
C ILE A 65 0.06 1.77 3.82
N TYR A 66 0.09 0.64 3.16
CA TYR A 66 0.86 -0.50 3.61
C TYR A 66 2.18 -0.53 2.86
N GLY A 67 3.20 0.06 3.47
CA GLY A 67 4.49 0.18 2.83
C GLY A 67 5.26 -1.13 2.90
N VAL A 68 5.37 -1.80 1.78
CA VAL A 68 6.04 -3.08 1.73
C VAL A 68 7.38 -2.95 1.04
N SER A 69 8.45 -3.11 1.80
CA SER A 69 9.79 -3.03 1.23
C SER A 69 10.49 -4.38 1.36
N THR A 70 11.51 -4.56 0.55
CA THR A 70 12.30 -5.78 0.57
C THR A 70 13.78 -5.42 0.60
N ASP A 71 14.09 -4.28 1.21
CA ASP A 71 15.47 -3.83 1.41
C ASP A 71 16.28 -4.93 2.05
N ARG A 72 17.56 -4.98 1.72
CA ARG A 72 18.41 -6.09 2.11
C ARG A 72 18.86 -5.96 3.56
N ARG A 73 18.60 -4.79 4.13
CA ARG A 73 18.88 -4.54 5.54
C ARG A 73 17.73 -3.76 6.15
N GLU A 74 17.49 -3.98 7.44
CA GLU A 74 16.46 -3.24 8.14
C GLU A 74 16.94 -1.81 8.35
N GLU A 75 18.25 -1.67 8.53
CA GLU A 75 18.86 -0.36 8.71
C GLU A 75 18.61 0.52 7.49
N ASP A 76 18.72 -0.08 6.31
CA ASP A 76 18.49 0.64 5.07
C ASP A 76 17.02 0.95 4.87
N TRP A 77 16.17 0.02 5.27
CA TRP A 77 14.73 0.24 5.23
C TRP A 77 14.34 1.42 6.14
N LYS A 78 14.80 1.39 7.39
CA LYS A 78 14.59 2.50 8.32
C LYS A 78 15.20 3.79 7.75
N LYS A 79 16.37 3.65 7.13
CA LYS A 79 17.06 4.79 6.53
C LYS A 79 16.22 5.42 5.43
N ALA A 80 15.71 4.58 4.52
CA ALA A 80 14.94 5.05 3.37
C ALA A 80 13.66 5.75 3.81
N ILE A 81 13.08 5.28 4.90
CA ILE A 81 11.90 5.92 5.48
C ILE A 81 12.24 7.33 5.95
N GLU A 82 13.40 7.47 6.56
CA GLU A 82 13.88 8.78 7.00
C GLU A 82 14.27 9.65 5.80
N GLU A 83 14.86 9.01 4.79
CA GLU A 83 15.23 9.70 3.56
C GLU A 83 14.03 10.40 2.93
N ASP A 84 12.92 9.70 2.84
CA ASP A 84 11.75 10.20 2.13
C ASP A 84 10.65 10.67 3.07
N LYS A 85 10.91 10.57 4.38
CA LYS A 85 9.94 11.00 5.40
C LYS A 85 8.62 10.26 5.27
N SER A 86 8.70 8.99 4.88
CA SER A 86 7.51 8.18 4.70
C SER A 86 7.03 7.59 6.02
N TYR A 87 6.40 8.43 6.83
CA TYR A 87 5.94 8.02 8.14
C TYR A 87 4.54 7.43 8.08
N TRP A 88 4.47 6.12 7.86
CA TRP A 88 3.22 5.38 7.94
C TRP A 88 3.50 3.90 8.18
N ASN A 89 2.44 3.09 8.21
CA ASN A 89 2.58 1.67 8.54
C ASN A 89 3.31 0.92 7.43
N GLN A 90 4.59 0.65 7.66
CA GLN A 90 5.40 -0.07 6.70
C GLN A 90 6.02 -1.30 7.33
N VAL A 91 6.28 -2.31 6.51
CA VAL A 91 6.88 -3.56 6.99
C VAL A 91 7.97 -4.03 6.04
N LEU A 92 8.91 -4.79 6.57
CA LEU A 92 9.95 -5.41 5.77
C LEU A 92 9.58 -6.85 5.51
N LEU A 93 9.66 -7.26 4.24
CA LEU A 93 9.28 -8.62 3.86
C LEU A 93 10.22 -9.66 4.45
N GLN A 94 9.65 -10.78 4.89
CA GLN A 94 10.46 -11.89 5.39
C GLN A 94 11.14 -12.58 4.22
N LYS A 95 12.23 -13.30 4.49
CA LYS A 95 13.09 -13.83 3.42
C LYS A 95 12.31 -14.74 2.46
N ASP A 96 11.38 -15.51 2.99
CA ASP A 96 10.56 -16.38 2.17
C ASP A 96 9.31 -15.67 1.67
N ASP A 97 8.82 -14.73 2.48
CA ASP A 97 7.61 -13.99 2.15
C ASP A 97 7.83 -13.13 0.90
N VAL A 98 9.05 -12.60 0.77
CA VAL A 98 9.45 -11.85 -0.42
C VAL A 98 9.10 -12.61 -1.69
N LYS A 99 9.41 -13.90 -1.69
CA LYS A 99 9.30 -14.73 -2.87
C LYS A 99 7.87 -14.79 -3.40
N ASP A 100 6.96 -15.31 -2.59
CA ASP A 100 5.58 -15.52 -3.02
C ASP A 100 4.87 -14.18 -3.24
N VAL A 101 4.87 -13.35 -2.20
CA VAL A 101 4.12 -12.09 -2.24
C VAL A 101 4.47 -11.26 -3.47
N LEU A 102 5.76 -11.04 -3.71
CA LEU A 102 6.18 -10.23 -4.85
C LEU A 102 5.76 -10.88 -6.15
N GLU A 103 6.08 -12.15 -6.33
CA GLU A 103 5.73 -12.84 -7.56
C GLU A 103 4.22 -12.81 -7.77
N SER A 104 3.49 -13.40 -6.81
CA SER A 104 2.04 -13.61 -6.91
C SER A 104 1.26 -12.36 -7.30
N TYR A 105 1.66 -11.20 -6.79
CA TYR A 105 0.98 -9.95 -7.14
C TYR A 105 1.39 -9.46 -8.52
N CYS A 106 2.04 -10.34 -9.29
CA CYS A 106 2.52 -10.04 -10.62
C CYS A 106 3.57 -8.93 -10.56
N ILE A 107 4.47 -9.05 -9.60
CA ILE A 107 5.43 -7.98 -9.37
C ILE A 107 6.83 -8.33 -9.86
N VAL A 108 7.10 -7.95 -11.10
CA VAL A 108 8.44 -8.08 -11.66
C VAL A 108 9.05 -6.69 -11.81
N GLY A 109 8.29 -5.67 -11.41
CA GLY A 109 8.73 -4.30 -11.53
C GLY A 109 8.20 -3.43 -10.40
N PHE A 110 8.91 -2.35 -10.11
CA PHE A 110 8.53 -1.45 -9.04
C PHE A 110 8.48 -0.01 -9.55
N PRO A 111 7.65 0.86 -8.93
CA PRO A 111 6.81 0.50 -7.80
C PRO A 111 5.48 -0.10 -8.22
N HIS A 112 5.09 -1.19 -7.57
CA HIS A 112 3.83 -1.83 -7.87
C HIS A 112 2.83 -1.49 -6.78
N ILE A 113 1.80 -0.74 -7.13
CA ILE A 113 0.84 -0.24 -6.15
C ILE A 113 -0.53 -0.86 -6.36
N ILE A 114 -1.11 -1.37 -5.29
CA ILE A 114 -2.43 -1.98 -5.33
C ILE A 114 -3.31 -1.47 -4.20
N LEU A 115 -4.60 -1.32 -4.48
CA LEU A 115 -5.55 -0.90 -3.47
C LEU A 115 -6.44 -2.07 -3.08
N VAL A 116 -6.36 -2.45 -1.82
CA VAL A 116 -7.06 -3.60 -1.30
C VAL A 116 -8.24 -3.17 -0.42
N ASP A 117 -9.36 -3.85 -0.57
CA ASP A 117 -10.55 -3.56 0.23
C ASP A 117 -10.46 -4.30 1.57
N PRO A 118 -11.33 -3.96 2.54
CA PRO A 118 -11.37 -4.61 3.86
C PRO A 118 -11.29 -6.15 3.81
N GLU A 119 -12.02 -6.77 2.88
CA GLU A 119 -12.03 -8.23 2.80
C GLU A 119 -10.75 -8.75 2.15
N GLY A 120 -10.11 -7.93 1.35
CA GLY A 120 -8.81 -8.29 0.82
C GLY A 120 -8.81 -8.58 -0.66
N LYS A 121 -9.66 -7.91 -1.43
CA LYS A 121 -9.64 -8.06 -2.87
C LYS A 121 -8.91 -6.87 -3.49
N ILE A 122 -8.25 -7.11 -4.61
CA ILE A 122 -7.56 -6.03 -5.32
C ILE A 122 -8.52 -5.28 -6.23
N VAL A 123 -9.03 -4.16 -5.75
CA VAL A 123 -10.00 -3.37 -6.51
C VAL A 123 -9.28 -2.40 -7.45
N ALA A 124 -8.33 -1.64 -6.92
CA ALA A 124 -7.58 -0.69 -7.73
C ALA A 124 -6.12 -1.12 -7.76
N LYS A 125 -5.41 -0.73 -8.80
CA LYS A 125 -4.04 -1.20 -9.00
C LYS A 125 -3.36 -0.43 -10.12
N GLU A 126 -2.02 -0.35 -10.02
CA GLU A 126 -1.16 0.28 -11.04
C GLU A 126 -1.38 1.80 -11.07
N LEU A 127 -2.03 2.32 -10.04
CA LEU A 127 -2.32 3.74 -9.94
C LEU A 127 -1.05 4.54 -9.70
N ARG A 128 -1.08 5.82 -10.06
CA ARG A 128 0.06 6.71 -9.86
C ARG A 128 -0.14 7.58 -8.63
N GLY A 129 0.91 8.29 -8.23
CA GLY A 129 0.89 9.05 -6.99
C GLY A 129 -0.34 9.92 -6.79
N ASP A 130 -0.48 10.95 -7.60
CA ASP A 130 -1.60 11.89 -7.46
C ASP A 130 -2.90 11.22 -7.83
N ASP A 131 -2.81 10.28 -8.76
CA ASP A 131 -3.97 9.52 -9.20
C ASP A 131 -4.53 8.70 -8.04
N LEU A 132 -3.63 8.16 -7.24
CA LEU A 132 -4.01 7.46 -6.01
C LEU A 132 -4.93 8.33 -5.17
N TYR A 133 -4.50 9.57 -4.93
CA TYR A 133 -5.28 10.50 -4.12
C TYR A 133 -6.65 10.72 -4.75
N ASN A 134 -6.67 11.04 -6.04
CA ASN A 134 -7.91 11.32 -6.75
C ASN A 134 -8.84 10.10 -6.75
N THR A 135 -8.27 8.92 -6.98
CA THR A 135 -9.04 7.69 -7.03
C THR A 135 -9.50 7.26 -5.63
N VAL A 136 -8.65 7.41 -4.63
CA VAL A 136 -9.06 7.11 -3.26
C VAL A 136 -10.12 8.11 -2.81
N GLU A 137 -9.98 9.37 -3.25
CA GLU A 137 -10.97 10.39 -3.00
C GLU A 137 -12.31 9.96 -3.59
N LYS A 138 -12.31 9.66 -4.88
CA LYS A 138 -13.50 9.29 -5.58
C LYS A 138 -14.11 7.98 -5.05
N PHE A 139 -13.33 7.21 -4.30
CA PHE A 139 -13.86 6.02 -3.61
C PHE A 139 -14.39 6.36 -2.21
N VAL A 140 -13.50 6.85 -1.35
CA VAL A 140 -13.82 6.98 0.08
C VAL A 140 -14.60 8.26 0.38
N ASN A 141 -14.29 9.33 -0.33
CA ASN A 141 -14.96 10.61 -0.14
C ASN A 141 -16.39 10.52 -0.66
N GLY A 142 -16.50 10.30 -1.98
CA GLY A 142 -17.77 10.03 -2.64
C GLY A 142 -18.92 10.89 -2.13
N ALA A 143 -20.06 10.24 -1.92
CA ALA A 143 -21.25 10.91 -1.42
C ALA A 143 -21.52 10.47 0.02
N LYS A 144 -21.68 11.44 0.89
CA LYS A 144 -21.77 11.17 2.32
C LYS A 144 -22.85 12.01 2.98
N GLU A 145 -23.26 13.05 2.29
CA GLU A 145 -24.31 13.95 2.76
C GLU A 145 -25.66 13.51 2.22
N GLY A 146 -25.61 12.84 1.06
CA GLY A 146 -26.82 12.32 0.46
C GLY A 146 -27.50 11.30 1.34
N HIS A 147 -28.83 11.26 1.27
CA HIS A 147 -29.62 10.34 2.08
C HIS A 147 -29.23 8.89 1.78
N HIS A 148 -28.58 8.26 2.76
CA HIS A 148 -28.14 6.89 2.61
C HIS A 148 -29.30 5.93 2.84
N HIS A 149 -29.15 4.68 2.43
CA HIS A 149 -30.23 3.70 2.58
C HIS A 149 -30.24 3.13 3.99
N HIS A 150 -31.44 2.84 4.47
CA HIS A 150 -31.63 2.25 5.80
C HIS A 150 -30.97 0.87 5.87
N HIS A 151 -30.62 0.46 7.09
CA HIS A 151 -29.98 -0.84 7.31
C HIS A 151 -31.03 -1.89 7.66
N HIS A 152 -32.19 -1.41 8.06
CA HIS A 152 -33.35 -2.27 8.32
C HIS A 152 -34.59 -1.57 7.84
N MET A 1 -0.46 -12.57 -16.10
CA MET A 1 -1.34 -11.84 -15.17
C MET A 1 -1.92 -12.81 -14.16
N SER A 2 -2.22 -12.33 -12.97
CA SER A 2 -2.79 -13.18 -11.92
C SER A 2 -3.98 -12.48 -11.28
N LEU A 3 -3.71 -11.49 -10.43
CA LEU A 3 -4.76 -10.73 -9.78
C LEU A 3 -4.86 -9.35 -10.41
N ALA A 4 -6.08 -8.82 -10.52
CA ALA A 4 -6.29 -7.52 -11.14
C ALA A 4 -7.26 -6.68 -10.32
N THR A 5 -8.54 -6.77 -10.63
CA THR A 5 -9.57 -6.02 -9.94
C THR A 5 -10.66 -6.94 -9.45
N GLY A 6 -11.00 -6.83 -8.16
CA GLY A 6 -12.00 -7.71 -7.58
C GLY A 6 -11.41 -9.05 -7.20
N SER A 7 -10.10 -9.17 -7.35
CA SER A 7 -9.39 -10.40 -7.08
C SER A 7 -9.05 -10.51 -5.59
N VAL A 8 -9.16 -11.71 -5.04
CA VAL A 8 -8.87 -11.92 -3.62
C VAL A 8 -7.37 -11.85 -3.38
N ALA A 9 -6.97 -11.02 -2.42
CA ALA A 9 -5.56 -10.83 -2.11
C ALA A 9 -5.09 -11.78 -1.01
N PRO A 10 -4.04 -12.56 -1.27
CA PRO A 10 -3.46 -13.48 -0.30
C PRO A 10 -2.90 -12.74 0.92
N ALA A 11 -2.76 -13.46 2.02
CA ALA A 11 -2.25 -12.89 3.25
C ALA A 11 -0.73 -12.69 3.18
N ILE A 12 -0.31 -11.44 3.24
CA ILE A 12 1.11 -11.09 3.19
C ILE A 12 1.65 -10.92 4.60
N THR A 13 2.94 -11.19 4.79
CA THR A 13 3.57 -11.03 6.08
C THR A 13 4.88 -10.24 5.95
N GLY A 14 5.11 -9.35 6.89
CA GLY A 14 6.32 -8.56 6.89
C GLY A 14 6.72 -8.14 8.28
N ILE A 15 7.98 -7.77 8.46
CA ILE A 15 8.45 -7.29 9.74
C ILE A 15 8.05 -5.84 9.93
N ASP A 16 7.18 -5.60 10.90
CA ASP A 16 6.60 -4.28 11.10
C ASP A 16 7.53 -3.37 11.89
N LEU A 17 7.08 -2.14 12.11
CA LEU A 17 7.86 -1.14 12.82
C LEU A 17 7.90 -1.42 14.32
N LYS A 18 7.01 -2.27 14.78
CA LYS A 18 6.94 -2.62 16.18
C LYS A 18 8.05 -3.62 16.51
N GLY A 19 8.36 -4.44 15.52
CA GLY A 19 9.45 -5.40 15.66
C GLY A 19 8.96 -6.83 15.53
N ASN A 20 7.77 -6.99 14.95
CA ASN A 20 7.17 -8.31 14.81
C ASN A 20 7.08 -8.70 13.35
N SER A 21 7.17 -10.00 13.07
CA SER A 21 6.85 -10.50 11.76
C SER A 21 5.34 -10.65 11.65
N VAL A 22 4.67 -9.60 11.20
CA VAL A 22 3.22 -9.54 11.26
C VAL A 22 2.61 -9.73 9.88
N SER A 23 1.31 -9.97 9.83
CA SER A 23 0.61 -10.13 8.57
C SER A 23 -0.22 -8.89 8.25
N LEU A 24 -0.80 -8.87 7.06
CA LEU A 24 -1.66 -7.76 6.61
C LEU A 24 -2.82 -7.52 7.58
N ASN A 25 -3.19 -8.54 8.35
CA ASN A 25 -4.34 -8.46 9.24
C ASN A 25 -4.11 -7.45 10.36
N ASP A 26 -2.86 -7.08 10.57
CA ASP A 26 -2.49 -6.10 11.59
C ASP A 26 -3.17 -4.75 11.33
N PHE A 27 -3.28 -4.42 10.05
CA PHE A 27 -3.89 -3.16 9.64
C PHE A 27 -5.10 -3.42 8.77
N LYS A 28 -5.51 -4.69 8.74
CA LYS A 28 -6.65 -5.12 7.95
C LYS A 28 -7.95 -4.63 8.58
N GLY A 29 -8.73 -3.87 7.81
CA GLY A 29 -9.97 -3.32 8.31
C GLY A 29 -10.29 -2.01 7.62
N LYS A 30 -9.25 -1.37 7.11
CA LYS A 30 -9.38 -0.16 6.32
C LYS A 30 -9.21 -0.50 4.85
N TYR A 31 -9.40 0.46 3.98
CA TYR A 31 -8.97 0.32 2.60
C TYR A 31 -7.46 0.41 2.58
N VAL A 32 -6.83 -0.71 2.31
CA VAL A 32 -5.39 -0.84 2.44
C VAL A 32 -4.71 -0.60 1.10
N LEU A 33 -4.05 0.53 0.99
CA LEU A 33 -3.25 0.82 -0.19
C LEU A 33 -1.86 0.21 -0.01
N VAL A 34 -1.55 -0.83 -0.77
CA VAL A 34 -0.30 -1.54 -0.60
C VAL A 34 0.78 -0.91 -1.45
N ASP A 35 1.84 -0.48 -0.79
CA ASP A 35 2.92 0.29 -1.41
C ASP A 35 4.16 -0.57 -1.61
N PHE A 36 4.45 -0.90 -2.87
CA PHE A 36 5.64 -1.68 -3.18
C PHE A 36 6.80 -0.76 -3.53
N TRP A 37 7.84 -0.77 -2.71
CA TRP A 37 8.97 0.12 -2.92
C TRP A 37 10.24 -0.42 -2.29
N PHE A 38 11.32 0.30 -2.51
CA PHE A 38 12.59 0.06 -1.85
C PHE A 38 13.54 1.21 -2.15
N ALA A 39 14.42 1.50 -1.20
CA ALA A 39 15.30 2.65 -1.29
C ALA A 39 16.40 2.46 -2.33
N GLY A 40 16.33 1.36 -3.06
CA GLY A 40 17.26 1.13 -4.15
C GLY A 40 16.72 1.64 -5.47
N CYS A 41 15.43 1.92 -5.51
CA CYS A 41 14.78 2.41 -6.72
C CYS A 41 14.63 3.93 -6.66
N SER A 42 14.98 4.58 -7.77
CA SER A 42 14.91 6.03 -7.86
C SER A 42 13.46 6.52 -7.82
N TRP A 43 12.57 5.81 -8.51
CA TRP A 43 11.19 6.24 -8.66
C TRP A 43 10.39 6.02 -7.38
N CYS A 44 10.78 5.02 -6.60
CA CYS A 44 10.10 4.77 -5.32
C CYS A 44 10.19 6.00 -4.42
N ARG A 45 11.33 6.69 -4.47
CA ARG A 45 11.54 7.91 -3.69
C ARG A 45 10.61 9.03 -4.16
N LYS A 46 10.14 8.91 -5.40
CA LYS A 46 9.31 9.93 -6.01
C LYS A 46 7.84 9.75 -5.67
N GLU A 47 7.42 8.49 -5.50
CA GLU A 47 6.03 8.19 -5.22
C GLU A 47 5.69 8.45 -3.76
N THR A 48 6.71 8.37 -2.90
CA THR A 48 6.52 8.53 -1.45
C THR A 48 5.72 9.81 -1.08
N PRO A 49 6.11 11.00 -1.59
CA PRO A 49 5.36 12.24 -1.33
C PRO A 49 3.87 12.12 -1.64
N TYR A 50 3.54 11.43 -2.72
CA TYR A 50 2.14 11.25 -3.11
C TYR A 50 1.43 10.31 -2.16
N LEU A 51 2.15 9.31 -1.69
CA LEU A 51 1.62 8.39 -0.70
C LEU A 51 1.37 9.10 0.62
N LEU A 52 2.33 9.92 1.04
CA LEU A 52 2.21 10.68 2.28
C LEU A 52 0.99 11.60 2.22
N LYS A 53 0.82 12.26 1.09
CA LYS A 53 -0.35 13.11 0.84
C LYS A 53 -1.64 12.32 1.07
N THR A 54 -1.76 11.21 0.36
CA THR A 54 -2.95 10.38 0.40
C THR A 54 -3.17 9.76 1.78
N TYR A 55 -2.09 9.28 2.37
CA TYR A 55 -2.16 8.65 3.69
C TYR A 55 -2.64 9.65 4.74
N ASN A 56 -1.99 10.81 4.78
CA ASN A 56 -2.31 11.82 5.78
C ASN A 56 -3.78 12.21 5.73
N ALA A 57 -4.30 12.35 4.52
CA ALA A 57 -5.69 12.78 4.33
C ALA A 57 -6.69 11.71 4.75
N PHE A 58 -6.45 10.45 4.40
CA PHE A 58 -7.46 9.42 4.59
C PHE A 58 -7.14 8.46 5.75
N LYS A 59 -6.02 8.64 6.43
CA LYS A 59 -5.70 7.82 7.60
C LYS A 59 -6.73 8.03 8.71
N ASP A 60 -7.35 9.19 8.68
CA ASP A 60 -8.41 9.56 9.61
C ASP A 60 -9.67 8.73 9.33
N LYS A 61 -9.77 8.23 8.12
CA LYS A 61 -10.98 7.56 7.67
C LYS A 61 -10.73 6.06 7.48
N GLY A 62 -11.59 5.39 6.74
CA GLY A 62 -11.45 3.96 6.52
C GLY A 62 -10.41 3.63 5.47
N PHE A 63 -9.24 4.25 5.58
CA PHE A 63 -8.18 4.05 4.61
C PHE A 63 -6.82 4.06 5.32
N THR A 64 -5.85 3.38 4.73
CA THR A 64 -4.48 3.42 5.21
C THR A 64 -3.54 2.91 4.11
N ILE A 65 -2.25 3.07 4.32
CA ILE A 65 -1.26 2.62 3.34
C ILE A 65 -0.33 1.59 3.97
N TYR A 66 -0.25 0.43 3.33
CA TYR A 66 0.56 -0.67 3.80
C TYR A 66 1.80 -0.79 2.92
N GLY A 67 2.88 -0.19 3.38
CA GLY A 67 4.11 -0.19 2.61
C GLY A 67 4.90 -1.45 2.79
N VAL A 68 5.39 -2.00 1.70
CA VAL A 68 6.19 -3.20 1.74
C VAL A 68 7.53 -2.98 1.04
N SER A 69 8.60 -3.13 1.80
CA SER A 69 9.94 -2.96 1.25
C SER A 69 10.79 -4.19 1.53
N THR A 70 11.75 -4.44 0.65
CA THR A 70 12.68 -5.53 0.83
C THR A 70 14.10 -5.00 0.60
N ASP A 71 14.38 -3.85 1.20
CA ASP A 71 15.67 -3.18 1.06
C ASP A 71 16.83 -4.02 1.56
N ARG A 72 18.00 -3.42 1.51
CA ARG A 72 19.27 -4.10 1.80
C ARG A 72 19.31 -4.61 3.23
N ARG A 73 18.78 -3.80 4.14
CA ARG A 73 18.91 -4.07 5.55
C ARG A 73 17.71 -3.47 6.29
N GLU A 74 17.41 -3.96 7.48
CA GLU A 74 16.26 -3.46 8.23
C GLU A 74 16.50 -2.02 8.66
N GLU A 75 17.69 -1.74 9.17
CA GLU A 75 18.02 -0.39 9.59
C GLU A 75 18.17 0.53 8.39
N ASP A 76 18.54 -0.07 7.26
CA ASP A 76 18.54 0.64 5.98
C ASP A 76 17.13 1.07 5.65
N TRP A 77 16.20 0.14 5.89
CA TRP A 77 14.78 0.39 5.68
C TRP A 77 14.25 1.42 6.67
N LYS A 78 14.54 1.22 7.97
CA LYS A 78 14.18 2.20 9.00
C LYS A 78 14.69 3.58 8.61
N LYS A 79 15.94 3.63 8.15
CA LYS A 79 16.55 4.86 7.69
C LYS A 79 15.80 5.44 6.50
N ALA A 80 15.43 4.59 5.56
CA ALA A 80 14.74 5.02 4.35
C ALA A 80 13.41 5.68 4.68
N ILE A 81 12.74 5.16 5.70
CA ILE A 81 11.50 5.74 6.19
C ILE A 81 11.75 7.16 6.71
N GLU A 82 12.84 7.31 7.46
CA GLU A 82 13.24 8.62 7.95
C GLU A 82 13.64 9.53 6.78
N GLU A 83 14.33 8.97 5.79
CA GLU A 83 14.75 9.71 4.62
C GLU A 83 13.56 10.34 3.88
N ASP A 84 12.63 9.48 3.47
CA ASP A 84 11.51 9.90 2.63
C ASP A 84 10.34 10.44 3.47
N LYS A 85 10.45 10.34 4.79
CA LYS A 85 9.37 10.73 5.69
C LYS A 85 8.13 9.88 5.42
N SER A 86 8.37 8.64 5.06
CA SER A 86 7.31 7.69 4.77
C SER A 86 6.73 7.10 6.05
N TYR A 87 6.21 7.96 6.93
CA TYR A 87 5.71 7.53 8.22
C TYR A 87 4.30 6.94 8.09
N TRP A 88 4.20 5.72 7.57
CA TRP A 88 2.94 5.00 7.59
C TRP A 88 3.17 3.52 7.87
N ASN A 89 2.13 2.71 7.69
CA ASN A 89 2.19 1.30 8.04
C ASN A 89 3.02 0.52 7.04
N GLN A 90 4.33 0.47 7.27
CA GLN A 90 5.22 -0.25 6.39
C GLN A 90 5.82 -1.45 7.09
N VAL A 91 6.09 -2.50 6.32
CA VAL A 91 6.70 -3.71 6.85
C VAL A 91 7.87 -4.14 5.96
N LEU A 92 8.84 -4.79 6.57
CA LEU A 92 9.97 -5.31 5.84
C LEU A 92 9.66 -6.72 5.36
N LEU A 93 9.57 -6.88 4.04
CA LEU A 93 9.25 -8.17 3.45
C LEU A 93 10.40 -9.14 3.65
N GLN A 94 10.08 -10.36 4.03
CA GLN A 94 11.08 -11.37 4.22
C GLN A 94 11.60 -11.81 2.86
N LYS A 95 12.86 -12.20 2.80
CA LYS A 95 13.53 -12.41 1.51
C LYS A 95 12.89 -13.54 0.71
N ASP A 96 12.33 -14.52 1.41
CA ASP A 96 11.58 -15.58 0.74
C ASP A 96 10.15 -15.13 0.47
N ASP A 97 9.58 -14.43 1.45
CA ASP A 97 8.20 -13.90 1.37
C ASP A 97 8.01 -13.02 0.14
N VAL A 98 9.02 -12.19 -0.16
CA VAL A 98 8.99 -11.29 -1.32
C VAL A 98 8.57 -12.02 -2.59
N LYS A 99 9.03 -13.27 -2.72
CA LYS A 99 8.72 -14.10 -3.88
C LYS A 99 7.21 -14.21 -4.09
N ASP A 100 6.51 -14.66 -3.06
CA ASP A 100 5.09 -14.95 -3.16
C ASP A 100 4.29 -13.66 -3.26
N VAL A 101 4.69 -12.65 -2.47
CA VAL A 101 4.02 -11.36 -2.46
C VAL A 101 3.99 -10.75 -3.86
N LEU A 102 5.18 -10.51 -4.40
CA LEU A 102 5.32 -9.86 -5.69
C LEU A 102 4.57 -10.63 -6.77
N GLU A 103 4.91 -11.90 -6.93
CA GLU A 103 4.34 -12.69 -8.00
C GLU A 103 2.82 -12.66 -7.94
N SER A 104 2.27 -13.18 -6.83
CA SER A 104 0.83 -13.39 -6.67
C SER A 104 0.00 -12.15 -6.96
N TYR A 105 0.47 -10.99 -6.50
CA TYR A 105 -0.25 -9.75 -6.73
C TYR A 105 -0.11 -9.28 -8.19
N CYS A 106 0.41 -10.18 -9.03
CA CYS A 106 0.65 -9.90 -10.43
C CYS A 106 1.69 -8.79 -10.54
N ILE A 107 2.70 -8.87 -9.69
CA ILE A 107 3.70 -7.80 -9.61
C ILE A 107 5.07 -8.27 -10.10
N VAL A 108 5.59 -7.57 -11.11
CA VAL A 108 6.89 -7.93 -11.67
C VAL A 108 7.79 -6.69 -11.80
N GLY A 109 7.52 -5.66 -11.02
CA GLY A 109 8.33 -4.45 -11.10
C GLY A 109 7.98 -3.41 -10.06
N PHE A 110 8.84 -2.41 -9.93
CA PHE A 110 8.65 -1.33 -8.97
C PHE A 110 8.85 0.03 -9.65
N PRO A 111 8.17 1.08 -9.16
CA PRO A 111 7.25 1.01 -8.05
C PRO A 111 5.81 0.77 -8.51
N HIS A 112 5.11 -0.11 -7.81
CA HIS A 112 3.72 -0.43 -8.15
C HIS A 112 2.88 -0.42 -6.87
N ILE A 113 1.68 0.13 -6.98
CA ILE A 113 0.83 0.30 -5.82
C ILE A 113 -0.57 -0.28 -6.08
N ILE A 114 -1.11 -0.99 -5.11
CA ILE A 114 -2.43 -1.62 -5.26
C ILE A 114 -3.35 -1.21 -4.12
N LEU A 115 -4.64 -1.34 -4.31
CA LEU A 115 -5.63 -0.98 -3.29
C LEU A 115 -6.47 -2.19 -2.91
N VAL A 116 -6.37 -2.61 -1.66
CA VAL A 116 -7.12 -3.76 -1.16
C VAL A 116 -8.17 -3.32 -0.15
N ASP A 117 -9.42 -3.73 -0.37
CA ASP A 117 -10.49 -3.44 0.58
C ASP A 117 -10.28 -4.21 1.88
N PRO A 118 -10.98 -3.80 2.97
CA PRO A 118 -10.89 -4.46 4.29
C PRO A 118 -11.04 -5.99 4.21
N GLU A 119 -11.93 -6.45 3.33
CA GLU A 119 -12.19 -7.88 3.18
C GLU A 119 -10.93 -8.59 2.70
N GLY A 120 -10.19 -7.92 1.84
CA GLY A 120 -8.97 -8.49 1.29
C GLY A 120 -9.08 -8.75 -0.20
N LYS A 121 -9.76 -7.86 -0.90
CA LYS A 121 -9.85 -7.94 -2.35
C LYS A 121 -9.19 -6.73 -2.98
N ILE A 122 -8.50 -6.94 -4.08
CA ILE A 122 -7.82 -5.86 -4.78
C ILE A 122 -8.82 -5.09 -5.65
N VAL A 123 -9.20 -3.92 -5.18
CA VAL A 123 -10.18 -3.09 -5.87
C VAL A 123 -9.55 -2.42 -7.10
N ALA A 124 -8.32 -1.98 -6.93
CA ALA A 124 -7.58 -1.35 -8.01
C ALA A 124 -6.10 -1.64 -7.83
N LYS A 125 -5.34 -1.58 -8.91
CA LYS A 125 -3.92 -1.88 -8.84
C LYS A 125 -3.15 -1.16 -9.94
N GLU A 126 -1.82 -1.25 -9.86
CA GLU A 126 -0.91 -0.61 -10.81
C GLU A 126 -1.12 0.91 -10.79
N LEU A 127 -1.46 1.43 -9.62
CA LEU A 127 -1.83 2.83 -9.47
C LEU A 127 -0.60 3.73 -9.53
N ARG A 128 -0.73 4.81 -10.29
CA ARG A 128 0.29 5.85 -10.36
C ARG A 128 0.22 6.74 -9.12
N GLY A 129 1.35 7.27 -8.68
CA GLY A 129 1.40 8.17 -7.54
C GLY A 129 0.31 9.23 -7.55
N ASP A 130 0.18 9.94 -8.67
CA ASP A 130 -0.84 10.97 -8.80
C ASP A 130 -2.22 10.34 -8.84
N ASP A 131 -2.29 9.16 -9.44
CA ASP A 131 -3.56 8.54 -9.78
C ASP A 131 -4.18 7.80 -8.59
N LEU A 132 -3.33 7.22 -7.76
CA LEU A 132 -3.79 6.46 -6.61
C LEU A 132 -4.66 7.31 -5.70
N TYR A 133 -4.35 8.60 -5.64
CA TYR A 133 -5.15 9.54 -4.86
C TYR A 133 -6.49 9.76 -5.53
N ASN A 134 -6.46 9.90 -6.85
CA ASN A 134 -7.68 10.13 -7.62
C ASN A 134 -8.63 8.95 -7.46
N THR A 135 -8.08 7.74 -7.51
CA THR A 135 -8.86 6.53 -7.39
C THR A 135 -9.44 6.37 -5.99
N VAL A 136 -8.58 6.42 -4.97
CA VAL A 136 -9.00 6.23 -3.60
C VAL A 136 -10.02 7.27 -3.16
N GLU A 137 -9.83 8.50 -3.60
CA GLU A 137 -10.76 9.58 -3.29
C GLU A 137 -12.10 9.31 -3.94
N LYS A 138 -12.08 8.84 -5.18
CA LYS A 138 -13.30 8.53 -5.91
C LYS A 138 -14.04 7.35 -5.27
N PHE A 139 -13.31 6.53 -4.54
CA PHE A 139 -13.92 5.40 -3.82
C PHE A 139 -14.39 5.82 -2.43
N VAL A 140 -13.46 6.25 -1.60
CA VAL A 140 -13.72 6.46 -0.18
C VAL A 140 -14.33 7.82 0.12
N ASN A 141 -13.75 8.88 -0.45
CA ASN A 141 -14.18 10.24 -0.16
C ASN A 141 -15.47 10.57 -0.92
N GLY A 142 -15.41 10.43 -2.24
CA GLY A 142 -16.59 10.64 -3.06
C GLY A 142 -17.29 9.33 -3.33
N ALA A 143 -17.84 8.74 -2.27
CA ALA A 143 -18.44 7.40 -2.32
C ALA A 143 -19.31 7.18 -3.55
N LYS A 144 -19.05 6.06 -4.22
CA LYS A 144 -19.82 5.64 -5.38
C LYS A 144 -20.28 4.21 -5.20
N GLU A 145 -21.42 4.05 -4.53
CA GLU A 145 -21.92 2.74 -4.15
C GLU A 145 -23.26 2.47 -4.85
N GLY A 146 -24.09 3.50 -4.93
CA GLY A 146 -25.41 3.36 -5.48
C GLY A 146 -26.47 3.80 -4.50
N HIS A 147 -26.13 4.83 -3.72
CA HIS A 147 -27.02 5.40 -2.70
C HIS A 147 -28.46 5.54 -3.21
N HIS A 148 -29.34 4.72 -2.65
CA HIS A 148 -30.76 4.72 -3.01
C HIS A 148 -31.61 5.11 -1.81
N HIS A 149 -30.94 5.43 -0.70
CA HIS A 149 -31.63 5.84 0.52
C HIS A 149 -30.71 6.71 1.37
N HIS A 150 -31.19 7.89 1.73
CA HIS A 150 -30.43 8.82 2.55
C HIS A 150 -31.33 9.97 3.00
N HIS A 151 -31.81 9.90 4.23
CA HIS A 151 -32.69 10.94 4.77
C HIS A 151 -32.02 11.60 5.96
N HIS A 152 -32.31 12.88 6.15
CA HIS A 152 -31.90 13.56 7.36
C HIS A 152 -33.14 14.05 8.09
N MET A 1 -0.77 -10.66 -14.96
CA MET A 1 -1.50 -9.50 -14.40
C MET A 1 -1.83 -9.76 -12.93
N SER A 2 -1.77 -8.71 -12.13
CA SER A 2 -1.91 -8.82 -10.68
C SER A 2 -3.34 -9.15 -10.24
N LEU A 3 -3.72 -10.42 -10.44
CA LEU A 3 -4.97 -10.98 -9.91
C LEU A 3 -6.22 -10.22 -10.35
N ALA A 4 -6.10 -9.40 -11.40
CA ALA A 4 -7.23 -8.64 -11.93
C ALA A 4 -7.85 -7.75 -10.84
N THR A 5 -9.17 -7.75 -10.76
CA THR A 5 -9.87 -6.96 -9.76
C THR A 5 -10.93 -7.79 -9.06
N GLY A 6 -10.99 -7.68 -7.74
CA GLY A 6 -11.97 -8.41 -6.95
C GLY A 6 -11.44 -9.71 -6.41
N SER A 7 -10.28 -10.13 -6.91
CA SER A 7 -9.67 -11.36 -6.46
C SER A 7 -8.99 -11.16 -5.11
N VAL A 8 -8.91 -12.22 -4.33
CA VAL A 8 -8.32 -12.17 -3.00
C VAL A 8 -6.80 -12.07 -3.09
N ALA A 9 -6.25 -11.08 -2.39
CA ALA A 9 -4.81 -10.90 -2.37
C ALA A 9 -4.17 -11.81 -1.33
N PRO A 10 -3.01 -12.40 -1.65
CA PRO A 10 -2.26 -13.27 -0.73
C PRO A 10 -1.97 -12.59 0.60
N ALA A 11 -1.79 -13.39 1.64
CA ALA A 11 -1.58 -12.88 2.98
C ALA A 11 -0.12 -12.48 3.21
N ILE A 12 0.19 -11.23 2.92
CA ILE A 12 1.53 -10.70 3.17
C ILE A 12 1.83 -10.70 4.66
N THR A 13 3.03 -11.15 5.02
CA THR A 13 3.44 -11.21 6.41
C THR A 13 4.83 -10.62 6.59
N GLY A 14 4.90 -9.38 7.04
CA GLY A 14 6.18 -8.71 7.15
C GLY A 14 6.54 -8.38 8.59
N ILE A 15 7.72 -7.82 8.78
CA ILE A 15 8.17 -7.42 10.11
C ILE A 15 8.30 -5.90 10.17
N ASP A 16 7.60 -5.29 11.11
CA ASP A 16 7.55 -3.84 11.20
C ASP A 16 8.78 -3.29 11.93
N LEU A 17 8.79 -1.98 12.16
CA LEU A 17 9.93 -1.30 12.76
C LEU A 17 10.18 -1.78 14.18
N LYS A 18 9.14 -2.26 14.85
CA LYS A 18 9.26 -2.78 16.21
C LYS A 18 9.87 -4.16 16.21
N GLY A 19 9.78 -4.84 15.07
CA GLY A 19 10.20 -6.21 14.99
C GLY A 19 9.04 -7.17 15.17
N ASN A 20 7.83 -6.65 14.97
CA ASN A 20 6.63 -7.46 15.12
C ASN A 20 6.19 -7.98 13.75
N SER A 21 5.64 -9.18 13.73
CA SER A 21 5.14 -9.76 12.50
C SER A 21 3.75 -9.22 12.20
N VAL A 22 3.68 -8.22 11.31
CA VAL A 22 2.41 -7.61 10.94
C VAL A 22 1.98 -8.10 9.57
N SER A 23 0.73 -8.52 9.45
CA SER A 23 0.23 -9.10 8.22
C SER A 23 -0.78 -8.17 7.55
N LEU A 24 -1.16 -8.50 6.33
CA LEU A 24 -2.19 -7.74 5.62
C LEU A 24 -3.56 -7.95 6.27
N ASN A 25 -3.70 -9.06 6.97
CA ASN A 25 -4.96 -9.42 7.63
C ASN A 25 -5.31 -8.43 8.73
N ASP A 26 -4.29 -7.86 9.36
CA ASP A 26 -4.48 -6.97 10.49
C ASP A 26 -5.05 -5.62 10.06
N PHE A 27 -5.17 -5.43 8.75
CA PHE A 27 -5.68 -4.18 8.21
C PHE A 27 -6.98 -4.44 7.47
N LYS A 28 -7.48 -5.66 7.61
CA LYS A 28 -8.73 -6.05 6.99
C LYS A 28 -9.90 -5.39 7.70
N GLY A 29 -10.29 -4.24 7.20
CA GLY A 29 -11.34 -3.44 7.80
C GLY A 29 -11.36 -2.06 7.21
N LYS A 30 -10.23 -1.64 6.67
CA LYS A 30 -10.11 -0.38 5.97
C LYS A 30 -9.62 -0.65 4.54
N TYR A 31 -9.59 0.38 3.72
CA TYR A 31 -9.01 0.27 2.39
C TYR A 31 -7.49 0.34 2.53
N VAL A 32 -6.81 -0.73 2.17
CA VAL A 32 -5.39 -0.82 2.41
C VAL A 32 -4.60 -0.58 1.12
N LEU A 33 -3.76 0.44 1.15
CA LEU A 33 -2.88 0.73 0.03
C LEU A 33 -1.54 0.07 0.29
N VAL A 34 -1.17 -0.88 -0.55
CA VAL A 34 0.05 -1.65 -0.33
C VAL A 34 1.18 -1.16 -1.22
N ASP A 35 2.23 -0.63 -0.61
CA ASP A 35 3.37 -0.12 -1.36
C ASP A 35 4.43 -1.19 -1.53
N PHE A 36 4.53 -1.78 -2.70
CA PHE A 36 5.66 -2.66 -2.98
C PHE A 36 6.83 -1.81 -3.43
N TRP A 37 7.89 -1.78 -2.64
CA TRP A 37 9.00 -0.86 -2.92
C TRP A 37 10.30 -1.30 -2.28
N PHE A 38 11.33 -0.51 -2.54
CA PHE A 38 12.63 -0.63 -1.89
C PHE A 38 13.47 0.58 -2.25
N ALA A 39 14.41 0.92 -1.38
CA ALA A 39 15.34 2.01 -1.64
C ALA A 39 16.26 1.66 -2.80
N GLY A 40 15.78 1.96 -4.00
CA GLY A 40 16.54 1.71 -5.20
C GLY A 40 15.80 2.23 -6.41
N CYS A 41 14.53 1.91 -6.48
CA CYS A 41 13.67 2.47 -7.52
C CYS A 41 13.28 3.90 -7.14
N SER A 42 13.95 4.86 -7.78
CA SER A 42 13.84 6.26 -7.43
C SER A 42 12.45 6.84 -7.69
N TRP A 43 11.58 6.06 -8.34
CA TRP A 43 10.24 6.52 -8.64
C TRP A 43 9.35 6.43 -7.41
N CYS A 44 9.69 5.54 -6.47
CA CYS A 44 8.93 5.43 -5.22
C CYS A 44 8.93 6.77 -4.50
N ARG A 45 10.08 7.43 -4.48
CA ARG A 45 10.24 8.74 -3.85
C ARG A 45 9.36 9.80 -4.54
N LYS A 46 8.90 9.49 -5.74
CA LYS A 46 8.06 10.39 -6.52
C LYS A 46 6.59 10.26 -6.12
N GLU A 47 6.20 9.05 -5.74
CA GLU A 47 4.80 8.77 -5.43
C GLU A 47 4.49 9.17 -3.98
N THR A 48 5.55 9.21 -3.17
CA THR A 48 5.46 9.48 -1.72
C THR A 48 4.60 10.72 -1.37
N PRO A 49 4.84 11.90 -2.00
CA PRO A 49 4.07 13.12 -1.71
C PRO A 49 2.56 12.88 -1.68
N TYR A 50 2.06 12.19 -2.69
CA TYR A 50 0.63 11.91 -2.78
C TYR A 50 0.25 10.81 -1.81
N LEU A 51 1.15 9.85 -1.61
CA LEU A 51 0.93 8.76 -0.67
C LEU A 51 0.69 9.31 0.73
N LEU A 52 1.61 10.16 1.20
CA LEU A 52 1.52 10.76 2.52
C LEU A 52 0.25 11.60 2.63
N LYS A 53 -0.03 12.36 1.58
CA LYS A 53 -1.26 13.13 1.48
C LYS A 53 -2.48 12.24 1.66
N THR A 54 -2.54 11.17 0.88
CA THR A 54 -3.65 10.24 0.90
C THR A 54 -3.78 9.55 2.26
N TYR A 55 -2.65 9.09 2.79
CA TYR A 55 -2.63 8.43 4.09
C TYR A 55 -3.16 9.37 5.17
N ASN A 56 -2.61 10.57 5.21
CA ASN A 56 -2.98 11.54 6.25
C ASN A 56 -4.44 11.95 6.13
N ALA A 57 -4.92 12.10 4.90
CA ALA A 57 -6.29 12.59 4.68
C ALA A 57 -7.36 11.55 5.02
N PHE A 58 -7.09 10.26 4.80
CA PHE A 58 -8.15 9.26 4.91
C PHE A 58 -7.84 8.19 5.96
N LYS A 59 -6.77 8.38 6.71
CA LYS A 59 -6.34 7.41 7.72
C LYS A 59 -7.46 7.09 8.71
N ASP A 60 -8.07 8.12 9.25
CA ASP A 60 -9.09 7.96 10.28
C ASP A 60 -10.36 7.41 9.66
N LYS A 61 -10.72 7.96 8.50
CA LYS A 61 -11.97 7.61 7.82
C LYS A 61 -12.07 6.12 7.58
N GLY A 62 -11.27 5.60 6.66
CA GLY A 62 -11.35 4.18 6.33
C GLY A 62 -10.28 3.77 5.36
N PHE A 63 -9.13 4.40 5.45
CA PHE A 63 -8.01 4.11 4.55
C PHE A 63 -6.72 4.04 5.34
N THR A 64 -5.87 3.09 5.02
CA THR A 64 -4.58 2.96 5.66
C THR A 64 -3.56 2.36 4.69
N ILE A 65 -2.33 2.85 4.73
CA ILE A 65 -1.31 2.38 3.82
C ILE A 65 -0.42 1.34 4.50
N TYR A 66 -0.15 0.26 3.79
CA TYR A 66 0.65 -0.84 4.28
C TYR A 66 1.84 -1.02 3.34
N GLY A 67 2.96 -0.43 3.70
CA GLY A 67 4.14 -0.48 2.87
C GLY A 67 4.92 -1.75 3.07
N VAL A 68 5.15 -2.48 1.98
CA VAL A 68 5.95 -3.69 2.05
C VAL A 68 7.32 -3.44 1.44
N SER A 69 8.32 -3.46 2.29
CA SER A 69 9.66 -3.06 1.92
C SER A 69 10.56 -4.28 1.76
N THR A 70 11.37 -4.26 0.72
CA THR A 70 12.34 -5.31 0.48
C THR A 70 13.73 -4.68 0.32
N ASP A 71 14.00 -3.69 1.17
CA ASP A 71 15.25 -2.95 1.16
C ASP A 71 16.44 -3.87 1.42
N ARG A 72 17.64 -3.31 1.37
CA ARG A 72 18.84 -4.13 1.35
C ARG A 72 19.23 -4.58 2.75
N ARG A 73 18.70 -3.90 3.75
CA ARG A 73 19.01 -4.18 5.14
C ARG A 73 17.98 -3.47 6.02
N GLU A 74 17.84 -3.88 7.27
CA GLU A 74 16.85 -3.25 8.14
C GLU A 74 17.24 -1.81 8.43
N GLU A 75 18.52 -1.61 8.72
CA GLU A 75 19.08 -0.29 8.93
C GLU A 75 18.88 0.56 7.68
N ASP A 76 19.05 -0.09 6.53
CA ASP A 76 18.82 0.53 5.24
C ASP A 76 17.35 0.91 5.10
N TRP A 77 16.49 -0.02 5.45
CA TRP A 77 15.05 0.19 5.44
C TRP A 77 14.64 1.35 6.37
N LYS A 78 15.09 1.31 7.62
CA LYS A 78 14.82 2.39 8.56
C LYS A 78 15.28 3.73 7.97
N LYS A 79 16.50 3.72 7.42
CA LYS A 79 17.04 4.88 6.73
C LYS A 79 16.17 5.26 5.55
N ALA A 80 15.71 4.26 4.80
CA ALA A 80 14.90 4.48 3.62
C ALA A 80 13.56 5.12 3.96
N ILE A 81 13.02 4.78 5.12
CA ILE A 81 11.79 5.41 5.59
C ILE A 81 12.02 6.90 5.81
N GLU A 82 13.11 7.23 6.49
CA GLU A 82 13.48 8.62 6.70
C GLU A 82 13.87 9.28 5.37
N GLU A 83 14.53 8.52 4.52
CA GLU A 83 14.93 8.96 3.19
C GLU A 83 13.71 9.37 2.37
N ASP A 84 12.68 8.54 2.42
CA ASP A 84 11.50 8.68 1.56
C ASP A 84 10.46 9.62 2.16
N LYS A 85 10.47 9.73 3.50
CA LYS A 85 9.45 10.49 4.24
C LYS A 85 8.10 9.78 4.20
N SER A 86 8.14 8.49 3.94
CA SER A 86 6.95 7.67 3.97
C SER A 86 6.61 7.24 5.41
N TYR A 87 6.07 8.18 6.18
CA TYR A 87 5.78 7.93 7.59
C TYR A 87 4.43 7.23 7.76
N TRP A 88 4.39 5.93 7.51
CA TRP A 88 3.21 5.12 7.78
C TRP A 88 3.61 3.69 8.08
N ASN A 89 2.61 2.81 8.19
CA ASN A 89 2.86 1.43 8.59
C ASN A 89 3.59 0.65 7.49
N GLN A 90 4.85 0.36 7.74
CA GLN A 90 5.66 -0.39 6.81
C GLN A 90 6.21 -1.65 7.47
N VAL A 91 6.46 -2.66 6.66
CA VAL A 91 7.04 -3.90 7.13
C VAL A 91 8.12 -4.37 6.17
N LEU A 92 9.15 -4.99 6.70
CA LEU A 92 10.19 -5.57 5.88
C LEU A 92 9.78 -6.99 5.53
N LEU A 93 9.84 -7.32 4.24
CA LEU A 93 9.40 -8.62 3.76
C LEU A 93 10.29 -9.73 4.32
N GLN A 94 9.67 -10.84 4.72
CA GLN A 94 10.41 -11.96 5.30
C GLN A 94 11.06 -12.80 4.21
N LYS A 95 11.94 -13.72 4.61
CA LYS A 95 12.71 -14.54 3.68
C LYS A 95 11.83 -15.23 2.63
N ASP A 96 10.75 -15.83 3.08
CA ASP A 96 9.85 -16.52 2.16
C ASP A 96 8.82 -15.57 1.60
N ASP A 97 8.42 -14.61 2.42
CA ASP A 97 7.43 -13.61 2.04
C ASP A 97 7.85 -12.89 0.78
N VAL A 98 9.13 -12.48 0.72
CA VAL A 98 9.68 -11.83 -0.47
C VAL A 98 9.37 -12.63 -1.72
N LYS A 99 9.71 -13.92 -1.70
CA LYS A 99 9.57 -14.77 -2.86
C LYS A 99 8.12 -14.86 -3.33
N ASP A 100 7.28 -15.39 -2.47
CA ASP A 100 5.93 -15.77 -2.83
C ASP A 100 5.04 -14.56 -3.05
N VAL A 101 5.16 -13.57 -2.17
CA VAL A 101 4.32 -12.38 -2.26
C VAL A 101 4.68 -11.55 -3.50
N LEU A 102 5.96 -11.19 -3.63
CA LEU A 102 6.39 -10.35 -4.74
C LEU A 102 6.05 -10.98 -6.07
N GLU A 103 6.30 -12.28 -6.21
CA GLU A 103 5.98 -12.97 -7.43
C GLU A 103 4.47 -12.87 -7.70
N SER A 104 3.68 -13.43 -6.77
CA SER A 104 2.24 -13.64 -6.92
C SER A 104 1.49 -12.40 -7.41
N TYR A 105 1.84 -11.23 -6.91
CA TYR A 105 1.16 -10.00 -7.34
C TYR A 105 1.66 -9.56 -8.73
N CYS A 106 2.38 -10.45 -9.39
CA CYS A 106 3.00 -10.17 -10.68
C CYS A 106 3.97 -9.01 -10.54
N ILE A 107 4.74 -9.02 -9.47
CA ILE A 107 5.64 -7.89 -9.20
C ILE A 107 7.01 -8.14 -9.80
N VAL A 108 7.08 -8.00 -11.11
CA VAL A 108 8.34 -8.14 -11.83
C VAL A 108 9.05 -6.79 -11.91
N GLY A 109 8.28 -5.73 -11.70
CA GLY A 109 8.85 -4.40 -11.80
C GLY A 109 8.32 -3.48 -10.70
N PHE A 110 9.16 -2.53 -10.29
CA PHE A 110 8.82 -1.58 -9.25
C PHE A 110 8.79 -0.16 -9.81
N PRO A 111 8.03 0.75 -9.19
CA PRO A 111 7.23 0.48 -8.00
C PRO A 111 5.88 -0.14 -8.36
N HIS A 112 5.19 -0.67 -7.36
CA HIS A 112 3.88 -1.26 -7.55
C HIS A 112 3.00 -0.99 -6.33
N ILE A 113 2.01 -0.13 -6.50
CA ILE A 113 1.12 0.22 -5.41
C ILE A 113 -0.30 -0.25 -5.71
N ILE A 114 -0.88 -1.01 -4.78
CA ILE A 114 -2.22 -1.56 -4.98
C ILE A 114 -3.15 -1.15 -3.85
N LEU A 115 -4.45 -1.25 -4.10
CA LEU A 115 -5.45 -0.89 -3.11
C LEU A 115 -6.41 -2.05 -2.89
N VAL A 116 -6.38 -2.59 -1.68
CA VAL A 116 -7.26 -3.70 -1.32
C VAL A 116 -8.38 -3.22 -0.42
N ASP A 117 -9.55 -3.82 -0.58
CA ASP A 117 -10.70 -3.50 0.24
C ASP A 117 -10.55 -4.15 1.62
N PRO A 118 -11.45 -3.86 2.59
CA PRO A 118 -11.43 -4.50 3.92
C PRO A 118 -11.39 -6.03 3.88
N GLU A 119 -11.86 -6.61 2.78
CA GLU A 119 -11.85 -8.05 2.64
C GLU A 119 -10.54 -8.56 2.01
N GLY A 120 -9.63 -7.64 1.72
CA GLY A 120 -8.32 -8.01 1.23
C GLY A 120 -8.34 -8.38 -0.23
N LYS A 121 -9.27 -7.82 -0.98
CA LYS A 121 -9.37 -8.09 -2.40
C LYS A 121 -9.01 -6.83 -3.19
N ILE A 122 -8.32 -7.05 -4.30
CA ILE A 122 -7.79 -5.95 -5.09
C ILE A 122 -8.90 -5.22 -5.84
N VAL A 123 -9.25 -4.03 -5.36
CA VAL A 123 -10.26 -3.21 -6.01
C VAL A 123 -9.59 -2.20 -6.94
N ALA A 124 -8.37 -1.85 -6.61
CA ALA A 124 -7.55 -0.97 -7.44
C ALA A 124 -6.11 -1.42 -7.35
N LYS A 125 -5.33 -1.20 -8.39
CA LYS A 125 -3.97 -1.70 -8.42
C LYS A 125 -3.11 -0.99 -9.44
N GLU A 126 -1.80 -0.97 -9.19
CA GLU A 126 -0.80 -0.53 -10.15
C GLU A 126 -0.99 0.94 -10.51
N LEU A 127 -1.51 1.70 -9.55
CA LEU A 127 -1.74 3.12 -9.73
C LEU A 127 -0.46 3.89 -9.54
N ARG A 128 -0.46 5.15 -9.95
CA ARG A 128 0.69 6.03 -9.76
C ARG A 128 0.33 7.18 -8.84
N GLY A 129 1.33 7.89 -8.34
CA GLY A 129 1.13 8.94 -7.37
C GLY A 129 -0.06 9.83 -7.63
N ASP A 130 0.00 10.56 -8.74
CA ASP A 130 -1.06 11.49 -9.10
C ASP A 130 -2.41 10.80 -9.16
N ASP A 131 -2.40 9.56 -9.63
CA ASP A 131 -3.65 8.83 -9.85
C ASP A 131 -4.19 8.25 -8.56
N LEU A 132 -3.35 7.55 -7.82
CA LEU A 132 -3.78 6.91 -6.58
C LEU A 132 -4.37 7.94 -5.63
N TYR A 133 -3.81 9.14 -5.66
CA TYR A 133 -4.36 10.23 -4.88
C TYR A 133 -5.76 10.60 -5.38
N ASN A 134 -5.85 10.92 -6.67
CA ASN A 134 -7.12 11.30 -7.28
C ASN A 134 -8.15 10.19 -7.14
N THR A 135 -7.73 8.97 -7.39
CA THR A 135 -8.60 7.82 -7.31
C THR A 135 -9.09 7.56 -5.89
N VAL A 136 -8.19 7.54 -4.92
CA VAL A 136 -8.58 7.26 -3.54
C VAL A 136 -9.40 8.41 -2.96
N GLU A 137 -9.01 9.65 -3.25
CA GLU A 137 -9.75 10.81 -2.75
C GLU A 137 -11.15 10.84 -3.38
N LYS A 138 -11.22 10.43 -4.65
CA LYS A 138 -12.49 10.33 -5.36
C LYS A 138 -13.44 9.32 -4.70
N PHE A 139 -12.89 8.20 -4.25
CA PHE A 139 -13.73 7.17 -3.63
C PHE A 139 -13.91 7.38 -2.13
N VAL A 140 -12.79 7.51 -1.41
CA VAL A 140 -12.81 7.49 0.05
C VAL A 140 -13.17 8.85 0.64
N ASN A 141 -12.98 9.92 -0.12
CA ASN A 141 -13.31 11.25 0.40
C ASN A 141 -14.72 11.64 0.00
N GLY A 142 -14.96 11.73 -1.30
CA GLY A 142 -16.28 12.08 -1.80
C GLY A 142 -16.31 12.18 -3.31
N ALA A 143 -17.09 11.31 -3.93
CA ALA A 143 -17.19 11.28 -5.38
C ALA A 143 -18.02 12.46 -5.90
N LYS A 144 -19.14 12.71 -5.25
CA LYS A 144 -20.02 13.80 -5.64
C LYS A 144 -20.24 14.76 -4.48
N GLU A 145 -20.21 16.04 -4.78
CA GLU A 145 -20.33 17.08 -3.77
C GLU A 145 -21.81 17.40 -3.48
N GLY A 146 -22.69 16.48 -3.85
CA GLY A 146 -24.11 16.70 -3.67
C GLY A 146 -24.61 16.10 -2.38
N HIS A 147 -25.22 16.93 -1.53
CA HIS A 147 -25.78 16.46 -0.27
C HIS A 147 -27.02 15.59 -0.52
N HIS A 148 -26.88 14.30 -0.27
CA HIS A 148 -27.96 13.35 -0.47
C HIS A 148 -28.77 13.18 0.83
N HIS A 149 -28.37 13.93 1.84
CA HIS A 149 -29.04 13.88 3.14
C HIS A 149 -30.35 14.68 3.11
N HIS A 150 -31.31 14.17 2.37
CA HIS A 150 -32.64 14.77 2.30
C HIS A 150 -33.66 13.70 1.91
N HIS A 151 -33.20 12.46 1.85
CA HIS A 151 -34.04 11.32 1.45
C HIS A 151 -34.56 11.49 0.03
N HIS A 152 -33.71 11.19 -0.93
CA HIS A 152 -34.08 11.23 -2.34
C HIS A 152 -33.01 10.49 -3.15
N MET A 1 -5.57 -16.31 -13.93
CA MET A 1 -4.10 -16.42 -14.05
C MET A 1 -3.43 -15.31 -13.24
N SER A 2 -3.33 -14.13 -13.82
CA SER A 2 -2.78 -12.98 -13.12
C SER A 2 -3.90 -12.24 -12.38
N LEU A 3 -3.51 -11.34 -11.48
CA LEU A 3 -4.47 -10.56 -10.72
C LEU A 3 -4.93 -9.35 -11.52
N ALA A 4 -6.19 -8.98 -11.38
CA ALA A 4 -6.73 -7.84 -12.10
C ALA A 4 -7.56 -6.94 -11.19
N THR A 5 -8.87 -7.20 -11.14
CA THR A 5 -9.77 -6.44 -10.30
C THR A 5 -10.72 -7.38 -9.56
N GLY A 6 -10.84 -7.17 -8.26
CA GLY A 6 -11.69 -8.05 -7.46
C GLY A 6 -10.94 -9.26 -6.99
N SER A 7 -9.69 -9.38 -7.44
CA SER A 7 -8.84 -10.50 -7.10
C SER A 7 -8.45 -10.44 -5.63
N VAL A 8 -8.62 -11.55 -4.92
CA VAL A 8 -8.27 -11.61 -3.51
C VAL A 8 -6.75 -11.63 -3.34
N ALA A 9 -6.26 -10.81 -2.43
CA ALA A 9 -4.82 -10.69 -2.20
C ALA A 9 -4.34 -11.69 -1.17
N PRO A 10 -3.18 -12.32 -1.42
CA PRO A 10 -2.54 -13.24 -0.47
C PRO A 10 -2.18 -12.53 0.84
N ALA A 11 -1.94 -13.32 1.89
CA ALA A 11 -1.65 -12.76 3.19
C ALA A 11 -0.17 -12.44 3.36
N ILE A 12 0.17 -11.18 3.13
CA ILE A 12 1.53 -10.69 3.37
C ILE A 12 1.83 -10.72 4.86
N THR A 13 3.04 -11.09 5.22
CA THR A 13 3.47 -11.05 6.61
C THR A 13 4.86 -10.42 6.72
N GLY A 14 4.88 -9.09 6.86
CA GLY A 14 6.13 -8.37 6.86
C GLY A 14 6.57 -7.99 8.25
N ILE A 15 7.86 -7.80 8.41
CA ILE A 15 8.43 -7.46 9.71
C ILE A 15 8.39 -5.95 9.94
N ASP A 16 7.88 -5.55 11.10
CA ASP A 16 7.76 -4.13 11.43
C ASP A 16 9.10 -3.58 11.90
N LEU A 17 9.10 -2.33 12.34
CA LEU A 17 10.35 -1.65 12.70
C LEU A 17 10.94 -2.20 14.00
N LYS A 18 10.21 -3.06 14.69
CA LYS A 18 10.71 -3.66 15.93
C LYS A 18 11.26 -5.06 15.67
N GLY A 19 10.63 -5.77 14.75
CA GLY A 19 11.04 -7.12 14.46
C GLY A 19 9.88 -8.10 14.50
N ASN A 20 8.66 -7.57 14.56
CA ASN A 20 7.46 -8.39 14.62
C ASN A 20 6.93 -8.64 13.21
N SER A 21 6.59 -9.88 12.93
CA SER A 21 6.01 -10.24 11.65
C SER A 21 4.51 -9.97 11.65
N VAL A 22 4.12 -8.82 11.10
CA VAL A 22 2.72 -8.40 11.09
C VAL A 22 2.10 -8.71 9.73
N SER A 23 0.88 -9.24 9.75
CA SER A 23 0.24 -9.69 8.53
C SER A 23 -0.70 -8.63 7.97
N LEU A 24 -0.97 -8.72 6.67
CA LEU A 24 -1.91 -7.82 6.00
C LEU A 24 -3.30 -7.97 6.59
N ASN A 25 -3.59 -9.15 7.13
CA ASN A 25 -4.89 -9.44 7.72
C ASN A 25 -5.12 -8.59 8.96
N ASP A 26 -4.03 -8.27 9.66
CA ASP A 26 -4.12 -7.52 10.91
C ASP A 26 -4.42 -6.05 10.64
N PHE A 27 -4.39 -5.66 9.38
CA PHE A 27 -4.64 -4.29 8.99
C PHE A 27 -5.96 -4.19 8.26
N LYS A 28 -6.66 -5.31 8.18
CA LYS A 28 -7.92 -5.39 7.46
C LYS A 28 -9.01 -4.58 8.14
N GLY A 29 -10.19 -4.58 7.54
CA GLY A 29 -11.29 -3.76 8.02
C GLY A 29 -11.16 -2.33 7.59
N LYS A 30 -10.22 -2.09 6.68
CA LYS A 30 -9.93 -0.75 6.18
C LYS A 30 -9.60 -0.84 4.70
N TYR A 31 -9.56 0.30 4.03
CA TYR A 31 -9.03 0.36 2.68
C TYR A 31 -7.52 0.45 2.76
N VAL A 32 -6.86 -0.62 2.36
CA VAL A 32 -5.43 -0.75 2.52
C VAL A 32 -4.71 -0.52 1.20
N LEU A 33 -4.02 0.60 1.10
CA LEU A 33 -3.22 0.90 -0.08
C LEU A 33 -1.85 0.26 0.07
N VAL A 34 -1.59 -0.77 -0.71
CA VAL A 34 -0.35 -1.51 -0.61
C VAL A 34 0.65 -1.03 -1.66
N ASP A 35 1.67 -0.33 -1.20
CA ASP A 35 2.71 0.20 -2.07
C ASP A 35 3.96 -0.67 -1.98
N PHE A 36 4.39 -1.21 -3.10
CA PHE A 36 5.60 -2.01 -3.15
C PHE A 36 6.80 -1.13 -3.45
N TRP A 37 7.74 -1.07 -2.51
CA TRP A 37 8.89 -0.20 -2.66
C TRP A 37 10.14 -0.85 -2.06
N PHE A 38 11.26 -0.15 -2.21
CA PHE A 38 12.51 -0.54 -1.58
C PHE A 38 13.52 0.59 -1.77
N ALA A 39 14.58 0.58 -0.97
CA ALA A 39 15.60 1.60 -1.03
C ALA A 39 16.49 1.38 -2.26
N GLY A 40 16.03 1.88 -3.39
CA GLY A 40 16.78 1.75 -4.62
C GLY A 40 15.99 2.25 -5.81
N CYS A 41 14.71 1.86 -5.86
CA CYS A 41 13.84 2.32 -6.93
C CYS A 41 13.54 3.80 -6.74
N SER A 42 13.94 4.60 -7.71
CA SER A 42 13.77 6.04 -7.62
C SER A 42 12.29 6.43 -7.72
N TRP A 43 11.50 5.64 -8.43
CA TRP A 43 10.09 5.96 -8.63
C TRP A 43 9.28 5.73 -7.36
N CYS A 44 9.57 4.65 -6.65
CA CYS A 44 8.89 4.36 -5.39
C CYS A 44 9.12 5.49 -4.38
N ARG A 45 10.21 6.22 -4.55
CA ARG A 45 10.55 7.33 -3.66
C ARG A 45 9.85 8.61 -4.10
N LYS A 46 9.43 8.67 -5.37
CA LYS A 46 8.78 9.86 -5.91
C LYS A 46 7.29 9.85 -5.62
N GLU A 47 6.74 8.67 -5.40
CA GLU A 47 5.32 8.54 -5.12
C GLU A 47 5.03 8.91 -3.67
N THR A 48 6.07 8.86 -2.83
CA THR A 48 5.94 9.13 -1.41
C THR A 48 5.23 10.46 -1.11
N PRO A 49 5.67 11.60 -1.71
CA PRO A 49 5.00 12.90 -1.52
C PRO A 49 3.48 12.82 -1.74
N TYR A 50 3.08 12.19 -2.84
CA TYR A 50 1.67 12.04 -3.15
C TYR A 50 1.01 11.09 -2.15
N LEU A 51 1.74 10.05 -1.79
CA LEU A 51 1.27 9.04 -0.85
C LEU A 51 1.03 9.67 0.53
N LEU A 52 1.94 10.55 0.93
CA LEU A 52 1.83 11.24 2.22
C LEU A 52 0.58 12.12 2.24
N LYS A 53 0.33 12.81 1.14
CA LYS A 53 -0.87 13.62 1.01
C LYS A 53 -2.11 12.74 1.09
N THR A 54 -2.04 11.58 0.44
CA THR A 54 -3.12 10.60 0.49
C THR A 54 -3.35 10.12 1.93
N TYR A 55 -2.27 9.80 2.62
CA TYR A 55 -2.35 9.36 4.01
C TYR A 55 -3.07 10.39 4.87
N ASN A 56 -2.55 11.60 4.89
CA ASN A 56 -3.08 12.65 5.75
C ASN A 56 -4.54 12.98 5.45
N ALA A 57 -4.92 12.86 4.18
CA ALA A 57 -6.27 13.21 3.76
C ALA A 57 -7.29 12.13 4.09
N PHE A 58 -6.88 10.87 4.03
CA PHE A 58 -7.84 9.78 4.12
C PHE A 58 -7.68 8.99 5.42
N LYS A 59 -6.71 9.38 6.21
CA LYS A 59 -6.48 8.75 7.48
C LYS A 59 -7.68 8.95 8.39
N ASP A 60 -7.79 8.04 9.33
CA ASP A 60 -8.82 8.08 10.37
C ASP A 60 -10.22 7.89 9.80
N LYS A 61 -10.30 7.52 8.52
CA LYS A 61 -11.59 7.36 7.85
C LYS A 61 -11.74 5.95 7.28
N GLY A 62 -11.03 5.00 7.87
CA GLY A 62 -11.11 3.63 7.41
C GLY A 62 -10.16 3.36 6.25
N PHE A 63 -9.08 4.12 6.20
CA PHE A 63 -8.09 3.99 5.14
C PHE A 63 -6.70 3.99 5.76
N THR A 64 -5.82 3.16 5.24
CA THR A 64 -4.44 3.13 5.67
C THR A 64 -3.52 2.76 4.51
N ILE A 65 -2.25 3.08 4.66
CA ILE A 65 -1.26 2.78 3.63
C ILE A 65 -0.28 1.74 4.14
N TYR A 66 -0.13 0.68 3.36
CA TYR A 66 0.71 -0.44 3.74
C TYR A 66 1.94 -0.49 2.85
N GLY A 67 3.02 0.10 3.34
CA GLY A 67 4.25 0.15 2.58
C GLY A 67 5.02 -1.14 2.67
N VAL A 68 5.06 -1.87 1.57
CA VAL A 68 5.73 -3.15 1.51
C VAL A 68 7.12 -2.98 0.91
N SER A 69 8.14 -3.18 1.74
CA SER A 69 9.50 -3.02 1.29
C SER A 69 10.21 -4.37 1.29
N THR A 70 11.11 -4.57 0.34
CA THR A 70 11.83 -5.82 0.22
C THR A 70 13.34 -5.58 0.19
N ASP A 71 13.80 -4.74 1.11
CA ASP A 71 15.21 -4.44 1.23
C ASP A 71 15.96 -5.62 1.82
N ARG A 72 17.28 -5.53 1.83
CA ARG A 72 18.12 -6.54 2.45
C ARG A 72 18.87 -5.92 3.61
N ARG A 73 18.56 -4.66 3.84
CA ARG A 73 19.09 -3.91 4.97
C ARG A 73 17.96 -3.35 5.80
N GLU A 74 17.95 -3.66 7.07
CA GLU A 74 16.98 -3.06 7.97
C GLU A 74 17.40 -1.63 8.27
N GLU A 75 18.71 -1.43 8.33
CA GLU A 75 19.28 -0.11 8.58
C GLU A 75 18.85 0.85 7.49
N ASP A 76 19.05 0.45 6.24
CA ASP A 76 18.69 1.27 5.09
C ASP A 76 17.18 1.46 5.04
N TRP A 77 16.42 0.43 5.39
CA TRP A 77 14.97 0.53 5.44
C TRP A 77 14.53 1.58 6.46
N LYS A 78 15.04 1.47 7.70
CA LYS A 78 14.77 2.45 8.74
C LYS A 78 15.18 3.85 8.29
N LYS A 79 16.37 3.92 7.70
CA LYS A 79 16.92 5.20 7.26
C LYS A 79 16.13 5.76 6.07
N ALA A 80 15.61 4.89 5.22
CA ALA A 80 14.81 5.32 4.08
C ALA A 80 13.52 5.97 4.54
N ILE A 81 12.96 5.44 5.62
CA ILE A 81 11.77 6.02 6.23
C ILE A 81 12.10 7.41 6.77
N GLU A 82 13.31 7.54 7.32
CA GLU A 82 13.80 8.82 7.82
C GLU A 82 14.00 9.79 6.66
N GLU A 83 14.48 9.28 5.52
CA GLU A 83 14.68 10.10 4.33
C GLU A 83 13.39 10.77 3.87
N ASP A 84 12.39 9.97 3.57
CA ASP A 84 11.14 10.45 2.98
C ASP A 84 10.16 10.94 4.04
N LYS A 85 10.43 10.62 5.30
CA LYS A 85 9.53 10.96 6.41
C LYS A 85 8.17 10.32 6.22
N SER A 86 8.17 9.11 5.71
CA SER A 86 6.95 8.38 5.47
C SER A 86 6.40 7.81 6.78
N TYR A 87 5.25 8.28 7.21
CA TYR A 87 4.67 7.82 8.46
C TYR A 87 3.40 7.03 8.23
N TRP A 88 3.55 5.74 7.96
CA TRP A 88 2.41 4.83 7.83
C TRP A 88 2.85 3.39 8.05
N ASN A 89 1.96 2.45 7.76
CA ASN A 89 2.23 1.04 8.04
C ASN A 89 3.22 0.46 7.04
N GLN A 90 4.50 0.54 7.37
CA GLN A 90 5.54 0.02 6.51
C GLN A 90 6.18 -1.22 7.12
N VAL A 91 6.33 -2.25 6.31
CA VAL A 91 6.91 -3.52 6.77
C VAL A 91 8.00 -3.99 5.81
N LEU A 92 8.91 -4.79 6.34
CA LEU A 92 9.96 -5.38 5.52
C LEU A 92 9.66 -6.85 5.30
N LEU A 93 9.58 -7.25 4.04
CA LEU A 93 9.25 -8.63 3.69
C LEU A 93 10.30 -9.60 4.21
N GLN A 94 9.84 -10.74 4.70
CA GLN A 94 10.75 -11.76 5.21
C GLN A 94 11.47 -12.44 4.06
N LYS A 95 12.52 -13.20 4.38
CA LYS A 95 13.35 -13.85 3.36
C LYS A 95 12.50 -14.65 2.38
N ASP A 96 11.76 -15.60 2.93
CA ASP A 96 10.95 -16.50 2.12
C ASP A 96 9.65 -15.82 1.70
N ASP A 97 9.21 -14.86 2.51
CA ASP A 97 7.98 -14.12 2.27
C ASP A 97 8.08 -13.30 0.98
N VAL A 98 9.28 -12.72 0.74
CA VAL A 98 9.56 -11.98 -0.49
C VAL A 98 9.15 -12.79 -1.72
N LYS A 99 9.48 -14.07 -1.70
CA LYS A 99 9.21 -14.96 -2.81
C LYS A 99 7.72 -15.01 -3.16
N ASP A 100 6.91 -15.37 -2.19
CA ASP A 100 5.48 -15.59 -2.44
C ASP A 100 4.75 -14.29 -2.68
N VAL A 101 5.03 -13.28 -1.87
CA VAL A 101 4.37 -11.98 -2.00
C VAL A 101 4.64 -11.35 -3.36
N LEU A 102 5.92 -11.12 -3.66
CA LEU A 102 6.28 -10.43 -4.89
C LEU A 102 5.78 -11.17 -6.12
N GLU A 103 5.92 -12.49 -6.13
CA GLU A 103 5.42 -13.28 -7.25
C GLU A 103 3.92 -13.08 -7.41
N SER A 104 3.17 -13.48 -6.36
CA SER A 104 1.71 -13.63 -6.41
C SER A 104 1.01 -12.37 -6.91
N TYR A 105 1.46 -11.21 -6.47
CA TYR A 105 0.84 -9.95 -6.89
C TYR A 105 1.23 -9.59 -8.32
N CYS A 106 1.83 -10.56 -9.01
CA CYS A 106 2.26 -10.41 -10.39
C CYS A 106 3.34 -9.34 -10.47
N ILE A 107 4.23 -9.36 -9.47
CA ILE A 107 5.23 -8.30 -9.38
C ILE A 107 6.52 -8.69 -10.08
N VAL A 108 6.56 -8.43 -11.37
CA VAL A 108 7.75 -8.68 -12.17
C VAL A 108 8.63 -7.43 -12.26
N GLY A 109 8.10 -6.31 -11.75
CA GLY A 109 8.82 -5.07 -11.80
C GLY A 109 8.26 -4.02 -10.85
N PHE A 110 9.05 -3.00 -10.58
CA PHE A 110 8.64 -1.92 -9.68
C PHE A 110 8.65 -0.59 -10.42
N PRO A 111 7.87 0.41 -9.95
CA PRO A 111 7.02 0.28 -8.77
C PRO A 111 5.71 -0.44 -9.06
N HIS A 112 4.92 -0.67 -8.02
CA HIS A 112 3.60 -1.28 -8.15
C HIS A 112 2.77 -0.97 -6.91
N ILE A 113 1.59 -0.41 -7.14
CA ILE A 113 0.70 0.00 -6.04
C ILE A 113 -0.67 -0.63 -6.23
N ILE A 114 -1.24 -1.16 -5.16
CA ILE A 114 -2.56 -1.80 -5.22
C ILE A 114 -3.44 -1.31 -4.08
N LEU A 115 -4.73 -1.21 -4.35
CA LEU A 115 -5.69 -0.80 -3.33
C LEU A 115 -6.54 -2.00 -2.92
N VAL A 116 -6.35 -2.44 -1.68
CA VAL A 116 -7.04 -3.60 -1.14
C VAL A 116 -8.22 -3.18 -0.28
N ASP A 117 -9.36 -3.83 -0.46
CA ASP A 117 -10.56 -3.55 0.32
C ASP A 117 -10.46 -4.25 1.68
N PRO A 118 -11.34 -3.90 2.65
CA PRO A 118 -11.36 -4.50 3.99
C PRO A 118 -11.30 -6.04 4.00
N GLU A 119 -11.95 -6.67 3.02
CA GLU A 119 -11.96 -8.13 2.96
C GLU A 119 -10.63 -8.68 2.47
N GLY A 120 -9.93 -7.90 1.66
CA GLY A 120 -8.64 -8.33 1.15
C GLY A 120 -8.66 -8.58 -0.34
N LYS A 121 -9.49 -7.85 -1.06
CA LYS A 121 -9.56 -7.95 -2.50
C LYS A 121 -9.05 -6.67 -3.15
N ILE A 122 -8.32 -6.82 -4.23
CA ILE A 122 -7.75 -5.67 -4.94
C ILE A 122 -8.81 -5.01 -5.81
N VAL A 123 -9.27 -3.84 -5.40
CA VAL A 123 -10.29 -3.12 -6.14
C VAL A 123 -9.67 -2.17 -7.17
N ALA A 124 -8.44 -1.77 -6.91
CA ALA A 124 -7.70 -0.90 -7.82
C ALA A 124 -6.25 -1.35 -7.87
N LYS A 125 -5.69 -1.44 -9.06
CA LYS A 125 -4.35 -1.98 -9.22
C LYS A 125 -3.52 -1.13 -10.16
N GLU A 126 -2.27 -0.90 -9.76
CA GLU A 126 -1.27 -0.23 -10.60
C GLU A 126 -1.60 1.24 -10.80
N LEU A 127 -1.83 1.92 -9.68
CA LEU A 127 -2.06 3.36 -9.68
C LEU A 127 -0.72 4.08 -9.71
N ARG A 128 -0.71 5.32 -10.18
CA ARG A 128 0.51 6.08 -10.37
C ARG A 128 0.36 7.48 -9.81
N GLY A 129 1.48 8.06 -9.37
CA GLY A 129 1.54 9.48 -9.04
C GLY A 129 0.41 9.94 -8.13
N ASP A 130 -0.09 11.14 -8.40
CA ASP A 130 -1.21 11.67 -7.63
C ASP A 130 -2.52 11.04 -8.10
N ASP A 131 -2.44 10.34 -9.22
CA ASP A 131 -3.59 9.65 -9.78
C ASP A 131 -4.13 8.64 -8.77
N LEU A 132 -3.24 8.05 -7.98
CA LEU A 132 -3.65 7.12 -6.95
C LEU A 132 -4.48 7.84 -5.88
N TYR A 133 -4.08 9.08 -5.59
CA TYR A 133 -4.80 9.91 -4.64
C TYR A 133 -6.19 10.22 -5.16
N ASN A 134 -6.25 10.68 -6.40
CA ASN A 134 -7.51 11.07 -7.03
C ASN A 134 -8.48 9.88 -7.10
N THR A 135 -7.93 8.70 -7.32
CA THR A 135 -8.74 7.49 -7.34
C THR A 135 -9.35 7.22 -5.95
N VAL A 136 -8.49 7.24 -4.93
CA VAL A 136 -8.94 7.04 -3.56
C VAL A 136 -9.89 8.16 -3.13
N GLU A 137 -9.61 9.37 -3.61
CA GLU A 137 -10.47 10.53 -3.34
C GLU A 137 -11.88 10.24 -3.84
N LYS A 138 -11.97 9.69 -5.03
CA LYS A 138 -13.25 9.40 -5.64
C LYS A 138 -13.90 8.17 -5.01
N PHE A 139 -13.12 7.37 -4.31
CA PHE A 139 -13.66 6.20 -3.62
C PHE A 139 -14.18 6.55 -2.23
N VAL A 140 -13.32 7.10 -1.39
CA VAL A 140 -13.66 7.35 0.01
C VAL A 140 -14.43 8.66 0.18
N ASN A 141 -13.84 9.74 -0.31
CA ASN A 141 -14.41 11.07 -0.13
C ASN A 141 -15.56 11.31 -1.11
N GLY A 142 -15.23 11.34 -2.39
CA GLY A 142 -16.23 11.63 -3.40
C GLY A 142 -16.76 10.38 -4.07
N ALA A 143 -17.25 9.44 -3.28
CA ALA A 143 -17.85 8.21 -3.81
C ALA A 143 -18.97 8.54 -4.78
N LYS A 144 -19.93 9.31 -4.28
CA LYS A 144 -21.01 9.84 -5.10
C LYS A 144 -21.24 11.31 -4.75
N GLU A 145 -20.32 11.85 -3.95
CA GLU A 145 -20.44 13.21 -3.46
C GLU A 145 -19.64 14.15 -4.35
N GLY A 146 -18.35 14.31 -4.04
CA GLY A 146 -17.49 15.16 -4.84
C GLY A 146 -17.57 16.61 -4.41
N HIS A 147 -17.63 16.83 -3.09
CA HIS A 147 -17.59 18.17 -2.49
C HIS A 147 -18.94 18.88 -2.61
N HIS A 148 -19.46 18.95 -3.84
CA HIS A 148 -20.71 19.67 -4.13
C HIS A 148 -20.72 21.04 -3.46
N HIS A 149 -21.53 21.18 -2.41
CA HIS A 149 -21.64 22.40 -1.61
C HIS A 149 -21.94 23.63 -2.48
N HIS A 150 -23.22 23.94 -2.63
CA HIS A 150 -23.62 25.11 -3.39
C HIS A 150 -23.91 26.28 -2.46
N HIS A 151 -23.99 27.48 -3.04
CA HIS A 151 -24.28 28.68 -2.29
C HIS A 151 -24.95 29.71 -3.19
N HIS A 152 -25.83 30.51 -2.59
CA HIS A 152 -26.36 31.69 -3.25
C HIS A 152 -26.22 32.86 -2.28
N MET A 1 0.41 -15.56 -14.32
CA MET A 1 0.52 -15.15 -12.91
C MET A 1 0.29 -13.64 -12.77
N SER A 2 -0.83 -13.28 -12.15
CA SER A 2 -1.21 -11.88 -11.96
C SER A 2 -2.63 -11.80 -11.40
N LEU A 3 -2.83 -10.87 -10.47
CA LEU A 3 -4.16 -10.58 -9.96
C LEU A 3 -4.56 -9.19 -10.44
N ALA A 4 -5.76 -9.08 -11.00
CA ALA A 4 -6.19 -7.83 -11.62
C ALA A 4 -7.14 -7.06 -10.73
N THR A 5 -8.44 -7.31 -10.88
CA THR A 5 -9.45 -6.57 -10.14
C THR A 5 -10.52 -7.52 -9.60
N GLY A 6 -10.75 -7.46 -8.30
CA GLY A 6 -11.76 -8.30 -7.68
C GLY A 6 -11.19 -9.59 -7.17
N SER A 7 -10.00 -9.93 -7.65
CA SER A 7 -9.32 -11.14 -7.26
C SER A 7 -8.73 -11.01 -5.86
N VAL A 8 -8.96 -12.02 -5.03
CA VAL A 8 -8.44 -12.03 -3.67
C VAL A 8 -6.93 -12.27 -3.67
N ALA A 9 -6.22 -11.52 -2.85
CA ALA A 9 -4.77 -11.61 -2.77
C ALA A 9 -4.33 -12.29 -1.47
N PRO A 10 -3.23 -13.05 -1.54
CA PRO A 10 -2.65 -13.72 -0.36
C PRO A 10 -2.19 -12.72 0.71
N ALA A 11 -2.16 -13.17 1.95
CA ALA A 11 -1.81 -12.31 3.07
C ALA A 11 -0.31 -12.02 3.08
N ILE A 12 0.03 -10.77 3.38
CA ILE A 12 1.43 -10.34 3.42
C ILE A 12 1.97 -10.41 4.84
N THR A 13 3.19 -10.90 4.99
CA THR A 13 3.83 -10.99 6.30
C THR A 13 5.13 -10.18 6.31
N GLY A 14 5.12 -9.04 7.00
CA GLY A 14 6.29 -8.19 7.02
C GLY A 14 6.57 -7.62 8.39
N ILE A 15 7.83 -7.28 8.64
CA ILE A 15 8.23 -6.69 9.90
C ILE A 15 8.12 -5.17 9.82
N ASP A 16 7.34 -4.58 10.71
CA ASP A 16 7.03 -3.15 10.64
C ASP A 16 8.21 -2.29 11.08
N LEU A 17 7.99 -0.98 11.06
CA LEU A 17 9.02 -0.01 11.42
C LEU A 17 9.52 -0.21 12.85
N LYS A 18 8.65 -0.69 13.72
CA LYS A 18 9.01 -0.88 15.13
C LYS A 18 9.82 -2.16 15.29
N GLY A 19 9.48 -3.17 14.50
CA GLY A 19 10.18 -4.44 14.58
C GLY A 19 9.25 -5.59 14.91
N ASN A 20 7.96 -5.39 14.65
CA ASN A 20 6.96 -6.41 14.92
C ASN A 20 6.50 -7.05 13.62
N SER A 21 6.20 -8.34 13.68
CA SER A 21 5.70 -9.05 12.52
C SER A 21 4.23 -8.73 12.29
N VAL A 22 3.97 -7.89 11.28
CA VAL A 22 2.62 -7.48 10.96
C VAL A 22 2.12 -8.23 9.73
N SER A 23 0.84 -8.57 9.73
CA SER A 23 0.26 -9.29 8.61
C SER A 23 -0.92 -8.51 8.04
N LEU A 24 -1.31 -8.85 6.81
CA LEU A 24 -2.42 -8.19 6.13
C LEU A 24 -3.75 -8.41 6.87
N ASN A 25 -3.73 -9.27 7.89
CA ASN A 25 -4.92 -9.59 8.66
C ASN A 25 -5.42 -8.37 9.44
N ASP A 26 -4.52 -7.49 9.81
CA ASP A 26 -4.90 -6.24 10.51
C ASP A 26 -5.58 -5.28 9.56
N PHE A 27 -5.23 -5.40 8.30
CA PHE A 27 -5.67 -4.46 7.30
C PHE A 27 -7.00 -4.91 6.78
N LYS A 28 -7.47 -5.97 7.39
CA LYS A 28 -8.76 -6.53 7.07
C LYS A 28 -9.85 -5.80 7.84
N GLY A 29 -10.32 -4.72 7.25
CA GLY A 29 -11.24 -3.83 7.91
C GLY A 29 -10.91 -2.38 7.60
N LYS A 30 -9.74 -2.20 6.98
CA LYS A 30 -9.31 -0.89 6.52
C LYS A 30 -9.17 -0.91 5.01
N TYR A 31 -9.12 0.26 4.40
CA TYR A 31 -8.80 0.37 2.99
C TYR A 31 -7.27 0.38 2.84
N VAL A 32 -6.75 -0.59 2.10
CA VAL A 32 -5.32 -0.81 2.07
C VAL A 32 -4.69 -0.35 0.76
N LEU A 33 -3.70 0.52 0.88
CA LEU A 33 -2.93 0.94 -0.28
C LEU A 33 -1.58 0.26 -0.23
N VAL A 34 -1.43 -0.83 -0.97
CA VAL A 34 -0.24 -1.65 -0.91
C VAL A 34 0.78 -1.22 -1.95
N ASP A 35 1.99 -0.91 -1.50
CA ASP A 35 3.08 -0.56 -2.40
C ASP A 35 4.23 -1.52 -2.22
N PHE A 36 4.92 -1.83 -3.31
CA PHE A 36 6.13 -2.65 -3.25
C PHE A 36 7.33 -1.85 -3.73
N TRP A 37 8.32 -1.66 -2.86
CA TRP A 37 9.47 -0.84 -3.20
C TRP A 37 10.74 -1.34 -2.53
N PHE A 38 11.84 -0.70 -2.88
CA PHE A 38 13.12 -0.88 -2.20
C PHE A 38 14.02 0.30 -2.57
N ALA A 39 15.11 0.48 -1.84
CA ALA A 39 15.96 1.67 -1.98
C ALA A 39 16.55 1.80 -3.38
N GLY A 40 16.65 0.68 -4.10
CA GLY A 40 17.26 0.68 -5.41
C GLY A 40 16.44 1.45 -6.45
N CYS A 41 15.12 1.33 -6.39
CA CYS A 41 14.28 2.01 -7.36
C CYS A 41 14.00 3.44 -6.93
N SER A 42 14.71 4.38 -7.53
CA SER A 42 14.63 5.79 -7.14
C SER A 42 13.29 6.44 -7.53
N TRP A 43 12.37 5.65 -8.07
CA TRP A 43 11.07 6.16 -8.46
C TRP A 43 10.09 6.18 -7.29
N CYS A 44 10.26 5.24 -6.36
CA CYS A 44 9.34 5.14 -5.23
C CYS A 44 9.49 6.34 -4.30
N ARG A 45 10.69 6.93 -4.26
CA ARG A 45 10.94 8.08 -3.42
C ARG A 45 10.35 9.33 -4.07
N LYS A 46 10.03 9.21 -5.35
CA LYS A 46 9.42 10.30 -6.10
C LYS A 46 7.94 10.39 -5.80
N GLU A 47 7.37 9.27 -5.38
CA GLU A 47 5.94 9.21 -5.07
C GLU A 47 5.70 9.32 -3.57
N THR A 48 6.78 9.44 -2.80
CA THR A 48 6.69 9.63 -1.36
C THR A 48 5.75 10.80 -0.99
N PRO A 49 5.94 12.01 -1.59
CA PRO A 49 5.07 13.16 -1.32
C PRO A 49 3.58 12.87 -1.55
N TYR A 50 3.28 12.13 -2.63
CA TYR A 50 1.90 11.81 -2.96
C TYR A 50 1.31 10.87 -1.93
N LEU A 51 2.08 9.86 -1.56
CA LEU A 51 1.67 8.90 -0.54
C LEU A 51 1.49 9.60 0.81
N LEU A 52 2.41 10.51 1.12
CA LEU A 52 2.36 11.25 2.37
C LEU A 52 1.05 12.04 2.47
N LYS A 53 0.71 12.74 1.39
CA LYS A 53 -0.54 13.48 1.33
C LYS A 53 -1.74 12.54 1.52
N THR A 54 -1.70 11.43 0.82
CA THR A 54 -2.78 10.45 0.85
C THR A 54 -2.96 9.86 2.25
N TYR A 55 -1.86 9.40 2.85
CA TYR A 55 -1.94 8.77 4.16
C TYR A 55 -2.47 9.74 5.21
N ASN A 56 -2.02 10.99 5.14
CA ASN A 56 -2.39 12.00 6.12
C ASN A 56 -3.88 12.36 6.01
N ALA A 57 -4.38 12.34 4.79
CA ALA A 57 -5.77 12.72 4.54
C ALA A 57 -6.74 11.56 4.72
N PHE A 58 -6.26 10.34 4.51
CA PHE A 58 -7.13 9.16 4.54
C PHE A 58 -7.01 8.37 5.84
N LYS A 59 -6.04 8.73 6.68
CA LYS A 59 -5.76 7.97 7.90
C LYS A 59 -7.00 7.88 8.80
N ASP A 60 -7.80 8.93 8.80
CA ASP A 60 -8.97 9.00 9.67
C ASP A 60 -10.20 8.42 8.99
N LYS A 61 -10.01 7.93 7.76
CA LYS A 61 -11.12 7.42 6.96
C LYS A 61 -11.11 5.90 6.90
N GLY A 62 -10.40 5.27 7.85
CA GLY A 62 -10.28 3.82 7.84
C GLY A 62 -9.41 3.34 6.70
N PHE A 63 -8.38 4.10 6.42
CA PHE A 63 -7.49 3.82 5.30
C PHE A 63 -6.06 3.86 5.77
N THR A 64 -5.24 2.99 5.23
CA THR A 64 -3.84 2.93 5.58
C THR A 64 -3.00 2.55 4.37
N ILE A 65 -1.89 3.24 4.19
CA ILE A 65 -0.96 2.91 3.13
C ILE A 65 0.01 1.87 3.63
N TYR A 66 -0.02 0.72 3.00
CA TYR A 66 0.80 -0.41 3.40
C TYR A 66 2.01 -0.50 2.49
N GLY A 67 3.10 0.11 2.91
CA GLY A 67 4.30 0.12 2.11
C GLY A 67 5.16 -1.11 2.37
N VAL A 68 5.25 -1.96 1.38
CA VAL A 68 5.93 -3.23 1.54
C VAL A 68 7.29 -3.19 0.85
N SER A 69 8.35 -3.38 1.62
CA SER A 69 9.69 -3.37 1.09
C SER A 69 10.41 -4.66 1.43
N THR A 70 11.40 -5.00 0.63
CA THR A 70 12.21 -6.18 0.87
C THR A 70 13.68 -5.84 0.62
N ASP A 71 14.11 -4.74 1.24
CA ASP A 71 15.45 -4.21 1.01
C ASP A 71 16.54 -5.16 1.53
N ARG A 72 17.78 -4.70 1.42
CA ARG A 72 18.95 -5.48 1.76
C ARG A 72 19.15 -5.54 3.27
N ARG A 73 18.66 -4.52 3.94
CA ARG A 73 19.02 -4.29 5.33
C ARG A 73 17.87 -3.63 6.05
N GLU A 74 17.46 -4.19 7.19
CA GLU A 74 16.36 -3.62 7.95
C GLU A 74 16.70 -2.21 8.40
N GLU A 75 17.94 -2.03 8.85
CA GLU A 75 18.38 -0.73 9.33
C GLU A 75 18.38 0.29 8.20
N ASP A 76 18.83 -0.12 7.02
CA ASP A 76 18.84 0.77 5.86
C ASP A 76 17.42 1.11 5.44
N TRP A 77 16.52 0.15 5.61
CA TRP A 77 15.10 0.39 5.38
C TRP A 77 14.58 1.45 6.36
N LYS A 78 14.69 1.19 7.67
CA LYS A 78 14.30 2.18 8.69
C LYS A 78 14.98 3.52 8.44
N LYS A 79 16.27 3.45 8.10
CA LYS A 79 17.11 4.61 7.86
C LYS A 79 16.55 5.45 6.71
N ALA A 80 16.25 4.79 5.61
CA ALA A 80 15.70 5.46 4.44
C ALA A 80 14.31 6.01 4.74
N ILE A 81 13.51 5.22 5.45
CA ILE A 81 12.17 5.64 5.84
C ILE A 81 12.20 6.95 6.61
N GLU A 82 13.13 7.03 7.56
CA GLU A 82 13.29 8.23 8.36
C GLU A 82 13.60 9.42 7.47
N GLU A 83 14.69 9.35 6.72
CA GLU A 83 15.19 10.49 5.96
C GLU A 83 14.28 10.86 4.78
N ASP A 84 13.67 9.86 4.18
CA ASP A 84 12.73 10.08 3.08
C ASP A 84 11.43 10.70 3.59
N LYS A 85 11.28 10.69 4.92
CA LYS A 85 10.16 11.32 5.60
C LYS A 85 8.84 10.64 5.24
N SER A 86 8.93 9.35 5.01
CA SER A 86 7.77 8.55 4.67
C SER A 86 7.21 7.86 5.90
N TYR A 87 6.45 8.60 6.70
CA TYR A 87 5.94 8.09 7.96
C TYR A 87 4.55 7.47 7.78
N TRP A 88 4.52 6.17 7.48
CA TRP A 88 3.27 5.41 7.46
C TRP A 88 3.54 3.93 7.67
N ASN A 89 2.47 3.16 7.74
CA ASN A 89 2.55 1.73 8.02
C ASN A 89 3.28 0.97 6.93
N GLN A 90 4.56 0.72 7.16
CA GLN A 90 5.39 0.00 6.21
C GLN A 90 6.01 -1.22 6.86
N VAL A 91 6.24 -2.26 6.07
CA VAL A 91 6.82 -3.49 6.60
C VAL A 91 7.93 -4.01 5.70
N LEU A 92 8.88 -4.69 6.30
CA LEU A 92 9.95 -5.34 5.58
C LEU A 92 9.61 -6.81 5.40
N LEU A 93 9.50 -7.24 4.15
CA LEU A 93 9.14 -8.62 3.85
C LEU A 93 10.18 -9.60 4.33
N GLN A 94 9.69 -10.68 4.91
CA GLN A 94 10.55 -11.81 5.22
C GLN A 94 10.89 -12.51 3.91
N LYS A 95 12.08 -13.06 3.82
CA LYS A 95 12.59 -13.57 2.54
C LYS A 95 11.85 -14.82 2.13
N ASP A 96 11.16 -15.41 3.09
CA ASP A 96 10.27 -16.52 2.83
C ASP A 96 8.94 -16.02 2.25
N ASP A 97 8.39 -14.98 2.89
CA ASP A 97 7.10 -14.39 2.49
C ASP A 97 7.21 -13.67 1.14
N VAL A 98 8.37 -13.06 0.90
CA VAL A 98 8.65 -12.29 -0.33
C VAL A 98 8.16 -13.00 -1.59
N LYS A 99 8.40 -14.31 -1.65
CA LYS A 99 8.19 -15.09 -2.87
C LYS A 99 6.77 -14.95 -3.41
N ASP A 100 5.80 -15.41 -2.63
CA ASP A 100 4.42 -15.47 -3.09
C ASP A 100 3.83 -14.07 -3.23
N VAL A 101 4.01 -13.27 -2.18
CA VAL A 101 3.44 -11.93 -2.13
C VAL A 101 3.82 -11.12 -3.37
N LEU A 102 5.09 -11.14 -3.73
CA LEU A 102 5.54 -10.41 -4.91
C LEU A 102 4.88 -10.98 -6.16
N GLU A 103 5.10 -12.26 -6.42
CA GLU A 103 4.58 -12.89 -7.62
C GLU A 103 3.08 -12.65 -7.76
N SER A 104 2.33 -13.15 -6.77
CA SER A 104 0.87 -13.15 -6.80
C SER A 104 0.27 -11.76 -6.99
N TYR A 105 0.90 -10.75 -6.39
CA TYR A 105 0.42 -9.38 -6.53
C TYR A 105 0.81 -8.80 -7.89
N CYS A 106 1.23 -9.68 -8.78
CA CYS A 106 1.63 -9.34 -10.14
C CYS A 106 2.85 -8.44 -10.12
N ILE A 107 3.94 -8.95 -9.56
CA ILE A 107 5.17 -8.16 -9.55
C ILE A 107 5.96 -8.34 -10.83
N VAL A 108 5.71 -7.43 -11.76
CA VAL A 108 6.50 -7.33 -12.98
C VAL A 108 7.42 -6.12 -12.87
N GLY A 109 6.94 -5.12 -12.17
CA GLY A 109 7.72 -3.91 -11.93
C GLY A 109 7.24 -3.17 -10.71
N PHE A 110 8.16 -2.45 -10.07
CA PHE A 110 7.83 -1.68 -8.88
C PHE A 110 8.70 -0.41 -8.84
N PRO A 111 8.31 0.65 -8.08
CA PRO A 111 7.13 0.73 -7.19
C PRO A 111 5.85 0.16 -7.80
N HIS A 112 5.04 -0.43 -6.93
CA HIS A 112 3.86 -1.15 -7.36
C HIS A 112 2.73 -0.87 -6.38
N ILE A 113 1.90 0.11 -6.71
CA ILE A 113 0.87 0.61 -5.82
C ILE A 113 -0.51 0.05 -6.19
N ILE A 114 -1.08 -0.75 -5.32
CA ILE A 114 -2.39 -1.33 -5.57
C ILE A 114 -3.34 -1.06 -4.41
N LEU A 115 -4.63 -1.30 -4.63
CA LEU A 115 -5.64 -1.06 -3.62
C LEU A 115 -6.28 -2.38 -3.20
N VAL A 116 -6.14 -2.72 -1.93
CA VAL A 116 -6.72 -3.93 -1.38
C VAL A 116 -7.85 -3.58 -0.41
N ASP A 117 -8.94 -4.33 -0.48
CA ASP A 117 -10.10 -4.09 0.37
C ASP A 117 -10.00 -4.94 1.66
N PRO A 118 -10.87 -4.69 2.65
CA PRO A 118 -10.94 -5.48 3.89
C PRO A 118 -10.96 -7.00 3.66
N GLU A 119 -11.64 -7.46 2.61
CA GLU A 119 -11.69 -8.89 2.31
C GLU A 119 -10.35 -9.39 1.80
N GLY A 120 -9.54 -8.49 1.29
CA GLY A 120 -8.23 -8.84 0.79
C GLY A 120 -8.21 -8.99 -0.70
N LYS A 121 -9.15 -8.35 -1.37
CA LYS A 121 -9.23 -8.41 -2.82
C LYS A 121 -8.60 -7.16 -3.43
N ILE A 122 -7.91 -7.34 -4.53
CA ILE A 122 -7.32 -6.22 -5.24
C ILE A 122 -8.38 -5.57 -6.12
N VAL A 123 -8.96 -4.48 -5.63
CA VAL A 123 -10.04 -3.81 -6.34
C VAL A 123 -9.49 -2.88 -7.41
N ALA A 124 -8.24 -2.48 -7.24
CA ALA A 124 -7.56 -1.62 -8.19
C ALA A 124 -6.07 -1.89 -8.14
N LYS A 125 -5.40 -1.86 -9.28
CA LYS A 125 -3.99 -2.17 -9.32
C LYS A 125 -3.21 -1.10 -10.07
N GLU A 126 -2.05 -0.77 -9.52
CA GLU A 126 -1.04 0.03 -10.20
C GLU A 126 -1.51 1.47 -10.43
N LEU A 127 -2.06 2.06 -9.38
CA LEU A 127 -2.40 3.48 -9.35
C LEU A 127 -1.10 4.29 -9.31
N ARG A 128 -1.11 5.49 -9.86
CA ARG A 128 0.14 6.22 -10.02
C ARG A 128 0.08 7.61 -9.37
N GLY A 129 1.22 8.05 -8.84
CA GLY A 129 1.36 9.43 -8.37
C GLY A 129 0.18 9.95 -7.57
N ASP A 130 -0.36 11.08 -8.01
CA ASP A 130 -1.49 11.70 -7.32
C ASP A 130 -2.80 10.98 -7.66
N ASP A 131 -2.79 10.27 -8.78
CA ASP A 131 -3.94 9.48 -9.22
C ASP A 131 -4.43 8.58 -8.10
N LEU A 132 -3.50 7.95 -7.41
CA LEU A 132 -3.86 7.03 -6.34
C LEU A 132 -4.68 7.74 -5.26
N TYR A 133 -4.37 9.00 -5.02
CA TYR A 133 -5.14 9.79 -4.07
C TYR A 133 -6.53 10.06 -4.63
N ASN A 134 -6.57 10.59 -5.84
CA ASN A 134 -7.83 11.00 -6.47
C ASN A 134 -8.77 9.81 -6.65
N THR A 135 -8.22 8.69 -7.09
CA THR A 135 -9.01 7.49 -7.31
C THR A 135 -9.55 6.93 -5.98
N VAL A 136 -8.72 6.89 -4.95
CA VAL A 136 -9.16 6.40 -3.66
C VAL A 136 -10.20 7.35 -3.04
N GLU A 137 -9.96 8.65 -3.16
CA GLU A 137 -10.92 9.65 -2.66
C GLU A 137 -12.23 9.51 -3.41
N LYS A 138 -12.14 9.15 -4.68
CA LYS A 138 -13.31 8.96 -5.52
C LYS A 138 -14.19 7.83 -4.98
N PHE A 139 -13.55 6.74 -4.55
CA PHE A 139 -14.28 5.60 -4.00
C PHE A 139 -14.68 5.82 -2.54
N VAL A 140 -13.68 5.99 -1.68
CA VAL A 140 -13.89 5.98 -0.22
C VAL A 140 -14.60 7.24 0.26
N ASN A 141 -14.22 8.37 -0.29
CA ASN A 141 -14.74 9.66 0.16
C ASN A 141 -16.04 9.98 -0.57
N GLY A 142 -16.48 9.04 -1.41
CA GLY A 142 -17.74 9.19 -2.11
C GLY A 142 -17.74 10.31 -3.12
N ALA A 143 -16.59 10.55 -3.73
CA ALA A 143 -16.46 11.61 -4.72
C ALA A 143 -17.25 11.27 -5.99
N LYS A 144 -17.37 9.98 -6.28
CA LYS A 144 -18.16 9.50 -7.41
C LYS A 144 -18.87 8.20 -7.07
N GLU A 145 -18.16 7.30 -6.41
CA GLU A 145 -18.75 6.01 -6.02
C GLU A 145 -19.56 6.15 -4.73
N GLY A 146 -19.95 7.38 -4.43
CA GLY A 146 -20.78 7.64 -3.27
C GLY A 146 -22.14 7.01 -3.42
N HIS A 147 -22.70 6.52 -2.32
CA HIS A 147 -23.95 5.80 -2.37
C HIS A 147 -25.14 6.75 -2.39
N HIS A 148 -25.15 7.62 -3.40
CA HIS A 148 -26.20 8.60 -3.65
C HIS A 148 -26.22 9.71 -2.58
N HIS A 149 -26.37 9.33 -1.32
CA HIS A 149 -26.44 10.31 -0.26
C HIS A 149 -25.04 10.69 0.22
N HIS A 150 -24.77 11.99 0.19
CA HIS A 150 -23.46 12.52 0.58
C HIS A 150 -23.50 13.11 1.99
N HIS A 151 -24.74 13.30 2.45
CA HIS A 151 -25.04 13.89 3.76
C HIS A 151 -26.51 14.24 3.69
N HIS A 152 -26.85 14.73 2.51
CA HIS A 152 -28.21 14.85 2.04
C HIS A 152 -28.16 14.77 0.53
N MET A 1 -5.69 -9.57 -16.13
CA MET A 1 -4.99 -10.81 -16.54
C MET A 1 -4.52 -11.57 -15.31
N SER A 2 -4.57 -12.90 -15.40
CA SER A 2 -4.26 -13.79 -14.27
C SER A 2 -5.33 -13.67 -13.18
N LEU A 3 -5.41 -12.52 -12.55
CA LEU A 3 -6.44 -12.24 -11.57
C LEU A 3 -7.26 -11.02 -12.00
N ALA A 4 -8.22 -10.63 -11.17
CA ALA A 4 -9.08 -9.50 -11.46
C ALA A 4 -9.40 -8.73 -10.19
N THR A 5 -9.94 -7.52 -10.35
CA THR A 5 -10.32 -6.70 -9.22
C THR A 5 -11.54 -7.29 -8.52
N GLY A 6 -11.37 -7.64 -7.26
CA GLY A 6 -12.46 -8.25 -6.51
C GLY A 6 -12.03 -9.55 -5.84
N SER A 7 -10.93 -10.13 -6.30
CA SER A 7 -10.43 -11.37 -5.74
C SER A 7 -9.70 -11.12 -4.43
N VAL A 8 -9.67 -12.14 -3.58
CA VAL A 8 -8.98 -12.04 -2.29
C VAL A 8 -7.47 -11.95 -2.50
N ALA A 9 -6.81 -11.11 -1.73
CA ALA A 9 -5.38 -10.91 -1.86
C ALA A 9 -4.59 -11.88 -0.99
N PRO A 10 -3.50 -12.45 -1.54
CA PRO A 10 -2.61 -13.33 -0.77
C PRO A 10 -2.11 -12.66 0.50
N ALA A 11 -1.91 -13.46 1.53
CA ALA A 11 -1.58 -12.95 2.86
C ALA A 11 -0.17 -12.37 2.91
N ILE A 12 -0.09 -11.09 3.24
CA ILE A 12 1.19 -10.43 3.44
C ILE A 12 1.56 -10.48 4.92
N THR A 13 2.78 -10.92 5.21
CA THR A 13 3.28 -10.91 6.58
C THR A 13 4.71 -10.37 6.58
N GLY A 14 4.88 -9.16 7.09
CA GLY A 14 6.18 -8.53 7.06
C GLY A 14 6.67 -8.17 8.45
N ILE A 15 7.92 -7.77 8.53
CA ILE A 15 8.52 -7.38 9.78
C ILE A 15 8.54 -5.85 9.90
N ASP A 16 7.81 -5.32 10.88
CA ASP A 16 7.61 -3.88 10.99
C ASP A 16 8.85 -3.16 11.52
N LEU A 17 8.68 -1.85 11.75
CA LEU A 17 9.78 -1.00 12.20
C LEU A 17 10.35 -1.45 13.54
N LYS A 18 9.52 -2.06 14.37
CA LYS A 18 9.93 -2.53 15.68
C LYS A 18 10.68 -3.85 15.57
N GLY A 19 10.19 -4.69 14.67
CA GLY A 19 10.75 -6.01 14.50
C GLY A 19 9.70 -7.08 14.71
N ASN A 20 8.44 -6.70 14.56
CA ASN A 20 7.33 -7.61 14.75
C ASN A 20 6.87 -8.15 13.41
N SER A 21 6.51 -9.43 13.37
CA SER A 21 5.94 -10.02 12.17
C SER A 21 4.43 -9.75 12.14
N VAL A 22 4.03 -8.77 11.33
CA VAL A 22 2.63 -8.34 11.27
C VAL A 22 2.08 -8.59 9.86
N SER A 23 0.78 -8.86 9.77
CA SER A 23 0.16 -9.18 8.49
C SER A 23 -0.76 -8.05 8.03
N LEU A 24 -1.13 -8.08 6.75
CA LEU A 24 -2.05 -7.07 6.19
C LEU A 24 -3.41 -7.16 6.87
N ASN A 25 -3.73 -8.37 7.33
CA ASN A 25 -5.00 -8.66 7.98
C ASN A 25 -5.20 -7.81 9.23
N ASP A 26 -4.11 -7.51 9.89
CA ASP A 26 -4.14 -6.87 11.20
C ASP A 26 -4.36 -5.37 11.07
N PHE A 27 -4.40 -4.88 9.84
CA PHE A 27 -4.62 -3.47 9.58
C PHE A 27 -5.88 -3.29 8.77
N LYS A 28 -6.62 -4.38 8.60
CA LYS A 28 -7.87 -4.36 7.88
C LYS A 28 -8.94 -3.64 8.68
N GLY A 29 -9.98 -3.19 8.00
CA GLY A 29 -10.98 -2.35 8.60
C GLY A 29 -11.01 -1.01 7.93
N LYS A 30 -9.86 -0.63 7.40
CA LYS A 30 -9.74 0.51 6.51
C LYS A 30 -9.48 0.00 5.11
N TYR A 31 -9.56 0.88 4.13
CA TYR A 31 -9.04 0.56 2.83
C TYR A 31 -7.53 0.64 2.88
N VAL A 32 -6.88 -0.48 2.69
CA VAL A 32 -5.45 -0.57 2.89
C VAL A 32 -4.69 -0.40 1.59
N LEU A 33 -3.93 0.67 1.55
CA LEU A 33 -3.06 0.97 0.41
C LEU A 33 -1.76 0.22 0.60
N VAL A 34 -1.52 -0.80 -0.19
CA VAL A 34 -0.31 -1.60 -0.04
C VAL A 34 0.73 -1.18 -1.06
N ASP A 35 1.77 -0.49 -0.57
CA ASP A 35 2.82 0.00 -1.44
C ASP A 35 4.05 -0.89 -1.38
N PHE A 36 4.54 -1.29 -2.55
CA PHE A 36 5.75 -2.07 -2.65
C PHE A 36 6.90 -1.17 -3.07
N TRP A 37 7.89 -1.01 -2.21
CA TRP A 37 9.00 -0.13 -2.51
C TRP A 37 10.29 -0.62 -1.87
N PHE A 38 11.37 0.04 -2.23
CA PHE A 38 12.66 -0.16 -1.60
C PHE A 38 13.60 0.96 -2.01
N ALA A 39 14.61 1.22 -1.19
CA ALA A 39 15.51 2.35 -1.39
C ALA A 39 16.31 2.21 -2.69
N GLY A 40 16.48 0.97 -3.13
CA GLY A 40 17.22 0.70 -4.35
C GLY A 40 16.61 1.36 -5.58
N CYS A 41 15.29 1.51 -5.59
CA CYS A 41 14.62 2.18 -6.70
C CYS A 41 14.42 3.65 -6.39
N SER A 42 15.04 4.49 -7.20
CA SER A 42 14.98 5.93 -7.01
C SER A 42 13.55 6.46 -7.21
N TRP A 43 12.70 5.65 -7.83
CA TRP A 43 11.32 6.05 -8.10
C TRP A 43 10.43 5.82 -6.89
N CYS A 44 10.75 4.79 -6.10
CA CYS A 44 10.00 4.52 -4.87
C CYS A 44 10.06 5.72 -3.93
N ARG A 45 11.17 6.44 -3.97
CA ARG A 45 11.33 7.64 -3.17
C ARG A 45 10.49 8.80 -3.73
N LYS A 46 10.00 8.62 -4.96
CA LYS A 46 9.17 9.64 -5.61
C LYS A 46 7.70 9.45 -5.24
N GLU A 47 7.24 8.21 -5.29
CA GLU A 47 5.87 7.88 -4.93
C GLU A 47 5.62 8.08 -3.44
N THR A 48 6.68 8.05 -2.65
CA THR A 48 6.56 8.19 -1.20
C THR A 48 5.86 9.50 -0.79
N PRO A 49 6.33 10.68 -1.26
CA PRO A 49 5.65 11.96 -1.01
C PRO A 49 4.14 11.91 -1.32
N TYR A 50 3.79 11.27 -2.43
CA TYR A 50 2.38 11.13 -2.81
C TYR A 50 1.64 10.27 -1.80
N LEU A 51 2.29 9.18 -1.40
CA LEU A 51 1.74 8.30 -0.38
C LEU A 51 1.56 9.05 0.93
N LEU A 52 2.50 9.93 1.24
CA LEU A 52 2.44 10.71 2.47
C LEU A 52 1.20 11.59 2.46
N LYS A 53 0.94 12.24 1.34
CA LYS A 53 -0.26 13.05 1.17
C LYS A 53 -1.51 12.17 1.28
N THR A 54 -1.45 11.03 0.65
CA THR A 54 -2.56 10.08 0.66
C THR A 54 -2.89 9.66 2.10
N TYR A 55 -1.86 9.33 2.87
CA TYR A 55 -2.06 8.87 4.23
C TYR A 55 -2.66 9.96 5.12
N ASN A 56 -2.11 11.17 5.02
CA ASN A 56 -2.52 12.24 5.94
C ASN A 56 -3.96 12.69 5.67
N ALA A 57 -4.37 12.64 4.43
CA ALA A 57 -5.70 13.13 4.05
C ALA A 57 -6.79 12.06 4.18
N PHE A 58 -6.43 10.80 4.03
CA PHE A 58 -7.45 9.74 3.96
C PHE A 58 -7.54 8.92 5.23
N LYS A 59 -6.66 9.16 6.18
CA LYS A 59 -6.61 8.36 7.41
C LYS A 59 -7.93 8.47 8.18
N ASP A 60 -8.59 9.61 8.04
CA ASP A 60 -9.84 9.86 8.76
C ASP A 60 -11.04 9.47 7.92
N LYS A 61 -10.79 9.02 6.70
CA LYS A 61 -11.87 8.62 5.81
C LYS A 61 -12.04 7.11 5.84
N GLY A 62 -11.26 6.46 6.69
CA GLY A 62 -11.30 5.01 6.79
C GLY A 62 -10.33 4.37 5.82
N PHE A 63 -9.15 4.93 5.75
CA PHE A 63 -8.14 4.48 4.80
C PHE A 63 -6.75 4.61 5.41
N THR A 64 -5.99 3.53 5.41
CA THR A 64 -4.64 3.55 5.94
C THR A 64 -3.69 2.95 4.92
N ILE A 65 -2.43 3.31 5.00
CA ILE A 65 -1.44 2.83 4.04
C ILE A 65 -0.55 1.77 4.68
N TYR A 66 -0.57 0.60 4.08
CA TYR A 66 0.21 -0.54 4.52
C TYR A 66 1.39 -0.71 3.57
N GLY A 67 2.54 -0.20 3.97
CA GLY A 67 3.69 -0.22 3.11
C GLY A 67 4.54 -1.45 3.34
N VAL A 68 4.98 -2.06 2.26
CA VAL A 68 5.86 -3.19 2.34
C VAL A 68 7.15 -2.90 1.61
N SER A 69 8.23 -2.85 2.36
CA SER A 69 9.52 -2.58 1.77
C SER A 69 10.18 -3.90 1.39
N THR A 70 11.01 -3.85 0.38
CA THR A 70 11.66 -5.04 -0.09
C THR A 70 13.16 -4.80 -0.37
N ASP A 71 13.79 -4.02 0.49
CA ASP A 71 15.26 -3.92 0.51
C ASP A 71 15.86 -5.15 1.18
N ARG A 72 17.17 -5.33 1.05
CA ARG A 72 17.85 -6.40 1.77
C ARG A 72 18.47 -5.84 3.05
N ARG A 73 18.48 -4.53 3.14
CA ARG A 73 19.06 -3.84 4.29
C ARG A 73 17.98 -3.16 5.13
N GLU A 74 17.72 -3.73 6.30
CA GLU A 74 16.67 -3.23 7.18
C GLU A 74 17.05 -1.88 7.76
N GLU A 75 18.33 -1.65 7.96
CA GLU A 75 18.80 -0.44 8.60
C GLU A 75 18.58 0.75 7.68
N ASP A 76 18.75 0.52 6.38
CA ASP A 76 18.53 1.59 5.41
C ASP A 76 17.03 1.76 5.20
N TRP A 77 16.27 0.69 5.41
CA TRP A 77 14.81 0.81 5.42
C TRP A 77 14.37 1.73 6.56
N LYS A 78 14.82 1.43 7.78
CA LYS A 78 14.53 2.30 8.93
C LYS A 78 15.01 3.72 8.64
N LYS A 79 16.19 3.82 8.06
CA LYS A 79 16.76 5.09 7.64
C LYS A 79 15.86 5.80 6.63
N ALA A 80 15.44 5.08 5.59
CA ALA A 80 14.61 5.62 4.53
C ALA A 80 13.32 6.21 5.09
N ILE A 81 12.73 5.51 6.04
CA ILE A 81 11.50 5.96 6.67
C ILE A 81 11.73 7.27 7.42
N GLU A 82 12.89 7.41 8.05
CA GLU A 82 13.25 8.63 8.72
C GLU A 82 13.60 9.73 7.71
N GLU A 83 14.18 9.33 6.58
CA GLU A 83 14.53 10.27 5.51
C GLU A 83 13.27 10.88 4.91
N ASP A 84 12.40 10.03 4.37
CA ASP A 84 11.19 10.47 3.69
C ASP A 84 10.10 10.88 4.66
N LYS A 85 10.32 10.61 5.96
CA LYS A 85 9.34 10.93 6.99
C LYS A 85 8.01 10.23 6.74
N SER A 86 8.10 9.03 6.21
CA SER A 86 6.93 8.26 5.85
C SER A 86 6.44 7.43 7.03
N TYR A 87 5.77 8.09 7.96
CA TYR A 87 5.29 7.44 9.18
C TYR A 87 3.90 6.83 8.98
N TRP A 88 3.87 5.56 8.59
CA TRP A 88 2.63 4.79 8.58
C TRP A 88 2.95 3.31 8.78
N ASN A 89 1.92 2.46 8.74
CA ASN A 89 2.11 1.04 9.04
C ASN A 89 2.84 0.32 7.92
N GLN A 90 4.16 0.32 8.01
CA GLN A 90 4.99 -0.35 7.05
C GLN A 90 5.67 -1.56 7.66
N VAL A 91 5.82 -2.60 6.87
CA VAL A 91 6.54 -3.80 7.28
C VAL A 91 7.51 -4.20 6.17
N LEU A 92 8.64 -4.74 6.56
CA LEU A 92 9.59 -5.26 5.61
C LEU A 92 9.25 -6.69 5.30
N LEU A 93 8.75 -6.94 4.09
CA LEU A 93 8.46 -8.30 3.68
C LEU A 93 9.75 -9.09 3.67
N GLN A 94 9.68 -10.37 3.97
CA GLN A 94 10.89 -11.17 3.90
C GLN A 94 11.24 -11.29 2.43
N LYS A 95 12.51 -11.25 2.14
CA LYS A 95 12.93 -10.95 0.78
C LYS A 95 12.73 -12.14 -0.14
N ASP A 96 12.79 -13.32 0.43
CA ASP A 96 12.58 -14.53 -0.36
C ASP A 96 11.10 -14.92 -0.35
N ASP A 97 10.31 -14.19 0.41
CA ASP A 97 8.86 -14.34 0.39
C ASP A 97 8.26 -13.43 -0.68
N VAL A 98 8.72 -12.17 -0.65
CA VAL A 98 8.30 -11.15 -1.61
C VAL A 98 8.28 -11.67 -3.04
N LYS A 99 9.30 -12.46 -3.37
CA LYS A 99 9.47 -13.01 -4.71
C LYS A 99 8.20 -13.63 -5.26
N ASP A 100 7.68 -14.61 -4.54
CA ASP A 100 6.50 -15.35 -4.98
C ASP A 100 5.27 -14.46 -4.94
N VAL A 101 5.11 -13.74 -3.84
CA VAL A 101 3.97 -12.86 -3.64
C VAL A 101 3.87 -11.83 -4.77
N LEU A 102 5.02 -11.26 -5.15
CA LEU A 102 5.08 -10.30 -6.25
C LEU A 102 4.54 -10.91 -7.51
N GLU A 103 5.10 -12.07 -7.89
CA GLU A 103 4.65 -12.78 -9.08
C GLU A 103 3.14 -12.99 -9.00
N SER A 104 2.69 -13.55 -7.88
CA SER A 104 1.28 -13.89 -7.64
C SER A 104 0.32 -12.72 -7.86
N TYR A 105 0.76 -11.49 -7.61
CA TYR A 105 -0.08 -10.32 -7.89
C TYR A 105 -0.03 -9.96 -9.37
N CYS A 106 0.59 -10.82 -10.16
CA CYS A 106 0.83 -10.61 -11.58
C CYS A 106 1.81 -9.46 -11.75
N ILE A 107 2.89 -9.48 -10.97
CA ILE A 107 3.81 -8.34 -10.92
C ILE A 107 5.20 -8.68 -11.43
N VAL A 108 5.68 -7.84 -12.34
CA VAL A 108 6.99 -8.05 -12.96
C VAL A 108 7.87 -6.78 -12.90
N GLY A 109 7.49 -5.79 -12.08
CA GLY A 109 8.26 -4.56 -12.05
C GLY A 109 7.94 -3.66 -10.87
N PHE A 110 8.80 -2.66 -10.66
CA PHE A 110 8.67 -1.71 -9.56
C PHE A 110 8.82 -0.27 -10.08
N PRO A 111 8.28 0.72 -9.34
CA PRO A 111 7.54 0.51 -8.09
C PRO A 111 6.15 -0.08 -8.33
N HIS A 112 5.48 -0.51 -7.27
CA HIS A 112 4.17 -1.10 -7.41
C HIS A 112 3.28 -0.79 -6.22
N ILE A 113 2.04 -0.41 -6.49
CA ILE A 113 1.08 -0.14 -5.44
C ILE A 113 -0.23 -0.89 -5.71
N ILE A 114 -0.90 -1.35 -4.66
CA ILE A 114 -2.23 -1.95 -4.77
C ILE A 114 -3.16 -1.38 -3.71
N LEU A 115 -4.46 -1.57 -3.91
CA LEU A 115 -5.45 -1.12 -2.96
C LEU A 115 -6.31 -2.32 -2.54
N VAL A 116 -6.27 -2.65 -1.26
CA VAL A 116 -7.00 -3.80 -0.73
C VAL A 116 -8.18 -3.36 0.12
N ASP A 117 -9.32 -4.03 -0.04
CA ASP A 117 -10.51 -3.78 0.76
C ASP A 117 -10.21 -4.08 2.23
N PRO A 118 -11.03 -3.55 3.15
CA PRO A 118 -10.93 -3.87 4.57
C PRO A 118 -11.14 -5.37 4.83
N GLU A 119 -11.68 -6.06 3.83
CA GLU A 119 -11.90 -7.50 3.90
C GLU A 119 -10.63 -8.26 3.56
N GLY A 120 -9.80 -7.67 2.71
CA GLY A 120 -8.61 -8.34 2.22
C GLY A 120 -8.74 -8.75 0.77
N LYS A 121 -9.47 -7.97 -0.02
CA LYS A 121 -9.60 -8.22 -1.45
C LYS A 121 -8.89 -7.14 -2.25
N ILE A 122 -8.42 -7.50 -3.43
CA ILE A 122 -7.77 -6.54 -4.31
C ILE A 122 -8.83 -5.75 -5.08
N VAL A 123 -9.18 -4.58 -4.58
CA VAL A 123 -10.21 -3.77 -5.20
C VAL A 123 -9.64 -2.95 -6.36
N ALA A 124 -8.36 -2.62 -6.25
CA ALA A 124 -7.68 -1.86 -7.29
C ALA A 124 -6.19 -2.18 -7.26
N LYS A 125 -5.55 -2.11 -8.42
CA LYS A 125 -4.12 -2.36 -8.50
C LYS A 125 -3.52 -1.58 -9.67
N GLU A 126 -2.21 -1.44 -9.65
CA GLU A 126 -1.45 -0.78 -10.71
C GLU A 126 -1.57 0.74 -10.63
N LEU A 127 -2.23 1.23 -9.60
CA LEU A 127 -2.32 2.66 -9.35
C LEU A 127 -0.91 3.22 -9.16
N ARG A 128 -0.63 4.36 -9.77
CA ARG A 128 0.72 4.93 -9.71
C ARG A 128 0.65 6.43 -9.40
N GLY A 129 1.83 7.01 -9.18
CA GLY A 129 1.98 8.46 -9.03
C GLY A 129 0.94 9.10 -8.13
N ASP A 130 0.40 10.22 -8.58
CA ASP A 130 -0.62 10.94 -7.82
C ASP A 130 -1.98 10.27 -7.97
N ASP A 131 -2.10 9.36 -8.94
CA ASP A 131 -3.37 8.65 -9.16
C ASP A 131 -3.73 7.86 -7.92
N LEU A 132 -2.72 7.47 -7.16
CA LEU A 132 -2.92 6.83 -5.86
C LEU A 132 -3.94 7.62 -5.03
N TYR A 133 -3.60 8.88 -4.75
CA TYR A 133 -4.46 9.78 -3.98
C TYR A 133 -5.78 9.99 -4.69
N ASN A 134 -5.68 10.33 -5.97
CA ASN A 134 -6.84 10.69 -6.76
C ASN A 134 -7.79 9.51 -6.93
N THR A 135 -7.27 8.29 -6.86
CA THR A 135 -8.10 7.10 -6.94
C THR A 135 -8.82 6.83 -5.62
N VAL A 136 -8.19 7.18 -4.49
CA VAL A 136 -8.86 7.03 -3.21
C VAL A 136 -10.08 7.96 -3.15
N GLU A 137 -9.92 9.18 -3.63
CA GLU A 137 -11.03 10.09 -3.77
C GLU A 137 -12.00 9.59 -4.85
N LYS A 138 -11.44 9.10 -5.93
CA LYS A 138 -12.21 8.56 -7.06
C LYS A 138 -13.16 7.45 -6.60
N PHE A 139 -12.59 6.43 -5.98
CA PHE A 139 -13.35 5.25 -5.59
C PHE A 139 -13.98 5.40 -4.21
N VAL A 140 -13.15 5.58 -3.19
CA VAL A 140 -13.58 5.51 -1.79
C VAL A 140 -14.47 6.70 -1.41
N ASN A 141 -14.24 7.84 -2.02
CA ASN A 141 -15.06 9.03 -1.75
C ASN A 141 -16.20 9.13 -2.74
N GLY A 142 -16.10 8.38 -3.83
CA GLY A 142 -17.11 8.46 -4.86
C GLY A 142 -17.02 9.73 -5.66
N ALA A 143 -15.88 10.41 -5.54
CA ALA A 143 -15.61 11.67 -6.23
C ALA A 143 -16.38 12.85 -5.63
N LYS A 144 -16.90 12.68 -4.41
CA LYS A 144 -17.51 13.79 -3.67
C LYS A 144 -17.65 13.47 -2.20
N GLU A 145 -17.14 14.37 -1.36
CA GLU A 145 -17.26 14.21 0.08
C GLU A 145 -18.42 15.04 0.60
N GLY A 146 -19.17 14.47 1.52
CA GLY A 146 -20.36 15.12 2.05
C GLY A 146 -21.27 14.11 2.68
N HIS A 147 -21.68 13.13 1.88
CA HIS A 147 -22.35 11.95 2.40
C HIS A 147 -21.29 11.06 3.04
N HIS A 148 -20.88 11.45 4.24
CA HIS A 148 -19.70 10.89 4.90
C HIS A 148 -19.75 9.37 4.97
N HIS A 149 -18.68 8.76 4.49
CA HIS A 149 -18.56 7.30 4.43
C HIS A 149 -17.97 6.75 5.73
N HIS A 150 -18.21 7.48 6.82
CA HIS A 150 -17.86 7.05 8.18
C HIS A 150 -16.34 7.10 8.43
N HIS A 151 -15.98 7.47 9.66
CA HIS A 151 -14.59 7.50 10.09
C HIS A 151 -14.23 6.15 10.69
N HIS A 152 -13.70 5.26 9.87
CA HIS A 152 -13.37 3.91 10.33
C HIS A 152 -11.88 3.64 10.18
N MET A 1 -0.68 -10.01 -18.25
CA MET A 1 -1.95 -10.29 -17.53
C MET A 1 -1.74 -10.17 -16.03
N SER A 2 -2.80 -10.40 -15.27
CA SER A 2 -2.76 -10.36 -13.83
C SER A 2 -3.82 -11.32 -13.28
N LEU A 3 -4.05 -11.28 -11.98
CA LEU A 3 -5.12 -12.09 -11.39
C LEU A 3 -6.48 -11.60 -11.91
N ALA A 4 -7.04 -10.61 -11.23
CA ALA A 4 -8.29 -9.99 -11.65
C ALA A 4 -8.69 -8.91 -10.64
N THR A 5 -9.45 -7.94 -11.10
CA THR A 5 -9.96 -6.89 -10.22
C THR A 5 -11.08 -7.45 -9.35
N GLY A 6 -10.82 -7.61 -8.07
CA GLY A 6 -11.78 -8.22 -7.18
C GLY A 6 -11.28 -9.53 -6.60
N SER A 7 -10.13 -9.99 -7.09
CA SER A 7 -9.53 -11.22 -6.59
C SER A 7 -8.86 -10.98 -5.23
N VAL A 8 -9.04 -11.93 -4.33
CA VAL A 8 -8.48 -11.82 -2.99
C VAL A 8 -6.96 -12.03 -3.03
N ALA A 9 -6.24 -11.23 -2.27
CA ALA A 9 -4.80 -11.28 -2.26
C ALA A 9 -4.28 -12.20 -1.15
N PRO A 10 -3.11 -12.83 -1.36
CA PRO A 10 -2.44 -13.65 -0.35
C PRO A 10 -2.14 -12.88 0.93
N ALA A 11 -1.86 -13.60 2.01
CA ALA A 11 -1.67 -12.97 3.31
C ALA A 11 -0.24 -12.50 3.51
N ILE A 12 -0.03 -11.19 3.35
CA ILE A 12 1.27 -10.59 3.62
C ILE A 12 1.60 -10.61 5.10
N THR A 13 2.83 -10.92 5.43
CA THR A 13 3.32 -10.78 6.79
C THR A 13 4.77 -10.31 6.75
N GLY A 14 5.12 -9.37 7.62
CA GLY A 14 6.47 -8.84 7.61
C GLY A 14 6.84 -8.18 8.92
N ILE A 15 8.10 -7.81 9.03
CA ILE A 15 8.61 -7.18 10.23
C ILE A 15 8.36 -5.68 10.15
N ASP A 16 7.58 -5.15 11.07
CA ASP A 16 7.15 -3.76 11.01
C ASP A 16 8.29 -2.82 11.41
N LEU A 17 7.97 -1.53 11.45
CA LEU A 17 8.95 -0.49 11.79
C LEU A 17 9.59 -0.74 13.15
N LYS A 18 8.84 -1.37 14.05
CA LYS A 18 9.31 -1.64 15.39
C LYS A 18 10.10 -2.94 15.44
N GLY A 19 9.57 -3.96 14.77
CA GLY A 19 10.20 -5.26 14.78
C GLY A 19 9.21 -6.38 15.04
N ASN A 20 7.93 -6.08 14.91
CA ASN A 20 6.88 -7.07 15.13
C ASN A 20 6.44 -7.68 13.81
N SER A 21 5.93 -8.90 13.86
CA SER A 21 5.40 -9.55 12.67
C SER A 21 3.96 -9.10 12.41
N VAL A 22 3.81 -8.08 11.59
CA VAL A 22 2.49 -7.55 11.27
C VAL A 22 2.04 -8.07 9.91
N SER A 23 0.77 -8.43 9.81
CA SER A 23 0.25 -9.06 8.61
C SER A 23 -0.80 -8.18 7.94
N LEU A 24 -1.08 -8.49 6.67
CA LEU A 24 -2.09 -7.78 5.89
C LEU A 24 -3.48 -7.97 6.51
N ASN A 25 -3.64 -9.06 7.25
CA ASN A 25 -4.91 -9.38 7.89
C ASN A 25 -5.29 -8.33 8.93
N ASP A 26 -4.28 -7.69 9.51
CA ASP A 26 -4.50 -6.74 10.59
C ASP A 26 -5.00 -5.40 10.06
N PHE A 27 -5.08 -5.28 8.75
CA PHE A 27 -5.54 -4.06 8.10
C PHE A 27 -6.87 -4.32 7.43
N LYS A 28 -7.37 -5.54 7.60
CA LYS A 28 -8.61 -5.95 6.98
C LYS A 28 -9.79 -5.27 7.66
N GLY A 29 -10.43 -4.39 6.92
CA GLY A 29 -11.51 -3.58 7.44
C GLY A 29 -11.46 -2.18 6.90
N LYS A 30 -10.27 -1.80 6.46
CA LYS A 30 -10.06 -0.54 5.77
C LYS A 30 -9.61 -0.81 4.34
N TYR A 31 -9.58 0.24 3.53
CA TYR A 31 -9.00 0.14 2.20
C TYR A 31 -7.49 0.25 2.31
N VAL A 32 -6.81 -0.81 1.92
CA VAL A 32 -5.38 -0.92 2.12
C VAL A 32 -4.63 -0.57 0.84
N LEU A 33 -3.85 0.49 0.91
CA LEU A 33 -3.00 0.87 -0.21
C LEU A 33 -1.65 0.19 -0.04
N VAL A 34 -1.42 -0.86 -0.83
CA VAL A 34 -0.22 -1.64 -0.68
C VAL A 34 0.83 -1.23 -1.70
N ASP A 35 1.88 -0.58 -1.21
CA ASP A 35 2.99 -0.15 -2.05
C ASP A 35 4.13 -1.13 -1.97
N PHE A 36 4.44 -1.78 -3.08
CA PHE A 36 5.59 -2.68 -3.14
C PHE A 36 6.83 -1.88 -3.54
N TRP A 37 7.79 -1.80 -2.64
CA TRP A 37 8.96 -0.97 -2.88
C TRP A 37 10.16 -1.44 -2.07
N PHE A 38 11.25 -0.70 -2.19
CA PHE A 38 12.42 -0.90 -1.38
C PHE A 38 13.23 0.39 -1.35
N ALA A 39 13.98 0.60 -0.27
CA ALA A 39 14.66 1.87 -0.02
C ALA A 39 15.60 2.25 -1.15
N GLY A 40 16.37 1.28 -1.61
CA GLY A 40 17.35 1.55 -2.64
C GLY A 40 16.77 1.52 -4.05
N CYS A 41 15.63 2.17 -4.22
CA CYS A 41 15.02 2.33 -5.54
C CYS A 41 14.62 3.79 -5.75
N SER A 42 14.91 4.32 -6.91
CA SER A 42 14.67 5.72 -7.19
C SER A 42 13.27 6.00 -7.73
N TRP A 43 12.56 4.96 -8.16
CA TRP A 43 11.22 5.14 -8.71
C TRP A 43 10.16 5.14 -7.61
N CYS A 44 10.15 4.12 -6.78
CA CYS A 44 9.17 4.04 -5.69
C CYS A 44 9.36 5.21 -4.72
N ARG A 45 10.57 5.73 -4.68
CA ARG A 45 10.90 6.87 -3.86
C ARG A 45 10.27 8.15 -4.44
N LYS A 46 9.83 8.07 -5.68
CA LYS A 46 9.28 9.22 -6.39
C LYS A 46 7.83 9.47 -5.96
N GLU A 47 7.06 8.40 -5.80
CA GLU A 47 5.68 8.52 -5.37
C GLU A 47 5.57 8.72 -3.87
N THR A 48 6.68 8.56 -3.16
CA THR A 48 6.69 8.66 -1.70
C THR A 48 6.02 9.95 -1.19
N PRO A 49 6.37 11.15 -1.72
CA PRO A 49 5.70 12.40 -1.34
C PRO A 49 4.18 12.35 -1.56
N TYR A 50 3.77 11.77 -2.69
CA TYR A 50 2.35 11.65 -3.01
C TYR A 50 1.66 10.68 -2.07
N LEU A 51 2.37 9.63 -1.70
CA LEU A 51 1.86 8.64 -0.75
C LEU A 51 1.66 9.29 0.62
N LEU A 52 2.61 10.12 1.03
CA LEU A 52 2.51 10.84 2.29
C LEU A 52 1.28 11.76 2.28
N LYS A 53 1.10 12.46 1.18
CA LYS A 53 -0.07 13.31 0.97
C LYS A 53 -1.35 12.48 1.12
N THR A 54 -1.37 11.34 0.44
CA THR A 54 -2.52 10.45 0.48
C THR A 54 -2.77 9.91 1.89
N TYR A 55 -1.73 9.36 2.51
CA TYR A 55 -1.87 8.78 3.85
C TYR A 55 -2.36 9.82 4.84
N ASN A 56 -1.80 11.03 4.76
CA ASN A 56 -2.15 12.09 5.69
C ASN A 56 -3.62 12.47 5.59
N ALA A 57 -4.14 12.49 4.37
CA ALA A 57 -5.51 12.93 4.15
C ALA A 57 -6.53 11.82 4.37
N PHE A 58 -6.11 10.57 4.31
CA PHE A 58 -7.06 9.44 4.37
C PHE A 58 -6.78 8.49 5.54
N LYS A 59 -5.88 8.87 6.43
CA LYS A 59 -5.46 8.00 7.54
C LYS A 59 -6.62 7.73 8.50
N ASP A 60 -7.39 8.77 8.77
CA ASP A 60 -8.48 8.72 9.74
C ASP A 60 -9.71 8.07 9.13
N LYS A 61 -9.81 8.13 7.82
CA LYS A 61 -10.92 7.52 7.11
C LYS A 61 -10.72 6.00 7.03
N GLY A 62 -11.57 5.33 6.26
CA GLY A 62 -11.44 3.90 6.11
C GLY A 62 -10.35 3.52 5.14
N PHE A 63 -9.17 4.09 5.33
CA PHE A 63 -8.05 3.88 4.44
C PHE A 63 -6.74 3.84 5.25
N THR A 64 -5.80 3.03 4.79
CA THR A 64 -4.48 2.96 5.40
C THR A 64 -3.46 2.43 4.38
N ILE A 65 -2.28 3.04 4.34
CA ILE A 65 -1.25 2.61 3.42
C ILE A 65 -0.36 1.54 4.07
N TYR A 66 -0.12 0.47 3.33
CA TYR A 66 0.67 -0.64 3.81
C TYR A 66 1.93 -0.77 2.98
N GLY A 67 3.04 -0.30 3.52
CA GLY A 67 4.28 -0.30 2.80
C GLY A 67 4.98 -1.64 2.82
N VAL A 68 5.10 -2.24 1.65
CA VAL A 68 5.76 -3.52 1.52
C VAL A 68 7.19 -3.31 1.06
N SER A 69 8.14 -3.60 1.93
CA SER A 69 9.55 -3.41 1.63
C SER A 69 10.29 -4.73 1.69
N THR A 70 11.19 -4.94 0.75
CA THR A 70 11.99 -6.14 0.71
C THR A 70 13.45 -5.77 0.43
N ASP A 71 13.87 -4.63 0.99
CA ASP A 71 15.23 -4.15 0.78
C ASP A 71 16.25 -5.10 1.41
N ARG A 72 17.50 -4.93 1.05
CA ARG A 72 18.58 -5.82 1.49
C ARG A 72 18.90 -5.60 2.95
N ARG A 73 18.62 -4.40 3.43
CA ARG A 73 19.00 -4.02 4.77
C ARG A 73 17.92 -3.19 5.44
N GLU A 74 17.55 -3.56 6.66
CA GLU A 74 16.52 -2.86 7.39
C GLU A 74 17.01 -1.47 7.79
N GLU A 75 18.30 -1.38 8.05
CA GLU A 75 18.92 -0.12 8.43
C GLU A 75 18.70 0.94 7.36
N ASP A 76 18.84 0.55 6.10
CA ASP A 76 18.64 1.48 4.99
C ASP A 76 17.16 1.79 4.82
N TRP A 77 16.34 0.75 4.97
CA TRP A 77 14.88 0.92 4.98
C TRP A 77 14.47 1.99 6.01
N LYS A 78 14.95 1.84 7.25
CA LYS A 78 14.68 2.84 8.30
C LYS A 78 15.30 4.18 7.92
N LYS A 79 16.53 4.14 7.43
CA LYS A 79 17.26 5.33 7.00
C LYS A 79 16.49 6.10 5.93
N ALA A 80 15.97 5.38 4.94
CA ALA A 80 15.19 5.99 3.88
C ALA A 80 14.01 6.74 4.45
N ILE A 81 13.32 6.12 5.40
CA ILE A 81 12.16 6.73 6.04
C ILE A 81 12.57 8.00 6.78
N GLU A 82 13.77 7.99 7.35
CA GLU A 82 14.30 9.17 8.04
C GLU A 82 14.56 10.29 7.03
N GLU A 83 14.87 9.92 5.80
CA GLU A 83 15.11 10.88 4.73
C GLU A 83 13.80 11.47 4.22
N ASP A 84 12.93 10.60 3.71
CA ASP A 84 11.73 11.02 2.97
C ASP A 84 10.56 11.35 3.89
N LYS A 85 10.63 10.87 5.13
CA LYS A 85 9.58 11.11 6.12
C LYS A 85 8.34 10.30 5.79
N SER A 86 8.55 9.18 5.14
CA SER A 86 7.49 8.23 4.85
C SER A 86 6.98 7.58 6.15
N TYR A 87 6.10 8.29 6.84
CA TYR A 87 5.57 7.79 8.11
C TYR A 87 4.22 7.12 7.91
N TRP A 88 4.25 5.83 7.64
CA TRP A 88 3.05 5.01 7.64
C TRP A 88 3.41 3.56 7.91
N ASN A 89 2.39 2.71 7.97
CA ASN A 89 2.58 1.32 8.38
C ASN A 89 3.29 0.52 7.29
N GLN A 90 4.58 0.28 7.49
CA GLN A 90 5.36 -0.50 6.55
C GLN A 90 5.91 -1.74 7.23
N VAL A 91 6.19 -2.76 6.44
CA VAL A 91 6.79 -3.99 6.94
C VAL A 91 7.94 -4.43 6.02
N LEU A 92 8.97 -4.99 6.63
CA LEU A 92 10.06 -5.58 5.89
C LEU A 92 9.83 -7.08 5.80
N LEU A 93 9.56 -7.55 4.60
CA LEU A 93 9.23 -8.95 4.38
C LEU A 93 10.46 -9.83 4.54
N GLN A 94 10.23 -11.09 4.81
CA GLN A 94 11.30 -12.04 5.02
C GLN A 94 11.73 -12.69 3.72
N LYS A 95 12.72 -13.55 3.80
CA LYS A 95 13.25 -14.22 2.64
C LYS A 95 12.31 -15.35 2.23
N ASP A 96 11.42 -15.69 3.15
CA ASP A 96 10.49 -16.80 2.99
C ASP A 96 9.27 -16.36 2.20
N ASP A 97 8.61 -15.32 2.71
CA ASP A 97 7.32 -14.90 2.20
C ASP A 97 7.43 -14.08 0.91
N VAL A 98 8.53 -13.35 0.77
CA VAL A 98 8.78 -12.50 -0.42
C VAL A 98 8.54 -13.27 -1.73
N LYS A 99 8.83 -14.58 -1.71
CA LYS A 99 8.68 -15.41 -2.89
C LYS A 99 7.27 -15.29 -3.46
N ASP A 100 6.30 -15.71 -2.66
CA ASP A 100 4.89 -15.64 -3.03
C ASP A 100 4.51 -14.22 -3.40
N VAL A 101 4.76 -13.29 -2.47
CA VAL A 101 4.38 -11.89 -2.62
C VAL A 101 4.76 -11.34 -4.00
N LEU A 102 6.05 -11.46 -4.33
CA LEU A 102 6.58 -10.92 -5.56
C LEU A 102 5.94 -11.56 -6.77
N GLU A 103 5.62 -12.84 -6.70
CA GLU A 103 4.95 -13.46 -7.81
C GLU A 103 3.47 -13.07 -7.82
N SER A 104 2.77 -13.48 -6.74
CA SER A 104 1.31 -13.52 -6.67
C SER A 104 0.65 -12.19 -7.02
N TYR A 105 1.17 -11.09 -6.49
CA TYR A 105 0.58 -9.78 -6.75
C TYR A 105 0.94 -9.29 -8.15
N CYS A 106 1.45 -10.21 -8.96
CA CYS A 106 1.81 -9.94 -10.33
C CYS A 106 2.91 -8.89 -10.40
N ILE A 107 4.03 -9.18 -9.74
CA ILE A 107 5.15 -8.22 -9.78
C ILE A 107 6.00 -8.45 -11.02
N VAL A 108 5.95 -7.49 -11.93
CA VAL A 108 6.78 -7.50 -13.12
C VAL A 108 7.78 -6.35 -13.08
N GLY A 109 7.40 -5.29 -12.37
CA GLY A 109 8.26 -4.13 -12.28
C GLY A 109 7.91 -3.27 -11.07
N PHE A 110 8.67 -2.21 -10.88
CA PHE A 110 8.45 -1.29 -9.76
C PHE A 110 8.43 0.15 -10.26
N PRO A 111 7.71 1.05 -9.56
CA PRO A 111 6.95 0.69 -8.36
C PRO A 111 5.65 -0.03 -8.68
N HIS A 112 5.20 -0.86 -7.76
CA HIS A 112 3.96 -1.61 -7.96
C HIS A 112 2.98 -1.29 -6.83
N ILE A 113 1.89 -0.64 -7.19
CA ILE A 113 0.92 -0.18 -6.20
C ILE A 113 -0.42 -0.86 -6.43
N ILE A 114 -1.09 -1.24 -5.36
CA ILE A 114 -2.41 -1.85 -5.45
C ILE A 114 -3.38 -1.26 -4.43
N LEU A 115 -4.64 -1.15 -4.82
CA LEU A 115 -5.67 -0.68 -3.92
C LEU A 115 -6.51 -1.87 -3.46
N VAL A 116 -6.37 -2.21 -2.20
CA VAL A 116 -7.02 -3.39 -1.64
C VAL A 116 -8.26 -3.00 -0.83
N ASP A 117 -9.34 -3.75 -1.01
CA ASP A 117 -10.56 -3.54 -0.23
C ASP A 117 -10.39 -4.15 1.18
N PRO A 118 -11.32 -3.87 2.11
CA PRO A 118 -11.27 -4.41 3.48
C PRO A 118 -11.17 -5.93 3.55
N GLU A 119 -11.71 -6.63 2.56
CA GLU A 119 -11.68 -8.09 2.54
C GLU A 119 -10.34 -8.61 2.03
N GLY A 120 -9.49 -7.69 1.60
CA GLY A 120 -8.16 -8.07 1.17
C GLY A 120 -8.12 -8.47 -0.29
N LYS A 121 -8.99 -7.88 -1.09
CA LYS A 121 -9.02 -8.17 -2.52
C LYS A 121 -8.52 -6.98 -3.32
N ILE A 122 -7.84 -7.25 -4.42
CA ILE A 122 -7.25 -6.21 -5.24
C ILE A 122 -8.31 -5.56 -6.13
N VAL A 123 -8.73 -4.37 -5.77
CA VAL A 123 -9.76 -3.65 -6.51
C VAL A 123 -9.18 -3.01 -7.76
N ALA A 124 -8.07 -2.31 -7.59
CA ALA A 124 -7.37 -1.67 -8.68
C ALA A 124 -5.88 -1.63 -8.39
N LYS A 125 -5.06 -1.28 -9.37
CA LYS A 125 -3.62 -1.23 -9.16
C LYS A 125 -2.91 -0.35 -10.19
N GLU A 126 -1.61 -0.15 -9.95
CA GLU A 126 -0.72 0.64 -10.80
C GLU A 126 -1.14 2.11 -10.83
N LEU A 127 -1.83 2.54 -9.79
CA LEU A 127 -2.24 3.93 -9.65
C LEU A 127 -1.02 4.83 -9.58
N ARG A 128 -1.14 6.04 -10.09
CA ARG A 128 0.01 6.92 -10.25
C ARG A 128 -0.19 8.26 -9.57
N GLY A 129 0.92 8.86 -9.14
CA GLY A 129 0.94 10.24 -8.66
C GLY A 129 -0.24 10.63 -7.80
N ASP A 130 -0.91 11.71 -8.19
CA ASP A 130 -2.03 12.24 -7.43
C ASP A 130 -3.30 11.44 -7.66
N ASP A 131 -3.27 10.53 -8.63
CA ASP A 131 -4.43 9.69 -8.87
C ASP A 131 -4.62 8.77 -7.67
N LEU A 132 -3.49 8.38 -7.07
CA LEU A 132 -3.53 7.68 -5.79
C LEU A 132 -4.44 8.42 -4.82
N TYR A 133 -4.17 9.72 -4.67
CA TYR A 133 -4.91 10.58 -3.77
C TYR A 133 -6.37 10.70 -4.19
N ASN A 134 -6.61 11.19 -5.40
CA ASN A 134 -7.97 11.51 -5.82
C ASN A 134 -8.82 10.25 -5.94
N THR A 135 -8.21 9.12 -6.31
CA THR A 135 -8.94 7.87 -6.46
C THR A 135 -9.39 7.32 -5.10
N VAL A 136 -8.55 7.47 -4.08
CA VAL A 136 -8.94 7.06 -2.73
C VAL A 136 -10.16 7.86 -2.27
N GLU A 137 -10.11 9.19 -2.42
CA GLU A 137 -11.25 10.02 -2.08
C GLU A 137 -12.45 9.65 -2.96
N LYS A 138 -12.19 9.60 -4.26
CA LYS A 138 -13.21 9.26 -5.26
C LYS A 138 -13.99 7.99 -4.87
N PHE A 139 -13.28 7.03 -4.29
CA PHE A 139 -13.90 5.77 -3.90
C PHE A 139 -14.51 5.82 -2.50
N VAL A 140 -13.74 6.32 -1.53
CA VAL A 140 -14.12 6.23 -0.11
C VAL A 140 -15.00 7.40 0.36
N ASN A 141 -14.89 8.54 -0.30
CA ASN A 141 -15.54 9.78 0.14
C ASN A 141 -17.05 9.60 0.33
N GLY A 142 -17.72 9.10 -0.69
CA GLY A 142 -19.16 8.94 -0.62
C GLY A 142 -19.86 9.59 -1.80
N ALA A 143 -19.37 10.75 -2.22
CA ALA A 143 -19.92 11.44 -3.39
C ALA A 143 -19.71 10.58 -4.64
N LYS A 144 -18.53 9.96 -4.72
CA LYS A 144 -18.19 9.03 -5.80
C LYS A 144 -18.18 9.70 -7.16
N GLU A 145 -18.18 8.87 -8.19
CA GLU A 145 -18.22 9.32 -9.57
C GLU A 145 -19.55 8.91 -10.21
N GLY A 146 -20.28 8.05 -9.50
CA GLY A 146 -21.56 7.57 -9.97
C GLY A 146 -22.64 8.62 -9.82
N HIS A 147 -22.64 9.58 -10.73
CA HIS A 147 -23.68 10.62 -10.76
C HIS A 147 -25.05 9.99 -10.99
N HIS A 148 -26.10 10.76 -10.73
CA HIS A 148 -27.45 10.21 -10.67
C HIS A 148 -27.95 9.71 -12.02
N HIS A 149 -27.53 10.36 -13.11
CA HIS A 149 -27.97 9.92 -14.43
C HIS A 149 -27.05 8.84 -14.97
N HIS A 150 -27.46 7.59 -14.80
CA HIS A 150 -26.72 6.45 -15.32
C HIS A 150 -27.66 5.30 -15.61
N HIS A 151 -27.09 4.15 -15.99
CA HIS A 151 -27.87 2.97 -16.28
C HIS A 151 -27.16 1.74 -15.73
N HIS A 152 -27.92 0.81 -15.18
CA HIS A 152 -27.39 -0.48 -14.81
C HIS A 152 -27.85 -1.50 -15.83
N MET A 1 -0.73 -6.03 -14.38
CA MET A 1 -2.08 -6.45 -14.78
C MET A 1 -2.39 -7.83 -14.17
N SER A 2 -2.47 -8.86 -15.03
CA SER A 2 -2.73 -10.25 -14.62
C SER A 2 -3.95 -10.36 -13.69
N LEU A 3 -3.70 -10.35 -12.39
CA LEU A 3 -4.77 -10.37 -11.40
C LEU A 3 -5.42 -9.00 -11.33
N ALA A 4 -6.67 -8.90 -11.72
CA ALA A 4 -7.36 -7.62 -11.78
C ALA A 4 -8.31 -7.45 -10.60
N THR A 5 -9.18 -6.45 -10.70
CA THR A 5 -10.15 -6.16 -9.67
C THR A 5 -11.03 -7.36 -9.37
N GLY A 6 -11.16 -7.71 -8.10
CA GLY A 6 -11.97 -8.85 -7.72
C GLY A 6 -11.13 -10.01 -7.26
N SER A 7 -9.82 -9.90 -7.42
CA SER A 7 -8.91 -10.93 -6.98
C SER A 7 -8.69 -10.83 -5.47
N VAL A 8 -8.66 -11.97 -4.80
CA VAL A 8 -8.43 -12.01 -3.36
C VAL A 8 -6.94 -11.94 -3.08
N ALA A 9 -6.56 -11.00 -2.25
CA ALA A 9 -5.15 -10.76 -1.94
C ALA A 9 -4.58 -11.83 -1.02
N PRO A 10 -3.40 -12.38 -1.38
CA PRO A 10 -2.67 -13.32 -0.52
C PRO A 10 -2.25 -12.68 0.81
N ALA A 11 -1.92 -13.52 1.79
CA ALA A 11 -1.60 -13.04 3.12
C ALA A 11 -0.14 -12.62 3.24
N ILE A 12 0.11 -11.32 3.17
CA ILE A 12 1.45 -10.78 3.36
C ILE A 12 1.85 -10.86 4.83
N THR A 13 3.05 -11.36 5.09
CA THR A 13 3.57 -11.40 6.44
C THR A 13 4.97 -10.77 6.47
N GLY A 14 5.03 -9.51 6.88
CA GLY A 14 6.29 -8.80 6.88
C GLY A 14 6.79 -8.49 8.26
N ILE A 15 8.04 -8.13 8.37
CA ILE A 15 8.65 -7.80 9.65
C ILE A 15 8.67 -6.29 9.85
N ASP A 16 8.08 -5.83 10.94
CA ASP A 16 7.96 -4.39 11.21
C ASP A 16 9.30 -3.81 11.65
N LEU A 17 9.29 -2.53 12.04
CA LEU A 17 10.51 -1.80 12.39
C LEU A 17 11.13 -2.33 13.68
N LYS A 18 10.36 -3.06 14.46
CA LYS A 18 10.83 -3.63 15.71
C LYS A 18 11.46 -5.00 15.47
N GLY A 19 10.89 -5.72 14.53
CA GLY A 19 11.34 -7.06 14.23
C GLY A 19 10.24 -8.08 14.44
N ASN A 20 9.00 -7.61 14.41
CA ASN A 20 7.85 -8.48 14.62
C ASN A 20 7.24 -8.88 13.27
N SER A 21 6.78 -10.11 13.17
CA SER A 21 6.11 -10.58 11.97
C SER A 21 4.64 -10.14 11.97
N VAL A 22 4.34 -9.10 11.21
CA VAL A 22 3.00 -8.54 11.16
C VAL A 22 2.38 -8.79 9.79
N SER A 23 1.09 -9.06 9.75
CA SER A 23 0.41 -9.35 8.51
C SER A 23 -0.43 -8.16 8.06
N LEU A 24 -1.13 -8.31 6.95
CA LEU A 24 -2.03 -7.26 6.48
C LEU A 24 -3.36 -7.30 7.25
N ASN A 25 -3.66 -8.46 7.84
CA ASN A 25 -4.93 -8.65 8.53
C ASN A 25 -4.99 -7.81 9.81
N ASP A 26 -3.82 -7.47 10.33
CA ASP A 26 -3.71 -6.68 11.55
C ASP A 26 -4.29 -5.29 11.35
N PHE A 27 -4.29 -4.82 10.10
CA PHE A 27 -4.79 -3.49 9.79
C PHE A 27 -6.07 -3.59 8.97
N LYS A 28 -6.64 -4.78 8.94
CA LYS A 28 -7.80 -5.09 8.10
C LYS A 28 -9.05 -4.37 8.59
N GLY A 29 -10.12 -4.44 7.80
CA GLY A 29 -11.38 -3.80 8.16
C GLY A 29 -11.47 -2.37 7.66
N LYS A 30 -10.53 -2.00 6.82
CA LYS A 30 -10.49 -0.68 6.21
C LYS A 30 -10.05 -0.83 4.77
N TYR A 31 -10.02 0.24 4.01
CA TYR A 31 -9.40 0.21 2.70
C TYR A 31 -7.90 0.29 2.87
N VAL A 32 -7.22 -0.81 2.60
CA VAL A 32 -5.79 -0.88 2.86
C VAL A 32 -5.01 -0.58 1.61
N LEU A 33 -4.15 0.41 1.68
CA LEU A 33 -3.25 0.71 0.59
C LEU A 33 -1.97 -0.08 0.81
N VAL A 34 -1.66 -0.97 -0.11
CA VAL A 34 -0.48 -1.80 0.01
C VAL A 34 0.58 -1.30 -0.95
N ASP A 35 1.56 -0.60 -0.40
CA ASP A 35 2.59 0.05 -1.20
C ASP A 35 3.85 -0.80 -1.25
N PHE A 36 4.13 -1.36 -2.41
CA PHE A 36 5.30 -2.21 -2.59
C PHE A 36 6.47 -1.36 -3.09
N TRP A 37 7.53 -1.28 -2.29
CA TRP A 37 8.66 -0.44 -2.63
C TRP A 37 9.94 -0.95 -1.96
N PHE A 38 11.03 -0.21 -2.20
CA PHE A 38 12.28 -0.38 -1.48
C PHE A 38 13.21 0.78 -1.84
N ALA A 39 14.17 1.08 -0.97
CA ALA A 39 14.98 2.29 -1.10
C ALA A 39 15.83 2.30 -2.38
N GLY A 40 15.99 1.13 -2.98
CA GLY A 40 16.75 1.02 -4.21
C GLY A 40 16.08 1.75 -5.37
N CYS A 41 14.77 1.97 -5.26
CA CYS A 41 14.04 2.69 -6.29
C CYS A 41 14.00 4.17 -5.95
N SER A 42 14.33 5.00 -6.94
CA SER A 42 14.36 6.44 -6.75
C SER A 42 13.00 7.06 -7.02
N TRP A 43 12.21 6.41 -7.88
CA TRP A 43 10.88 6.92 -8.23
C TRP A 43 9.94 6.84 -7.05
N CYS A 44 10.09 5.81 -6.21
CA CYS A 44 9.31 5.67 -4.98
C CYS A 44 9.41 6.95 -4.15
N ARG A 45 10.59 7.54 -4.13
CA ARG A 45 10.84 8.78 -3.39
C ARG A 45 10.03 9.94 -3.97
N LYS A 46 9.74 9.83 -5.27
CA LYS A 46 9.01 10.86 -5.99
C LYS A 46 7.51 10.68 -5.84
N GLU A 47 7.12 9.53 -5.31
CA GLU A 47 5.70 9.25 -5.07
C GLU A 47 5.33 9.52 -3.63
N THR A 48 6.36 9.51 -2.77
CA THR A 48 6.18 9.72 -1.34
C THR A 48 5.33 10.97 -0.98
N PRO A 49 5.61 12.15 -1.58
CA PRO A 49 4.81 13.36 -1.32
C PRO A 49 3.31 13.09 -1.44
N TYR A 50 2.92 12.40 -2.51
CA TYR A 50 1.51 12.08 -2.73
C TYR A 50 1.07 10.94 -1.82
N LEU A 51 1.98 9.98 -1.62
CA LEU A 51 1.74 8.87 -0.70
C LEU A 51 1.40 9.38 0.69
N LEU A 52 2.20 10.31 1.17
CA LEU A 52 2.02 10.90 2.49
C LEU A 52 0.69 11.66 2.57
N LYS A 53 0.38 12.42 1.52
CA LYS A 53 -0.88 13.14 1.48
C LYS A 53 -2.04 12.17 1.56
N THR A 54 -1.93 11.08 0.81
CA THR A 54 -2.89 9.99 0.87
C THR A 54 -3.09 9.52 2.30
N TYR A 55 -1.98 9.33 3.01
CA TYR A 55 -2.02 8.94 4.41
C TYR A 55 -2.83 9.94 5.23
N ASN A 56 -2.37 11.19 5.28
CA ASN A 56 -2.97 12.19 6.18
C ASN A 56 -4.41 12.52 5.80
N ALA A 57 -4.72 12.40 4.52
CA ALA A 57 -6.05 12.75 4.03
C ALA A 57 -7.04 11.58 4.14
N PHE A 58 -6.55 10.36 4.24
CA PHE A 58 -7.42 9.19 4.20
C PHE A 58 -7.44 8.41 5.51
N LYS A 59 -6.47 8.66 6.36
CA LYS A 59 -6.39 8.01 7.67
C LYS A 59 -7.67 8.22 8.48
N ASP A 60 -8.41 9.27 8.15
CA ASP A 60 -9.63 9.60 8.87
C ASP A 60 -10.85 9.30 8.00
N LYS A 61 -10.66 8.49 6.96
CA LYS A 61 -11.76 8.10 6.07
C LYS A 61 -11.93 6.57 6.04
N GLY A 62 -11.32 5.87 6.99
CA GLY A 62 -11.38 4.42 7.00
C GLY A 62 -10.39 3.82 6.02
N PHE A 63 -9.19 4.36 6.05
CA PHE A 63 -8.14 4.00 5.09
C PHE A 63 -6.81 3.90 5.82
N THR A 64 -6.06 2.84 5.52
CA THR A 64 -4.77 2.62 6.17
C THR A 64 -3.73 2.20 5.15
N ILE A 65 -2.49 2.63 5.37
CA ILE A 65 -1.40 2.31 4.45
C ILE A 65 -0.52 1.21 5.03
N TYR A 66 -0.32 0.17 4.25
CA TYR A 66 0.52 -0.95 4.64
C TYR A 66 1.74 -0.98 3.73
N GLY A 67 2.82 -0.40 4.23
CA GLY A 67 4.04 -0.29 3.45
C GLY A 67 4.77 -1.60 3.33
N VAL A 68 4.84 -2.12 2.13
CA VAL A 68 5.54 -3.36 1.86
C VAL A 68 6.93 -3.04 1.31
N SER A 69 7.94 -3.34 2.10
CA SER A 69 9.30 -3.02 1.73
C SER A 69 10.14 -4.28 1.58
N THR A 70 10.76 -4.44 0.43
CA THR A 70 11.65 -5.56 0.19
C THR A 70 13.07 -5.02 0.03
N ASP A 71 13.48 -4.22 1.01
CA ASP A 71 14.73 -3.51 0.96
C ASP A 71 15.91 -4.46 1.09
N ARG A 72 17.12 -3.92 1.03
CA ARG A 72 18.32 -4.73 1.04
C ARG A 72 18.98 -4.67 2.41
N ARG A 73 18.68 -3.61 3.15
CA ARG A 73 19.19 -3.45 4.50
C ARG A 73 18.12 -2.85 5.39
N GLU A 74 18.16 -3.17 6.67
CA GLU A 74 17.21 -2.58 7.60
C GLU A 74 17.62 -1.14 7.90
N GLU A 75 18.92 -0.93 7.97
CA GLU A 75 19.47 0.40 8.24
C GLU A 75 19.07 1.34 7.11
N ASP A 76 19.14 0.82 5.88
CA ASP A 76 18.83 1.62 4.71
C ASP A 76 17.32 1.81 4.59
N TRP A 77 16.57 0.78 4.99
CA TRP A 77 15.12 0.87 5.07
C TRP A 77 14.70 1.96 6.06
N LYS A 78 15.24 1.89 7.28
CA LYS A 78 14.99 2.93 8.28
C LYS A 78 15.45 4.29 7.77
N LYS A 79 16.56 4.30 7.03
CA LYS A 79 17.07 5.51 6.41
C LYS A 79 16.05 6.11 5.45
N ALA A 80 15.51 5.28 4.57
CA ALA A 80 14.54 5.72 3.58
C ALA A 80 13.30 6.30 4.24
N ILE A 81 12.88 5.69 5.34
CA ILE A 81 11.75 6.19 6.11
C ILE A 81 12.02 7.61 6.60
N GLU A 82 13.26 7.87 7.00
CA GLU A 82 13.69 9.20 7.39
C GLU A 82 13.66 10.13 6.18
N GLU A 83 14.38 9.73 5.13
CA GLU A 83 14.52 10.54 3.92
C GLU A 83 13.16 10.95 3.37
N ASP A 84 12.28 9.98 3.24
CA ASP A 84 10.99 10.17 2.61
C ASP A 84 9.94 10.71 3.56
N LYS A 85 10.21 10.60 4.86
CA LYS A 85 9.26 11.02 5.89
C LYS A 85 7.98 10.21 5.78
N SER A 86 8.16 8.93 5.53
CA SER A 86 7.04 8.01 5.36
C SER A 86 6.48 7.57 6.72
N TYR A 87 5.57 8.37 7.26
CA TYR A 87 4.99 8.09 8.57
C TYR A 87 3.78 7.18 8.46
N TRP A 88 4.03 5.89 8.30
CA TRP A 88 2.96 4.88 8.31
C TRP A 88 3.53 3.50 8.56
N ASN A 89 2.65 2.51 8.69
CA ASN A 89 3.04 1.16 9.07
C ASN A 89 3.69 0.45 7.89
N GLN A 90 4.99 0.21 8.00
CA GLN A 90 5.75 -0.44 6.94
C GLN A 90 6.45 -1.70 7.47
N VAL A 91 6.56 -2.71 6.63
CA VAL A 91 7.18 -3.97 7.01
C VAL A 91 8.19 -4.44 5.97
N LEU A 92 9.20 -5.16 6.43
CA LEU A 92 10.19 -5.75 5.54
C LEU A 92 9.78 -7.19 5.23
N LEU A 93 9.81 -7.55 3.96
CA LEU A 93 9.31 -8.86 3.54
C LEU A 93 10.25 -10.00 3.93
N GLN A 94 9.66 -11.18 4.16
CA GLN A 94 10.43 -12.38 4.45
C GLN A 94 10.96 -13.01 3.16
N LYS A 95 11.82 -14.00 3.29
CA LYS A 95 12.48 -14.62 2.13
C LYS A 95 11.46 -15.24 1.17
N ASP A 96 10.44 -15.87 1.72
CA ASP A 96 9.39 -16.47 0.90
C ASP A 96 8.32 -15.45 0.60
N ASP A 97 8.09 -14.57 1.55
CA ASP A 97 7.05 -13.56 1.43
C ASP A 97 7.32 -12.61 0.27
N VAL A 98 8.59 -12.46 -0.08
CA VAL A 98 8.97 -11.66 -1.23
C VAL A 98 8.47 -12.31 -2.51
N LYS A 99 9.02 -13.47 -2.81
CA LYS A 99 8.81 -14.11 -4.09
C LYS A 99 7.35 -14.47 -4.35
N ASP A 100 6.79 -15.34 -3.53
CA ASP A 100 5.49 -15.93 -3.81
C ASP A 100 4.39 -14.89 -3.72
N VAL A 101 4.51 -13.97 -2.78
CA VAL A 101 3.45 -13.02 -2.51
C VAL A 101 3.45 -11.89 -3.54
N LEU A 102 4.62 -11.29 -3.75
CA LEU A 102 4.76 -10.20 -4.71
C LEU A 102 4.30 -10.65 -6.09
N GLU A 103 4.76 -11.82 -6.52
CA GLU A 103 4.41 -12.32 -7.84
C GLU A 103 2.89 -12.41 -7.96
N SER A 104 2.26 -12.99 -6.93
CA SER A 104 0.81 -13.21 -6.89
C SER A 104 0.03 -11.91 -7.11
N TYR A 105 0.55 -10.79 -6.65
CA TYR A 105 -0.09 -9.50 -6.88
C TYR A 105 0.18 -8.98 -8.31
N CYS A 106 0.80 -9.82 -9.12
CA CYS A 106 1.29 -9.44 -10.44
C CYS A 106 2.42 -8.45 -10.29
N ILE A 107 3.42 -8.83 -9.50
CA ILE A 107 4.51 -7.92 -9.19
C ILE A 107 5.86 -8.58 -9.34
N VAL A 108 6.44 -8.44 -10.53
CA VAL A 108 7.80 -8.90 -10.78
C VAL A 108 8.73 -7.68 -10.85
N GLY A 109 8.15 -6.49 -10.70
CA GLY A 109 8.91 -5.25 -10.78
C GLY A 109 8.33 -4.18 -9.89
N PHE A 110 9.12 -3.13 -9.65
CA PHE A 110 8.70 -2.05 -8.75
C PHE A 110 8.84 -0.69 -9.45
N PRO A 111 8.14 0.35 -8.93
CA PRO A 111 7.26 0.25 -7.76
C PRO A 111 5.87 -0.29 -8.11
N HIS A 112 5.08 -0.56 -7.08
CA HIS A 112 3.72 -1.05 -7.26
C HIS A 112 2.86 -0.71 -6.05
N ILE A 113 1.76 0.01 -6.28
CA ILE A 113 0.85 0.38 -5.20
C ILE A 113 -0.54 -0.19 -5.48
N ILE A 114 -1.15 -0.85 -4.49
CA ILE A 114 -2.48 -1.43 -4.68
C ILE A 114 -3.43 -1.05 -3.55
N LEU A 115 -4.73 -1.14 -3.83
CA LEU A 115 -5.76 -0.82 -2.85
C LEU A 115 -6.70 -2.02 -2.68
N VAL A 116 -6.90 -2.44 -1.44
CA VAL A 116 -7.71 -3.61 -1.14
C VAL A 116 -8.92 -3.27 -0.27
N ASP A 117 -10.03 -3.98 -0.52
CA ASP A 117 -11.21 -3.90 0.33
C ASP A 117 -10.86 -4.33 1.75
N PRO A 118 -11.72 -4.00 2.73
CA PRO A 118 -11.64 -4.56 4.07
C PRO A 118 -11.74 -6.08 4.04
N GLU A 119 -12.34 -6.60 2.97
CA GLU A 119 -12.47 -8.02 2.74
C GLU A 119 -11.12 -8.65 2.42
N GLY A 120 -10.28 -7.89 1.73
CA GLY A 120 -9.00 -8.41 1.30
C GLY A 120 -8.99 -8.72 -0.18
N LYS A 121 -9.73 -7.93 -0.95
CA LYS A 121 -9.75 -8.08 -2.40
C LYS A 121 -9.22 -6.83 -3.06
N ILE A 122 -8.58 -6.99 -4.21
CA ILE A 122 -7.98 -5.86 -4.91
C ILE A 122 -9.01 -5.19 -5.81
N VAL A 123 -9.28 -3.92 -5.56
CA VAL A 123 -10.19 -3.16 -6.40
C VAL A 123 -9.41 -2.25 -7.35
N ALA A 124 -8.29 -1.74 -6.87
CA ALA A 124 -7.43 -0.89 -7.66
C ALA A 124 -5.99 -1.28 -7.41
N LYS A 125 -5.16 -1.29 -8.45
CA LYS A 125 -3.79 -1.72 -8.30
C LYS A 125 -2.91 -1.14 -9.39
N GLU A 126 -1.64 -0.99 -9.07
CA GLU A 126 -0.61 -0.60 -10.04
C GLU A 126 -0.79 0.86 -10.45
N LEU A 127 -1.41 1.63 -9.56
CA LEU A 127 -1.59 3.06 -9.76
C LEU A 127 -0.24 3.77 -9.70
N ARG A 128 -0.15 4.96 -10.28
CA ARG A 128 1.14 5.65 -10.39
C ARG A 128 1.07 7.08 -9.86
N GLY A 129 2.08 7.46 -9.06
CA GLY A 129 2.31 8.84 -8.67
C GLY A 129 1.06 9.61 -8.26
N ASP A 130 0.73 10.62 -9.05
CA ASP A 130 -0.42 11.47 -8.78
C ASP A 130 -1.71 10.67 -8.84
N ASP A 131 -1.74 9.71 -9.74
CA ASP A 131 -2.93 8.88 -9.97
C ASP A 131 -3.29 8.06 -8.75
N LEU A 132 -2.29 7.52 -8.06
CA LEU A 132 -2.56 6.67 -6.90
C LEU A 132 -3.39 7.43 -5.87
N TYR A 133 -3.03 8.67 -5.60
CA TYR A 133 -3.82 9.52 -4.70
C TYR A 133 -5.13 9.90 -5.39
N ASN A 134 -5.00 10.31 -6.64
CA ASN A 134 -6.11 10.74 -7.47
C ASN A 134 -7.25 9.73 -7.46
N THR A 135 -6.93 8.50 -7.84
CA THR A 135 -7.93 7.46 -7.97
C THR A 135 -8.41 6.96 -6.61
N VAL A 136 -7.53 6.93 -5.61
CA VAL A 136 -7.96 6.58 -4.26
C VAL A 136 -8.95 7.61 -3.73
N GLU A 137 -8.67 8.89 -3.97
CA GLU A 137 -9.61 9.96 -3.59
C GLU A 137 -10.93 9.76 -4.32
N LYS A 138 -10.86 9.63 -5.65
CA LYS A 138 -12.05 9.44 -6.47
C LYS A 138 -12.84 8.21 -6.05
N PHE A 139 -12.15 7.22 -5.48
CA PHE A 139 -12.79 5.98 -5.08
C PHE A 139 -13.45 6.11 -3.69
N VAL A 140 -12.63 6.41 -2.69
CA VAL A 140 -13.10 6.42 -1.29
C VAL A 140 -14.16 7.49 -1.06
N ASN A 141 -14.03 8.61 -1.75
CA ASN A 141 -15.02 9.67 -1.67
C ASN A 141 -16.21 9.27 -2.52
N GLY A 142 -17.14 8.60 -1.86
CA GLY A 142 -18.37 8.11 -2.48
C GLY A 142 -18.91 8.98 -3.59
N ALA A 143 -18.99 10.29 -3.35
CA ALA A 143 -19.48 11.23 -4.35
C ALA A 143 -18.60 11.21 -5.61
N LYS A 144 -19.13 10.68 -6.69
CA LYS A 144 -18.42 10.61 -7.95
C LYS A 144 -18.76 11.83 -8.81
N GLU A 145 -20.05 12.04 -8.98
CA GLU A 145 -20.57 13.20 -9.67
C GLU A 145 -21.02 14.25 -8.67
N GLY A 146 -21.12 13.84 -7.41
CA GLY A 146 -21.45 14.75 -6.35
C GLY A 146 -22.83 14.51 -5.77
N HIS A 147 -23.77 14.08 -6.61
CA HIS A 147 -25.16 13.93 -6.23
C HIS A 147 -25.71 15.25 -5.69
N HIS A 148 -26.07 16.14 -6.61
CA HIS A 148 -26.55 17.47 -6.25
C HIS A 148 -27.83 17.40 -5.42
N HIS A 149 -27.69 17.40 -4.11
CA HIS A 149 -28.85 17.45 -3.22
C HIS A 149 -29.33 18.88 -3.10
N HIS A 150 -28.54 19.72 -2.44
CA HIS A 150 -28.84 21.15 -2.36
C HIS A 150 -27.55 21.95 -2.36
N HIS A 151 -26.47 21.32 -2.81
CA HIS A 151 -25.17 21.99 -2.91
C HIS A 151 -25.23 23.03 -4.03
N HIS A 152 -25.58 24.25 -3.63
CA HIS A 152 -25.90 25.33 -4.57
C HIS A 152 -27.10 24.94 -5.42
N MET A 1 -5.08 -4.34 -12.83
CA MET A 1 -5.14 -4.49 -14.31
C MET A 1 -4.82 -5.93 -14.71
N SER A 2 -3.64 -6.40 -14.36
CA SER A 2 -3.22 -7.76 -14.69
C SER A 2 -4.16 -8.78 -14.06
N LEU A 3 -4.43 -8.60 -12.77
CA LEU A 3 -5.39 -9.45 -12.06
C LEU A 3 -6.74 -8.75 -12.02
N ALA A 4 -7.05 -8.01 -13.09
CA ALA A 4 -8.27 -7.21 -13.15
C ALA A 4 -8.38 -6.30 -11.93
N THR A 5 -9.60 -6.17 -11.40
CA THR A 5 -9.85 -5.40 -10.19
C THR A 5 -10.99 -6.05 -9.41
N GLY A 6 -10.86 -6.09 -8.09
CA GLY A 6 -11.86 -6.71 -7.25
C GLY A 6 -11.54 -8.15 -6.92
N SER A 7 -10.38 -8.61 -7.35
CA SER A 7 -9.93 -9.96 -7.06
C SER A 7 -9.36 -10.04 -5.65
N VAL A 8 -9.61 -11.15 -4.97
CA VAL A 8 -9.15 -11.31 -3.60
C VAL A 8 -7.64 -11.45 -3.53
N ALA A 9 -7.02 -10.73 -2.61
CA ALA A 9 -5.57 -10.67 -2.52
C ALA A 9 -5.04 -11.66 -1.49
N PRO A 10 -3.84 -12.22 -1.74
CA PRO A 10 -3.15 -13.10 -0.79
C PRO A 10 -2.79 -12.37 0.50
N ALA A 11 -2.50 -13.14 1.55
CA ALA A 11 -2.24 -12.56 2.87
C ALA A 11 -0.75 -12.27 3.06
N ILE A 12 -0.43 -10.98 3.16
CA ILE A 12 0.96 -10.56 3.39
C ILE A 12 1.31 -10.64 4.87
N THR A 13 2.49 -11.15 5.16
CA THR A 13 3.01 -11.20 6.51
C THR A 13 4.48 -10.74 6.53
N GLY A 14 4.70 -9.51 7.01
CA GLY A 14 6.04 -8.96 7.01
C GLY A 14 6.44 -8.47 8.38
N ILE A 15 7.70 -8.10 8.51
CA ILE A 15 8.24 -7.66 9.78
C ILE A 15 8.26 -6.14 9.84
N ASP A 16 7.53 -5.59 10.80
CA ASP A 16 7.29 -4.15 10.87
C ASP A 16 8.50 -3.41 11.43
N LEU A 17 8.33 -2.11 11.66
CA LEU A 17 9.38 -1.25 12.19
C LEU A 17 9.83 -1.69 13.58
N LYS A 18 8.88 -2.21 14.36
CA LYS A 18 9.14 -2.64 15.72
C LYS A 18 9.89 -3.96 15.73
N GLY A 19 9.64 -4.76 14.70
CA GLY A 19 10.27 -6.06 14.59
C GLY A 19 9.27 -7.18 14.80
N ASN A 20 7.99 -6.86 14.64
CA ASN A 20 6.91 -7.82 14.81
C ASN A 20 6.47 -8.31 13.44
N SER A 21 6.10 -9.57 13.34
CA SER A 21 5.60 -10.10 12.08
C SER A 21 4.09 -9.86 12.00
N VAL A 22 3.72 -8.73 11.41
CA VAL A 22 2.33 -8.33 11.33
C VAL A 22 1.73 -8.72 9.98
N SER A 23 0.45 -9.04 9.98
CA SER A 23 -0.23 -9.53 8.80
C SER A 23 -1.18 -8.48 8.24
N LEU A 24 -1.67 -8.72 7.03
CA LEU A 24 -2.61 -7.81 6.38
C LEU A 24 -3.97 -7.85 7.09
N ASN A 25 -4.34 -9.04 7.56
CA ASN A 25 -5.62 -9.22 8.24
C ASN A 25 -5.67 -8.48 9.57
N ASP A 26 -4.52 -8.09 10.09
CA ASP A 26 -4.46 -7.38 11.36
C ASP A 26 -4.92 -5.93 11.18
N PHE A 27 -4.82 -5.43 9.96
CA PHE A 27 -5.28 -4.09 9.64
C PHE A 27 -6.58 -4.14 8.86
N LYS A 28 -7.12 -5.34 8.77
CA LYS A 28 -8.30 -5.61 7.95
C LYS A 28 -9.51 -4.82 8.46
N GLY A 29 -10.52 -4.65 7.61
CA GLY A 29 -11.70 -3.91 8.00
C GLY A 29 -11.64 -2.46 7.57
N LYS A 30 -10.65 -2.13 6.76
CA LYS A 30 -10.46 -0.77 6.27
C LYS A 30 -10.01 -0.82 4.83
N TYR A 31 -9.84 0.34 4.21
CA TYR A 31 -9.22 0.42 2.91
C TYR A 31 -7.71 0.46 3.07
N VAL A 32 -7.07 -0.64 2.74
CA VAL A 32 -5.65 -0.79 2.97
C VAL A 32 -4.88 -0.56 1.68
N LEU A 33 -4.15 0.54 1.65
CA LEU A 33 -3.30 0.86 0.52
C LEU A 33 -1.95 0.21 0.73
N VAL A 34 -1.56 -0.70 -0.15
CA VAL A 34 -0.32 -1.43 0.00
C VAL A 34 0.74 -0.92 -0.95
N ASP A 35 1.80 -0.35 -0.40
CA ASP A 35 2.89 0.20 -1.20
C ASP A 35 4.09 -0.73 -1.24
N PHE A 36 4.33 -1.30 -2.41
CA PHE A 36 5.50 -2.15 -2.62
C PHE A 36 6.64 -1.32 -3.18
N TRP A 37 7.74 -1.23 -2.45
CA TRP A 37 8.86 -0.39 -2.84
C TRP A 37 10.17 -0.94 -2.33
N PHE A 38 11.26 -0.26 -2.71
CA PHE A 38 12.58 -0.50 -2.16
C PHE A 38 13.53 0.60 -2.62
N ALA A 39 14.53 0.87 -1.80
CA ALA A 39 15.49 1.95 -2.06
C ALA A 39 16.41 1.64 -3.24
N GLY A 40 16.16 0.53 -3.92
CA GLY A 40 16.91 0.21 -5.11
C GLY A 40 16.38 0.96 -6.31
N CYS A 41 15.11 1.32 -6.28
CA CYS A 41 14.51 2.07 -7.36
C CYS A 41 14.34 3.53 -6.95
N SER A 42 15.04 4.41 -7.66
CA SER A 42 15.03 5.82 -7.34
C SER A 42 13.67 6.46 -7.61
N TRP A 43 12.91 5.87 -8.53
CA TRP A 43 11.62 6.42 -8.93
C TRP A 43 10.57 6.18 -7.85
N CYS A 44 10.65 5.04 -7.17
CA CYS A 44 9.74 4.74 -6.07
C CYS A 44 9.85 5.79 -4.97
N ARG A 45 11.08 6.27 -4.77
CA ARG A 45 11.37 7.28 -3.74
C ARG A 45 10.71 8.61 -4.10
N LYS A 46 10.43 8.78 -5.39
CA LYS A 46 9.86 10.02 -5.88
C LYS A 46 8.34 10.02 -5.77
N GLU A 47 7.79 8.87 -5.47
CA GLU A 47 6.35 8.73 -5.32
C GLU A 47 5.95 8.58 -3.85
N THR A 48 6.95 8.46 -2.99
CA THR A 48 6.72 8.42 -1.56
C THR A 48 5.88 9.62 -1.05
N PRO A 49 6.23 10.87 -1.47
CA PRO A 49 5.44 12.06 -1.13
C PRO A 49 3.95 11.91 -1.46
N TYR A 50 3.64 11.24 -2.57
CA TYR A 50 2.25 11.03 -2.96
C TYR A 50 1.56 10.10 -1.97
N LEU A 51 2.29 9.08 -1.53
CA LEU A 51 1.78 8.16 -0.51
C LEU A 51 1.53 8.90 0.81
N LEU A 52 2.48 9.76 1.19
CA LEU A 52 2.35 10.55 2.42
C LEU A 52 1.17 11.49 2.32
N LYS A 53 1.03 12.14 1.16
CA LYS A 53 -0.11 13.00 0.88
C LYS A 53 -1.42 12.25 1.09
N THR A 54 -1.45 11.02 0.59
CA THR A 54 -2.62 10.16 0.73
C THR A 54 -2.87 9.82 2.20
N TYR A 55 -1.82 9.40 2.91
CA TYR A 55 -1.95 9.00 4.31
C TYR A 55 -2.45 10.18 5.16
N ASN A 56 -2.02 11.38 4.80
CA ASN A 56 -2.37 12.58 5.54
C ASN A 56 -3.83 12.98 5.30
N ALA A 57 -4.31 12.72 4.09
CA ALA A 57 -5.65 13.14 3.71
C ALA A 57 -6.73 12.12 4.05
N PHE A 58 -6.34 10.87 4.29
CA PHE A 58 -7.30 9.80 4.56
C PHE A 58 -7.22 9.31 6.00
N LYS A 59 -6.49 10.03 6.84
CA LYS A 59 -6.31 9.63 8.23
C LYS A 59 -7.57 9.91 9.05
N ASP A 60 -8.55 10.53 8.41
CA ASP A 60 -9.83 10.82 9.03
C ASP A 60 -10.85 9.76 8.64
N LYS A 61 -10.43 8.83 7.79
CA LYS A 61 -11.33 7.84 7.22
C LYS A 61 -10.85 6.43 7.54
N GLY A 62 -11.65 5.43 7.17
CA GLY A 62 -11.26 4.04 7.35
C GLY A 62 -10.23 3.62 6.33
N PHE A 63 -9.08 4.27 6.36
CA PHE A 63 -8.03 4.03 5.40
C PHE A 63 -6.68 3.90 6.10
N THR A 64 -5.95 2.84 5.76
CA THR A 64 -4.64 2.61 6.33
C THR A 64 -3.66 2.19 5.24
N ILE A 65 -2.45 2.72 5.29
CA ILE A 65 -1.44 2.35 4.31
C ILE A 65 -0.52 1.28 4.89
N TYR A 66 -0.42 0.18 4.17
CA TYR A 66 0.40 -0.94 4.58
C TYR A 66 1.56 -1.09 3.60
N GLY A 67 2.74 -0.69 4.03
CA GLY A 67 3.88 -0.70 3.16
C GLY A 67 4.58 -2.03 3.15
N VAL A 68 5.06 -2.42 1.99
CA VAL A 68 5.79 -3.66 1.83
C VAL A 68 7.17 -3.37 1.24
N SER A 69 8.19 -3.58 2.06
CA SER A 69 9.54 -3.25 1.67
C SER A 69 10.40 -4.51 1.58
N THR A 70 11.44 -4.43 0.78
CA THR A 70 12.37 -5.54 0.58
C THR A 70 13.78 -4.98 0.42
N ASP A 71 14.08 -3.98 1.24
CA ASP A 71 15.30 -3.20 1.13
C ASP A 71 16.54 -3.96 1.56
N ARG A 72 17.68 -3.30 1.38
CA ARG A 72 18.99 -3.91 1.56
C ARG A 72 19.30 -4.21 3.03
N ARG A 73 19.02 -3.25 3.90
CA ARG A 73 19.33 -3.39 5.31
C ARG A 73 18.27 -2.69 6.13
N GLU A 74 18.02 -3.18 7.35
CA GLU A 74 16.99 -2.59 8.20
C GLU A 74 17.35 -1.13 8.53
N GLU A 75 18.62 -0.89 8.82
CA GLU A 75 19.10 0.45 9.12
C GLU A 75 18.85 1.37 7.93
N ASP A 76 19.16 0.87 6.74
CA ASP A 76 18.96 1.63 5.51
C ASP A 76 17.47 1.83 5.25
N TRP A 77 16.71 0.79 5.53
CA TRP A 77 15.25 0.83 5.43
C TRP A 77 14.68 1.92 6.33
N LYS A 78 15.03 1.87 7.62
CA LYS A 78 14.62 2.90 8.57
C LYS A 78 15.08 4.28 8.10
N LYS A 79 16.30 4.32 7.58
CA LYS A 79 16.87 5.56 7.04
C LYS A 79 16.01 6.08 5.88
N ALA A 80 15.70 5.19 4.94
CA ALA A 80 14.91 5.54 3.77
C ALA A 80 13.56 6.11 4.17
N ILE A 81 12.96 5.50 5.18
CA ILE A 81 11.69 5.96 5.72
C ILE A 81 11.81 7.38 6.27
N GLU A 82 12.94 7.67 6.90
CA GLU A 82 13.19 8.97 7.47
C GLU A 82 13.44 9.99 6.34
N GLU A 83 14.27 9.60 5.38
CA GLU A 83 14.61 10.45 4.24
C GLU A 83 13.36 10.93 3.51
N ASP A 84 12.54 9.96 3.11
CA ASP A 84 11.35 10.24 2.29
C ASP A 84 10.15 10.64 3.13
N LYS A 85 10.34 10.68 4.46
CA LYS A 85 9.26 11.01 5.38
C LYS A 85 8.09 10.04 5.23
N SER A 86 8.43 8.79 4.99
CA SER A 86 7.46 7.74 4.76
C SER A 86 6.92 7.20 6.08
N TYR A 87 6.16 8.03 6.80
CA TYR A 87 5.68 7.68 8.12
C TYR A 87 4.35 6.92 8.05
N TRP A 88 4.41 5.64 7.69
CA TRP A 88 3.24 4.76 7.80
C TRP A 88 3.69 3.33 8.08
N ASN A 89 2.74 2.40 8.09
CA ASN A 89 3.02 1.03 8.53
C ASN A 89 3.67 0.22 7.43
N GLN A 90 4.99 0.23 7.39
CA GLN A 90 5.71 -0.54 6.39
C GLN A 90 6.40 -1.74 7.02
N VAL A 91 6.34 -2.87 6.31
CA VAL A 91 6.93 -4.11 6.78
C VAL A 91 8.01 -4.60 5.83
N LEU A 92 9.03 -5.23 6.39
CA LEU A 92 10.09 -5.81 5.59
C LEU A 92 9.74 -7.27 5.29
N LEU A 93 9.76 -7.63 4.02
CA LEU A 93 9.44 -8.98 3.60
C LEU A 93 10.50 -9.97 4.06
N GLN A 94 10.06 -11.17 4.40
CA GLN A 94 10.97 -12.26 4.71
C GLN A 94 11.74 -12.67 3.46
N LYS A 95 12.90 -13.25 3.64
CA LYS A 95 13.84 -13.50 2.54
C LYS A 95 13.22 -14.42 1.49
N ASP A 96 12.58 -15.47 1.95
CA ASP A 96 11.97 -16.44 1.05
C ASP A 96 10.56 -15.99 0.65
N ASP A 97 10.01 -15.10 1.44
CA ASP A 97 8.64 -14.63 1.24
C ASP A 97 8.59 -13.55 0.15
N VAL A 98 9.70 -12.82 -0.02
CA VAL A 98 9.82 -11.78 -1.03
C VAL A 98 9.34 -12.26 -2.40
N LYS A 99 9.86 -13.42 -2.82
CA LYS A 99 9.57 -13.97 -4.13
C LYS A 99 8.08 -14.18 -4.33
N ASP A 100 7.43 -14.78 -3.35
CA ASP A 100 6.04 -15.17 -3.48
C ASP A 100 5.12 -13.94 -3.54
N VAL A 101 5.31 -13.03 -2.60
CA VAL A 101 4.45 -11.85 -2.50
C VAL A 101 4.55 -10.98 -3.74
N LEU A 102 5.77 -10.57 -4.08
CA LEU A 102 6.00 -9.69 -5.21
C LEU A 102 5.45 -10.31 -6.49
N GLU A 103 5.75 -11.58 -6.71
CA GLU A 103 5.27 -12.28 -7.89
C GLU A 103 3.75 -12.16 -7.97
N SER A 104 3.08 -12.69 -6.94
CA SER A 104 1.63 -12.85 -6.91
C SER A 104 0.86 -11.58 -7.25
N TYR A 105 1.35 -10.44 -6.80
CA TYR A 105 0.66 -9.18 -7.08
C TYR A 105 1.03 -8.65 -8.48
N CYS A 106 1.56 -9.53 -9.31
CA CYS A 106 1.99 -9.21 -10.67
C CYS A 106 3.10 -8.19 -10.63
N ILE A 107 4.04 -8.35 -9.71
CA ILE A 107 5.09 -7.37 -9.56
C ILE A 107 6.37 -7.83 -10.25
N VAL A 108 6.48 -7.48 -11.52
CA VAL A 108 7.70 -7.72 -12.29
C VAL A 108 8.56 -6.47 -12.26
N GLY A 109 7.94 -5.35 -11.94
CA GLY A 109 8.63 -4.08 -11.89
C GLY A 109 8.07 -3.16 -10.84
N PHE A 110 8.92 -2.28 -10.32
CA PHE A 110 8.51 -1.34 -9.29
C PHE A 110 8.44 0.08 -9.87
N PRO A 111 7.66 0.97 -9.24
CA PRO A 111 6.88 0.64 -8.03
C PRO A 111 5.62 -0.14 -8.34
N HIS A 112 4.90 -0.51 -7.30
CA HIS A 112 3.63 -1.21 -7.45
C HIS A 112 2.78 -0.98 -6.23
N ILE A 113 1.63 -0.34 -6.42
CA ILE A 113 0.76 0.02 -5.31
C ILE A 113 -0.67 -0.47 -5.57
N ILE A 114 -1.30 -1.00 -4.52
CA ILE A 114 -2.65 -1.55 -4.64
C ILE A 114 -3.53 -1.08 -3.49
N LEU A 115 -4.84 -1.13 -3.70
CA LEU A 115 -5.80 -0.79 -2.67
C LEU A 115 -6.67 -1.99 -2.34
N VAL A 116 -6.55 -2.48 -1.12
CA VAL A 116 -7.33 -3.62 -0.66
C VAL A 116 -8.55 -3.17 0.15
N ASP A 117 -9.71 -3.69 -0.21
CA ASP A 117 -10.94 -3.39 0.52
C ASP A 117 -11.00 -4.21 1.81
N PRO A 118 -11.92 -3.88 2.74
CA PRO A 118 -12.11 -4.64 4.00
C PRO A 118 -12.27 -6.15 3.77
N GLU A 119 -12.92 -6.52 2.68
CA GLU A 119 -13.11 -7.92 2.32
C GLU A 119 -11.75 -8.59 2.06
N GLY A 120 -10.85 -7.85 1.46
CA GLY A 120 -9.53 -8.36 1.16
C GLY A 120 -9.29 -8.49 -0.32
N LYS A 121 -9.98 -7.68 -1.10
CA LYS A 121 -9.85 -7.72 -2.54
C LYS A 121 -9.19 -6.45 -3.04
N ILE A 122 -8.49 -6.55 -4.15
CA ILE A 122 -7.80 -5.41 -4.72
C ILE A 122 -8.73 -4.62 -5.64
N VAL A 123 -9.40 -3.62 -5.08
CA VAL A 123 -10.34 -2.81 -5.85
C VAL A 123 -9.60 -1.88 -6.80
N ALA A 124 -8.38 -1.53 -6.42
CA ALA A 124 -7.53 -0.69 -7.26
C ALA A 124 -6.14 -1.29 -7.32
N LYS A 125 -5.69 -1.65 -8.51
CA LYS A 125 -4.42 -2.35 -8.65
C LYS A 125 -3.53 -1.63 -9.67
N GLU A 126 -2.22 -1.87 -9.56
CA GLU A 126 -1.20 -1.21 -10.41
C GLU A 126 -1.39 0.30 -10.41
N LEU A 127 -1.53 0.87 -9.22
CA LEU A 127 -1.73 2.31 -9.08
C LEU A 127 -0.44 3.08 -9.37
N ARG A 128 -0.61 4.34 -9.73
CA ARG A 128 0.49 5.18 -10.17
C ARG A 128 0.51 6.50 -9.39
N GLY A 129 1.71 6.98 -9.07
CA GLY A 129 1.92 8.36 -8.57
C GLY A 129 0.80 8.88 -7.68
N ASP A 130 0.36 10.10 -7.96
CA ASP A 130 -0.75 10.70 -7.21
C ASP A 130 -2.08 10.15 -7.70
N ASP A 131 -2.02 9.43 -8.82
CA ASP A 131 -3.19 8.78 -9.42
C ASP A 131 -3.86 7.88 -8.40
N LEU A 132 -3.06 7.28 -7.52
CA LEU A 132 -3.58 6.40 -6.49
C LEU A 132 -4.44 7.22 -5.52
N TYR A 133 -3.97 8.41 -5.18
CA TYR A 133 -4.70 9.31 -4.30
C TYR A 133 -6.05 9.66 -4.92
N ASN A 134 -6.00 10.12 -6.17
CA ASN A 134 -7.19 10.52 -6.90
C ASN A 134 -8.17 9.37 -7.03
N THR A 135 -7.65 8.17 -7.20
CA THR A 135 -8.48 6.99 -7.32
C THR A 135 -9.13 6.64 -5.98
N VAL A 136 -8.33 6.63 -4.92
CA VAL A 136 -8.83 6.28 -3.60
C VAL A 136 -9.81 7.33 -3.07
N GLU A 137 -9.45 8.60 -3.22
CA GLU A 137 -10.31 9.71 -2.77
C GLU A 137 -11.66 9.63 -3.47
N LYS A 138 -11.61 9.40 -4.78
CA LYS A 138 -12.80 9.21 -5.58
C LYS A 138 -13.63 8.05 -5.04
N PHE A 139 -12.98 6.90 -4.91
CA PHE A 139 -13.68 5.66 -4.59
C PHE A 139 -14.30 5.69 -3.20
N VAL A 140 -13.48 5.94 -2.20
CA VAL A 140 -13.93 5.89 -0.82
C VAL A 140 -14.98 6.96 -0.54
N ASN A 141 -14.76 8.16 -1.06
CA ASN A 141 -15.62 9.30 -0.73
C ASN A 141 -16.89 9.30 -1.57
N GLY A 142 -16.75 9.40 -2.89
CA GLY A 142 -17.90 9.69 -3.73
C GLY A 142 -18.31 8.56 -4.67
N ALA A 143 -17.37 7.70 -5.05
CA ALA A 143 -17.65 6.64 -6.02
C ALA A 143 -18.49 5.53 -5.41
N LYS A 144 -19.76 5.82 -5.19
CA LYS A 144 -20.71 4.88 -4.63
C LYS A 144 -22.05 5.08 -5.32
N GLU A 145 -21.99 5.44 -6.60
CA GLU A 145 -23.17 5.77 -7.38
C GLU A 145 -23.99 4.54 -7.73
N GLY A 146 -24.95 4.23 -6.86
CA GLY A 146 -25.90 3.17 -7.14
C GLY A 146 -27.32 3.66 -7.01
N HIS A 147 -27.51 4.98 -7.12
CA HIS A 147 -28.84 5.58 -6.96
C HIS A 147 -29.25 6.32 -8.23
N HIS A 148 -28.81 5.83 -9.38
CA HIS A 148 -29.10 6.48 -10.64
C HIS A 148 -29.78 5.53 -11.61
N HIS A 149 -30.87 5.99 -12.22
CA HIS A 149 -31.54 5.22 -13.26
C HIS A 149 -30.81 5.40 -14.60
N HIS A 150 -31.38 4.86 -15.67
CA HIS A 150 -30.70 4.89 -16.98
C HIS A 150 -30.44 6.33 -17.42
N HIS A 151 -31.48 7.15 -17.37
CA HIS A 151 -31.41 8.60 -17.59
C HIS A 151 -32.82 9.13 -17.75
N HIS A 152 -33.73 8.22 -18.07
CA HIS A 152 -35.15 8.47 -17.96
C HIS A 152 -35.77 7.26 -17.29
N MET A 1 -7.27 -12.00 -15.94
CA MET A 1 -5.83 -11.85 -16.27
C MET A 1 -5.02 -12.32 -15.07
N SER A 2 -3.76 -11.90 -14.97
CA SER A 2 -2.93 -12.22 -13.81
C SER A 2 -3.61 -11.72 -12.55
N LEU A 3 -3.90 -10.43 -12.51
CA LEU A 3 -4.69 -9.84 -11.45
C LEU A 3 -6.00 -9.31 -12.02
N ALA A 4 -6.98 -9.10 -11.15
CA ALA A 4 -8.28 -8.62 -11.58
C ALA A 4 -8.80 -7.56 -10.62
N THR A 5 -10.08 -7.28 -10.69
CA THR A 5 -10.74 -6.40 -9.75
C THR A 5 -11.66 -7.21 -8.85
N GLY A 6 -11.32 -7.30 -7.58
CA GLY A 6 -12.06 -8.14 -6.67
C GLY A 6 -11.29 -9.40 -6.33
N SER A 7 -10.14 -9.55 -6.97
CA SER A 7 -9.27 -10.69 -6.73
C SER A 7 -8.60 -10.53 -5.35
N VAL A 8 -8.70 -11.57 -4.53
CA VAL A 8 -8.15 -11.52 -3.18
C VAL A 8 -6.63 -11.50 -3.21
N ALA A 9 -6.05 -10.63 -2.41
CA ALA A 9 -4.61 -10.48 -2.34
C ALA A 9 -4.02 -11.38 -1.27
N PRO A 10 -2.81 -11.93 -1.54
CA PRO A 10 -2.09 -12.77 -0.58
C PRO A 10 -1.87 -12.09 0.77
N ALA A 11 -1.63 -12.88 1.80
CA ALA A 11 -1.51 -12.35 3.16
C ALA A 11 -0.05 -12.03 3.49
N ILE A 12 0.31 -10.77 3.28
CA ILE A 12 1.66 -10.30 3.59
C ILE A 12 1.99 -10.53 5.06
N THR A 13 3.16 -11.09 5.33
CA THR A 13 3.62 -11.26 6.69
C THR A 13 5.02 -10.68 6.82
N GLY A 14 5.09 -9.38 7.13
CA GLY A 14 6.36 -8.68 7.10
C GLY A 14 6.76 -8.15 8.46
N ILE A 15 8.04 -7.84 8.59
CA ILE A 15 8.57 -7.31 9.83
C ILE A 15 8.44 -5.80 9.87
N ASP A 16 7.80 -5.29 10.92
CA ASP A 16 7.49 -3.86 11.02
C ASP A 16 8.65 -3.06 11.60
N LEU A 17 8.39 -1.81 11.93
CA LEU A 17 9.38 -0.91 12.50
C LEU A 17 9.88 -1.40 13.86
N LYS A 18 9.04 -2.11 14.59
CA LYS A 18 9.44 -2.67 15.87
C LYS A 18 10.32 -3.89 15.67
N GLY A 19 10.01 -4.65 14.63
CA GLY A 19 10.71 -5.88 14.38
C GLY A 19 9.79 -7.07 14.54
N ASN A 20 8.49 -6.80 14.54
CA ASN A 20 7.50 -7.85 14.70
C ASN A 20 6.97 -8.26 13.34
N SER A 21 6.76 -9.55 13.16
CA SER A 21 6.17 -10.06 11.95
C SER A 21 4.66 -9.84 11.96
N VAL A 22 4.22 -8.76 11.31
CA VAL A 22 2.82 -8.37 11.28
C VAL A 22 2.19 -8.79 9.95
N SER A 23 0.92 -9.13 9.96
CA SER A 23 0.27 -9.64 8.77
C SER A 23 -0.72 -8.62 8.20
N LEU A 24 -1.00 -8.75 6.91
CA LEU A 24 -1.92 -7.84 6.21
C LEU A 24 -3.34 -7.92 6.79
N ASN A 25 -3.68 -9.07 7.35
CA ASN A 25 -5.00 -9.28 7.95
C ASN A 25 -5.20 -8.40 9.17
N ASP A 26 -4.11 -8.02 9.81
CA ASP A 26 -4.17 -7.21 11.03
C ASP A 26 -4.52 -5.77 10.68
N PHE A 27 -4.51 -5.46 9.40
CA PHE A 27 -4.80 -4.10 8.95
C PHE A 27 -6.11 -4.07 8.18
N LYS A 28 -6.77 -5.22 8.16
CA LYS A 28 -8.03 -5.37 7.42
C LYS A 28 -9.12 -4.45 7.96
N GLY A 29 -10.23 -4.38 7.23
CA GLY A 29 -11.34 -3.52 7.60
C GLY A 29 -11.13 -2.09 7.14
N LYS A 30 -10.11 -1.90 6.32
CA LYS A 30 -9.75 -0.58 5.82
C LYS A 30 -9.34 -0.69 4.37
N TYR A 31 -9.43 0.40 3.63
CA TYR A 31 -8.88 0.44 2.29
C TYR A 31 -7.37 0.50 2.37
N VAL A 32 -6.73 -0.54 1.88
CA VAL A 32 -5.30 -0.69 2.04
C VAL A 32 -4.55 -0.34 0.76
N LEU A 33 -3.87 0.79 0.78
CA LEU A 33 -3.05 1.20 -0.34
C LEU A 33 -1.66 0.58 -0.18
N VAL A 34 -1.37 -0.43 -0.97
CA VAL A 34 -0.12 -1.17 -0.82
C VAL A 34 0.99 -0.56 -1.63
N ASP A 35 2.09 -0.26 -0.96
CA ASP A 35 3.25 0.40 -1.56
C ASP A 35 4.44 -0.56 -1.62
N PHE A 36 4.62 -1.22 -2.77
CA PHE A 36 5.77 -2.09 -2.96
C PHE A 36 6.97 -1.26 -3.35
N TRP A 37 7.98 -1.23 -2.50
CA TRP A 37 9.09 -0.33 -2.72
C TRP A 37 10.39 -0.83 -2.08
N PHE A 38 11.43 -0.08 -2.35
CA PHE A 38 12.71 -0.20 -1.68
C PHE A 38 13.52 1.04 -2.07
N ALA A 39 14.57 1.35 -1.33
CA ALA A 39 15.29 2.59 -1.54
C ALA A 39 15.97 2.62 -2.91
N GLY A 40 16.14 1.43 -3.47
CA GLY A 40 16.75 1.31 -4.78
C GLY A 40 15.84 1.76 -5.92
N CYS A 41 14.53 1.64 -5.74
CA CYS A 41 13.59 2.08 -6.77
C CYS A 41 13.10 3.49 -6.46
N SER A 42 13.73 4.46 -7.10
CA SER A 42 13.50 5.87 -6.80
C SER A 42 12.08 6.29 -7.12
N TRP A 43 11.52 5.74 -8.20
CA TRP A 43 10.21 6.18 -8.70
C TRP A 43 9.12 6.10 -7.63
N CYS A 44 9.12 5.03 -6.84
CA CYS A 44 8.11 4.87 -5.80
C CYS A 44 8.27 5.96 -4.73
N ARG A 45 9.49 6.43 -4.57
CA ARG A 45 9.79 7.47 -3.59
C ARG A 45 9.42 8.85 -4.15
N LYS A 46 9.21 8.91 -5.46
CA LYS A 46 8.78 10.14 -6.11
C LYS A 46 7.29 10.35 -5.92
N GLU A 47 6.58 9.26 -5.64
CA GLU A 47 5.14 9.30 -5.42
C GLU A 47 4.84 9.52 -3.93
N THR A 48 5.91 9.49 -3.13
CA THR A 48 5.83 9.67 -1.68
C THR A 48 5.00 10.91 -1.27
N PRO A 49 5.25 12.11 -1.87
CA PRO A 49 4.48 13.31 -1.56
C PRO A 49 2.96 13.07 -1.60
N TYR A 50 2.50 12.38 -2.64
CA TYR A 50 1.09 12.05 -2.77
C TYR A 50 0.68 10.97 -1.79
N LEU A 51 1.55 9.98 -1.61
CA LEU A 51 1.30 8.91 -0.64
C LEU A 51 1.08 9.49 0.75
N LEU A 52 2.03 10.32 1.19
CA LEU A 52 1.96 10.95 2.49
C LEU A 52 0.69 11.79 2.61
N LYS A 53 0.38 12.54 1.56
CA LYS A 53 -0.82 13.37 1.54
C LYS A 53 -2.08 12.50 1.64
N THR A 54 -2.10 11.42 0.87
CA THR A 54 -3.21 10.49 0.88
C THR A 54 -3.42 9.91 2.29
N TYR A 55 -2.33 9.47 2.92
CA TYR A 55 -2.41 8.94 4.27
C TYR A 55 -2.84 10.04 5.24
N ASN A 56 -2.35 11.25 4.98
CA ASN A 56 -2.67 12.41 5.80
C ASN A 56 -4.17 12.74 5.80
N ALA A 57 -4.76 12.67 4.63
CA ALA A 57 -6.16 13.07 4.48
C ALA A 57 -7.14 11.95 4.85
N PHE A 58 -6.72 10.71 4.73
CA PHE A 58 -7.62 9.59 4.94
C PHE A 58 -7.24 8.75 6.16
N LYS A 59 -6.32 9.27 6.96
CA LYS A 59 -5.88 8.58 8.17
C LYS A 59 -7.01 8.47 9.19
N ASP A 60 -7.92 9.43 9.15
CA ASP A 60 -9.02 9.49 10.11
C ASP A 60 -10.23 8.75 9.54
N LYS A 61 -10.02 8.04 8.45
CA LYS A 61 -11.09 7.30 7.79
C LYS A 61 -10.72 5.82 7.73
N GLY A 62 -11.55 5.02 7.05
CA GLY A 62 -11.26 3.62 6.90
C GLY A 62 -10.26 3.36 5.79
N PHE A 63 -9.08 3.96 5.92
CA PHE A 63 -8.05 3.86 4.91
C PHE A 63 -6.67 3.80 5.57
N THR A 64 -5.78 3.01 5.01
CA THR A 64 -4.42 2.94 5.49
C THR A 64 -3.49 2.56 4.35
N ILE A 65 -2.25 3.03 4.42
CA ILE A 65 -1.26 2.69 3.41
C ILE A 65 -0.32 1.62 3.95
N TYR A 66 -0.21 0.54 3.21
CA TYR A 66 0.60 -0.59 3.64
C TYR A 66 1.88 -0.63 2.81
N GLY A 67 2.95 -0.11 3.39
CA GLY A 67 4.22 -0.12 2.72
C GLY A 67 4.89 -1.47 2.86
N VAL A 68 5.48 -1.95 1.79
CA VAL A 68 6.13 -3.24 1.80
C VAL A 68 7.45 -3.18 1.03
N SER A 69 8.53 -3.53 1.71
CA SER A 69 9.85 -3.40 1.11
C SER A 69 10.64 -4.71 1.22
N THR A 70 11.69 -4.80 0.43
CA THR A 70 12.57 -5.96 0.41
C THR A 70 13.99 -5.49 0.10
N ASP A 71 14.39 -4.40 0.75
CA ASP A 71 15.67 -3.75 0.47
C ASP A 71 16.85 -4.60 0.96
N ARG A 72 18.05 -4.09 0.77
CA ARG A 72 19.29 -4.82 1.06
C ARG A 72 19.46 -5.06 2.56
N ARG A 73 18.92 -4.16 3.37
CA ARG A 73 19.06 -4.25 4.81
C ARG A 73 17.79 -3.78 5.49
N GLU A 74 17.61 -4.23 6.73
CA GLU A 74 16.52 -3.74 7.55
C GLU A 74 16.86 -2.34 8.03
N GLU A 75 18.13 -2.16 8.37
CA GLU A 75 18.64 -0.87 8.82
C GLU A 75 18.44 0.17 7.73
N ASP A 76 18.77 -0.21 6.49
CA ASP A 76 18.56 0.66 5.34
C ASP A 76 17.09 0.96 5.16
N TRP A 77 16.25 -0.06 5.31
CA TRP A 77 14.81 0.11 5.25
C TRP A 77 14.33 1.14 6.28
N LYS A 78 14.70 0.94 7.53
CA LYS A 78 14.37 1.91 8.60
C LYS A 78 14.85 3.31 8.22
N LYS A 79 16.11 3.40 7.83
CA LYS A 79 16.73 4.67 7.46
C LYS A 79 16.01 5.32 6.28
N ALA A 80 15.69 4.52 5.27
CA ALA A 80 15.02 5.02 4.08
C ALA A 80 13.66 5.62 4.43
N ILE A 81 12.96 4.98 5.37
CA ILE A 81 11.68 5.50 5.84
C ILE A 81 11.84 6.89 6.43
N GLU A 82 12.88 7.05 7.24
CA GLU A 82 13.18 8.35 7.85
C GLU A 82 13.64 9.36 6.80
N GLU A 83 14.54 8.95 5.91
CA GLU A 83 15.03 9.82 4.85
C GLU A 83 13.90 10.29 3.94
N ASP A 84 13.04 9.34 3.57
CA ASP A 84 11.96 9.60 2.63
C ASP A 84 10.76 10.24 3.32
N LYS A 85 10.74 10.15 4.65
CA LYS A 85 9.68 10.75 5.47
C LYS A 85 8.34 10.09 5.22
N SER A 86 8.36 8.81 4.93
CA SER A 86 7.15 8.05 4.74
C SER A 86 6.71 7.40 6.05
N TYR A 87 5.96 8.16 6.85
CA TYR A 87 5.55 7.67 8.16
C TYR A 87 4.19 6.98 8.08
N TRP A 88 4.19 5.70 7.72
CA TRP A 88 2.98 4.90 7.79
C TRP A 88 3.31 3.42 7.99
N ASN A 89 2.29 2.58 7.93
CA ASN A 89 2.43 1.16 8.19
C ASN A 89 3.22 0.47 7.08
N GLN A 90 4.51 0.29 7.31
CA GLN A 90 5.38 -0.35 6.33
C GLN A 90 6.07 -1.55 6.95
N VAL A 91 6.24 -2.61 6.17
CA VAL A 91 6.88 -3.83 6.65
C VAL A 91 7.98 -4.29 5.70
N LEU A 92 8.89 -5.09 6.23
CA LEU A 92 9.96 -5.69 5.44
C LEU A 92 9.63 -7.15 5.19
N LEU A 93 9.77 -7.59 3.94
CA LEU A 93 9.46 -8.96 3.57
C LEU A 93 10.38 -9.95 4.29
N GLN A 94 9.82 -11.07 4.72
CA GLN A 94 10.59 -12.10 5.41
C GLN A 94 11.17 -13.08 4.41
N LYS A 95 12.07 -13.95 4.87
CA LYS A 95 12.81 -14.87 4.00
C LYS A 95 11.88 -15.63 3.06
N ASP A 96 10.91 -16.29 3.65
CA ASP A 96 9.94 -17.08 2.90
C ASP A 96 8.83 -16.19 2.34
N ASP A 97 8.46 -15.19 3.11
CA ASP A 97 7.42 -14.24 2.75
C ASP A 97 7.73 -13.54 1.41
N VAL A 98 9.02 -13.26 1.18
CA VAL A 98 9.48 -12.64 -0.07
C VAL A 98 8.98 -13.40 -1.29
N LYS A 99 8.94 -14.72 -1.20
CA LYS A 99 8.58 -15.57 -2.33
C LYS A 99 7.14 -15.30 -2.78
N ASP A 100 6.19 -15.48 -1.87
CA ASP A 100 4.78 -15.37 -2.23
C ASP A 100 4.43 -13.95 -2.66
N VAL A 101 4.83 -12.98 -1.85
CA VAL A 101 4.54 -11.57 -2.13
C VAL A 101 4.99 -11.17 -3.54
N LEU A 102 6.29 -11.30 -3.79
CA LEU A 102 6.88 -10.85 -5.05
C LEU A 102 6.35 -11.63 -6.23
N GLU A 103 6.01 -12.88 -6.02
CA GLU A 103 5.48 -13.68 -7.10
C GLU A 103 4.00 -13.38 -7.33
N SER A 104 3.20 -13.69 -6.31
CA SER A 104 1.74 -13.77 -6.43
C SER A 104 1.08 -12.43 -6.75
N TYR A 105 1.73 -11.32 -6.42
CA TYR A 105 1.21 -10.02 -6.83
C TYR A 105 1.58 -9.72 -8.28
N CYS A 106 2.01 -10.77 -8.98
CA CYS A 106 2.46 -10.68 -10.36
C CYS A 106 3.56 -9.65 -10.46
N ILE A 107 4.49 -9.71 -9.52
CA ILE A 107 5.52 -8.67 -9.47
C ILE A 107 6.68 -9.01 -10.38
N VAL A 108 6.62 -8.51 -11.61
CA VAL A 108 7.68 -8.69 -12.59
C VAL A 108 8.45 -7.39 -12.77
N GLY A 109 8.34 -6.51 -11.79
CA GLY A 109 9.03 -5.23 -11.84
C GLY A 109 8.47 -4.25 -10.84
N PHE A 110 9.16 -3.14 -10.65
CA PHE A 110 8.73 -2.11 -9.72
C PHE A 110 8.60 -0.78 -10.44
N PRO A 111 7.82 0.16 -9.86
CA PRO A 111 7.11 -0.03 -8.61
C PRO A 111 5.74 -0.69 -8.81
N HIS A 112 5.11 -1.06 -7.72
CA HIS A 112 3.77 -1.64 -7.76
C HIS A 112 2.92 -1.04 -6.65
N ILE A 113 2.02 -0.14 -7.02
CA ILE A 113 1.14 0.50 -6.05
C ILE A 113 -0.30 0.13 -6.33
N ILE A 114 -0.90 -0.60 -5.40
CA ILE A 114 -2.25 -1.11 -5.59
C ILE A 114 -3.16 -0.67 -4.44
N LEU A 115 -4.46 -0.70 -4.70
CA LEU A 115 -5.44 -0.33 -3.69
C LEU A 115 -6.32 -1.53 -3.36
N VAL A 116 -6.22 -1.97 -2.12
CA VAL A 116 -6.93 -3.15 -1.66
C VAL A 116 -8.16 -2.74 -0.84
N ASP A 117 -9.25 -3.50 -0.99
CA ASP A 117 -10.48 -3.24 -0.24
C ASP A 117 -10.32 -3.74 1.20
N PRO A 118 -11.22 -3.33 2.11
CA PRO A 118 -11.21 -3.77 3.52
C PRO A 118 -11.10 -5.29 3.70
N GLU A 119 -11.61 -6.05 2.74
CA GLU A 119 -11.60 -7.50 2.83
C GLU A 119 -10.37 -8.12 2.18
N GLY A 120 -9.47 -7.28 1.69
CA GLY A 120 -8.21 -7.78 1.15
C GLY A 120 -8.29 -8.19 -0.31
N LYS A 121 -9.22 -7.59 -1.05
CA LYS A 121 -9.32 -7.84 -2.48
C LYS A 121 -8.84 -6.61 -3.27
N ILE A 122 -8.17 -6.86 -4.37
CA ILE A 122 -7.61 -5.78 -5.20
C ILE A 122 -8.70 -5.10 -6.01
N VAL A 123 -9.03 -3.87 -5.65
CA VAL A 123 -10.02 -3.10 -6.40
C VAL A 123 -9.33 -2.20 -7.43
N ALA A 124 -8.17 -1.67 -7.06
CA ALA A 124 -7.40 -0.82 -7.95
C ALA A 124 -5.94 -1.23 -7.92
N LYS A 125 -5.19 -0.91 -8.96
CA LYS A 125 -3.80 -1.33 -9.06
C LYS A 125 -3.06 -0.51 -10.11
N GLU A 126 -1.74 -0.36 -9.91
CA GLU A 126 -0.87 0.35 -10.84
C GLU A 126 -1.31 1.80 -11.00
N LEU A 127 -1.54 2.46 -9.88
CA LEU A 127 -1.97 3.85 -9.86
C LEU A 127 -0.79 4.80 -9.98
N ARG A 128 -1.07 6.00 -10.45
CA ARG A 128 -0.05 7.04 -10.57
C ARG A 128 -0.19 8.02 -9.42
N GLY A 129 0.92 8.59 -8.96
CA GLY A 129 0.93 9.52 -7.83
C GLY A 129 -0.26 10.46 -7.78
N ASP A 130 -0.45 11.25 -8.83
CA ASP A 130 -1.54 12.22 -8.87
C ASP A 130 -2.88 11.51 -8.68
N ASP A 131 -2.98 10.33 -9.26
CA ASP A 131 -4.26 9.59 -9.26
C ASP A 131 -4.44 8.83 -7.97
N LEU A 132 -3.35 8.46 -7.34
CA LEU A 132 -3.39 7.84 -6.01
C LEU A 132 -4.33 8.61 -5.09
N TYR A 133 -4.04 9.90 -4.92
CA TYR A 133 -4.87 10.75 -4.09
C TYR A 133 -6.27 10.85 -4.67
N ASN A 134 -6.34 11.10 -5.98
CA ASN A 134 -7.61 11.24 -6.68
C ASN A 134 -8.49 10.02 -6.45
N THR A 135 -7.96 8.84 -6.72
CA THR A 135 -8.71 7.60 -6.64
C THR A 135 -9.22 7.31 -5.23
N VAL A 136 -8.43 7.65 -4.21
CA VAL A 136 -8.89 7.44 -2.85
C VAL A 136 -10.04 8.41 -2.52
N GLU A 137 -9.89 9.68 -2.90
CA GLU A 137 -10.93 10.67 -2.68
C GLU A 137 -12.15 10.35 -3.56
N LYS A 138 -11.88 9.74 -4.70
CA LYS A 138 -12.88 9.41 -5.71
C LYS A 138 -13.68 8.16 -5.34
N PHE A 139 -13.00 7.06 -5.07
CA PHE A 139 -13.67 5.80 -4.78
C PHE A 139 -14.05 5.65 -3.31
N VAL A 140 -13.09 5.90 -2.41
CA VAL A 140 -13.29 5.66 -0.99
C VAL A 140 -14.36 6.59 -0.42
N ASN A 141 -14.31 7.86 -0.82
CA ASN A 141 -15.28 8.84 -0.35
C ASN A 141 -16.57 8.75 -1.14
N GLY A 142 -16.48 8.28 -2.38
CA GLY A 142 -17.63 8.28 -3.26
C GLY A 142 -18.05 9.70 -3.60
N ALA A 143 -17.15 10.64 -3.35
CA ALA A 143 -17.39 12.07 -3.60
C ALA A 143 -18.56 12.60 -2.79
N LYS A 144 -18.96 11.86 -1.75
CA LYS A 144 -20.11 12.25 -0.93
C LYS A 144 -19.94 11.82 0.53
N GLU A 145 -19.65 10.54 0.73
CA GLU A 145 -19.49 9.95 2.06
C GLU A 145 -20.83 9.81 2.80
N GLY A 146 -21.75 10.73 2.51
CA GLY A 146 -23.11 10.60 3.01
C GLY A 146 -23.90 9.60 2.18
N HIS A 147 -25.22 9.69 2.23
CA HIS A 147 -26.09 8.76 1.51
C HIS A 147 -25.82 7.33 1.99
N HIS A 148 -26.01 7.11 3.28
CA HIS A 148 -25.65 5.84 3.92
C HIS A 148 -26.73 4.78 3.68
N HIS A 149 -27.72 5.11 2.88
CA HIS A 149 -28.77 4.16 2.51
C HIS A 149 -28.64 3.81 1.04
N HIS A 150 -28.86 2.55 0.70
CA HIS A 150 -28.76 2.12 -0.69
C HIS A 150 -30.09 1.56 -1.20
N HIS A 151 -30.92 2.46 -1.69
CA HIS A 151 -32.15 2.09 -2.38
C HIS A 151 -32.24 2.90 -3.66
N HIS A 152 -31.91 4.18 -3.54
CA HIS A 152 -31.81 5.10 -4.66
C HIS A 152 -31.30 6.45 -4.15
N MET A 1 1.93 -13.50 -13.20
CA MET A 1 0.89 -12.59 -13.75
C MET A 1 -0.26 -12.46 -12.76
N SER A 2 -0.85 -13.60 -12.38
CA SER A 2 -1.78 -13.68 -11.27
C SER A 2 -3.16 -13.08 -11.56
N LEU A 3 -3.35 -11.81 -11.22
CA LEU A 3 -4.70 -11.23 -11.13
C LEU A 3 -4.79 -9.91 -11.89
N ALA A 4 -5.86 -9.17 -11.61
CA ALA A 4 -6.06 -7.84 -12.19
C ALA A 4 -6.75 -6.92 -11.18
N THR A 5 -8.06 -7.06 -11.06
CA THR A 5 -8.85 -6.30 -10.10
C THR A 5 -10.11 -7.08 -9.73
N GLY A 6 -10.63 -6.82 -8.54
CA GLY A 6 -11.78 -7.55 -8.04
C GLY A 6 -11.39 -8.93 -7.53
N SER A 7 -10.11 -9.23 -7.64
CA SER A 7 -9.59 -10.53 -7.25
C SER A 7 -9.14 -10.51 -5.81
N VAL A 8 -9.29 -11.63 -5.11
CA VAL A 8 -8.88 -11.73 -3.73
C VAL A 8 -7.37 -11.95 -3.63
N ALA A 9 -6.74 -11.26 -2.69
CA ALA A 9 -5.30 -11.30 -2.55
C ALA A 9 -4.86 -12.06 -1.30
N PRO A 10 -3.67 -12.69 -1.36
CA PRO A 10 -3.06 -13.38 -0.21
C PRO A 10 -2.76 -12.43 0.94
N ALA A 11 -2.52 -12.97 2.12
CA ALA A 11 -2.22 -12.16 3.29
C ALA A 11 -0.72 -12.02 3.49
N ILE A 12 -0.21 -10.83 3.16
CA ILE A 12 1.21 -10.52 3.34
C ILE A 12 1.58 -10.55 4.82
N THR A 13 2.82 -10.93 5.12
CA THR A 13 3.33 -10.83 6.47
C THR A 13 4.75 -10.27 6.43
N GLY A 14 5.04 -9.32 7.31
CA GLY A 14 6.34 -8.70 7.31
C GLY A 14 6.74 -8.20 8.67
N ILE A 15 7.99 -7.78 8.79
CA ILE A 15 8.49 -7.26 10.05
C ILE A 15 8.23 -5.77 10.11
N ASP A 16 7.47 -5.34 11.10
CA ASP A 16 7.04 -3.95 11.18
C ASP A 16 8.14 -3.07 11.77
N LEU A 17 7.82 -1.80 11.96
CA LEU A 17 8.76 -0.81 12.45
C LEU A 17 9.22 -1.11 13.88
N LYS A 18 8.36 -1.77 14.66
CA LYS A 18 8.68 -2.10 16.03
C LYS A 18 9.49 -3.39 16.08
N GLY A 19 9.26 -4.26 15.12
CA GLY A 19 10.01 -5.49 15.04
C GLY A 19 9.13 -6.70 15.29
N ASN A 20 7.84 -6.55 15.02
CA ASN A 20 6.91 -7.66 15.16
C ASN A 20 6.58 -8.23 13.78
N SER A 21 6.32 -9.53 13.72
CA SER A 21 5.84 -10.14 12.50
C SER A 21 4.36 -9.81 12.31
N VAL A 22 4.09 -8.76 11.56
CA VAL A 22 2.72 -8.31 11.36
C VAL A 22 2.22 -8.73 9.99
N SER A 23 1.03 -9.32 9.98
CA SER A 23 0.41 -9.75 8.75
C SER A 23 -0.68 -8.76 8.34
N LEU A 24 -1.07 -8.81 7.07
CA LEU A 24 -2.09 -7.92 6.53
C LEU A 24 -3.44 -8.11 7.22
N ASN A 25 -3.59 -9.22 7.94
CA ASN A 25 -4.85 -9.54 8.61
C ASN A 25 -5.14 -8.54 9.73
N ASP A 26 -4.11 -7.87 10.21
CA ASP A 26 -4.24 -6.91 11.29
C ASP A 26 -4.81 -5.59 10.79
N PHE A 27 -4.64 -5.37 9.50
CA PHE A 27 -5.13 -4.16 8.88
C PHE A 27 -6.36 -4.49 8.06
N LYS A 28 -6.78 -5.75 8.18
CA LYS A 28 -7.94 -6.23 7.44
C LYS A 28 -9.25 -5.81 8.11
N GLY A 29 -9.45 -4.51 8.17
CA GLY A 29 -10.71 -3.94 8.60
C GLY A 29 -10.85 -2.50 8.14
N LYS A 30 -9.97 -2.12 7.23
CA LYS A 30 -9.91 -0.76 6.70
C LYS A 30 -9.54 -0.85 5.23
N TYR A 31 -9.59 0.25 4.52
CA TYR A 31 -9.08 0.26 3.16
C TYR A 31 -7.57 0.41 3.19
N VAL A 32 -6.90 -0.57 2.63
CA VAL A 32 -5.46 -0.66 2.75
C VAL A 32 -4.77 -0.41 1.41
N LEU A 33 -4.05 0.69 1.31
CA LEU A 33 -3.21 0.95 0.17
C LEU A 33 -1.83 0.38 0.45
N VAL A 34 -1.40 -0.56 -0.36
CA VAL A 34 -0.14 -1.25 -0.10
C VAL A 34 0.96 -0.75 -1.01
N ASP A 35 2.03 -0.24 -0.41
CA ASP A 35 3.18 0.21 -1.16
C ASP A 35 4.10 -0.96 -1.44
N PHE A 36 4.61 -1.04 -2.65
CA PHE A 36 5.72 -1.93 -2.92
C PHE A 36 6.90 -1.11 -3.39
N TRP A 37 7.96 -1.11 -2.59
CA TRP A 37 9.08 -0.22 -2.85
C TRP A 37 10.37 -0.71 -2.19
N PHE A 38 11.44 -0.01 -2.52
CA PHE A 38 12.72 -0.14 -1.87
C PHE A 38 13.61 1.00 -2.35
N ALA A 39 14.73 1.23 -1.69
CA ALA A 39 15.55 2.42 -1.96
C ALA A 39 16.12 2.43 -3.38
N GLY A 40 16.19 1.26 -4.01
CA GLY A 40 16.77 1.16 -5.35
C GLY A 40 15.92 1.82 -6.42
N CYS A 41 14.64 1.48 -6.47
CA CYS A 41 13.75 2.05 -7.47
C CYS A 41 13.46 3.52 -7.15
N SER A 42 14.13 4.40 -7.89
CA SER A 42 14.12 5.83 -7.60
C SER A 42 12.78 6.48 -7.88
N TRP A 43 11.83 5.74 -8.43
CA TRP A 43 10.50 6.30 -8.71
C TRP A 43 9.61 6.19 -7.49
N CYS A 44 9.83 5.19 -6.64
CA CYS A 44 9.07 5.06 -5.40
C CYS A 44 9.22 6.31 -4.55
N ARG A 45 10.41 6.91 -4.60
CA ARG A 45 10.70 8.13 -3.85
C ARG A 45 9.87 9.29 -4.39
N LYS A 46 9.36 9.13 -5.60
CA LYS A 46 8.59 10.17 -6.28
C LYS A 46 7.12 10.12 -5.86
N GLU A 47 6.64 8.91 -5.60
CA GLU A 47 5.23 8.72 -5.25
C GLU A 47 5.02 9.01 -3.76
N THR A 48 6.10 8.96 -2.99
CA THR A 48 6.07 9.16 -1.54
C THR A 48 5.28 10.41 -1.11
N PRO A 49 5.54 11.60 -1.69
CA PRO A 49 4.80 12.83 -1.35
C PRO A 49 3.29 12.63 -1.39
N TYR A 50 2.80 11.97 -2.44
CA TYR A 50 1.37 11.73 -2.60
C TYR A 50 0.90 10.64 -1.65
N LEU A 51 1.77 9.68 -1.36
CA LEU A 51 1.46 8.61 -0.41
C LEU A 51 1.22 9.21 0.98
N LEU A 52 2.12 10.08 1.41
CA LEU A 52 1.98 10.76 2.69
C LEU A 52 0.71 11.61 2.69
N LYS A 53 0.47 12.27 1.56
CA LYS A 53 -0.75 13.04 1.36
C LYS A 53 -1.98 12.16 1.55
N THR A 54 -1.94 10.99 0.95
CA THR A 54 -3.04 10.04 1.02
C THR A 54 -3.26 9.53 2.43
N TYR A 55 -2.18 9.10 3.08
CA TYR A 55 -2.27 8.55 4.43
C TYR A 55 -2.88 9.55 5.41
N ASN A 56 -2.48 10.80 5.30
CA ASN A 56 -2.93 11.83 6.22
C ASN A 56 -4.35 12.31 5.88
N ALA A 57 -4.66 12.36 4.60
CA ALA A 57 -5.96 12.86 4.17
C ALA A 57 -7.05 11.78 4.18
N PHE A 58 -6.64 10.52 4.17
CA PHE A 58 -7.61 9.44 4.10
C PHE A 58 -7.75 8.71 5.43
N LYS A 59 -6.95 9.08 6.40
CA LYS A 59 -7.05 8.51 7.72
C LYS A 59 -8.37 8.94 8.34
N ASP A 60 -8.71 8.27 9.43
CA ASP A 60 -9.93 8.54 10.19
C ASP A 60 -11.17 8.03 9.47
N LYS A 61 -11.19 8.15 8.14
CA LYS A 61 -12.29 7.64 7.32
C LYS A 61 -12.42 6.13 7.48
N GLY A 62 -11.28 5.46 7.52
CA GLY A 62 -11.25 4.01 7.54
C GLY A 62 -10.26 3.49 6.51
N PHE A 63 -9.09 4.12 6.50
CA PHE A 63 -8.09 3.85 5.50
C PHE A 63 -6.70 3.86 6.14
N THR A 64 -5.82 3.01 5.65
CA THR A 64 -4.47 2.92 6.17
C THR A 64 -3.53 2.45 5.05
N ILE A 65 -2.33 3.00 5.00
CA ILE A 65 -1.35 2.61 4.00
C ILE A 65 -0.38 1.61 4.58
N TYR A 66 -0.12 0.55 3.83
CA TYR A 66 0.72 -0.54 4.27
C TYR A 66 1.99 -0.58 3.44
N GLY A 67 3.03 0.03 3.97
CA GLY A 67 4.29 0.15 3.23
C GLY A 67 5.07 -1.15 3.22
N VAL A 68 5.02 -1.84 2.10
CA VAL A 68 5.73 -3.10 1.95
C VAL A 68 7.05 -2.90 1.22
N SER A 69 8.15 -3.19 1.90
CA SER A 69 9.45 -3.02 1.30
C SER A 69 10.29 -4.28 1.46
N THR A 70 11.26 -4.44 0.59
CA THR A 70 12.19 -5.55 0.65
C THR A 70 13.60 -5.01 0.39
N ASP A 71 13.91 -3.94 1.11
CA ASP A 71 15.13 -3.18 0.90
C ASP A 71 16.40 -3.97 1.21
N ARG A 72 17.53 -3.28 1.10
CA ARG A 72 18.85 -3.84 1.31
C ARG A 72 18.94 -4.52 2.67
N ARG A 73 18.53 -3.79 3.70
CA ARG A 73 18.60 -4.27 5.08
C ARG A 73 17.40 -3.74 5.83
N GLU A 74 17.24 -4.14 7.08
CA GLU A 74 16.23 -3.53 7.93
C GLU A 74 16.73 -2.17 8.35
N GLU A 75 18.02 -2.10 8.62
CA GLU A 75 18.68 -0.87 8.99
C GLU A 75 18.61 0.14 7.84
N ASP A 76 18.82 -0.34 6.62
CA ASP A 76 18.74 0.51 5.43
C ASP A 76 17.29 0.81 5.07
N TRP A 77 16.40 -0.10 5.43
CA TRP A 77 14.96 0.15 5.30
C TRP A 77 14.54 1.29 6.22
N LYS A 78 14.96 1.21 7.49
CA LYS A 78 14.74 2.31 8.44
C LYS A 78 15.38 3.59 7.91
N LYS A 79 16.54 3.44 7.28
CA LYS A 79 17.26 4.56 6.69
C LYS A 79 16.44 5.19 5.57
N ALA A 80 15.87 4.36 4.70
CA ALA A 80 15.07 4.84 3.58
C ALA A 80 13.84 5.59 4.08
N ILE A 81 13.30 5.15 5.20
CA ILE A 81 12.20 5.84 5.84
C ILE A 81 12.65 7.19 6.39
N GLU A 82 13.88 7.21 6.92
CA GLU A 82 14.51 8.45 7.36
C GLU A 82 14.70 9.40 6.17
N GLU A 83 15.10 8.83 5.04
CA GLU A 83 15.31 9.59 3.82
C GLU A 83 14.01 10.24 3.34
N ASP A 84 13.02 9.41 3.05
CA ASP A 84 11.76 9.87 2.44
C ASP A 84 10.79 10.45 3.45
N LYS A 85 11.00 10.17 4.73
CA LYS A 85 10.11 10.64 5.80
C LYS A 85 8.72 10.05 5.64
N SER A 86 8.66 8.81 5.17
CA SER A 86 7.40 8.13 4.95
C SER A 86 6.87 7.53 6.26
N TYR A 87 6.14 8.34 7.02
CA TYR A 87 5.66 7.92 8.33
C TYR A 87 4.29 7.25 8.26
N TRP A 88 4.30 5.95 8.01
CA TRP A 88 3.12 5.12 8.17
C TRP A 88 3.55 3.68 8.40
N ASN A 89 2.59 2.77 8.49
CA ASN A 89 2.88 1.38 8.81
C ASN A 89 3.72 0.71 7.73
N GLN A 90 5.02 0.69 7.95
CA GLN A 90 5.95 0.05 7.04
C GLN A 90 6.31 -1.34 7.55
N VAL A 91 6.41 -2.29 6.64
CA VAL A 91 6.83 -3.65 6.96
C VAL A 91 7.89 -4.13 5.99
N LEU A 92 8.91 -4.78 6.52
CA LEU A 92 9.95 -5.36 5.69
C LEU A 92 9.61 -6.80 5.38
N LEU A 93 9.61 -7.14 4.11
CA LEU A 93 9.31 -8.50 3.68
C LEU A 93 10.47 -9.42 4.00
N GLN A 94 10.14 -10.61 4.50
CA GLN A 94 11.13 -11.65 4.62
C GLN A 94 11.55 -12.07 3.23
N LYS A 95 12.80 -12.46 3.06
CA LYS A 95 13.35 -12.69 1.73
C LYS A 95 12.78 -13.97 1.13
N ASP A 96 12.20 -14.79 1.99
CA ASP A 96 11.50 -16.00 1.56
C ASP A 96 10.06 -15.67 1.18
N ASP A 97 9.48 -14.71 1.88
CA ASP A 97 8.09 -14.28 1.64
C ASP A 97 7.97 -13.49 0.34
N VAL A 98 9.03 -12.75 0.01
CA VAL A 98 9.06 -11.86 -1.15
C VAL A 98 8.59 -12.53 -2.43
N LYS A 99 8.94 -13.81 -2.59
CA LYS A 99 8.70 -14.54 -3.83
C LYS A 99 7.23 -14.52 -4.22
N ASP A 100 6.42 -15.13 -3.37
CA ASP A 100 5.04 -15.41 -3.67
C ASP A 100 4.20 -14.15 -3.60
N VAL A 101 4.49 -13.31 -2.60
CA VAL A 101 3.79 -12.05 -2.44
C VAL A 101 3.92 -11.17 -3.70
N LEU A 102 5.15 -11.00 -4.17
CA LEU A 102 5.39 -10.20 -5.37
C LEU A 102 4.59 -10.73 -6.54
N GLU A 103 4.86 -11.97 -6.94
CA GLU A 103 4.22 -12.53 -8.13
C GLU A 103 2.70 -12.47 -8.00
N SER A 104 2.18 -12.97 -6.88
CA SER A 104 0.74 -13.10 -6.66
C SER A 104 -0.01 -11.77 -6.80
N TYR A 105 0.64 -10.67 -6.41
CA TYR A 105 0.03 -9.35 -6.59
C TYR A 105 0.27 -8.83 -8.00
N CYS A 106 0.67 -9.76 -8.88
CA CYS A 106 0.93 -9.48 -10.28
C CYS A 106 2.17 -8.60 -10.41
N ILE A 107 3.15 -8.87 -9.57
CA ILE A 107 4.30 -7.99 -9.44
C ILE A 107 5.61 -8.68 -9.79
N VAL A 108 6.17 -8.29 -10.92
CA VAL A 108 7.48 -8.80 -11.35
C VAL A 108 8.48 -7.67 -11.46
N GLY A 109 8.18 -6.56 -10.79
CA GLY A 109 9.04 -5.39 -10.84
C GLY A 109 8.55 -4.30 -9.91
N PHE A 110 9.16 -3.12 -9.98
CA PHE A 110 8.79 -2.00 -9.12
C PHE A 110 8.83 -0.69 -9.91
N PRO A 111 8.08 0.34 -9.48
CA PRO A 111 7.21 0.27 -8.30
C PRO A 111 5.82 -0.28 -8.60
N HIS A 112 5.08 -0.59 -7.54
CA HIS A 112 3.69 -1.02 -7.66
C HIS A 112 2.90 -0.52 -6.46
N ILE A 113 1.90 0.31 -6.72
CA ILE A 113 1.03 0.79 -5.66
C ILE A 113 -0.37 0.21 -5.84
N ILE A 114 -0.84 -0.52 -4.83
CA ILE A 114 -2.11 -1.23 -4.94
C ILE A 114 -3.09 -0.79 -3.85
N LEU A 115 -4.37 -1.01 -4.10
CA LEU A 115 -5.42 -0.68 -3.15
C LEU A 115 -6.24 -1.94 -2.83
N VAL A 116 -6.20 -2.34 -1.58
CA VAL A 116 -6.86 -3.56 -1.14
C VAL A 116 -8.02 -3.26 -0.19
N ASP A 117 -9.15 -3.94 -0.42
CA ASP A 117 -10.31 -3.83 0.46
C ASP A 117 -9.98 -4.43 1.82
N PRO A 118 -10.79 -4.15 2.87
CA PRO A 118 -10.61 -4.77 4.19
C PRO A 118 -10.73 -6.29 4.10
N GLU A 119 -11.49 -6.76 3.11
CA GLU A 119 -11.64 -8.18 2.84
C GLU A 119 -10.34 -8.79 2.34
N GLY A 120 -9.56 -7.97 1.66
CA GLY A 120 -8.33 -8.43 1.04
C GLY A 120 -8.50 -8.68 -0.44
N LYS A 121 -9.22 -7.80 -1.12
CA LYS A 121 -9.33 -7.86 -2.57
C LYS A 121 -8.63 -6.67 -3.20
N ILE A 122 -8.09 -6.88 -4.38
CA ILE A 122 -7.39 -5.82 -5.10
C ILE A 122 -8.38 -5.08 -6.01
N VAL A 123 -8.87 -3.94 -5.56
CA VAL A 123 -9.84 -3.18 -6.34
C VAL A 123 -9.14 -2.24 -7.31
N ALA A 124 -7.99 -1.73 -6.91
CA ALA A 124 -7.20 -0.87 -7.76
C ALA A 124 -5.73 -1.19 -7.56
N LYS A 125 -4.92 -0.95 -8.57
CA LYS A 125 -3.50 -1.27 -8.48
C LYS A 125 -2.71 -0.62 -9.61
N GLU A 126 -1.38 -0.75 -9.51
CA GLU A 126 -0.44 -0.22 -10.50
C GLU A 126 -0.60 1.29 -10.62
N LEU A 127 -1.01 1.90 -9.52
CA LEU A 127 -1.33 3.32 -9.50
C LEU A 127 -0.07 4.17 -9.43
N ARG A 128 -0.17 5.40 -9.93
CA ARG A 128 0.93 6.35 -9.91
C ARG A 128 0.68 7.39 -8.83
N GLY A 129 1.68 8.21 -8.53
CA GLY A 129 1.54 9.22 -7.47
C GLY A 129 0.24 10.02 -7.53
N ASP A 130 0.13 10.89 -8.54
CA ASP A 130 -1.07 11.71 -8.72
C ASP A 130 -2.30 10.83 -8.91
N ASP A 131 -2.09 9.69 -9.53
CA ASP A 131 -3.18 8.82 -9.93
C ASP A 131 -3.78 8.09 -8.72
N LEU A 132 -2.92 7.55 -7.87
CA LEU A 132 -3.37 6.77 -6.73
C LEU A 132 -4.23 7.63 -5.81
N TYR A 133 -3.89 8.90 -5.68
CA TYR A 133 -4.64 9.79 -4.82
C TYR A 133 -6.03 10.06 -5.40
N ASN A 134 -6.07 10.53 -6.65
CA ASN A 134 -7.36 10.92 -7.23
C ASN A 134 -8.24 9.69 -7.44
N THR A 135 -7.62 8.52 -7.62
CA THR A 135 -8.36 7.29 -7.80
C THR A 135 -8.80 6.67 -6.47
N VAL A 136 -8.00 6.84 -5.43
CA VAL A 136 -8.38 6.33 -4.12
C VAL A 136 -9.45 7.22 -3.51
N GLU A 137 -9.31 8.52 -3.70
CA GLU A 137 -10.33 9.49 -3.30
C GLU A 137 -11.59 9.25 -4.14
N LYS A 138 -11.37 8.83 -5.38
CA LYS A 138 -12.42 8.48 -6.32
C LYS A 138 -13.34 7.41 -5.74
N PHE A 139 -12.74 6.40 -5.12
CA PHE A 139 -13.52 5.30 -4.52
C PHE A 139 -13.96 5.61 -3.09
N VAL A 140 -13.02 6.03 -2.25
CA VAL A 140 -13.28 6.17 -0.82
C VAL A 140 -14.11 7.41 -0.50
N ASN A 141 -13.91 8.48 -1.26
CA ASN A 141 -14.61 9.73 -0.99
C ASN A 141 -15.81 9.87 -1.92
N GLY A 142 -15.57 9.67 -3.21
CA GLY A 142 -16.63 9.72 -4.19
C GLY A 142 -17.24 11.10 -4.36
N ALA A 143 -18.44 11.15 -4.90
CA ALA A 143 -19.16 12.41 -5.08
C ALA A 143 -19.81 12.82 -3.77
N LYS A 144 -19.96 14.13 -3.57
CA LYS A 144 -20.48 14.63 -2.31
C LYS A 144 -21.83 15.32 -2.53
N GLU A 145 -22.82 14.93 -1.75
CA GLU A 145 -24.15 15.51 -1.83
C GLU A 145 -24.59 15.96 -0.44
N GLY A 146 -25.46 16.95 -0.39
CA GLY A 146 -25.90 17.50 0.88
C GLY A 146 -25.88 19.02 0.87
N HIS A 147 -26.76 19.61 1.68
CA HIS A 147 -26.80 21.08 1.85
C HIS A 147 -27.18 21.79 0.55
N HIS A 148 -27.86 21.07 -0.34
CA HIS A 148 -28.30 21.67 -1.61
C HIS A 148 -29.58 22.48 -1.43
N HIS A 149 -30.13 22.47 -0.22
CA HIS A 149 -31.32 23.25 0.07
C HIS A 149 -31.43 23.49 1.58
N HIS A 150 -31.66 24.74 1.96
CA HIS A 150 -31.88 25.09 3.36
C HIS A 150 -33.14 25.93 3.44
N HIS A 151 -33.89 25.81 4.54
CA HIS A 151 -35.19 26.45 4.68
C HIS A 151 -36.22 25.72 3.81
N HIS A 152 -37.48 25.75 4.22
CA HIS A 152 -38.56 25.16 3.43
C HIS A 152 -38.86 26.04 2.22
N MET A 1 2.54 -8.25 -16.29
CA MET A 1 1.09 -8.28 -16.01
C MET A 1 0.86 -8.60 -14.54
N SER A 2 -0.33 -8.33 -14.03
CA SER A 2 -0.65 -8.58 -12.64
C SER A 2 -2.10 -9.06 -12.49
N LEU A 3 -2.51 -9.30 -11.25
CA LEU A 3 -3.86 -9.80 -10.97
C LEU A 3 -4.95 -8.84 -11.45
N ALA A 4 -6.16 -9.36 -11.56
CA ALA A 4 -7.30 -8.57 -12.05
C ALA A 4 -7.84 -7.65 -10.96
N THR A 5 -8.97 -7.04 -11.24
CA THR A 5 -9.63 -6.16 -10.28
C THR A 5 -10.75 -6.88 -9.57
N GLY A 6 -10.77 -6.78 -8.24
CA GLY A 6 -11.81 -7.44 -7.47
C GLY A 6 -11.33 -8.78 -6.92
N SER A 7 -10.11 -9.14 -7.25
CA SER A 7 -9.52 -10.38 -6.76
C SER A 7 -9.13 -10.25 -5.29
N VAL A 8 -9.40 -11.29 -4.51
CA VAL A 8 -9.06 -11.29 -3.10
C VAL A 8 -7.55 -11.33 -2.91
N ALA A 9 -7.03 -10.40 -2.13
CA ALA A 9 -5.59 -10.28 -1.92
C ALA A 9 -5.10 -11.24 -0.85
N PRO A 10 -4.03 -12.01 -1.16
CA PRO A 10 -3.37 -12.88 -0.19
C PRO A 10 -2.77 -12.07 0.96
N ALA A 11 -2.62 -12.70 2.12
CA ALA A 11 -2.16 -12.00 3.31
C ALA A 11 -0.65 -11.98 3.40
N ILE A 12 -0.07 -10.83 3.09
CA ILE A 12 1.37 -10.61 3.26
C ILE A 12 1.74 -10.71 4.73
N THR A 13 2.90 -11.28 5.03
CA THR A 13 3.37 -11.34 6.40
C THR A 13 4.74 -10.70 6.53
N GLY A 14 4.76 -9.39 6.76
CA GLY A 14 6.00 -8.65 6.81
C GLY A 14 6.39 -8.29 8.23
N ILE A 15 7.65 -7.97 8.41
CA ILE A 15 8.17 -7.59 9.71
C ILE A 15 8.11 -6.09 9.90
N ASP A 16 7.44 -5.65 10.96
CA ASP A 16 7.16 -4.23 11.19
C ASP A 16 8.42 -3.46 11.56
N LEU A 17 8.23 -2.17 11.86
CA LEU A 17 9.31 -1.28 12.21
C LEU A 17 10.07 -1.77 13.45
N LYS A 18 9.37 -2.45 14.34
CA LYS A 18 9.97 -2.97 15.56
C LYS A 18 10.71 -4.26 15.28
N GLY A 19 10.02 -5.19 14.62
CA GLY A 19 10.61 -6.48 14.33
C GLY A 19 9.62 -7.61 14.50
N ASN A 20 8.34 -7.31 14.42
CA ASN A 20 7.29 -8.30 14.57
C ASN A 20 6.63 -8.58 13.23
N SER A 21 6.38 -9.84 12.94
CA SER A 21 5.74 -10.21 11.68
C SER A 21 4.22 -10.00 11.75
N VAL A 22 3.72 -9.06 10.96
CA VAL A 22 2.30 -8.79 10.88
C VAL A 22 1.73 -9.27 9.56
N SER A 23 0.45 -9.54 9.51
CA SER A 23 -0.20 -9.96 8.28
C SER A 23 -1.07 -8.84 7.72
N LEU A 24 -1.29 -8.88 6.42
CA LEU A 24 -2.15 -7.91 5.76
C LEU A 24 -3.54 -7.91 6.38
N ASN A 25 -3.98 -9.07 6.86
CA ASN A 25 -5.34 -9.21 7.37
C ASN A 25 -5.52 -8.47 8.70
N ASP A 26 -4.43 -8.14 9.35
CA ASP A 26 -4.48 -7.40 10.61
C ASP A 26 -4.97 -5.97 10.36
N PHE A 27 -4.68 -5.46 9.17
CA PHE A 27 -5.12 -4.13 8.78
C PHE A 27 -6.40 -4.21 7.97
N LYS A 28 -6.68 -5.41 7.49
CA LYS A 28 -7.88 -5.71 6.71
C LYS A 28 -9.13 -5.25 7.46
N GLY A 29 -10.12 -4.79 6.72
CA GLY A 29 -11.28 -4.18 7.33
C GLY A 29 -11.22 -2.67 7.16
N LYS A 30 -10.16 -2.25 6.50
CA LYS A 30 -9.94 -0.85 6.15
C LYS A 30 -9.51 -0.78 4.70
N TYR A 31 -9.42 0.42 4.16
CA TYR A 31 -8.84 0.59 2.84
C TYR A 31 -7.32 0.52 2.96
N VAL A 32 -6.78 -0.58 2.50
CA VAL A 32 -5.36 -0.84 2.67
C VAL A 32 -4.60 -0.58 1.39
N LEU A 33 -3.83 0.49 1.37
CA LEU A 33 -2.97 0.79 0.25
C LEU A 33 -1.64 0.08 0.46
N VAL A 34 -1.35 -0.88 -0.40
CA VAL A 34 -0.13 -1.66 -0.28
C VAL A 34 0.96 -1.07 -1.17
N ASP A 35 2.00 -0.58 -0.54
CA ASP A 35 3.09 0.08 -1.24
C ASP A 35 4.30 -0.84 -1.36
N PHE A 36 4.54 -1.36 -2.56
CA PHE A 36 5.68 -2.23 -2.80
C PHE A 36 6.88 -1.39 -3.23
N TRP A 37 7.93 -1.37 -2.41
CA TRP A 37 9.10 -0.54 -2.74
C TRP A 37 10.35 -1.00 -2.01
N PHE A 38 11.43 -0.27 -2.28
CA PHE A 38 12.69 -0.40 -1.58
C PHE A 38 13.55 0.81 -1.93
N ALA A 39 14.59 1.08 -1.15
CA ALA A 39 15.41 2.27 -1.33
C ALA A 39 16.00 2.35 -2.73
N GLY A 40 16.36 1.19 -3.28
CA GLY A 40 16.92 1.13 -4.62
C GLY A 40 16.04 1.79 -5.66
N CYS A 41 14.75 1.47 -5.63
CA CYS A 41 13.80 2.09 -6.54
C CYS A 41 13.28 3.38 -5.94
N SER A 42 14.09 4.43 -6.02
CA SER A 42 13.78 5.70 -5.39
C SER A 42 12.61 6.41 -6.07
N TRP A 43 12.08 5.82 -7.13
CA TRP A 43 10.93 6.40 -7.82
C TRP A 43 9.66 6.21 -7.02
N CYS A 44 9.54 5.07 -6.35
CA CYS A 44 8.43 4.83 -5.43
C CYS A 44 8.47 5.88 -4.32
N ARG A 45 9.68 6.22 -3.94
CA ARG A 45 9.93 7.22 -2.91
C ARG A 45 9.51 8.61 -3.39
N LYS A 46 9.52 8.82 -4.69
CA LYS A 46 9.15 10.12 -5.27
C LYS A 46 7.65 10.20 -5.50
N GLU A 47 6.98 9.07 -5.51
CA GLU A 47 5.53 9.03 -5.52
C GLU A 47 5.01 9.06 -4.08
N THR A 48 5.95 8.88 -3.15
CA THR A 48 5.67 8.92 -1.72
C THR A 48 4.96 10.22 -1.27
N PRO A 49 5.43 11.42 -1.70
CA PRO A 49 4.76 12.69 -1.35
C PRO A 49 3.25 12.64 -1.53
N TYR A 50 2.81 12.06 -2.65
CA TYR A 50 1.37 11.92 -2.91
C TYR A 50 0.75 10.89 -1.97
N LEU A 51 1.46 9.80 -1.73
CA LEU A 51 1.03 8.79 -0.77
C LEU A 51 0.89 9.40 0.62
N LEU A 52 1.79 10.30 0.96
CA LEU A 52 1.78 10.97 2.25
C LEU A 52 0.55 11.86 2.39
N LYS A 53 0.23 12.61 1.34
CA LYS A 53 -1.00 13.40 1.32
C LYS A 53 -2.20 12.50 1.48
N THR A 54 -2.16 11.38 0.78
CA THR A 54 -3.22 10.37 0.86
C THR A 54 -3.37 9.86 2.30
N TYR A 55 -2.25 9.51 2.92
CA TYR A 55 -2.24 9.03 4.30
C TYR A 55 -2.89 10.05 5.24
N ASN A 56 -2.46 11.30 5.12
CA ASN A 56 -2.95 12.37 5.98
C ASN A 56 -4.39 12.76 5.68
N ALA A 57 -4.86 12.43 4.49
CA ALA A 57 -6.21 12.82 4.08
C ALA A 57 -7.25 11.75 4.42
N PHE A 58 -6.84 10.49 4.38
CA PHE A 58 -7.79 9.38 4.50
C PHE A 58 -7.64 8.61 5.80
N LYS A 59 -6.76 9.10 6.67
CA LYS A 59 -6.51 8.46 7.97
C LYS A 59 -7.81 8.31 8.77
N ASP A 60 -8.70 9.27 8.57
CA ASP A 60 -9.94 9.36 9.33
C ASP A 60 -11.11 8.71 8.58
N LYS A 61 -10.79 7.96 7.53
CA LYS A 61 -11.83 7.37 6.70
C LYS A 61 -11.69 5.86 6.63
N GLY A 62 -11.02 5.28 7.63
CA GLY A 62 -10.81 3.85 7.64
C GLY A 62 -9.83 3.41 6.57
N PHE A 63 -8.72 4.12 6.51
CA PHE A 63 -7.71 3.88 5.49
C PHE A 63 -6.34 3.75 6.15
N THR A 64 -5.58 2.78 5.70
CA THR A 64 -4.24 2.56 6.23
C THR A 64 -3.29 2.13 5.11
N ILE A 65 -2.13 2.76 5.04
CA ILE A 65 -1.11 2.37 4.08
C ILE A 65 -0.21 1.31 4.68
N TYR A 66 -0.15 0.16 4.02
CA TYR A 66 0.69 -0.94 4.44
C TYR A 66 1.86 -1.05 3.47
N GLY A 67 2.97 -0.44 3.84
CA GLY A 67 4.13 -0.41 2.97
C GLY A 67 4.97 -1.66 3.15
N VAL A 68 5.35 -2.26 2.03
CA VAL A 68 6.16 -3.47 2.07
C VAL A 68 7.49 -3.25 1.37
N SER A 69 8.55 -3.30 2.15
CA SER A 69 9.89 -3.11 1.62
C SER A 69 10.60 -4.45 1.52
N THR A 70 11.48 -4.55 0.53
CA THR A 70 12.32 -5.72 0.38
C THR A 70 13.78 -5.27 0.29
N ASP A 71 14.09 -4.21 1.02
CA ASP A 71 15.44 -3.63 1.04
C ASP A 71 16.48 -4.62 1.53
N ARG A 72 17.74 -4.23 1.38
CA ARG A 72 18.87 -5.09 1.73
C ARG A 72 18.96 -5.27 3.23
N ARG A 73 18.85 -4.17 3.95
CA ARG A 73 18.98 -4.17 5.40
C ARG A 73 17.83 -3.41 6.04
N GLU A 74 17.66 -3.61 7.34
CA GLU A 74 16.72 -2.80 8.11
C GLU A 74 17.18 -1.36 8.12
N GLU A 75 18.49 -1.19 8.21
CA GLU A 75 19.12 0.13 8.20
C GLU A 75 18.72 0.91 6.96
N ASP A 76 18.92 0.31 5.80
CA ASP A 76 18.59 0.96 4.52
C ASP A 76 17.11 1.31 4.47
N TRP A 77 16.27 0.36 4.88
CA TRP A 77 14.83 0.56 4.90
C TRP A 77 14.46 1.73 5.82
N LYS A 78 14.94 1.71 7.06
CA LYS A 78 14.66 2.77 8.02
C LYS A 78 15.18 4.11 7.52
N LYS A 79 16.36 4.09 6.93
CA LYS A 79 17.00 5.30 6.42
C LYS A 79 16.18 5.89 5.29
N ALA A 80 15.74 5.05 4.36
CA ALA A 80 14.97 5.52 3.21
C ALA A 80 13.65 6.16 3.64
N ILE A 81 13.05 5.61 4.69
CA ILE A 81 11.82 6.17 5.24
C ILE A 81 12.06 7.57 5.79
N GLU A 82 13.18 7.73 6.49
CA GLU A 82 13.55 9.02 7.04
C GLU A 82 13.90 10.02 5.92
N GLU A 83 14.61 9.54 4.91
CA GLU A 83 14.99 10.37 3.77
C GLU A 83 13.77 10.97 3.07
N ASP A 84 12.80 10.14 2.75
CA ASP A 84 11.65 10.57 1.98
C ASP A 84 10.41 10.80 2.85
N LYS A 85 10.62 10.73 4.17
CA LYS A 85 9.57 11.03 5.15
C LYS A 85 8.30 10.21 4.93
N SER A 86 8.48 8.96 4.53
CA SER A 86 7.35 8.06 4.30
C SER A 86 6.86 7.45 5.62
N TYR A 87 6.28 8.28 6.47
CA TYR A 87 5.84 7.85 7.79
C TYR A 87 4.49 7.14 7.74
N TRP A 88 4.52 5.83 7.68
CA TRP A 88 3.31 5.01 7.82
C TRP A 88 3.67 3.58 8.16
N ASN A 89 2.65 2.74 8.29
CA ASN A 89 2.85 1.35 8.68
C ASN A 89 3.57 0.58 7.58
N GLN A 90 4.87 0.39 7.77
CA GLN A 90 5.67 -0.33 6.80
C GLN A 90 6.25 -1.59 7.42
N VAL A 91 6.45 -2.59 6.58
CA VAL A 91 7.05 -3.85 7.01
C VAL A 91 8.13 -4.29 6.02
N LEU A 92 9.13 -4.96 6.54
CA LEU A 92 10.17 -5.56 5.70
C LEU A 92 9.78 -6.99 5.40
N LEU A 93 9.70 -7.32 4.12
CA LEU A 93 9.29 -8.64 3.68
C LEU A 93 10.28 -9.69 4.17
N GLN A 94 9.76 -10.82 4.64
CA GLN A 94 10.62 -11.88 5.16
C GLN A 94 11.32 -12.62 4.02
N LYS A 95 12.31 -13.43 4.36
CA LYS A 95 13.16 -14.09 3.37
C LYS A 95 12.35 -14.84 2.31
N ASP A 96 11.38 -15.63 2.75
CA ASP A 96 10.51 -16.35 1.81
C ASP A 96 9.36 -15.47 1.39
N ASP A 97 8.93 -14.62 2.30
CA ASP A 97 7.79 -13.71 2.06
C ASP A 97 8.06 -12.83 0.85
N VAL A 98 9.28 -12.31 0.74
CA VAL A 98 9.68 -11.51 -0.42
C VAL A 98 9.32 -12.23 -1.72
N LYS A 99 9.85 -13.43 -1.86
CA LYS A 99 9.67 -14.21 -3.07
C LYS A 99 8.21 -14.59 -3.28
N ASP A 100 7.66 -15.31 -2.32
CA ASP A 100 6.29 -15.82 -2.40
C ASP A 100 5.28 -14.70 -2.66
N VAL A 101 5.31 -13.65 -1.86
CA VAL A 101 4.33 -12.58 -1.95
C VAL A 101 4.46 -11.78 -3.25
N LEU A 102 5.67 -11.31 -3.54
CA LEU A 102 5.90 -10.53 -4.75
C LEU A 102 5.54 -11.33 -5.99
N GLU A 103 5.84 -12.61 -5.96
CA GLU A 103 5.47 -13.47 -7.07
C GLU A 103 3.95 -13.50 -7.21
N SER A 104 3.28 -13.94 -6.13
CA SER A 104 1.84 -14.23 -6.12
C SER A 104 0.97 -13.09 -6.66
N TYR A 105 1.29 -11.85 -6.33
CA TYR A 105 0.51 -10.71 -6.83
C TYR A 105 0.76 -10.49 -8.32
N CYS A 106 1.52 -11.39 -8.91
CA CYS A 106 1.98 -11.28 -10.28
C CYS A 106 2.86 -10.05 -10.41
N ILE A 107 3.84 -9.95 -9.53
CA ILE A 107 4.73 -8.78 -9.54
C ILE A 107 6.02 -9.09 -10.26
N VAL A 108 6.35 -8.27 -11.25
CA VAL A 108 7.58 -8.43 -12.01
C VAL A 108 8.33 -7.10 -12.15
N GLY A 109 7.86 -6.07 -11.45
CA GLY A 109 8.49 -4.77 -11.57
C GLY A 109 7.94 -3.75 -10.61
N PHE A 110 8.69 -2.67 -10.42
CA PHE A 110 8.31 -1.59 -9.50
C PHE A 110 8.49 -0.25 -10.22
N PRO A 111 7.91 0.86 -9.70
CA PRO A 111 7.11 0.87 -8.46
C PRO A 111 5.78 0.14 -8.63
N HIS A 112 5.22 -0.31 -7.52
CA HIS A 112 3.97 -1.06 -7.56
C HIS A 112 3.06 -0.67 -6.40
N ILE A 113 2.04 0.11 -6.69
CA ILE A 113 1.10 0.55 -5.69
C ILE A 113 -0.28 -0.02 -5.97
N ILE A 114 -0.83 -0.76 -5.01
CA ILE A 114 -2.14 -1.36 -5.16
C ILE A 114 -3.06 -0.93 -4.03
N LEU A 115 -4.37 -0.97 -4.28
CA LEU A 115 -5.35 -0.59 -3.28
C LEU A 115 -6.29 -1.74 -2.96
N VAL A 116 -6.24 -2.20 -1.72
CA VAL A 116 -7.12 -3.25 -1.25
C VAL A 116 -8.28 -2.64 -0.45
N ASP A 117 -9.49 -2.98 -0.83
CA ASP A 117 -10.68 -2.52 -0.12
C ASP A 117 -10.80 -3.25 1.23
N PRO A 118 -11.64 -2.74 2.15
CA PRO A 118 -11.85 -3.37 3.46
C PRO A 118 -12.31 -4.82 3.35
N GLU A 119 -13.00 -5.13 2.26
CA GLU A 119 -13.44 -6.50 2.01
C GLU A 119 -12.24 -7.41 1.78
N GLY A 120 -11.17 -6.83 1.25
CA GLY A 120 -9.92 -7.54 1.07
C GLY A 120 -9.66 -7.89 -0.38
N LYS A 121 -10.17 -7.06 -1.28
CA LYS A 121 -9.99 -7.28 -2.70
C LYS A 121 -9.15 -6.15 -3.32
N ILE A 122 -8.40 -6.50 -4.36
CA ILE A 122 -7.59 -5.51 -5.07
C ILE A 122 -8.44 -4.82 -6.12
N VAL A 123 -8.93 -3.63 -5.78
CA VAL A 123 -9.79 -2.88 -6.70
C VAL A 123 -8.96 -2.03 -7.65
N ALA A 124 -7.86 -1.50 -7.15
CA ALA A 124 -7.01 -0.64 -7.96
C ALA A 124 -5.56 -1.07 -7.85
N LYS A 125 -4.78 -0.79 -8.90
CA LYS A 125 -3.37 -1.10 -8.90
C LYS A 125 -2.67 -0.28 -9.99
N GLU A 126 -1.34 -0.29 -9.95
CA GLU A 126 -0.51 0.43 -10.92
C GLU A 126 -0.74 1.93 -10.81
N LEU A 127 -1.29 2.35 -9.67
CA LEU A 127 -1.62 3.75 -9.45
C LEU A 127 -0.35 4.58 -9.36
N ARG A 128 -0.41 5.79 -9.91
CA ARG A 128 0.74 6.67 -9.93
C ARG A 128 0.45 7.94 -9.16
N GLY A 129 1.51 8.63 -8.74
CA GLY A 129 1.43 9.82 -7.88
C GLY A 129 0.09 10.56 -7.88
N ASP A 130 -0.12 11.37 -8.90
CA ASP A 130 -1.33 12.20 -8.98
C ASP A 130 -2.59 11.36 -9.05
N ASP A 131 -2.48 10.23 -9.74
CA ASP A 131 -3.64 9.38 -10.01
C ASP A 131 -4.08 8.60 -8.77
N LEU A 132 -3.13 8.07 -8.01
CA LEU A 132 -3.43 7.24 -6.87
C LEU A 132 -4.31 7.98 -5.88
N TYR A 133 -4.07 9.28 -5.73
CA TYR A 133 -4.86 10.09 -4.85
C TYR A 133 -6.30 10.19 -5.37
N ASN A 134 -6.42 10.45 -6.67
CA ASN A 134 -7.71 10.54 -7.32
C ASN A 134 -8.49 9.25 -7.14
N THR A 135 -7.83 8.14 -7.43
CA THR A 135 -8.43 6.82 -7.30
C THR A 135 -8.81 6.52 -5.84
N VAL A 136 -7.89 6.80 -4.92
CA VAL A 136 -8.15 6.56 -3.51
C VAL A 136 -9.28 7.45 -2.99
N GLU A 137 -9.33 8.70 -3.44
CA GLU A 137 -10.39 9.62 -3.06
C GLU A 137 -11.76 9.04 -3.46
N LYS A 138 -11.79 8.40 -4.63
CA LYS A 138 -13.02 7.83 -5.14
C LYS A 138 -13.40 6.52 -4.44
N PHE A 139 -12.41 5.82 -3.91
CA PHE A 139 -12.69 4.58 -3.20
C PHE A 139 -12.96 4.78 -1.72
N VAL A 140 -12.12 5.56 -1.06
CA VAL A 140 -12.17 5.71 0.39
C VAL A 140 -13.13 6.82 0.83
N ASN A 141 -13.00 7.98 0.21
CA ASN A 141 -13.73 9.17 0.64
C ASN A 141 -15.14 9.21 0.04
N GLY A 142 -15.23 9.34 -1.27
CA GLY A 142 -16.52 9.46 -1.91
C GLY A 142 -16.63 8.62 -3.16
N ALA A 143 -17.85 8.12 -3.41
CA ALA A 143 -18.15 7.29 -4.59
C ALA A 143 -17.76 5.83 -4.39
N LYS A 144 -17.63 5.43 -3.13
CA LYS A 144 -17.54 4.01 -2.78
C LYS A 144 -18.90 3.36 -2.97
N GLU A 145 -19.94 4.19 -2.83
CA GLU A 145 -21.31 3.74 -3.00
C GLU A 145 -21.83 4.14 -4.38
N GLY A 146 -22.85 3.45 -4.84
CA GLY A 146 -23.47 3.78 -6.10
C GLY A 146 -24.96 4.01 -5.95
N HIS A 147 -25.33 5.18 -5.46
CA HIS A 147 -26.74 5.51 -5.31
C HIS A 147 -27.10 6.73 -6.16
N HIS A 148 -28.38 6.89 -6.44
CA HIS A 148 -28.87 7.98 -7.28
C HIS A 148 -28.70 9.33 -6.57
N HIS A 149 -28.64 9.29 -5.24
CA HIS A 149 -28.47 10.49 -4.42
C HIS A 149 -29.72 11.38 -4.48
N HIS A 150 -29.77 12.39 -3.63
CA HIS A 150 -30.88 13.34 -3.64
C HIS A 150 -30.33 14.74 -3.91
N HIS A 151 -29.05 14.81 -4.19
CA HIS A 151 -28.36 16.07 -4.43
C HIS A 151 -27.66 16.03 -5.78
N HIS A 152 -27.49 14.82 -6.31
CA HIS A 152 -26.50 14.51 -7.34
C HIS A 152 -25.16 14.30 -6.66
#